data_8I6M
#
_entry.id   8I6M
#
_cell.length_a   1.00
_cell.length_b   1.00
_cell.length_c   1.00
_cell.angle_alpha   90.00
_cell.angle_beta   90.00
_cell.angle_gamma   90.00
#
_symmetry.space_group_name_H-M   'P 1'
#
loop_
_entity.id
_entity.type
_entity.pdbx_description
1 polymer 'Acyl-acyl carrier protein synthetase'
2 non-polymer 'OLEIC ACID'
3 non-polymer 'ADENOSINE MONOPHOSPHATE'
4 non-polymer 'MAGNESIUM ION'
#
_entity_poly.entity_id   1
_entity_poly.type   'polypeptide(L)'
_entity_poly.pdbx_seq_one_letter_code
;MNQYVNDPSNYQLLIKNLLFSPVAFNPEQEIVYANHRRHSYKTFHDRVRQFANALTKMGVKKGDTVAVMDYDSHRYLECY
FAIPMIGAKLHMINVRLSPEQILYTIDHAEDDIILIHEEFLPILDQIKGRIDTVTRYVVLRDDEECEYERLLEQESTEYN
FPDFDENTVATTFYTTGTTGFPKGVFFTHRQLVLHTMGILSTIGTNASQGRLHQGDIYMPITPMFHVHAWGLPYMATMLG
VKQVYPGKYVPDVLLNLIEQEKVTFSHCVPTILHLLLSSPKSKAMDFSGWKVVIGGAALPKALCKSALERDIDVFAGYGM
SETGPILSIVQLTPEQLELDVDQQAEYRSKTGKKVALVEAYIVDEDMNKLPHDGETAGEIVVRAPWLTPNYYKDNKNSKA
LWRGGYLHTGDVAHIDDEGFIKITDRVKDMIKISGEWVSSLELEDILHQHQSVSEVAVIGMPHNKWGEVPLALVTLKEDA
QVTEKELLGFAKDFINKGILAREALLLKVKIVDEIAKTSVGKVDKKELRKLHL
;
_entity_poly.pdbx_strand_id   A,F,D,C,B,E
#
loop_
_chem_comp.id
_chem_comp.type
_chem_comp.name
_chem_comp.formula
AMP non-polymer 'ADENOSINE MONOPHOSPHATE' 'C10 H14 N5 O7 P'
MG non-polymer 'MAGNESIUM ION' 'Mg 2'
OLA non-polymer 'OLEIC ACID' 'C18 H34 O2'
#
# COMPACT_ATOMS: atom_id res chain seq x y z
N ASN A 6 -16.43 4.99 12.98
CA ASN A 6 -17.33 5.58 12.01
C ASN A 6 -17.44 7.10 12.18
N ASP A 7 -17.41 7.81 11.07
CA ASP A 7 -17.56 9.26 11.10
C ASP A 7 -19.02 9.62 11.30
N PRO A 8 -19.38 10.33 12.37
CA PRO A 8 -20.79 10.69 12.57
C PRO A 8 -21.38 11.54 11.45
N SER A 9 -20.56 12.33 10.75
CA SER A 9 -21.06 13.10 9.63
C SER A 9 -21.25 12.28 8.37
N ASN A 10 -20.73 11.05 8.33
CA ASN A 10 -20.90 10.14 7.21
C ASN A 10 -22.11 9.25 7.50
N TYR A 11 -23.22 9.54 6.84
CA TYR A 11 -24.47 8.84 7.13
C TYR A 11 -24.52 7.51 6.38
N GLN A 12 -24.85 6.45 7.11
CA GLN A 12 -25.05 5.12 6.53
C GLN A 12 -26.53 4.81 6.48
N LEU A 13 -26.98 4.26 5.35
CA LEU A 13 -28.38 3.90 5.16
C LEU A 13 -28.60 2.50 5.72
N LEU A 14 -29.15 2.42 6.93
CA LEU A 14 -29.33 1.16 7.62
C LEU A 14 -30.81 0.92 7.88
N ILE A 15 -31.16 -0.36 8.08
CA ILE A 15 -32.55 -0.73 8.29
C ILE A 15 -33.06 -0.18 9.63
N LYS A 16 -32.19 -0.02 10.61
CA LYS A 16 -32.62 0.51 11.90
C LYS A 16 -33.15 1.94 11.79
N ASN A 17 -32.70 2.68 10.77
CA ASN A 17 -33.23 4.02 10.55
C ASN A 17 -34.66 3.98 10.01
N LEU A 18 -35.04 2.89 9.34
CA LEU A 18 -36.41 2.75 8.88
C LEU A 18 -37.37 2.57 10.05
N LEU A 19 -36.90 1.95 11.14
CA LEU A 19 -37.74 1.71 12.31
C LEU A 19 -37.69 2.86 13.30
N PHE A 20 -36.50 3.40 13.58
CA PHE A 20 -36.34 4.42 14.61
C PHE A 20 -36.41 5.84 14.06
N SER A 21 -36.40 6.02 12.75
CA SER A 21 -36.59 7.33 12.12
C SER A 21 -37.61 7.18 10.99
N PRO A 22 -38.86 6.86 11.32
CA PRO A 22 -39.87 6.62 10.28
C PRO A 22 -40.49 7.92 9.81
N VAL A 23 -41.37 7.80 8.82
CA VAL A 23 -42.17 8.95 8.38
C VAL A 23 -43.12 9.37 9.48
N ALA A 24 -43.83 8.42 10.07
CA ALA A 24 -44.72 8.67 11.19
C ALA A 24 -44.59 7.54 12.20
N PHE A 25 -44.77 7.87 13.47
CA PHE A 25 -44.69 6.88 14.54
C PHE A 25 -45.80 7.16 15.55
N ASN A 26 -46.80 6.28 15.59
CA ASN A 26 -47.85 6.34 16.59
C ASN A 26 -47.62 5.24 17.60
N PRO A 27 -47.26 5.56 18.85
CA PRO A 27 -46.99 4.51 19.83
C PRO A 27 -48.18 3.62 20.14
N GLU A 28 -49.41 4.11 19.93
CA GLU A 28 -50.61 3.35 20.22
C GLU A 28 -51.20 2.67 18.99
N GLN A 29 -50.53 2.76 17.85
CA GLN A 29 -51.00 2.05 16.67
C GLN A 29 -50.79 0.54 16.85
N GLU A 30 -51.70 -0.24 16.30
CA GLU A 30 -51.79 -1.66 16.60
C GLU A 30 -51.12 -2.53 15.55
N ILE A 31 -50.53 -3.62 16.02
CA ILE A 31 -50.10 -4.75 15.21
C ILE A 31 -50.92 -5.94 15.64
N VAL A 32 -51.62 -6.56 14.67
CA VAL A 32 -52.61 -7.59 14.95
C VAL A 32 -52.22 -8.86 14.21
N TYR A 33 -52.05 -9.95 14.96
CA TYR A 33 -51.95 -11.29 14.41
C TYR A 33 -53.30 -11.96 14.57
N ALA A 34 -53.83 -12.49 13.46
CA ALA A 34 -55.25 -12.79 13.30
C ALA A 34 -55.85 -13.62 14.42
N ASN A 35 -56.74 -13.02 15.19
CA ASN A 35 -57.48 -13.68 16.28
C ASN A 35 -56.56 -14.36 17.28
N HIS A 36 -55.27 -14.02 17.27
CA HIS A 36 -54.30 -14.60 18.19
C HIS A 36 -53.64 -13.57 19.09
N ARG A 37 -53.27 -12.40 18.56
CA ARG A 37 -52.49 -11.47 19.34
C ARG A 37 -52.72 -10.04 18.85
N ARG A 38 -52.67 -9.09 19.77
CA ARG A 38 -52.68 -7.68 19.44
C ARG A 38 -51.70 -6.96 20.35
N HIS A 39 -50.88 -6.08 19.78
CA HIS A 39 -50.03 -5.23 20.61
C HIS A 39 -49.87 -3.89 19.90
N SER A 40 -49.03 -3.02 20.47
CA SER A 40 -48.82 -1.68 19.95
C SER A 40 -47.42 -1.55 19.37
N TYR A 41 -47.17 -0.40 18.74
CA TYR A 41 -45.86 -0.15 18.15
C TYR A 41 -44.77 -0.03 19.20
N LYS A 42 -45.10 0.52 20.37
CA LYS A 42 -44.13 0.53 21.47
C LYS A 42 -43.79 -0.89 21.92
N THR A 43 -44.81 -1.74 22.05
CA THR A 43 -44.57 -3.13 22.37
C THR A 43 -43.78 -3.82 21.26
N PHE A 44 -44.04 -3.46 20.01
CA PHE A 44 -43.28 -4.04 18.90
C PHE A 44 -41.81 -3.66 18.98
N HIS A 45 -41.51 -2.40 19.29
CA HIS A 45 -40.12 -1.97 19.45
C HIS A 45 -39.47 -2.70 20.62
N ASP A 46 -40.18 -2.81 21.74
CA ASP A 46 -39.65 -3.53 22.90
C ASP A 46 -39.35 -4.99 22.55
N ARG A 47 -40.24 -5.62 21.79
CA ARG A 47 -40.03 -7.02 21.40
C ARG A 47 -38.86 -7.15 20.43
N VAL A 48 -38.67 -6.16 19.56
CA VAL A 48 -37.52 -6.19 18.66
C VAL A 48 -36.22 -6.12 19.47
N ARG A 49 -36.18 -5.24 20.46
CA ARG A 49 -34.99 -5.16 21.32
C ARG A 49 -34.79 -6.45 22.11
N GLN A 50 -35.88 -7.03 22.61
CA GLN A 50 -35.79 -8.29 23.33
C GLN A 50 -35.25 -9.41 22.45
N PHE A 51 -35.72 -9.47 21.19
CA PHE A 51 -35.22 -10.49 20.28
C PHE A 51 -33.77 -10.25 19.91
N ALA A 52 -33.36 -8.99 19.82
CA ALA A 52 -31.94 -8.69 19.63
C ALA A 52 -31.12 -9.23 20.80
N ASN A 53 -31.59 -9.00 22.02
CA ASN A 53 -30.89 -9.53 23.19
C ASN A 53 -30.83 -11.06 23.16
N ALA A 54 -31.95 -11.70 22.82
CA ALA A 54 -32.00 -13.16 22.78
C ALA A 54 -31.05 -13.73 21.73
N LEU A 55 -31.00 -13.09 20.55
CA LEU A 55 -30.07 -13.54 19.52
C LEU A 55 -28.63 -13.33 19.95
N THR A 56 -28.35 -12.23 20.65
CA THR A 56 -27.00 -12.01 21.17
C THR A 56 -26.62 -13.09 22.18
N LYS A 57 -27.57 -13.50 23.02
CA LYS A 57 -27.29 -14.56 23.99
C LYS A 57 -26.98 -15.88 23.30
N MET A 58 -27.60 -16.14 22.14
CA MET A 58 -27.38 -17.39 21.42
C MET A 58 -26.03 -17.44 20.73
N GLY A 59 -25.20 -16.42 20.85
CA GLY A 59 -23.92 -16.40 20.18
C GLY A 59 -23.97 -15.94 18.74
N VAL A 60 -25.07 -15.36 18.29
CA VAL A 60 -25.19 -14.88 16.92
C VAL A 60 -24.36 -13.60 16.78
N LYS A 61 -23.51 -13.56 15.76
CA LYS A 61 -22.60 -12.45 15.53
C LYS A 61 -22.94 -11.77 14.20
N LYS A 62 -22.09 -10.83 13.79
CA LYS A 62 -22.38 -10.02 12.61
C LYS A 62 -22.43 -10.86 11.34
N GLY A 63 -21.51 -11.81 11.19
CA GLY A 63 -21.45 -12.61 9.98
C GLY A 63 -22.35 -13.83 9.96
N ASP A 64 -23.17 -14.04 10.98
CA ASP A 64 -23.97 -15.24 11.08
C ASP A 64 -25.21 -15.16 10.19
N THR A 65 -25.88 -16.31 10.04
CA THR A 65 -27.09 -16.43 9.23
C THR A 65 -28.17 -17.10 10.06
N VAL A 66 -29.36 -16.51 10.07
CA VAL A 66 -30.52 -17.06 10.77
C VAL A 66 -31.60 -17.35 9.74
N ALA A 67 -32.10 -18.59 9.76
CA ALA A 67 -33.11 -19.03 8.80
C ALA A 67 -34.48 -19.08 9.45
N VAL A 68 -35.49 -18.67 8.71
CA VAL A 68 -36.86 -18.55 9.24
C VAL A 68 -37.80 -19.40 8.39
N MET A 69 -38.73 -20.09 9.07
CA MET A 69 -39.75 -20.93 8.42
C MET A 69 -41.06 -20.79 9.21
N ASP A 70 -41.95 -19.90 8.75
CA ASP A 70 -43.29 -19.82 9.32
C ASP A 70 -44.19 -19.05 8.34
N TYR A 71 -45.43 -18.82 8.76
CA TYR A 71 -46.39 -18.07 7.97
C TYR A 71 -46.24 -16.58 8.26
N ASP A 72 -47.26 -15.82 7.89
CA ASP A 72 -47.24 -14.35 8.07
C ASP A 72 -47.75 -13.98 9.45
N SER A 73 -46.87 -13.44 10.28
CA SER A 73 -47.24 -13.16 11.67
C SER A 73 -46.38 -12.01 12.16
N HIS A 74 -46.65 -11.58 13.39
CA HIS A 74 -45.79 -10.59 14.03
C HIS A 74 -44.37 -11.10 14.20
N ARG A 75 -44.19 -12.41 14.33
CA ARG A 75 -42.86 -12.97 14.47
C ARG A 75 -42.02 -12.74 13.22
N TYR A 76 -42.62 -12.93 12.05
CA TYR A 76 -41.88 -12.68 10.80
C TYR A 76 -41.54 -11.21 10.66
N LEU A 77 -42.46 -10.32 11.05
CA LEU A 77 -42.17 -8.89 11.00
C LEU A 77 -41.03 -8.52 11.95
N GLU A 78 -41.00 -9.14 13.13
CA GLU A 78 -39.91 -8.90 14.07
C GLU A 78 -38.59 -9.43 13.56
N CYS A 79 -38.62 -10.57 12.85
CA CYS A 79 -37.41 -11.12 12.26
C CYS A 79 -36.92 -10.26 11.09
N TYR A 80 -37.84 -9.58 10.41
CA TYR A 80 -37.45 -8.68 9.32
C TYR A 80 -36.57 -7.54 9.80
N PHE A 81 -36.58 -7.25 11.10
CA PHE A 81 -35.84 -6.12 11.65
C PHE A 81 -34.72 -6.54 12.60
N ALA A 82 -35.01 -7.41 13.57
CA ALA A 82 -34.03 -7.70 14.60
C ALA A 82 -32.78 -8.36 14.04
N ILE A 83 -32.95 -9.34 13.16
CA ILE A 83 -31.82 -10.08 12.60
C ILE A 83 -30.94 -9.16 11.75
N PRO A 84 -31.47 -8.38 10.80
CA PRO A 84 -30.60 -7.47 10.05
C PRO A 84 -29.94 -6.39 10.91
N MET A 85 -30.62 -5.89 11.94
CA MET A 85 -30.05 -4.81 12.75
C MET A 85 -28.81 -5.28 13.50
N ILE A 86 -28.82 -6.52 13.96
CA ILE A 86 -27.68 -7.08 14.67
C ILE A 86 -26.53 -7.31 13.67
N GLY A 87 -26.84 -7.30 12.39
CA GLY A 87 -25.81 -7.48 11.37
C GLY A 87 -25.90 -8.79 10.64
N ALA A 88 -26.52 -9.80 11.25
CA ALA A 88 -26.59 -11.13 10.67
C ALA A 88 -27.47 -11.13 9.43
N LYS A 89 -27.38 -12.21 8.66
CA LYS A 89 -28.16 -12.37 7.45
C LYS A 89 -29.46 -13.11 7.76
N LEU A 90 -30.54 -12.69 7.10
CA LEU A 90 -31.84 -13.30 7.25
C LEU A 90 -32.13 -14.19 6.04
N HIS A 91 -32.31 -15.49 6.27
CA HIS A 91 -32.56 -16.45 5.21
C HIS A 91 -34.03 -16.85 5.26
N MET A 92 -34.78 -16.41 4.26
CA MET A 92 -36.19 -16.78 4.12
C MET A 92 -36.28 -18.06 3.32
N ILE A 93 -36.77 -19.12 3.94
CA ILE A 93 -36.86 -20.43 3.30
C ILE A 93 -38.22 -20.57 2.64
N ASN A 94 -38.22 -20.96 1.37
CA ASN A 94 -39.46 -21.23 0.64
C ASN A 94 -39.99 -22.57 1.11
N VAL A 95 -41.07 -22.54 1.89
CA VAL A 95 -41.63 -23.75 2.49
C VAL A 95 -42.46 -24.51 1.45
N ARG A 96 -42.62 -23.92 0.27
CA ARG A 96 -43.36 -24.57 -0.81
C ARG A 96 -42.46 -25.41 -1.71
N LEU A 97 -41.14 -25.42 -1.46
CA LEU A 97 -40.24 -26.25 -2.22
C LEU A 97 -40.27 -27.68 -1.69
N SER A 98 -39.68 -28.59 -2.45
CA SER A 98 -39.53 -29.96 -2.00
C SER A 98 -38.50 -30.02 -0.86
N PRO A 99 -38.59 -31.03 0.01
CA PRO A 99 -37.62 -31.13 1.12
C PRO A 99 -36.18 -31.22 0.65
N GLU A 100 -35.92 -31.84 -0.50
CA GLU A 100 -34.55 -31.92 -1.00
C GLU A 100 -34.02 -30.54 -1.39
N GLN A 101 -34.85 -29.73 -2.05
CA GLN A 101 -34.43 -28.37 -2.40
C GLN A 101 -34.25 -27.51 -1.16
N ILE A 102 -35.11 -27.70 -0.16
CA ILE A 102 -34.96 -26.97 1.10
C ILE A 102 -33.64 -27.35 1.78
N LEU A 103 -33.32 -28.65 1.77
CA LEU A 103 -32.05 -29.10 2.33
C LEU A 103 -30.87 -28.50 1.58
N TYR A 104 -30.96 -28.45 0.24
CA TYR A 104 -29.90 -27.86 -0.54
C TYR A 104 -29.71 -26.39 -0.20
N THR A 105 -30.82 -25.65 -0.06
CA THR A 105 -30.71 -24.22 0.25
C THR A 105 -30.13 -24.01 1.65
N ILE A 106 -30.54 -24.83 2.62
CA ILE A 106 -30.01 -24.70 3.98
C ILE A 106 -28.52 -25.00 4.00
N ASP A 107 -28.09 -26.06 3.30
CA ASP A 107 -26.66 -26.38 3.24
C ASP A 107 -25.87 -25.29 2.52
N HIS A 108 -26.42 -24.74 1.44
CA HIS A 108 -25.73 -23.71 0.69
C HIS A 108 -25.58 -22.43 1.49
N ALA A 109 -26.64 -22.03 2.21
CA ALA A 109 -26.60 -20.80 2.99
C ALA A 109 -25.79 -20.95 4.28
N GLU A 110 -25.61 -22.18 4.78
CA GLU A 110 -24.91 -22.45 6.02
C GLU A 110 -25.56 -21.70 7.20
N ASP A 111 -26.82 -22.04 7.43
CA ASP A 111 -27.57 -21.41 8.52
C ASP A 111 -27.05 -21.90 9.88
N ASP A 112 -27.14 -21.02 10.87
CA ASP A 112 -26.73 -21.33 12.24
C ASP A 112 -27.92 -21.57 13.15
N ILE A 113 -28.91 -20.69 13.11
CA ILE A 113 -30.14 -20.83 13.88
C ILE A 113 -31.29 -20.97 12.89
N ILE A 114 -32.23 -21.86 13.20
CA ILE A 114 -33.40 -22.10 12.37
C ILE A 114 -34.64 -21.86 13.22
N LEU A 115 -35.49 -20.94 12.78
CA LEU A 115 -36.77 -20.67 13.43
C LEU A 115 -37.85 -21.28 12.55
N ILE A 116 -38.47 -22.35 13.04
CA ILE A 116 -39.38 -23.16 12.24
C ILE A 116 -40.71 -23.27 12.97
N HIS A 117 -41.80 -23.11 12.22
CA HIS A 117 -43.13 -23.30 12.79
C HIS A 117 -43.39 -24.78 13.06
N GLU A 118 -44.34 -25.03 13.97
CA GLU A 118 -44.67 -26.40 14.33
C GLU A 118 -45.19 -27.19 13.13
N GLU A 119 -46.06 -26.57 12.32
CA GLU A 119 -46.67 -27.25 11.20
C GLU A 119 -45.67 -27.67 10.14
N PHE A 120 -44.47 -27.08 10.13
CA PHE A 120 -43.42 -27.45 9.21
C PHE A 120 -42.45 -28.48 9.79
N LEU A 121 -42.73 -28.97 11.00
CA LEU A 121 -41.87 -29.98 11.60
C LEU A 121 -41.75 -31.27 10.79
N PRO A 122 -42.82 -31.85 10.23
CA PRO A 122 -42.65 -33.09 9.45
C PRO A 122 -41.66 -32.95 8.30
N ILE A 123 -41.64 -31.82 7.62
CA ILE A 123 -40.66 -31.61 6.55
C ILE A 123 -39.24 -31.73 7.10
N LEU A 124 -38.98 -31.05 8.22
CA LEU A 124 -37.69 -31.16 8.88
C LEU A 124 -37.40 -32.60 9.31
N ASP A 125 -38.45 -33.40 9.52
CA ASP A 125 -38.24 -34.80 9.88
C ASP A 125 -37.61 -35.60 8.74
N GLN A 126 -37.79 -35.15 7.50
CA GLN A 126 -37.16 -35.82 6.37
C GLN A 126 -35.79 -35.26 6.04
N ILE A 127 -35.37 -34.19 6.71
CA ILE A 127 -34.17 -33.44 6.33
C ILE A 127 -33.19 -33.25 7.47
N LYS A 128 -33.62 -33.31 8.73
CA LYS A 128 -32.75 -32.97 9.85
C LYS A 128 -31.52 -33.86 9.91
N GLY A 129 -31.64 -35.11 9.46
CA GLY A 129 -30.51 -36.03 9.50
C GLY A 129 -29.33 -35.62 8.64
N ARG A 130 -29.58 -34.94 7.52
CA ARG A 130 -28.53 -34.53 6.60
C ARG A 130 -28.13 -33.07 6.79
N ILE A 131 -28.61 -32.43 7.85
CA ILE A 131 -28.34 -31.01 8.08
C ILE A 131 -27.12 -30.87 8.97
N ASP A 132 -26.16 -30.08 8.52
CA ASP A 132 -25.00 -29.68 9.31
C ASP A 132 -25.08 -28.18 9.57
N THR A 133 -24.12 -27.69 10.36
CA THR A 133 -23.89 -26.27 10.64
C THR A 133 -25.00 -25.61 11.44
N VAL A 134 -26.07 -26.33 11.77
CA VAL A 134 -27.19 -25.76 12.52
C VAL A 134 -27.05 -26.19 13.97
N THR A 135 -26.98 -25.21 14.88
CA THR A 135 -26.75 -25.49 16.29
C THR A 135 -27.98 -25.36 17.16
N ARG A 136 -29.07 -24.75 16.67
CA ARG A 136 -30.25 -24.55 17.48
C ARG A 136 -31.48 -24.53 16.60
N TYR A 137 -32.54 -25.19 17.07
CA TYR A 137 -33.85 -25.16 16.43
C TYR A 137 -34.85 -24.52 17.37
N VAL A 138 -35.54 -23.49 16.90
CA VAL A 138 -36.56 -22.79 17.68
C VAL A 138 -37.91 -23.10 17.04
N VAL A 139 -38.80 -23.70 17.81
CA VAL A 139 -40.12 -24.12 17.30
C VAL A 139 -41.13 -23.02 17.63
N LEU A 140 -41.75 -22.47 16.60
CA LEU A 140 -42.74 -21.41 16.77
C LEU A 140 -44.13 -22.01 16.83
N ARG A 141 -44.92 -21.55 17.81
CA ARG A 141 -46.28 -22.02 18.00
C ARG A 141 -47.20 -20.82 18.19
N ASP A 142 -48.49 -21.05 17.96
CA ASP A 142 -49.50 -20.03 18.17
C ASP A 142 -50.07 -20.05 19.59
N ASP A 143 -49.74 -21.07 20.37
CA ASP A 143 -50.19 -21.17 21.75
C ASP A 143 -49.15 -20.55 22.67
N GLU A 144 -49.32 -20.77 23.94
CA GLU A 144 -48.45 -20.24 24.95
C GLU A 144 -47.13 -20.90 25.07
N GLU A 145 -47.00 -22.09 24.53
CA GLU A 145 -45.80 -22.92 24.63
C GLU A 145 -44.81 -22.63 23.52
N CYS A 146 -44.89 -21.46 22.89
CA CYS A 146 -43.94 -21.12 21.83
C CYS A 146 -42.57 -20.87 22.43
N GLU A 147 -41.54 -21.45 21.81
CA GLU A 147 -40.18 -21.24 22.28
C GLU A 147 -39.71 -19.81 22.02
N TYR A 148 -40.18 -19.21 20.92
CA TYR A 148 -39.82 -17.82 20.61
C TYR A 148 -40.32 -16.87 21.69
N GLU A 149 -41.57 -17.04 22.14
CA GLU A 149 -42.12 -16.19 23.17
C GLU A 149 -41.38 -16.37 24.49
N ARG A 150 -41.07 -17.61 24.85
CA ARG A 150 -40.35 -17.87 26.09
C ARG A 150 -38.94 -17.29 26.05
N LEU A 151 -38.28 -17.36 24.89
CA LEU A 151 -36.97 -16.74 24.74
C LEU A 151 -37.06 -15.23 24.87
N LEU A 152 -38.13 -14.64 24.31
CA LEU A 152 -38.33 -13.20 24.47
C LEU A 152 -38.56 -12.81 25.92
N GLU A 153 -39.27 -13.65 26.67
CA GLU A 153 -39.67 -13.28 28.02
C GLU A 153 -38.49 -13.11 28.96
N GLN A 154 -37.38 -13.77 28.68
CA GLN A 154 -36.21 -13.75 29.57
C GLN A 154 -35.24 -12.62 29.26
N GLU A 155 -35.55 -11.75 28.30
CA GLU A 155 -34.64 -10.71 27.88
C GLU A 155 -35.21 -9.34 28.20
N SER A 156 -34.31 -8.36 28.34
CA SER A 156 -34.68 -6.99 28.62
C SER A 156 -35.04 -6.26 27.34
N THR A 157 -35.81 -5.18 27.49
CA THR A 157 -36.27 -4.38 26.36
C THR A 157 -35.35 -3.20 26.06
N GLU A 158 -34.07 -3.29 26.42
CA GLU A 158 -33.09 -2.25 26.15
C GLU A 158 -31.94 -2.84 25.33
N TYR A 159 -31.59 -2.19 24.24
CA TYR A 159 -30.52 -2.66 23.37
C TYR A 159 -30.00 -1.49 22.56
N ASN A 160 -28.67 -1.44 22.40
CA ASN A 160 -28.01 -0.39 21.61
C ASN A 160 -27.54 -1.04 20.32
N PHE A 161 -28.20 -0.72 19.22
CA PHE A 161 -27.94 -1.30 17.95
C PHE A 161 -26.74 -0.79 17.25
N PRO A 162 -25.92 -1.68 16.78
CA PRO A 162 -24.69 -1.31 16.09
C PRO A 162 -24.68 -0.41 14.84
N ASP A 163 -23.57 0.19 14.46
CA ASP A 163 -23.43 0.88 13.21
C ASP A 163 -22.45 0.16 12.38
N PHE A 164 -22.83 -0.14 11.16
CA PHE A 164 -21.91 -0.78 10.29
C PHE A 164 -22.06 -0.19 8.94
N ASP A 165 -21.23 -0.67 8.04
CA ASP A 165 -21.31 -0.24 6.66
C ASP A 165 -22.69 -0.53 6.08
N GLU A 166 -23.17 0.37 5.21
CA GLU A 166 -24.47 0.19 4.59
C GLU A 166 -24.47 -0.89 3.51
N ASN A 167 -23.30 -1.41 3.14
CA ASN A 167 -23.19 -2.44 2.12
C ASN A 167 -23.11 -3.84 2.70
N THR A 168 -23.51 -4.02 3.97
CA THR A 168 -23.52 -5.33 4.58
C THR A 168 -24.80 -6.08 4.18
N VAL A 169 -24.65 -7.36 3.86
CA VAL A 169 -25.77 -8.16 3.41
C VAL A 169 -26.78 -8.34 4.54
N ALA A 170 -28.07 -8.33 4.19
CA ALA A 170 -29.14 -8.44 5.16
C ALA A 170 -30.06 -9.63 4.91
N THR A 171 -30.40 -9.94 3.66
CA THR A 171 -31.40 -10.96 3.38
C THR A 171 -30.98 -11.81 2.18
N THR A 172 -31.34 -13.10 2.25
CA THR A 172 -31.19 -14.05 1.14
C THR A 172 -32.42 -14.94 1.13
N PHE A 173 -32.92 -15.29 -0.08
CA PHE A 173 -34.10 -16.14 -0.14
C PHE A 173 -34.12 -17.19 -1.25
N TYR A 174 -33.06 -17.33 -2.04
CA TYR A 174 -32.84 -18.52 -2.88
C TYR A 174 -34.00 -18.78 -3.84
N THR A 175 -34.14 -17.88 -4.81
CA THR A 175 -35.08 -18.09 -5.90
C THR A 175 -34.74 -19.35 -6.68
N THR A 176 -35.75 -19.92 -7.34
CA THR A 176 -35.61 -21.17 -8.10
C THR A 176 -36.23 -21.01 -9.49
N GLY A 177 -35.38 -20.69 -10.47
CA GLY A 177 -35.83 -20.58 -11.85
C GLY A 177 -35.61 -21.85 -12.63
N THR A 178 -34.88 -21.76 -13.74
CA THR A 178 -34.52 -22.93 -14.55
C THR A 178 -32.99 -23.01 -14.57
N THR A 179 -32.42 -23.64 -13.54
CA THR A 179 -30.98 -23.77 -13.43
C THR A 179 -30.58 -25.19 -13.05
N GLY A 180 -31.51 -25.95 -12.50
CA GLY A 180 -31.20 -27.28 -12.01
C GLY A 180 -31.05 -27.29 -10.50
N PHE A 181 -30.53 -26.18 -9.96
CA PHE A 181 -30.44 -25.95 -8.54
C PHE A 181 -30.88 -24.52 -8.23
N PRO A 182 -31.43 -24.27 -7.04
CA PRO A 182 -31.84 -22.92 -6.69
C PRO A 182 -30.66 -21.96 -6.64
N LYS A 183 -30.93 -20.70 -6.96
CA LYS A 183 -29.91 -19.66 -7.06
C LYS A 183 -30.03 -18.70 -5.89
N GLY A 184 -28.91 -18.37 -5.27
CA GLY A 184 -28.91 -17.49 -4.11
C GLY A 184 -28.93 -16.02 -4.52
N VAL A 185 -29.85 -15.25 -4.04
CA VAL A 185 -29.95 -13.78 -4.27
C VAL A 185 -29.84 -13.05 -2.94
N PHE A 186 -29.31 -11.88 -2.94
CA PHE A 186 -28.98 -11.18 -1.73
C PHE A 186 -29.04 -9.71 -1.85
N PHE A 187 -29.36 -9.04 -0.78
CA PHE A 187 -29.49 -7.59 -0.78
C PHE A 187 -28.82 -7.02 0.45
N THR A 188 -28.48 -5.74 0.39
CA THR A 188 -27.85 -5.04 1.50
C THR A 188 -28.84 -4.10 2.18
N HIS A 189 -28.39 -3.48 3.27
CA HIS A 189 -29.22 -2.50 3.97
C HIS A 189 -29.52 -1.31 3.08
N ARG A 190 -28.51 -0.81 2.37
CA ARG A 190 -28.69 0.35 1.50
C ARG A 190 -29.74 0.07 0.43
N GLN A 191 -29.68 -1.12 -0.18
CA GLN A 191 -30.63 -1.45 -1.24
C GLN A 191 -32.06 -1.50 -0.72
N LEU A 192 -32.28 -2.10 0.46
CA LEU A 192 -33.62 -2.17 1.01
C LEU A 192 -34.15 -0.79 1.39
N VAL A 193 -33.30 0.04 1.99
CA VAL A 193 -33.73 1.39 2.37
C VAL A 193 -34.06 2.21 1.13
N LEU A 194 -33.23 2.12 0.09
CA LEU A 194 -33.51 2.84 -1.15
C LEU A 194 -34.77 2.30 -1.81
N HIS A 195 -34.99 0.99 -1.75
CA HIS A 195 -36.20 0.39 -2.32
C HIS A 195 -37.44 0.96 -1.67
N THR A 196 -37.51 0.92 -0.33
CA THR A 196 -38.72 1.42 0.34
C THR A 196 -38.89 2.91 0.12
N MET A 197 -37.80 3.69 0.21
CA MET A 197 -37.90 5.14 0.04
C MET A 197 -38.37 5.50 -1.36
N GLY A 198 -37.73 4.95 -2.39
CA GLY A 198 -38.06 5.27 -3.76
C GLY A 198 -39.33 4.67 -4.28
N ILE A 199 -39.92 3.70 -3.58
CA ILE A 199 -41.22 3.21 -4.01
C ILE A 199 -42.33 3.94 -3.24
N LEU A 200 -42.05 4.34 -2.00
CA LEU A 200 -42.99 5.23 -1.32
C LEU A 200 -43.07 6.57 -2.02
N SER A 201 -41.96 7.04 -2.60
CA SER A 201 -41.96 8.31 -3.29
C SER A 201 -42.70 8.30 -4.62
N THR A 202 -43.08 7.21 -5.20
CA THR A 202 -43.83 6.95 -6.40
C THR A 202 -45.17 6.51 -6.24
N ILE A 203 -45.39 5.62 -5.40
CA ILE A 203 -46.76 5.14 -5.19
C ILE A 203 -47.54 6.10 -4.29
N GLY A 204 -46.87 6.72 -3.32
CA GLY A 204 -47.56 7.64 -2.42
C GLY A 204 -47.91 8.97 -3.03
N THR A 205 -47.23 9.37 -4.11
CA THR A 205 -47.45 10.67 -4.73
C THR A 205 -48.51 10.64 -5.83
N ASN A 206 -49.19 9.51 -6.01
CA ASN A 206 -50.28 9.45 -6.98
C ASN A 206 -51.42 10.36 -6.53
N ALA A 207 -52.16 10.87 -7.52
CA ALA A 207 -53.18 11.88 -7.23
C ALA A 207 -54.33 11.28 -6.41
N SER A 208 -55.04 10.31 -6.97
CA SER A 208 -56.20 9.75 -6.29
C SER A 208 -56.34 8.23 -6.38
N GLN A 209 -55.61 7.55 -7.25
CA GLN A 209 -55.80 6.12 -7.48
C GLN A 209 -54.54 5.36 -7.11
N GLY A 210 -54.74 4.21 -6.46
CA GLY A 210 -53.65 3.28 -6.19
C GLY A 210 -52.51 3.85 -5.38
N ARG A 211 -52.82 4.61 -4.34
CA ARG A 211 -51.80 5.19 -3.48
C ARG A 211 -51.90 4.60 -2.08
N LEU A 212 -50.75 4.39 -1.45
CA LEU A 212 -50.66 3.96 -0.07
C LEU A 212 -50.21 5.14 0.77
N HIS A 213 -51.01 5.53 1.75
CA HIS A 213 -50.72 6.69 2.59
C HIS A 213 -50.75 6.29 4.06
N GLN A 214 -50.66 7.29 4.93
CA GLN A 214 -50.54 7.06 6.36
C GLN A 214 -51.85 6.66 7.03
N GLY A 215 -52.97 6.72 6.32
CA GLY A 215 -54.26 6.35 6.86
C GLY A 215 -54.77 4.99 6.43
N ASP A 216 -53.94 4.16 5.80
CA ASP A 216 -54.38 2.87 5.30
C ASP A 216 -54.30 1.82 6.41
N ILE A 217 -54.65 0.58 6.06
CA ILE A 217 -54.48 -0.57 6.93
C ILE A 217 -53.94 -1.71 6.09
N TYR A 218 -52.71 -2.15 6.39
CA TYR A 218 -51.98 -3.08 5.55
C TYR A 218 -52.27 -4.52 5.96
N MET A 219 -52.31 -5.40 4.95
CA MET A 219 -52.55 -6.82 5.15
C MET A 219 -51.91 -7.63 4.02
N PRO A 220 -50.81 -8.32 4.27
CA PRO A 220 -50.19 -9.12 3.20
C PRO A 220 -51.00 -10.38 2.90
N ILE A 221 -51.10 -10.70 1.60
CA ILE A 221 -51.69 -11.95 1.16
C ILE A 221 -50.67 -12.66 0.28
N THR A 222 -49.38 -12.37 0.52
CA THR A 222 -48.26 -13.00 -0.14
C THR A 222 -47.47 -13.82 0.86
N PRO A 223 -46.71 -14.82 0.40
CA PRO A 223 -46.03 -15.73 1.35
C PRO A 223 -45.06 -15.06 2.29
N MET A 224 -44.61 -13.84 2.00
CA MET A 224 -43.77 -13.02 2.89
C MET A 224 -42.34 -13.56 2.96
N PHE A 225 -42.09 -14.72 2.36
CA PHE A 225 -40.73 -15.22 2.22
C PHE A 225 -40.24 -15.17 0.78
N HIS A 226 -41.13 -14.91 -0.19
CA HIS A 226 -40.73 -14.87 -1.58
C HIS A 226 -39.74 -13.76 -1.88
N VAL A 227 -40.20 -12.51 -1.80
CA VAL A 227 -39.43 -11.36 -2.26
C VAL A 227 -39.43 -10.23 -1.23
N HIS A 228 -39.47 -10.59 0.05
CA HIS A 228 -39.68 -9.66 1.17
C HIS A 228 -41.13 -9.18 1.23
N ALA A 229 -42.07 -10.02 0.79
CA ALA A 229 -43.48 -9.64 0.66
C ALA A 229 -43.63 -8.38 -0.18
N TRP A 230 -42.87 -8.32 -1.27
CA TRP A 230 -42.82 -7.19 -2.20
C TRP A 230 -42.29 -5.92 -1.52
N GLY A 231 -41.59 -6.07 -0.39
CA GLY A 231 -41.05 -4.93 0.33
C GLY A 231 -42.08 -4.08 1.05
N LEU A 232 -43.33 -4.51 1.07
CA LEU A 232 -44.43 -3.73 1.61
C LEU A 232 -44.48 -3.68 3.14
N PRO A 233 -44.08 -4.74 3.87
CA PRO A 233 -43.99 -4.58 5.34
C PRO A 233 -43.08 -3.45 5.77
N TYR A 234 -41.94 -3.28 5.09
CA TYR A 234 -41.04 -2.17 5.42
C TYR A 234 -41.71 -0.83 5.18
N MET A 235 -42.42 -0.68 4.06
CA MET A 235 -43.12 0.57 3.77
C MET A 235 -44.23 0.81 4.78
N ALA A 236 -44.94 -0.24 5.19
CA ALA A 236 -46.04 -0.08 6.13
C ALA A 236 -45.54 0.33 7.50
N THR A 237 -44.44 -0.26 7.96
CA THR A 237 -43.91 0.12 9.26
C THR A 237 -43.22 1.47 9.22
N MET A 238 -42.66 1.87 8.07
CA MET A 238 -42.11 3.22 7.96
C MET A 238 -43.21 4.27 8.03
N LEU A 239 -44.39 3.97 7.50
CA LEU A 239 -45.51 4.89 7.59
C LEU A 239 -46.21 4.86 8.95
N GLY A 240 -45.82 3.95 9.83
CA GLY A 240 -46.46 3.84 11.14
C GLY A 240 -47.92 3.47 11.03
N VAL A 241 -48.29 2.67 10.05
CA VAL A 241 -49.68 2.25 9.82
C VAL A 241 -50.05 0.98 10.57
N LYS A 242 -51.32 0.71 10.65
CA LYS A 242 -51.83 -0.52 11.24
C LYS A 242 -51.59 -1.69 10.29
N GLN A 243 -51.13 -2.81 10.85
CA GLN A 243 -50.80 -4.01 10.08
C GLN A 243 -51.55 -5.20 10.64
N VAL A 244 -52.15 -6.00 9.75
CA VAL A 244 -52.88 -7.19 10.12
C VAL A 244 -52.29 -8.39 9.38
N TYR A 245 -51.98 -9.45 10.11
CA TYR A 245 -51.37 -10.64 9.54
C TYR A 245 -52.33 -11.82 9.68
N PRO A 246 -52.74 -12.46 8.59
CA PRO A 246 -53.80 -13.48 8.69
C PRO A 246 -53.31 -14.88 9.06
N GLY A 247 -52.08 -15.22 8.70
CA GLY A 247 -51.56 -16.54 8.99
C GLY A 247 -51.54 -17.48 7.80
N LYS A 248 -52.49 -18.41 7.75
CA LYS A 248 -52.44 -19.54 6.82
C LYS A 248 -53.18 -19.29 5.51
N TYR A 249 -53.72 -18.09 5.29
CA TYR A 249 -54.41 -17.73 4.05
C TYR A 249 -55.60 -18.65 3.77
N VAL A 250 -56.59 -18.57 4.65
CA VAL A 250 -57.89 -19.21 4.45
C VAL A 250 -58.85 -18.15 3.95
N PRO A 251 -59.56 -18.37 2.83
CA PRO A 251 -60.41 -17.30 2.27
C PRO A 251 -61.45 -16.78 3.24
N ASP A 252 -62.08 -17.65 4.03
CA ASP A 252 -63.10 -17.21 4.97
C ASP A 252 -62.52 -16.30 6.04
N VAL A 253 -61.40 -16.72 6.65
CA VAL A 253 -60.79 -15.88 7.67
C VAL A 253 -60.21 -14.61 7.06
N LEU A 254 -59.75 -14.67 5.82
CA LEU A 254 -59.28 -13.47 5.14
C LEU A 254 -60.40 -12.46 4.97
N LEU A 255 -61.56 -12.91 4.50
CA LEU A 255 -62.70 -12.01 4.33
C LEU A 255 -63.15 -11.46 5.68
N ASN A 256 -63.18 -12.31 6.71
CA ASN A 256 -63.58 -11.86 8.03
C ASN A 256 -62.62 -10.80 8.57
N LEU A 257 -61.31 -11.00 8.36
CA LEU A 257 -60.34 -10.02 8.81
C LEU A 257 -60.46 -8.72 8.05
N ILE A 258 -60.69 -8.79 6.73
CA ILE A 258 -60.86 -7.56 5.95
C ILE A 258 -62.09 -6.79 6.43
N GLU A 259 -63.18 -7.50 6.74
CA GLU A 259 -64.38 -6.83 7.20
C GLU A 259 -64.18 -6.23 8.59
N GLN A 260 -63.67 -7.01 9.54
CA GLN A 260 -63.59 -6.55 10.93
C GLN A 260 -62.51 -5.50 11.12
N GLU A 261 -61.32 -5.73 10.55
CA GLU A 261 -60.20 -4.80 10.74
C GLU A 261 -60.24 -3.63 9.78
N LYS A 262 -61.19 -3.60 8.84
CA LYS A 262 -61.32 -2.54 7.85
C LYS A 262 -60.03 -2.36 7.05
N VAL A 263 -59.57 -3.47 6.46
CA VAL A 263 -58.34 -3.45 5.68
C VAL A 263 -58.58 -2.68 4.38
N THR A 264 -57.67 -1.76 4.06
CA THR A 264 -57.80 -0.93 2.87
C THR A 264 -56.70 -1.15 1.84
N PHE A 265 -55.56 -1.72 2.24
CA PHE A 265 -54.46 -1.97 1.31
C PHE A 265 -53.96 -3.39 1.49
N SER A 266 -53.77 -4.09 0.38
CA SER A 266 -53.26 -5.44 0.39
C SER A 266 -52.61 -5.73 -0.95
N HIS A 267 -51.89 -6.84 -1.03
CA HIS A 267 -51.30 -7.28 -2.27
C HIS A 267 -51.45 -8.80 -2.37
N CYS A 268 -51.62 -9.30 -3.59
CA CYS A 268 -52.08 -10.67 -3.75
C CYS A 268 -51.66 -11.19 -5.13
N VAL A 269 -51.91 -12.48 -5.34
CA VAL A 269 -51.68 -13.13 -6.62
C VAL A 269 -53.04 -13.49 -7.21
N PRO A 270 -53.17 -13.71 -8.52
CA PRO A 270 -54.51 -13.90 -9.11
C PRO A 270 -55.29 -15.06 -8.52
N THR A 271 -54.63 -16.13 -8.10
CA THR A 271 -55.35 -17.31 -7.62
C THR A 271 -56.12 -17.02 -6.34
N ILE A 272 -55.47 -16.42 -5.34
CA ILE A 272 -56.16 -16.12 -4.09
C ILE A 272 -57.22 -15.05 -4.31
N LEU A 273 -56.97 -14.10 -5.21
CA LEU A 273 -58.00 -13.11 -5.52
C LEU A 273 -59.24 -13.76 -6.12
N HIS A 274 -59.04 -14.70 -7.05
CA HIS A 274 -60.17 -15.41 -7.64
C HIS A 274 -60.90 -16.24 -6.57
N LEU A 275 -60.21 -16.76 -5.59
CA LEU A 275 -60.87 -17.53 -4.57
C LEU A 275 -61.63 -16.70 -3.56
N LEU A 276 -61.27 -15.45 -3.40
CA LEU A 276 -61.94 -14.56 -2.51
C LEU A 276 -63.07 -13.87 -3.19
N LEU A 277 -62.99 -13.68 -4.48
CA LEU A 277 -64.15 -13.13 -5.19
C LEU A 277 -65.25 -14.17 -5.37
N SER A 278 -64.89 -15.42 -5.58
CA SER A 278 -65.85 -16.49 -5.79
C SER A 278 -66.39 -17.09 -4.49
N SER A 279 -65.86 -16.67 -3.35
CA SER A 279 -66.34 -17.19 -2.07
C SER A 279 -67.77 -16.73 -1.82
N PRO A 280 -68.63 -17.58 -1.26
CA PRO A 280 -69.99 -17.14 -0.95
C PRO A 280 -70.07 -16.05 0.10
N LYS A 281 -69.08 -15.95 0.99
CA LYS A 281 -69.10 -14.91 2.01
C LYS A 281 -68.84 -13.52 1.46
N SER A 282 -68.34 -13.40 0.23
CA SER A 282 -68.04 -12.12 -0.37
C SER A 282 -69.21 -11.51 -1.12
N LYS A 283 -70.32 -12.23 -1.21
CA LYS A 283 -71.48 -11.74 -1.96
C LYS A 283 -72.13 -10.56 -1.25
N ALA A 284 -72.06 -10.52 0.07
CA ALA A 284 -72.67 -9.46 0.85
C ALA A 284 -71.61 -8.68 1.63
N MET A 285 -70.50 -8.35 0.97
CA MET A 285 -69.36 -7.72 1.60
C MET A 285 -68.99 -6.46 0.85
N ASP A 286 -68.74 -5.38 1.58
CA ASP A 286 -68.42 -4.09 0.97
C ASP A 286 -66.94 -4.04 0.65
N PHE A 287 -66.62 -3.99 -0.65
CA PHE A 287 -65.23 -4.00 -1.12
C PHE A 287 -64.76 -2.65 -1.62
N SER A 288 -65.53 -1.58 -1.42
CA SER A 288 -65.17 -0.28 -1.98
C SER A 288 -64.28 0.53 -1.05
N GLY A 289 -63.23 -0.11 -0.54
CA GLY A 289 -62.18 0.58 0.18
C GLY A 289 -60.84 -0.11 0.01
N TRP A 290 -60.80 -1.09 -0.88
CA TRP A 290 -59.69 -2.04 -0.98
C TRP A 290 -58.82 -1.71 -2.18
N LYS A 291 -57.52 -1.93 -2.04
CA LYS A 291 -56.51 -1.50 -3.02
C LYS A 291 -55.54 -2.64 -3.33
N VAL A 292 -56.08 -3.81 -3.69
CA VAL A 292 -55.24 -4.95 -4.00
C VAL A 292 -54.25 -4.63 -5.11
N VAL A 293 -53.01 -5.05 -4.92
CA VAL A 293 -51.97 -5.01 -5.95
C VAL A 293 -51.75 -6.44 -6.41
N ILE A 294 -52.11 -6.74 -7.64
CA ILE A 294 -51.99 -8.08 -8.19
C ILE A 294 -50.74 -8.08 -9.08
N GLY A 295 -49.60 -8.38 -8.47
CA GLY A 295 -48.35 -8.37 -9.19
C GLY A 295 -47.65 -9.71 -9.20
N GLY A 296 -48.38 -10.78 -8.84
CA GLY A 296 -47.81 -12.10 -8.83
C GLY A 296 -47.37 -12.57 -10.19
N ALA A 297 -48.32 -12.82 -11.09
CA ALA A 297 -47.99 -13.21 -12.46
C ALA A 297 -49.21 -13.00 -13.34
N ALA A 298 -49.15 -12.00 -14.23
CA ALA A 298 -50.05 -11.88 -15.38
C ALA A 298 -51.51 -11.87 -14.95
N LEU A 299 -51.88 -10.79 -14.27
CA LEU A 299 -53.27 -10.56 -13.89
C LEU A 299 -54.18 -10.66 -15.12
N PRO A 300 -55.12 -11.60 -15.15
CA PRO A 300 -55.99 -11.72 -16.33
C PRO A 300 -56.94 -10.55 -16.45
N LYS A 301 -57.34 -10.27 -17.69
CA LYS A 301 -58.25 -9.17 -17.95
C LYS A 301 -59.66 -9.46 -17.44
N ALA A 302 -60.11 -10.71 -17.58
CA ALA A 302 -61.45 -11.07 -17.11
C ALA A 302 -61.54 -10.98 -15.59
N LEU A 303 -60.52 -11.46 -14.88
CA LEU A 303 -60.51 -11.35 -13.42
C LEU A 303 -60.48 -9.89 -12.98
N CYS A 304 -59.68 -9.07 -13.64
CA CYS A 304 -59.63 -7.64 -13.31
C CYS A 304 -60.99 -6.99 -13.55
N LYS A 305 -61.66 -7.26 -14.63
CA LYS A 305 -62.96 -6.74 -14.83
C LYS A 305 -63.87 -7.17 -13.77
N SER A 306 -63.94 -8.46 -13.50
CA SER A 306 -64.87 -8.94 -12.48
C SER A 306 -64.61 -8.26 -11.13
N ALA A 307 -63.35 -8.03 -10.80
CA ALA A 307 -63.02 -7.37 -9.54
C ALA A 307 -63.41 -5.89 -9.58
N LEU A 308 -63.34 -5.25 -10.74
CA LEU A 308 -63.71 -3.85 -10.85
C LEU A 308 -65.20 -3.64 -10.64
N GLU A 309 -66.02 -4.64 -10.97
CA GLU A 309 -67.46 -4.53 -10.73
C GLU A 309 -67.80 -4.57 -9.26
N ARG A 310 -66.88 -5.02 -8.42
CA ARG A 310 -67.04 -4.99 -6.96
C ARG A 310 -66.47 -3.73 -6.35
N ASP A 311 -66.06 -2.77 -7.17
CA ASP A 311 -65.50 -1.48 -6.72
C ASP A 311 -64.20 -1.69 -5.93
N ILE A 312 -63.29 -2.45 -6.52
CA ILE A 312 -61.98 -2.71 -5.93
C ILE A 312 -60.92 -2.03 -6.79
N ASP A 313 -60.02 -1.30 -6.15
CA ASP A 313 -58.93 -0.62 -6.83
C ASP A 313 -57.85 -1.66 -7.15
N VAL A 314 -58.01 -2.32 -8.30
CA VAL A 314 -57.11 -3.37 -8.73
C VAL A 314 -56.10 -2.79 -9.69
N PHE A 315 -54.81 -3.05 -9.44
CA PHE A 315 -53.76 -2.68 -10.37
C PHE A 315 -52.62 -3.67 -10.23
N ALA A 316 -51.79 -3.74 -11.26
CA ALA A 316 -50.75 -4.75 -11.36
C ALA A 316 -49.36 -4.14 -11.16
N GLY A 317 -48.44 -4.98 -10.69
CA GLY A 317 -47.05 -4.59 -10.55
C GLY A 317 -46.16 -5.70 -11.08
N TYR A 318 -44.87 -5.39 -11.18
CA TYR A 318 -43.93 -6.32 -11.79
C TYR A 318 -42.70 -6.50 -10.91
N GLY A 319 -42.27 -7.75 -10.80
CA GLY A 319 -41.10 -8.10 -10.00
C GLY A 319 -40.46 -9.36 -10.53
N MET A 320 -39.32 -9.64 -9.99
CA MET A 320 -38.59 -10.73 -10.48
C MET A 320 -38.10 -11.62 -9.41
N SER A 321 -37.67 -11.09 -8.30
CA SER A 321 -36.97 -11.74 -7.20
C SER A 321 -35.46 -11.52 -7.30
N GLU A 322 -35.00 -10.94 -8.40
CA GLU A 322 -33.64 -10.46 -8.53
C GLU A 322 -33.57 -8.94 -8.54
N THR A 323 -34.73 -8.25 -8.48
CA THR A 323 -34.81 -6.84 -8.83
C THR A 323 -35.46 -5.99 -7.74
N GLY A 324 -35.48 -6.45 -6.49
CA GLY A 324 -35.98 -5.61 -5.42
C GLY A 324 -37.18 -6.10 -4.62
N PRO A 325 -38.23 -6.66 -5.26
CA PRO A 325 -38.42 -7.03 -6.67
C PRO A 325 -39.07 -5.98 -7.56
N ILE A 326 -39.68 -4.94 -7.00
CA ILE A 326 -40.58 -4.09 -7.77
C ILE A 326 -39.80 -3.30 -8.80
N LEU A 327 -40.26 -3.36 -10.05
CA LEU A 327 -39.69 -2.60 -11.15
C LEU A 327 -40.69 -1.68 -11.84
N SER A 328 -41.96 -2.07 -11.93
CA SER A 328 -42.97 -1.26 -12.59
C SER A 328 -44.31 -1.49 -11.91
N ILE A 329 -45.13 -0.44 -11.90
CA ILE A 329 -46.46 -0.48 -11.29
C ILE A 329 -47.42 0.27 -12.22
N VAL A 330 -48.63 -0.25 -12.35
CA VAL A 330 -49.65 0.41 -13.16
C VAL A 330 -50.18 1.62 -12.41
N GLN A 331 -50.05 2.80 -13.02
CA GLN A 331 -50.56 4.04 -12.46
C GLN A 331 -51.43 4.72 -13.51
N LEU A 332 -52.63 5.13 -13.11
CA LEU A 332 -53.61 5.70 -14.02
C LEU A 332 -53.72 7.20 -13.80
N THR A 333 -53.65 7.96 -14.89
CA THR A 333 -53.89 9.39 -14.83
C THR A 333 -55.39 9.65 -14.62
N PRO A 334 -55.74 10.82 -14.09
CA PRO A 334 -57.17 11.13 -13.90
C PRO A 334 -57.97 11.13 -15.20
N GLU A 335 -57.33 11.37 -16.34
CA GLU A 335 -58.04 11.21 -17.62
C GLU A 335 -58.41 9.75 -17.87
N GLN A 336 -57.50 8.83 -17.54
CA GLN A 336 -57.73 7.41 -17.75
C GLN A 336 -58.75 6.82 -16.78
N LEU A 337 -59.12 7.56 -15.73
CA LEU A 337 -60.06 7.06 -14.74
C LEU A 337 -61.52 7.27 -15.14
N GLU A 338 -61.77 7.88 -16.31
CA GLU A 338 -63.13 8.07 -16.80
C GLU A 338 -63.58 6.97 -17.75
N LEU A 339 -62.72 6.02 -18.08
CA LEU A 339 -63.10 4.88 -18.88
C LEU A 339 -64.04 3.97 -18.08
N ASP A 340 -64.91 3.25 -18.78
CA ASP A 340 -66.09 2.71 -18.11
C ASP A 340 -65.75 1.43 -17.32
N VAL A 341 -65.53 0.32 -18.01
CA VAL A 341 -65.10 -0.90 -17.32
C VAL A 341 -64.07 -1.67 -18.13
N ASP A 342 -63.98 -1.37 -19.43
CA ASP A 342 -63.23 -2.22 -20.35
C ASP A 342 -61.83 -1.69 -20.62
N GLN A 343 -61.71 -0.45 -21.11
CA GLN A 343 -60.39 0.14 -21.31
C GLN A 343 -59.63 0.21 -19.99
N GLN A 344 -60.34 0.44 -18.88
CA GLN A 344 -59.71 0.37 -17.57
C GLN A 344 -59.22 -1.04 -17.28
N ALA A 345 -59.97 -2.06 -17.71
CA ALA A 345 -59.53 -3.43 -17.51
C ALA A 345 -58.25 -3.71 -18.30
N GLU A 346 -58.15 -3.20 -19.53
CA GLU A 346 -56.93 -3.39 -20.29
C GLU A 346 -55.76 -2.64 -19.67
N TYR A 347 -55.98 -1.39 -19.22
CA TYR A 347 -54.88 -0.61 -18.66
C TYR A 347 -54.39 -1.18 -17.33
N ARG A 348 -55.32 -1.63 -16.49
CA ARG A 348 -54.96 -2.09 -15.15
C ARG A 348 -54.23 -3.43 -15.16
N SER A 349 -54.42 -4.23 -16.21
CA SER A 349 -53.81 -5.55 -16.29
C SER A 349 -52.46 -5.54 -16.99
N LYS A 350 -51.98 -4.38 -17.42
CA LYS A 350 -50.68 -4.29 -18.07
C LYS A 350 -49.56 -4.43 -17.05
N THR A 351 -48.33 -4.51 -17.54
CA THR A 351 -47.17 -4.59 -16.65
C THR A 351 -46.96 -3.28 -15.90
N GLY A 352 -47.20 -2.15 -16.55
CA GLY A 352 -47.14 -0.84 -15.93
C GLY A 352 -45.91 -0.07 -16.34
N LYS A 353 -45.88 1.18 -15.88
CA LYS A 353 -44.74 2.07 -16.14
C LYS A 353 -43.66 1.84 -15.10
N LYS A 354 -42.41 2.05 -15.52
CA LYS A 354 -41.28 1.85 -14.63
C LYS A 354 -41.30 2.85 -13.48
N VAL A 355 -40.87 2.39 -12.30
CA VAL A 355 -40.87 3.21 -11.10
C VAL A 355 -39.64 4.11 -11.09
N ALA A 356 -39.59 5.03 -10.13
CA ALA A 356 -38.49 5.99 -10.05
C ALA A 356 -37.15 5.28 -9.93
N LEU A 357 -36.14 5.83 -10.62
CA LEU A 357 -34.76 5.35 -10.59
C LEU A 357 -34.60 4.00 -11.29
N VAL A 358 -35.38 3.76 -12.35
CA VAL A 358 -35.32 2.53 -13.13
C VAL A 358 -35.18 2.91 -14.60
N GLU A 359 -34.33 2.19 -15.33
CA GLU A 359 -34.03 2.50 -16.72
C GLU A 359 -34.95 1.75 -17.69
N ALA A 360 -34.91 0.41 -17.64
CA ALA A 360 -35.91 -0.44 -18.30
C ALA A 360 -35.96 -0.21 -19.83
N TYR A 361 -34.86 -0.56 -20.48
CA TYR A 361 -34.81 -0.63 -21.93
C TYR A 361 -35.30 -1.98 -22.44
N ILE A 362 -35.54 -2.04 -23.74
CA ILE A 362 -35.91 -3.28 -24.44
C ILE A 362 -34.80 -3.60 -25.43
N VAL A 363 -34.26 -4.77 -25.45
CA VAL A 363 -33.12 -5.08 -26.28
C VAL A 363 -33.42 -6.41 -26.94
N ASP A 364 -32.56 -6.80 -27.80
CA ASP A 364 -32.59 -8.07 -28.50
C ASP A 364 -31.33 -8.88 -28.17
N GLU A 365 -31.13 -9.99 -28.90
CA GLU A 365 -30.05 -10.91 -28.58
C GLU A 365 -28.67 -10.28 -28.73
N ASP A 366 -28.56 -9.18 -29.48
CA ASP A 366 -27.29 -8.47 -29.65
C ASP A 366 -27.22 -7.19 -28.83
N MET A 367 -28.19 -6.95 -27.96
CA MET A 367 -28.24 -5.74 -27.12
C MET A 367 -28.21 -4.47 -27.97
N ASN A 368 -29.25 -4.32 -28.79
CA ASN A 368 -29.32 -3.23 -29.75
C ASN A 368 -30.36 -2.17 -29.40
N LYS A 369 -31.10 -2.33 -28.30
CA LYS A 369 -32.03 -1.33 -27.79
C LYS A 369 -33.10 -0.99 -28.83
N LEU A 370 -33.96 -1.98 -29.08
CA LEU A 370 -35.09 -1.87 -30.00
C LEU A 370 -35.97 -0.68 -29.63
N PRO A 371 -36.62 -0.05 -30.60
CA PRO A 371 -37.40 1.15 -30.32
C PRO A 371 -38.67 0.84 -29.55
N HIS A 372 -39.22 1.89 -28.94
CA HIS A 372 -40.44 1.79 -28.12
C HIS A 372 -41.67 2.17 -28.96
N ASP A 373 -41.95 1.34 -29.96
CA ASP A 373 -43.09 1.57 -30.85
C ASP A 373 -44.34 0.79 -30.43
N GLY A 374 -44.25 -0.06 -29.41
CA GLY A 374 -45.39 -0.82 -28.95
C GLY A 374 -45.72 -2.05 -29.76
N GLU A 375 -44.92 -2.40 -30.76
CA GLU A 375 -45.17 -3.60 -31.55
C GLU A 375 -43.93 -4.49 -31.58
N THR A 376 -42.75 -3.88 -31.45
CA THR A 376 -41.50 -4.63 -31.52
C THR A 376 -41.19 -5.22 -30.15
N ALA A 377 -41.24 -6.54 -30.05
CA ALA A 377 -41.00 -7.23 -28.78
C ALA A 377 -39.52 -7.49 -28.57
N GLY A 378 -39.12 -7.54 -27.31
CA GLY A 378 -37.74 -7.80 -26.96
C GLY A 378 -37.63 -8.09 -25.48
N GLU A 379 -36.41 -8.41 -25.06
CA GLU A 379 -36.16 -8.72 -23.67
C GLU A 379 -36.04 -7.44 -22.84
N ILE A 380 -36.59 -7.49 -21.63
CA ILE A 380 -36.51 -6.35 -20.71
C ILE A 380 -35.12 -6.32 -20.09
N VAL A 381 -34.48 -5.20 -19.96
CA VAL A 381 -33.17 -5.10 -19.36
C VAL A 381 -33.16 -3.82 -18.57
N VAL A 382 -32.77 -3.89 -17.33
CA VAL A 382 -33.01 -2.88 -16.31
C VAL A 382 -31.74 -2.54 -15.55
N ARG A 383 -31.72 -1.33 -15.01
CA ARG A 383 -30.76 -0.89 -13.99
C ARG A 383 -31.54 -0.21 -12.88
N ALA A 384 -31.19 -0.50 -11.64
CA ALA A 384 -31.91 0.00 -10.48
C ALA A 384 -30.98 0.00 -9.29
N PRO A 385 -31.28 0.80 -8.26
CA PRO A 385 -30.43 0.83 -7.06
C PRO A 385 -30.57 -0.37 -6.15
N TRP A 386 -31.45 -1.33 -6.47
CA TRP A 386 -31.75 -2.45 -5.58
C TRP A 386 -31.76 -3.77 -6.35
N LEU A 387 -30.72 -3.99 -7.15
CA LEU A 387 -30.54 -5.24 -7.88
C LEU A 387 -29.42 -6.05 -7.25
N THR A 388 -29.52 -7.36 -7.42
CA THR A 388 -28.48 -8.25 -6.93
C THR A 388 -27.25 -8.17 -7.84
N PRO A 389 -26.06 -7.93 -7.29
CA PRO A 389 -24.87 -7.89 -8.15
C PRO A 389 -24.57 -9.20 -8.84
N ASN A 390 -24.90 -10.33 -8.22
CA ASN A 390 -24.61 -11.65 -8.78
C ASN A 390 -25.37 -12.69 -7.97
N TYR A 391 -25.29 -13.94 -8.40
CA TYR A 391 -25.81 -15.05 -7.64
C TYR A 391 -24.77 -15.51 -6.61
N TYR A 392 -25.27 -15.92 -5.45
CA TYR A 392 -24.38 -16.32 -4.36
C TYR A 392 -23.64 -17.60 -4.73
N LYS A 393 -22.31 -17.56 -4.62
CA LYS A 393 -21.44 -18.70 -4.92
C LYS A 393 -21.62 -19.19 -6.36
N ASP A 394 -21.80 -18.25 -7.29
CA ASP A 394 -21.90 -18.56 -8.70
C ASP A 394 -21.02 -17.61 -9.50
N ASN A 395 -20.47 -18.12 -10.60
CA ASN A 395 -19.63 -17.30 -11.47
C ASN A 395 -20.23 -17.12 -12.86
N LYS A 396 -20.52 -18.22 -13.57
CA LYS A 396 -20.98 -18.10 -14.95
C LYS A 396 -22.46 -17.74 -15.05
N ASN A 397 -23.29 -18.27 -14.13
CA ASN A 397 -24.67 -17.80 -14.07
C ASN A 397 -24.72 -16.32 -13.71
N SER A 398 -23.82 -15.88 -12.83
CA SER A 398 -23.72 -14.46 -12.51
C SER A 398 -23.31 -13.65 -13.74
N LYS A 399 -22.36 -14.17 -14.53
CA LYS A 399 -21.95 -13.46 -15.73
C LYS A 399 -23.09 -13.36 -16.74
N ALA A 400 -23.88 -14.43 -16.88
CA ALA A 400 -25.03 -14.38 -17.77
C ALA A 400 -26.12 -13.46 -17.24
N LEU A 401 -26.19 -13.29 -15.92
CA LEU A 401 -27.21 -12.42 -15.34
C LEU A 401 -26.95 -10.96 -15.67
N TRP A 402 -25.69 -10.54 -15.66
CA TRP A 402 -25.30 -9.15 -15.89
C TRP A 402 -24.56 -8.97 -17.21
N ARG A 403 -25.01 -9.66 -18.24
CA ARG A 403 -24.37 -9.58 -19.55
C ARG A 403 -24.55 -8.19 -20.15
N GLY A 404 -23.49 -7.64 -20.72
CA GLY A 404 -23.57 -6.37 -21.40
C GLY A 404 -23.71 -5.17 -20.51
N GLY A 405 -23.38 -5.30 -19.23
CA GLY A 405 -23.50 -4.19 -18.31
C GLY A 405 -24.91 -3.91 -17.84
N TYR A 406 -25.83 -4.86 -18.03
CA TYR A 406 -27.22 -4.71 -17.62
C TYR A 406 -27.72 -6.02 -17.04
N LEU A 407 -28.74 -5.91 -16.18
CA LEU A 407 -29.34 -7.08 -15.59
C LEU A 407 -30.37 -7.68 -16.55
N HIS A 408 -30.20 -8.96 -16.87
CA HIS A 408 -31.08 -9.64 -17.80
C HIS A 408 -32.25 -10.24 -17.05
N THR A 409 -33.46 -9.94 -17.51
CA THR A 409 -34.69 -10.33 -16.82
C THR A 409 -35.20 -11.69 -17.29
N GLY A 410 -35.20 -11.95 -18.60
CA GLY A 410 -35.76 -13.16 -19.14
C GLY A 410 -37.19 -13.04 -19.61
N ASP A 411 -37.75 -11.84 -19.61
CA ASP A 411 -39.11 -11.60 -20.07
C ASP A 411 -39.08 -10.85 -21.40
N VAL A 412 -39.94 -11.26 -22.32
CA VAL A 412 -40.03 -10.67 -23.65
C VAL A 412 -41.30 -9.83 -23.69
N ALA A 413 -41.13 -8.54 -23.97
CA ALA A 413 -42.20 -7.55 -23.88
C ALA A 413 -41.96 -6.45 -24.90
N HIS A 414 -42.99 -5.64 -25.13
CA HIS A 414 -42.90 -4.45 -25.96
C HIS A 414 -43.32 -3.23 -25.14
N ILE A 415 -42.65 -2.11 -25.38
CA ILE A 415 -42.93 -0.85 -24.68
C ILE A 415 -43.54 0.11 -25.69
N ASP A 416 -44.68 0.69 -25.33
CA ASP A 416 -45.37 1.60 -26.24
C ASP A 416 -44.85 3.03 -26.06
N ASP A 417 -45.49 3.95 -26.79
CA ASP A 417 -44.99 5.32 -26.86
C ASP A 417 -45.07 6.03 -25.51
N GLU A 418 -46.18 5.89 -24.81
CA GLU A 418 -46.33 6.62 -23.54
C GLU A 418 -45.63 5.91 -22.39
N GLY A 419 -45.12 4.71 -22.59
CA GLY A 419 -44.30 4.06 -21.58
C GLY A 419 -44.85 2.81 -20.97
N PHE A 420 -46.06 2.42 -21.37
CA PHE A 420 -46.68 1.22 -20.81
C PHE A 420 -45.97 -0.03 -21.31
N ILE A 421 -45.61 -0.91 -20.38
CA ILE A 421 -44.96 -2.18 -20.69
C ILE A 421 -46.02 -3.26 -20.71
N LYS A 422 -45.89 -4.19 -21.62
CA LYS A 422 -46.75 -5.35 -21.68
C LYS A 422 -45.90 -6.53 -21.95
N ILE A 423 -45.81 -7.43 -20.98
CA ILE A 423 -45.01 -8.64 -21.13
C ILE A 423 -45.75 -9.64 -22.00
N THR A 424 -45.07 -10.16 -23.02
CA THR A 424 -45.67 -11.10 -23.95
C THR A 424 -45.29 -12.55 -23.68
N ASP A 425 -44.05 -12.83 -23.28
CA ASP A 425 -43.64 -14.21 -23.10
C ASP A 425 -42.34 -14.25 -22.28
N ARG A 426 -41.74 -15.43 -22.20
CA ARG A 426 -40.42 -15.62 -21.64
C ARG A 426 -39.40 -15.80 -22.75
N VAL A 427 -38.13 -15.60 -22.40
CA VAL A 427 -37.06 -15.74 -23.39
C VAL A 427 -36.95 -17.19 -23.86
N LYS A 428 -36.98 -18.13 -22.92
CA LYS A 428 -36.81 -19.54 -23.25
C LYS A 428 -38.06 -20.18 -23.83
N ASP A 429 -39.20 -19.51 -23.78
CA ASP A 429 -40.46 -20.04 -24.30
C ASP A 429 -40.84 -19.43 -25.64
N MET A 430 -39.86 -18.89 -26.37
CA MET A 430 -40.13 -18.26 -27.66
C MET A 430 -40.15 -19.30 -28.76
N ILE A 431 -41.12 -19.31 -29.65
CA ILE A 431 -41.02 -20.24 -30.77
C ILE A 431 -40.19 -19.45 -31.70
N LYS A 432 -38.91 -19.78 -31.79
CA LYS A 432 -38.05 -19.17 -32.77
C LYS A 432 -38.26 -19.76 -34.17
N ILE A 433 -39.51 -19.89 -34.58
CA ILE A 433 -39.88 -20.42 -35.89
C ILE A 433 -39.25 -19.55 -36.97
N SER A 434 -38.85 -20.21 -38.07
CA SER A 434 -38.15 -19.54 -39.17
C SER A 434 -36.99 -18.69 -38.65
N GLY A 435 -37.10 -17.38 -38.82
CA GLY A 435 -36.18 -16.46 -38.20
C GLY A 435 -36.90 -15.54 -37.24
N GLU A 436 -38.22 -15.71 -37.15
CA GLU A 436 -39.07 -14.88 -36.30
C GLU A 436 -39.09 -15.42 -34.87
N TRP A 437 -39.59 -14.58 -33.97
CA TRP A 437 -39.74 -14.92 -32.56
C TRP A 437 -41.22 -14.85 -32.20
N VAL A 438 -41.86 -16.00 -32.11
CA VAL A 438 -43.28 -16.08 -31.79
C VAL A 438 -43.44 -16.43 -30.32
N SER A 439 -44.48 -15.87 -29.70
CA SER A 439 -44.77 -16.11 -28.29
C SER A 439 -45.77 -17.25 -28.14
N SER A 440 -45.53 -18.11 -27.15
CA SER A 440 -46.42 -19.24 -26.91
C SER A 440 -47.61 -18.89 -26.02
N LEU A 441 -47.66 -17.67 -25.47
CA LEU A 441 -48.77 -17.31 -24.59
C LEU A 441 -50.04 -17.06 -25.38
N GLU A 442 -49.93 -16.37 -26.52
CA GLU A 442 -51.14 -16.08 -27.31
C GLU A 442 -51.72 -17.34 -27.93
N LEU A 443 -50.88 -18.32 -28.29
CA LEU A 443 -51.40 -19.59 -28.78
C LEU A 443 -52.11 -20.35 -27.66
N GLU A 444 -51.56 -20.30 -26.45
CA GLU A 444 -52.23 -20.95 -25.31
C GLU A 444 -53.58 -20.30 -25.02
N ASP A 445 -53.65 -18.98 -25.09
CA ASP A 445 -54.90 -18.28 -24.82
C ASP A 445 -55.97 -18.64 -25.85
N ILE A 446 -55.58 -18.73 -27.13
CA ILE A 446 -56.54 -19.08 -28.17
C ILE A 446 -57.10 -20.47 -27.95
N LEU A 447 -56.22 -21.43 -27.64
CA LEU A 447 -56.66 -22.80 -27.43
C LEU A 447 -57.41 -22.97 -26.10
N HIS A 448 -57.09 -22.13 -25.11
CA HIS A 448 -57.77 -22.23 -23.82
C HIS A 448 -59.23 -21.81 -23.92
N GLN A 449 -59.55 -20.90 -24.85
CA GLN A 449 -60.92 -20.41 -25.00
C GLN A 449 -61.89 -21.50 -25.44
N HIS A 450 -61.40 -22.61 -25.98
CA HIS A 450 -62.26 -23.68 -26.46
C HIS A 450 -63.13 -24.23 -25.32
N GLN A 451 -64.37 -24.57 -25.66
CA GLN A 451 -65.33 -25.00 -24.65
C GLN A 451 -64.91 -26.30 -23.99
N SER A 452 -64.39 -27.24 -24.76
CA SER A 452 -64.01 -28.56 -24.26
C SER A 452 -62.52 -28.67 -23.96
N VAL A 453 -61.91 -27.59 -23.49
CA VAL A 453 -60.48 -27.53 -23.20
C VAL A 453 -60.29 -27.05 -21.77
N SER A 454 -59.45 -27.75 -21.01
CA SER A 454 -59.18 -27.41 -19.63
C SER A 454 -57.89 -26.60 -19.48
N GLU A 455 -56.77 -27.13 -19.96
CA GLU A 455 -55.49 -26.46 -19.83
C GLU A 455 -54.63 -26.78 -21.06
N VAL A 456 -53.95 -25.77 -21.57
CA VAL A 456 -53.17 -25.87 -22.81
C VAL A 456 -51.74 -25.45 -22.53
N ALA A 457 -50.79 -26.27 -22.98
CA ALA A 457 -49.36 -25.93 -22.93
C ALA A 457 -48.79 -26.08 -24.33
N VAL A 458 -47.98 -25.10 -24.75
CA VAL A 458 -47.38 -25.08 -26.08
C VAL A 458 -45.88 -25.25 -25.94
N ILE A 459 -45.32 -26.18 -26.70
CA ILE A 459 -43.90 -26.52 -26.63
C ILE A 459 -43.31 -26.51 -28.03
N GLY A 460 -42.13 -25.92 -28.17
CA GLY A 460 -41.47 -25.87 -29.46
C GLY A 460 -40.77 -27.16 -29.82
N MET A 461 -41.32 -27.84 -30.84
CA MET A 461 -40.74 -29.06 -31.39
C MET A 461 -39.71 -28.70 -32.49
N PRO A 462 -38.39 -29.09 -32.37
CA PRO A 462 -37.38 -28.66 -33.35
C PRO A 462 -37.60 -29.27 -34.73
N HIS A 463 -37.33 -28.47 -35.76
CA HIS A 463 -37.54 -28.88 -37.14
C HIS A 463 -36.22 -28.72 -37.90
N ASN A 464 -36.09 -29.40 -39.02
CA ASN A 464 -34.94 -29.14 -39.89
C ASN A 464 -35.03 -27.66 -40.36
N LYS A 465 -36.13 -27.33 -41.04
CA LYS A 465 -36.38 -25.97 -41.54
C LYS A 465 -37.38 -25.24 -40.62
N TRP A 466 -37.93 -24.08 -41.00
CA TRP A 466 -38.83 -23.36 -40.10
C TRP A 466 -38.31 -23.26 -38.67
N GLY A 467 -36.99 -23.28 -38.48
CA GLY A 467 -36.44 -23.26 -37.14
C GLY A 467 -36.97 -24.37 -36.27
N GLU A 468 -37.79 -24.01 -35.28
CA GLU A 468 -38.51 -24.97 -34.46
C GLU A 468 -40.00 -24.65 -34.52
N VAL A 469 -40.83 -25.70 -34.54
CA VAL A 469 -42.26 -25.54 -34.72
C VAL A 469 -42.93 -25.82 -33.39
N PRO A 470 -44.13 -25.27 -33.18
CA PRO A 470 -44.81 -25.46 -31.90
C PRO A 470 -45.59 -26.76 -31.85
N LEU A 471 -45.63 -27.35 -30.66
CA LEU A 471 -46.40 -28.55 -30.37
C LEU A 471 -47.27 -28.27 -29.16
N ALA A 472 -48.57 -28.55 -29.29
CA ALA A 472 -49.55 -28.18 -28.28
C ALA A 472 -49.96 -29.40 -27.48
N LEU A 473 -49.94 -29.26 -26.16
CA LEU A 473 -50.43 -30.28 -25.23
C LEU A 473 -51.67 -29.73 -24.52
N VAL A 474 -52.77 -30.47 -24.59
CA VAL A 474 -54.05 -30.01 -24.09
C VAL A 474 -54.70 -31.10 -23.25
N THR A 475 -55.36 -30.70 -22.16
CA THR A 475 -56.15 -31.60 -21.33
C THR A 475 -57.63 -31.24 -21.49
N LEU A 476 -58.46 -32.26 -21.65
CA LEU A 476 -59.87 -32.06 -21.91
C LEU A 476 -60.65 -31.99 -20.61
N LYS A 477 -61.90 -31.54 -20.71
CA LYS A 477 -62.78 -31.39 -19.56
C LYS A 477 -63.51 -32.70 -19.30
N GLU A 478 -64.50 -32.66 -18.40
CA GLU A 478 -65.24 -33.86 -18.04
C GLU A 478 -66.17 -34.27 -19.17
N ASP A 479 -66.11 -35.57 -19.54
CA ASP A 479 -66.97 -36.14 -20.57
C ASP A 479 -66.86 -35.38 -21.89
N ALA A 480 -65.64 -34.95 -22.21
CA ALA A 480 -65.37 -34.20 -23.43
C ALA A 480 -64.36 -34.98 -24.28
N GLN A 481 -64.69 -35.18 -25.55
CA GLN A 481 -63.80 -35.89 -26.48
C GLN A 481 -63.85 -35.16 -27.82
N VAL A 482 -62.84 -34.31 -28.03
CA VAL A 482 -62.74 -33.54 -29.26
C VAL A 482 -61.51 -33.99 -30.03
N THR A 483 -61.65 -34.33 -31.30
CA THR A 483 -60.56 -34.86 -32.10
C THR A 483 -59.48 -33.81 -32.32
N GLU A 484 -58.27 -34.28 -32.63
CA GLU A 484 -57.14 -33.38 -32.85
C GLU A 484 -57.38 -32.49 -34.06
N LYS A 485 -58.03 -33.01 -35.10
CA LYS A 485 -58.28 -32.22 -36.29
C LYS A 485 -59.16 -31.00 -36.00
N GLU A 486 -60.16 -31.17 -35.15
CA GLU A 486 -61.01 -30.04 -34.78
C GLU A 486 -60.21 -28.96 -34.07
N LEU A 487 -59.34 -29.35 -33.15
CA LEU A 487 -58.51 -28.38 -32.44
C LEU A 487 -57.58 -27.64 -33.40
N LEU A 488 -57.00 -28.36 -34.35
CA LEU A 488 -56.18 -27.71 -35.38
C LEU A 488 -57.00 -26.72 -36.19
N GLY A 489 -58.20 -27.14 -36.63
CA GLY A 489 -59.06 -26.24 -37.36
C GLY A 489 -59.58 -25.07 -36.54
N PHE A 490 -59.83 -25.31 -35.25
CA PHE A 490 -60.33 -24.24 -34.39
C PHE A 490 -59.34 -23.09 -34.30
N ALA A 491 -58.05 -23.41 -34.16
CA ALA A 491 -57.04 -22.36 -34.15
C ALA A 491 -56.93 -21.68 -35.51
N LYS A 492 -57.13 -22.43 -36.60
CA LYS A 492 -57.07 -21.86 -37.94
C LYS A 492 -58.18 -20.86 -38.21
N ASP A 493 -59.24 -20.88 -37.39
CA ASP A 493 -60.35 -19.95 -37.60
C ASP A 493 -59.92 -18.50 -37.39
N PHE A 494 -59.07 -18.25 -36.40
CA PHE A 494 -58.66 -16.89 -36.07
C PHE A 494 -57.79 -16.32 -37.19
N ILE A 495 -57.58 -15.00 -37.12
CA ILE A 495 -56.87 -14.26 -38.16
C ILE A 495 -55.80 -13.37 -37.53
N ASN A 496 -55.16 -12.55 -38.37
CA ASN A 496 -54.16 -11.58 -37.94
C ASN A 496 -52.94 -12.26 -37.32
N LYS A 497 -52.28 -13.09 -38.13
CA LYS A 497 -51.02 -13.70 -37.76
C LYS A 497 -50.10 -13.69 -38.97
N GLY A 498 -48.80 -13.49 -38.72
CA GLY A 498 -47.82 -13.35 -39.77
C GLY A 498 -47.19 -14.66 -40.17
N ILE A 499 -46.05 -14.55 -40.86
CA ILE A 499 -45.25 -15.68 -41.33
C ILE A 499 -46.12 -16.53 -42.26
N LEU A 500 -45.77 -17.81 -42.42
CA LEU A 500 -46.50 -18.70 -43.33
C LEU A 500 -47.97 -18.75 -42.97
N ALA A 501 -48.81 -18.24 -43.89
CA ALA A 501 -50.24 -18.13 -43.68
C ALA A 501 -50.54 -17.39 -42.38
N ARG A 502 -50.81 -18.13 -41.32
CA ARG A 502 -51.01 -17.55 -40.00
C ARG A 502 -50.34 -18.35 -38.87
N GLU A 503 -49.22 -19.00 -39.14
CA GLU A 503 -48.59 -19.93 -38.21
C GLU A 503 -49.59 -21.02 -37.83
N ALA A 504 -50.38 -21.46 -38.81
CA ALA A 504 -51.21 -22.64 -38.65
C ALA A 504 -50.95 -23.58 -39.82
N LEU A 505 -49.85 -24.32 -39.73
CA LEU A 505 -49.60 -25.47 -40.57
C LEU A 505 -48.95 -26.62 -39.81
N LEU A 506 -48.37 -26.36 -38.64
CA LEU A 506 -47.65 -27.36 -37.86
C LEU A 506 -47.97 -27.23 -36.38
N LEU A 507 -49.23 -26.93 -36.04
CA LEU A 507 -49.60 -26.74 -34.63
C LEU A 507 -49.32 -27.99 -33.81
N LYS A 508 -49.61 -29.16 -34.37
CA LYS A 508 -49.27 -30.45 -33.77
C LYS A 508 -49.86 -30.59 -32.37
N VAL A 509 -51.18 -30.36 -32.29
CA VAL A 509 -51.88 -30.49 -31.02
C VAL A 509 -51.96 -31.97 -30.66
N LYS A 510 -51.78 -32.28 -29.37
CA LYS A 510 -51.79 -33.65 -28.90
C LYS A 510 -52.58 -33.71 -27.60
N ILE A 511 -53.22 -34.83 -27.32
CA ILE A 511 -53.88 -34.96 -26.05
C ILE A 511 -52.95 -35.65 -25.07
N VAL A 512 -52.74 -34.99 -23.94
CA VAL A 512 -52.28 -35.62 -22.72
C VAL A 512 -53.42 -35.71 -21.70
N ASP A 513 -53.42 -36.74 -20.84
CA ASP A 513 -54.28 -36.83 -19.67
C ASP A 513 -53.91 -35.81 -18.62
N GLU A 514 -52.61 -35.61 -18.38
CA GLU A 514 -52.14 -34.66 -17.39
C GLU A 514 -50.94 -33.91 -17.95
N ILE A 515 -50.70 -32.73 -17.37
CA ILE A 515 -49.56 -31.89 -17.74
C ILE A 515 -48.73 -31.66 -16.48
N ALA A 516 -47.42 -31.87 -16.60
CA ALA A 516 -46.53 -31.77 -15.45
C ALA A 516 -46.46 -30.33 -14.95
N LYS A 517 -46.43 -30.18 -13.62
CA LYS A 517 -46.29 -28.88 -12.98
C LYS A 517 -45.16 -28.94 -11.96
N THR A 518 -44.59 -27.78 -11.67
CA THR A 518 -43.53 -27.66 -10.68
C THR A 518 -44.15 -27.72 -9.28
N SER A 519 -43.30 -27.66 -8.25
CA SER A 519 -43.77 -27.72 -6.88
C SER A 519 -44.65 -26.53 -6.50
N VAL A 520 -44.56 -25.42 -7.23
CA VAL A 520 -45.41 -24.27 -6.94
C VAL A 520 -46.79 -24.40 -7.59
N GLY A 521 -46.88 -25.03 -8.76
CA GLY A 521 -48.13 -25.15 -9.46
C GLY A 521 -48.09 -24.49 -10.83
N LYS A 522 -46.87 -24.25 -11.32
CA LYS A 522 -46.66 -23.67 -12.63
C LYS A 522 -46.29 -24.77 -13.62
N VAL A 523 -46.74 -24.62 -14.87
CA VAL A 523 -46.48 -25.63 -15.89
C VAL A 523 -44.97 -25.74 -16.09
N ASP A 524 -44.44 -26.95 -15.93
CA ASP A 524 -43.01 -27.20 -16.08
C ASP A 524 -42.80 -27.54 -17.55
N LYS A 525 -42.47 -26.52 -18.34
CA LYS A 525 -42.26 -26.74 -19.77
C LYS A 525 -40.98 -27.52 -20.04
N LYS A 526 -39.97 -27.36 -19.18
CA LYS A 526 -38.70 -28.07 -19.38
C LYS A 526 -38.89 -29.58 -19.32
N GLU A 527 -39.65 -30.06 -18.34
CA GLU A 527 -39.92 -31.49 -18.26
C GLU A 527 -40.81 -31.95 -19.41
N LEU A 528 -41.70 -31.09 -19.89
CA LEU A 528 -42.52 -31.43 -21.05
C LEU A 528 -41.66 -31.68 -22.29
N ARG A 529 -40.56 -30.95 -22.41
CA ARG A 529 -39.71 -31.22 -23.53
C ARG A 529 -39.23 -32.61 -23.41
N LYS A 530 -38.57 -32.93 -22.32
CA LYS A 530 -37.91 -34.23 -22.19
C LYS A 530 -38.88 -35.37 -22.44
N LEU A 531 -40.12 -35.25 -21.95
CA LEU A 531 -41.09 -36.32 -22.11
C LEU A 531 -41.48 -36.52 -23.58
N HIS A 532 -41.66 -35.42 -24.31
CA HIS A 532 -42.14 -35.49 -25.68
C HIS A 532 -41.05 -35.41 -26.73
N LEU A 533 -39.85 -34.96 -26.37
CA LEU A 533 -38.75 -34.89 -27.33
C LEU A 533 -37.39 -34.91 -26.62
N ASN B 6 8.39 -13.81 -14.19
CA ASN B 6 8.94 -14.80 -13.28
C ASN B 6 10.47 -14.76 -13.23
N ASP B 7 11.02 -14.82 -12.03
CA ASP B 7 12.46 -14.85 -11.86
C ASP B 7 12.99 -16.24 -12.20
N PRO B 8 13.89 -16.37 -13.19
CA PRO B 8 14.41 -17.70 -13.53
C PRO B 8 15.16 -18.37 -12.39
N SER B 9 15.75 -17.60 -11.47
CA SER B 9 16.42 -18.19 -10.33
C SER B 9 15.45 -18.64 -9.24
N ASN B 10 14.18 -18.24 -9.32
CA ASN B 10 13.15 -18.66 -8.38
C ASN B 10 12.44 -19.87 -8.96
N TYR B 11 12.74 -21.04 -8.43
CA TYR B 11 12.23 -22.30 -8.98
C TYR B 11 10.82 -22.56 -8.46
N GLN B 12 9.91 -22.86 -9.37
CA GLN B 12 8.55 -23.26 -9.03
C GLN B 12 8.39 -24.76 -9.23
N LEU B 13 7.75 -25.42 -8.28
CA LEU B 13 7.51 -26.86 -8.33
C LEU B 13 6.23 -27.10 -9.11
N LEU B 14 6.38 -27.46 -10.39
CA LEU B 14 5.25 -27.65 -11.29
C LEU B 14 5.20 -29.09 -11.77
N ILE B 15 4.01 -29.51 -12.22
CA ILE B 15 3.81 -30.88 -12.67
C ILE B 15 4.59 -31.14 -13.96
N LYS B 16 4.80 -30.11 -14.78
CA LYS B 16 5.54 -30.31 -16.02
C LYS B 16 6.98 -30.72 -15.77
N ASN B 17 7.52 -30.37 -14.60
CA ASN B 17 8.87 -30.81 -14.25
C ASN B 17 8.90 -32.30 -13.93
N LEU B 18 7.78 -32.86 -13.48
CA LEU B 18 7.73 -34.30 -13.25
C LEU B 18 7.81 -35.08 -14.56
N LEU B 19 7.30 -34.52 -15.65
CA LEU B 19 7.30 -35.18 -16.95
C LEU B 19 8.58 -34.90 -17.73
N PHE B 20 9.02 -33.63 -17.76
CA PHE B 20 10.14 -33.23 -18.59
C PHE B 20 11.48 -33.27 -17.85
N SER B 21 11.47 -33.43 -16.54
CA SER B 21 12.70 -33.61 -15.75
C SER B 21 12.50 -34.80 -14.81
N PRO B 22 12.37 -36.00 -15.35
CA PRO B 22 12.09 -37.17 -14.50
C PRO B 22 13.38 -37.75 -13.93
N VAL B 23 13.21 -38.78 -13.10
CA VAL B 23 14.37 -39.53 -12.60
C VAL B 23 15.05 -40.26 -13.75
N ALA B 24 14.25 -40.95 -14.57
CA ALA B 24 14.75 -41.65 -15.75
C ALA B 24 13.76 -41.45 -16.88
N PHE B 25 14.28 -41.42 -18.11
CA PHE B 25 13.44 -41.26 -19.30
C PHE B 25 13.98 -42.18 -20.39
N ASN B 26 13.21 -43.22 -20.70
CA ASN B 26 13.53 -44.11 -21.81
C ASN B 26 12.55 -43.83 -22.95
N PRO B 27 13.00 -43.25 -24.07
CA PRO B 27 12.06 -42.93 -25.15
C PRO B 27 11.37 -44.14 -25.74
N GLU B 28 11.94 -45.33 -25.63
CA GLU B 28 11.37 -46.54 -26.19
C GLU B 28 10.59 -47.36 -25.18
N GLN B 29 10.44 -46.87 -23.95
CA GLN B 29 9.62 -47.56 -22.97
C GLN B 29 8.16 -47.45 -23.33
N GLU B 30 7.40 -48.50 -23.04
CA GLU B 30 6.06 -48.66 -23.56
C GLU B 30 4.98 -48.23 -22.57
N ILE B 31 3.91 -47.68 -23.12
CA ILE B 31 2.65 -47.47 -22.43
C ILE B 31 1.61 -48.33 -23.14
N VAL B 32 0.96 -49.20 -22.39
CA VAL B 32 0.08 -50.23 -22.95
C VAL B 32 -1.32 -50.05 -22.37
N TYR B 33 -2.31 -49.87 -23.24
CA TYR B 33 -3.71 -49.96 -22.88
C TYR B 33 -4.22 -51.32 -23.33
N ALA B 34 -4.82 -52.06 -22.40
CA ALA B 34 -4.99 -53.50 -22.48
C ALA B 34 -5.60 -53.99 -23.78
N ASN B 35 -4.80 -54.72 -24.57
CA ASN B 35 -5.24 -55.33 -25.83
C ASN B 35 -5.86 -54.32 -26.79
N HIS B 36 -5.66 -53.03 -26.55
CA HIS B 36 -6.21 -51.98 -27.40
C HIS B 36 -5.14 -51.12 -28.04
N ARG B 37 -4.10 -50.74 -27.30
CA ARG B 37 -3.16 -49.77 -27.82
C ARG B 37 -1.80 -49.95 -27.15
N ARG B 38 -0.74 -49.68 -27.90
CA ARG B 38 0.61 -49.62 -27.37
C ARG B 38 1.34 -48.46 -28.03
N HIS B 39 2.04 -47.66 -27.22
CA HIS B 39 2.91 -46.63 -27.79
C HIS B 39 4.11 -46.46 -26.87
N SER B 40 4.96 -45.48 -27.19
CA SER B 40 6.17 -45.24 -26.44
C SER B 40 6.07 -43.93 -25.66
N TYR B 41 7.11 -43.69 -24.84
CA TYR B 41 7.12 -42.47 -24.04
C TYR B 41 7.28 -41.22 -24.91
N LYS B 42 8.02 -41.32 -26.01
CA LYS B 42 8.08 -40.21 -26.96
C LYS B 42 6.71 -39.93 -27.57
N THR B 43 5.99 -40.98 -27.95
CA THR B 43 4.63 -40.81 -28.45
C THR B 43 3.72 -40.25 -27.37
N PHE B 44 3.93 -40.66 -26.12
CA PHE B 44 3.13 -40.14 -25.02
C PHE B 44 3.36 -38.64 -24.83
N HIS B 45 4.62 -38.20 -24.90
CA HIS B 45 4.91 -36.77 -24.82
C HIS B 45 4.29 -36.00 -25.98
N ASP B 46 4.40 -36.56 -27.20
CA ASP B 46 3.80 -35.91 -28.35
C ASP B 46 2.28 -35.80 -28.20
N ARG B 47 1.65 -36.85 -27.67
CA ARG B 47 0.21 -36.81 -27.47
C ARG B 47 -0.19 -35.82 -26.38
N VAL B 48 0.64 -35.68 -25.34
CA VAL B 48 0.37 -34.68 -24.32
C VAL B 48 0.42 -33.28 -24.92
N ARG B 49 1.42 -33.01 -25.75
CA ARG B 49 1.49 -31.70 -26.41
C ARG B 49 0.31 -31.49 -27.36
N GLN B 50 -0.08 -32.55 -28.08
CA GLN B 50 -1.24 -32.45 -28.97
C GLN B 50 -2.52 -32.16 -28.20
N PHE B 51 -2.70 -32.80 -27.05
CA PHE B 51 -3.89 -32.54 -26.23
C PHE B 51 -3.85 -31.14 -25.65
N ALA B 52 -2.66 -30.64 -25.30
CA ALA B 52 -2.55 -29.24 -24.88
C ALA B 52 -2.99 -28.30 -25.98
N ASN B 53 -2.56 -28.57 -27.22
CA ASN B 53 -3.00 -27.75 -28.35
C ASN B 53 -4.51 -27.83 -28.55
N ALA B 54 -5.06 -29.03 -28.45
CA ALA B 54 -6.51 -29.21 -28.65
C ALA B 54 -7.30 -28.48 -27.58
N LEU B 55 -6.86 -28.55 -26.32
CA LEU B 55 -7.53 -27.83 -25.25
C LEU B 55 -7.41 -26.32 -25.43
N THR B 56 -6.26 -25.85 -25.92
CA THR B 56 -6.12 -24.43 -26.21
C THR B 56 -7.08 -23.99 -27.31
N LYS B 57 -7.26 -24.83 -28.32
CA LYS B 57 -8.22 -24.51 -29.40
C LYS B 57 -9.65 -24.42 -28.88
N MET B 58 -10.00 -25.23 -27.88
CA MET B 58 -11.34 -25.22 -27.32
C MET B 58 -11.64 -24.00 -26.47
N GLY B 59 -10.69 -23.08 -26.32
CA GLY B 59 -10.91 -21.92 -25.48
C GLY B 59 -10.65 -22.14 -24.01
N VAL B 60 -10.02 -23.24 -23.64
CA VAL B 60 -9.72 -23.53 -22.24
C VAL B 60 -8.57 -22.62 -21.80
N LYS B 61 -8.75 -21.93 -20.68
CA LYS B 61 -7.79 -20.98 -20.16
C LYS B 61 -7.26 -21.46 -18.80
N LYS B 62 -6.48 -20.60 -18.14
CA LYS B 62 -5.82 -21.00 -16.91
C LYS B 62 -6.81 -21.30 -15.79
N GLY B 63 -7.87 -20.50 -15.67
CA GLY B 63 -8.82 -20.69 -14.60
C GLY B 63 -9.93 -21.68 -14.87
N ASP B 64 -9.91 -22.36 -16.01
CA ASP B 64 -11.01 -23.23 -16.41
C ASP B 64 -10.92 -24.58 -15.69
N THR B 65 -11.99 -25.36 -15.80
CA THR B 65 -12.09 -26.68 -15.21
C THR B 65 -12.53 -27.68 -16.27
N VAL B 66 -11.83 -28.81 -16.34
CA VAL B 66 -12.14 -29.88 -17.27
C VAL B 66 -12.46 -31.13 -16.46
N ALA B 67 -13.62 -31.72 -16.71
CA ALA B 67 -14.09 -32.90 -15.99
C ALA B 67 -13.91 -34.15 -16.82
N VAL B 68 -13.50 -35.24 -16.17
CA VAL B 68 -13.16 -36.48 -16.85
C VAL B 68 -14.01 -37.62 -16.29
N MET B 69 -14.50 -38.48 -17.18
CA MET B 69 -15.30 -39.67 -16.81
C MET B 69 -14.93 -40.82 -17.74
N ASP B 70 -14.03 -41.69 -17.28
CA ASP B 70 -13.72 -42.91 -18.00
C ASP B 70 -13.01 -43.88 -17.06
N TYR B 71 -12.58 -45.02 -17.60
CA TYR B 71 -11.85 -46.02 -16.85
C TYR B 71 -10.36 -45.70 -16.88
N ASP B 72 -9.56 -46.70 -16.55
CA ASP B 72 -8.09 -46.54 -16.50
C ASP B 72 -7.49 -46.81 -17.87
N SER B 73 -6.93 -45.77 -18.49
CA SER B 73 -6.42 -45.90 -19.84
C SER B 73 -5.31 -44.88 -20.03
N HIS B 74 -4.70 -44.92 -21.22
CA HIS B 74 -3.72 -43.90 -21.58
C HIS B 74 -4.35 -42.52 -21.61
N ARG B 75 -5.64 -42.43 -21.92
CA ARG B 75 -6.32 -41.14 -21.97
C ARG B 75 -6.34 -40.49 -20.59
N TYR B 76 -6.63 -41.27 -19.54
CA TYR B 76 -6.63 -40.71 -18.19
C TYR B 76 -5.23 -40.26 -17.78
N LEU B 77 -4.21 -41.03 -18.16
CA LEU B 77 -2.84 -40.64 -17.86
C LEU B 77 -2.47 -39.35 -18.58
N GLU B 78 -2.92 -39.18 -19.83
CA GLU B 78 -2.66 -37.95 -20.56
C GLU B 78 -3.40 -36.77 -19.95
N CYS B 79 -4.62 -37.01 -19.44
CA CYS B 79 -5.36 -35.94 -18.78
C CYS B 79 -4.73 -35.57 -17.44
N TYR B 80 -4.06 -36.52 -16.78
CA TYR B 80 -3.36 -36.22 -15.54
C TYR B 80 -2.27 -35.19 -15.71
N PHE B 81 -1.79 -34.97 -16.95
CA PHE B 81 -0.69 -34.07 -17.22
C PHE B 81 -1.09 -32.86 -18.05
N ALA B 82 -1.78 -33.07 -19.17
CA ALA B 82 -2.03 -31.98 -20.10
C ALA B 82 -2.89 -30.89 -19.47
N ILE B 83 -3.95 -31.27 -18.77
CA ILE B 83 -4.88 -30.30 -18.19
C ILE B 83 -4.19 -29.48 -17.09
N PRO B 84 -3.49 -30.09 -16.13
CA PRO B 84 -2.79 -29.25 -15.13
C PRO B 84 -1.68 -28.39 -15.73
N MET B 85 -0.97 -28.87 -16.75
CA MET B 85 0.14 -28.10 -17.30
C MET B 85 -0.34 -26.80 -17.95
N ILE B 86 -1.51 -26.85 -18.57
CA ILE B 86 -2.08 -25.65 -19.20
C ILE B 86 -2.55 -24.69 -18.11
N GLY B 87 -2.70 -25.20 -16.88
CA GLY B 87 -3.11 -24.35 -15.78
C GLY B 87 -4.51 -24.65 -15.28
N ALA B 88 -5.35 -25.26 -16.11
CA ALA B 88 -6.74 -25.53 -15.75
C ALA B 88 -6.81 -26.59 -14.66
N LYS B 89 -7.99 -26.70 -14.04
CA LYS B 89 -8.22 -27.67 -12.99
C LYS B 89 -8.77 -28.96 -13.59
N LEU B 90 -8.35 -30.09 -13.02
CA LEU B 90 -8.79 -31.41 -13.44
C LEU B 90 -9.79 -31.94 -12.43
N HIS B 91 -11.02 -32.19 -12.87
CA HIS B 91 -12.09 -32.68 -12.01
C HIS B 91 -12.32 -34.15 -12.32
N MET B 92 -11.95 -35.01 -11.38
CA MET B 92 -12.18 -36.44 -11.50
C MET B 92 -13.55 -36.76 -10.90
N ILE B 93 -14.46 -37.23 -11.75
CA ILE B 93 -15.82 -37.53 -11.33
C ILE B 93 -15.91 -38.98 -10.89
N ASN B 94 -16.46 -39.22 -9.71
CA ASN B 94 -16.69 -40.56 -9.20
C ASN B 94 -17.90 -41.12 -9.94
N VAL B 95 -17.65 -42.08 -10.84
CA VAL B 95 -18.71 -42.63 -11.69
C VAL B 95 -19.50 -43.67 -10.90
N ARG B 96 -19.07 -43.96 -9.67
CA ARG B 96 -19.78 -44.90 -8.81
C ARG B 96 -20.82 -44.22 -7.94
N LEU B 97 -20.92 -42.90 -8.00
CA LEU B 97 -21.96 -42.18 -7.26
C LEU B 97 -23.29 -42.25 -8.00
N SER B 98 -24.35 -41.86 -7.31
CA SER B 98 -25.65 -41.76 -7.95
C SER B 98 -25.67 -40.59 -8.92
N PRO B 99 -26.53 -40.63 -9.94
CA PRO B 99 -26.58 -39.51 -10.90
C PRO B 99 -26.88 -38.18 -10.26
N GLU B 100 -27.68 -38.14 -9.19
CA GLU B 100 -27.97 -36.88 -8.53
C GLU B 100 -26.72 -36.30 -7.87
N GLN B 101 -25.92 -37.15 -7.21
CA GLN B 101 -24.68 -36.67 -6.61
C GLN B 101 -23.68 -36.23 -7.68
N ILE B 102 -23.64 -36.95 -8.80
CA ILE B 102 -22.76 -36.54 -9.90
C ILE B 102 -23.18 -35.18 -10.44
N LEU B 103 -24.50 -34.97 -10.59
CA LEU B 103 -25.00 -33.67 -11.04
C LEU B 103 -24.63 -32.57 -10.04
N TYR B 104 -24.76 -32.87 -8.75
CA TYR B 104 -24.39 -31.88 -7.73
C TYR B 104 -22.92 -31.52 -7.83
N THR B 105 -22.06 -32.53 -8.00
CA THR B 105 -20.62 -32.25 -8.08
C THR B 105 -20.28 -31.46 -9.33
N ILE B 106 -20.92 -31.78 -10.46
CA ILE B 106 -20.66 -31.05 -11.70
C ILE B 106 -21.10 -29.59 -11.56
N ASP B 107 -22.28 -29.37 -10.97
CA ASP B 107 -22.76 -28.01 -10.77
C ASP B 107 -21.87 -27.24 -9.80
N HIS B 108 -21.42 -27.90 -8.73
CA HIS B 108 -20.58 -27.24 -7.74
C HIS B 108 -19.22 -26.86 -8.31
N ALA B 109 -18.62 -27.76 -9.10
CA ALA B 109 -17.31 -27.50 -9.68
C ALA B 109 -17.35 -26.53 -10.85
N GLU B 110 -18.52 -26.39 -11.50
CA GLU B 110 -18.69 -25.52 -12.67
C GLU B 110 -17.73 -25.92 -13.78
N ASP B 111 -17.89 -27.16 -14.25
CA ASP B 111 -17.06 -27.68 -15.32
C ASP B 111 -17.40 -27.01 -16.65
N ASP B 112 -16.39 -26.87 -17.50
CA ASP B 112 -16.56 -26.30 -18.84
C ASP B 112 -16.54 -27.35 -19.93
N ILE B 113 -15.57 -28.25 -19.89
CA ILE B 113 -15.47 -29.37 -20.83
C ILE B 113 -15.63 -30.66 -20.05
N ILE B 114 -16.37 -31.60 -20.60
CA ILE B 114 -16.59 -32.90 -19.99
C ILE B 114 -16.11 -33.98 -20.96
N LEU B 115 -15.17 -34.80 -20.51
CA LEU B 115 -14.68 -35.95 -21.27
C LEU B 115 -15.29 -37.20 -20.64
N ILE B 116 -16.21 -37.82 -21.37
CA ILE B 116 -17.02 -38.91 -20.83
C ILE B 116 -16.89 -40.12 -21.75
N HIS B 117 -16.72 -41.30 -21.14
CA HIS B 117 -16.69 -42.53 -21.91
C HIS B 117 -18.08 -42.87 -22.43
N GLU B 118 -18.11 -43.69 -23.49
CA GLU B 118 -19.38 -44.07 -24.09
C GLU B 118 -20.26 -44.84 -23.11
N GLU B 119 -19.66 -45.76 -22.34
CA GLU B 119 -20.44 -46.59 -21.43
C GLU B 119 -21.09 -45.79 -20.31
N PHE B 120 -20.63 -44.57 -20.06
CA PHE B 120 -21.24 -43.70 -19.06
C PHE B 120 -22.27 -42.75 -19.66
N LEU B 121 -22.57 -42.89 -20.96
CA LEU B 121 -23.58 -42.03 -21.58
C LEU B 121 -24.96 -42.15 -20.96
N PRO B 122 -25.49 -43.33 -20.64
CA PRO B 122 -26.83 -43.39 -20.04
C PRO B 122 -26.97 -42.57 -18.77
N ILE B 123 -25.94 -42.55 -17.92
CA ILE B 123 -25.99 -41.73 -16.71
C ILE B 123 -26.18 -40.26 -17.08
N LEU B 124 -25.38 -39.78 -18.04
CA LEU B 124 -25.54 -38.42 -18.52
C LEU B 124 -26.93 -38.19 -19.11
N ASP B 125 -27.58 -39.25 -19.59
CA ASP B 125 -28.93 -39.11 -20.13
C ASP B 125 -29.94 -38.74 -19.05
N GLN B 126 -29.66 -39.06 -17.78
CA GLN B 126 -30.53 -38.67 -16.69
C GLN B 126 -30.17 -37.32 -16.09
N ILE B 127 -29.06 -36.72 -16.53
CA ILE B 127 -28.51 -35.54 -15.88
C ILE B 127 -28.27 -34.37 -16.84
N LYS B 128 -28.12 -34.62 -18.14
CA LYS B 128 -27.71 -33.56 -19.07
C LYS B 128 -28.70 -32.41 -19.09
N GLY B 129 -29.99 -32.70 -18.86
CA GLY B 129 -31.01 -31.67 -18.88
C GLY B 129 -30.85 -30.60 -17.82
N ARG B 130 -30.30 -30.95 -16.65
CA ARG B 130 -30.13 -30.01 -15.54
C ARG B 130 -28.72 -29.47 -15.45
N ILE B 131 -27.89 -29.74 -16.46
CA ILE B 131 -26.49 -29.33 -16.44
C ILE B 131 -26.35 -27.97 -17.12
N ASP B 132 -25.75 -27.02 -16.43
CA ASP B 132 -25.36 -25.74 -16.99
C ASP B 132 -23.84 -25.64 -17.02
N THR B 133 -23.34 -24.54 -17.59
CA THR B 133 -21.93 -24.15 -17.62
C THR B 133 -21.06 -25.07 -18.46
N VAL B 134 -21.61 -26.14 -19.04
CA VAL B 134 -20.83 -27.07 -19.84
C VAL B 134 -21.07 -26.76 -21.31
N THR B 135 -19.99 -26.46 -22.04
CA THR B 135 -20.09 -26.04 -23.43
C THR B 135 -19.72 -27.13 -24.43
N ARG B 136 -19.07 -28.21 -24.01
CA ARG B 136 -18.63 -29.24 -24.93
C ARG B 136 -18.61 -30.59 -24.23
N TYR B 137 -19.08 -31.62 -24.94
CA TYR B 137 -19.00 -33.00 -24.49
C TYR B 137 -18.14 -33.79 -25.45
N VAL B 138 -17.11 -34.45 -24.93
CA VAL B 138 -16.21 -35.28 -25.72
C VAL B 138 -16.46 -36.73 -25.32
N VAL B 139 -16.86 -37.55 -26.29
CA VAL B 139 -17.20 -38.95 -26.04
C VAL B 139 -15.97 -39.80 -26.34
N LEU B 140 -15.50 -40.53 -25.33
CA LEU B 140 -14.32 -41.38 -25.46
C LEU B 140 -14.76 -42.80 -25.81
N ARG B 141 -14.09 -43.38 -26.80
CA ARG B 141 -14.39 -44.74 -27.25
C ARG B 141 -13.09 -45.52 -27.38
N ASP B 142 -13.20 -46.84 -27.36
CA ASP B 142 -12.07 -47.72 -27.55
C ASP B 142 -11.83 -48.07 -29.01
N ASP B 143 -12.76 -47.71 -29.90
CA ASP B 143 -12.63 -47.96 -31.33
C ASP B 143 -11.99 -46.74 -32.00
N GLU B 144 -12.02 -46.74 -33.29
CA GLU B 144 -11.45 -45.68 -34.08
C GLU B 144 -12.22 -44.43 -34.12
N GLU B 145 -13.50 -44.48 -33.75
CA GLU B 145 -14.42 -43.35 -33.81
C GLU B 145 -14.39 -42.51 -32.54
N CYS B 146 -13.32 -42.60 -31.75
CA CYS B 146 -13.21 -41.79 -30.54
C CYS B 146 -13.04 -40.32 -30.90
N GLU B 147 -13.81 -39.45 -30.25
CA GLU B 147 -13.67 -38.02 -30.49
C GLU B 147 -12.35 -37.48 -29.95
N TYR B 148 -11.86 -38.05 -28.85
CA TYR B 148 -10.57 -37.63 -28.30
C TYR B 148 -9.44 -37.88 -29.28
N GLU B 149 -9.41 -39.06 -29.90
CA GLU B 149 -8.37 -39.37 -30.87
C GLU B 149 -8.45 -38.47 -32.09
N ARG B 150 -9.66 -38.21 -32.59
CA ARG B 150 -9.81 -37.34 -33.74
C ARG B 150 -9.40 -35.91 -33.42
N LEU B 151 -9.71 -35.43 -32.20
CA LEU B 151 -9.25 -34.10 -31.78
C LEU B 151 -7.73 -34.06 -31.69
N LEU B 152 -7.11 -35.15 -31.21
CA LEU B 152 -5.65 -35.20 -31.16
C LEU B 152 -5.05 -35.17 -32.56
N GLU B 153 -5.70 -35.83 -33.52
CA GLU B 153 -5.10 -36.00 -34.85
C GLU B 153 -4.93 -34.67 -35.58
N GLN B 154 -5.74 -33.67 -35.26
CA GLN B 154 -5.72 -32.39 -35.96
C GLN B 154 -4.75 -31.38 -35.35
N GLU B 155 -3.99 -31.76 -34.32
CA GLU B 155 -3.12 -30.84 -33.63
C GLU B 155 -1.66 -31.23 -33.82
N SER B 156 -0.78 -30.24 -33.68
CA SER B 156 0.65 -30.46 -33.81
C SER B 156 1.24 -30.95 -32.49
N THR B 157 2.40 -31.59 -32.58
CA THR B 157 3.08 -32.14 -31.41
C THR B 157 4.11 -31.18 -30.82
N GLU B 158 3.93 -29.87 -31.01
CA GLU B 158 4.80 -28.86 -30.45
C GLU B 158 3.99 -27.90 -29.59
N TYR B 159 4.45 -27.67 -28.36
CA TYR B 159 3.76 -26.78 -27.44
C TYR B 159 4.75 -26.28 -26.40
N ASN B 160 4.65 -25.00 -26.05
CA ASN B 160 5.48 -24.38 -25.04
C ASN B 160 4.62 -24.17 -23.80
N PHE B 161 4.86 -24.95 -22.78
CA PHE B 161 4.10 -24.94 -21.57
C PHE B 161 4.36 -23.81 -20.66
N PRO B 162 3.34 -23.16 -20.21
CA PRO B 162 3.48 -22.02 -19.31
C PRO B 162 4.20 -22.11 -17.95
N ASP B 163 4.62 -21.03 -17.34
CA ASP B 163 5.11 -21.03 -15.99
C ASP B 163 4.18 -20.24 -15.15
N PHE B 164 3.77 -20.82 -14.06
CA PHE B 164 2.91 -20.10 -13.18
C PHE B 164 3.33 -20.39 -11.79
N ASP B 165 2.65 -19.77 -10.87
CA ASP B 165 2.89 -20.02 -9.45
C ASP B 165 2.67 -21.48 -9.13
N GLU B 166 3.49 -22.01 -8.21
CA GLU B 166 3.37 -23.40 -7.79
C GLU B 166 2.15 -23.65 -6.91
N ASN B 167 1.47 -22.60 -6.47
CA ASN B 167 0.30 -22.73 -5.60
C ASN B 167 -1.01 -22.68 -6.38
N THR B 168 -0.96 -22.90 -7.69
CA THR B 168 -2.18 -22.95 -8.49
C THR B 168 -2.83 -24.32 -8.39
N VAL B 169 -4.16 -24.32 -8.25
CA VAL B 169 -4.89 -25.57 -8.08
C VAL B 169 -4.81 -26.40 -9.35
N ALA B 170 -4.71 -27.72 -9.18
CA ALA B 170 -4.57 -28.65 -10.29
C ALA B 170 -5.68 -29.69 -10.36
N THR B 171 -6.12 -30.24 -9.23
CA THR B 171 -7.06 -31.35 -9.24
C THR B 171 -8.10 -31.19 -8.14
N THR B 172 -9.33 -31.64 -8.44
CA THR B 172 -10.42 -31.75 -7.48
C THR B 172 -11.19 -33.03 -7.77
N PHE B 173 -11.63 -33.73 -6.71
CA PHE B 173 -12.35 -34.98 -6.93
C PHE B 173 -13.54 -35.25 -6.01
N TYR B 174 -13.89 -34.33 -5.11
CA TYR B 174 -15.21 -34.34 -4.45
C TYR B 174 -15.47 -35.66 -3.70
N THR B 175 -14.70 -35.85 -2.63
CA THR B 175 -14.96 -36.97 -1.72
C THR B 175 -16.35 -36.86 -1.11
N THR B 176 -16.89 -38.00 -0.69
CA THR B 176 -18.24 -38.09 -0.11
C THR B 176 -18.20 -38.89 1.20
N GLY B 177 -18.10 -38.18 2.31
CA GLY B 177 -18.15 -38.81 3.62
C GLY B 177 -19.53 -38.82 4.22
N THR B 178 -19.67 -38.26 5.42
CA THR B 178 -20.96 -38.11 6.09
C THR B 178 -21.21 -36.62 6.31
N THR B 179 -21.75 -35.97 5.29
CA THR B 179 -22.01 -34.54 5.35
C THR B 179 -23.40 -34.20 4.82
N GLY B 180 -23.98 -35.11 4.05
CA GLY B 180 -25.25 -34.84 3.40
C GLY B 180 -25.07 -34.46 1.95
N PHE B 181 -23.97 -33.78 1.66
CA PHE B 181 -23.54 -33.45 0.31
C PHE B 181 -22.05 -33.72 0.16
N PRO B 182 -21.60 -34.06 -1.05
CA PRO B 182 -20.16 -34.30 -1.24
C PRO B 182 -19.34 -33.04 -0.98
N LYS B 183 -18.11 -33.26 -0.51
CA LYS B 183 -17.21 -32.18 -0.13
C LYS B 183 -16.09 -32.05 -1.14
N GLY B 184 -15.80 -30.81 -1.55
CA GLY B 184 -14.77 -30.57 -2.55
C GLY B 184 -13.39 -30.52 -1.92
N VAL B 185 -12.46 -31.30 -2.41
CA VAL B 185 -11.04 -31.30 -1.97
C VAL B 185 -10.14 -30.94 -3.15
N PHE B 186 -9.04 -30.31 -2.91
CA PHE B 186 -8.22 -29.75 -3.94
C PHE B 186 -6.78 -29.70 -3.61
N PHE B 187 -5.95 -29.81 -4.60
CA PHE B 187 -4.51 -29.82 -4.39
C PHE B 187 -3.85 -28.92 -5.43
N THR B 188 -2.63 -28.48 -5.13
CA THR B 188 -1.86 -27.63 -6.01
C THR B 188 -0.74 -28.43 -6.67
N HIS B 189 -0.02 -27.77 -7.59
CA HIS B 189 1.13 -28.40 -8.25
C HIS B 189 2.21 -28.74 -7.24
N ARG B 190 2.50 -27.80 -6.32
CA ARG B 190 3.54 -28.01 -5.32
C ARG B 190 3.23 -29.22 -4.45
N GLN B 191 1.97 -29.36 -4.04
CA GLN B 191 1.60 -30.48 -3.18
C GLN B 191 1.77 -31.81 -3.89
N LEU B 192 1.37 -31.89 -5.16
CA LEU B 192 1.51 -33.15 -5.90
C LEU B 192 2.98 -33.50 -6.13
N VAL B 193 3.80 -32.50 -6.49
CA VAL B 193 5.22 -32.75 -6.70
C VAL B 193 5.88 -33.21 -5.41
N LEU B 194 5.57 -32.54 -4.29
CA LEU B 194 6.13 -32.94 -3.01
C LEU B 194 5.66 -34.33 -2.62
N HIS B 195 4.39 -34.65 -2.91
CA HIS B 195 3.85 -35.97 -2.60
C HIS B 195 4.63 -37.06 -3.33
N THR B 196 4.78 -36.93 -4.65
CA THR B 196 5.48 -37.96 -5.39
C THR B 196 6.96 -38.05 -4.98
N MET B 197 7.61 -36.89 -4.80
CA MET B 197 9.02 -36.90 -4.43
C MET B 197 9.24 -37.54 -3.07
N GLY B 198 8.49 -37.10 -2.06
CA GLY B 198 8.66 -37.61 -0.71
C GLY B 198 8.13 -38.99 -0.46
N ILE B 199 7.34 -39.55 -1.38
CA ILE B 199 6.93 -40.94 -1.22
C ILE B 199 7.86 -41.86 -2.00
N LEU B 200 8.39 -41.36 -3.12
CA LEU B 200 9.47 -42.10 -3.79
C LEU B 200 10.70 -42.18 -2.90
N SER B 201 10.97 -41.14 -2.12
CA SER B 201 12.13 -41.13 -1.24
C SER B 201 12.00 -42.05 -0.05
N THR B 202 10.90 -42.60 0.31
CA THR B 202 10.55 -43.55 1.34
C THR B 202 10.28 -44.88 0.93
N ILE B 203 9.54 -45.05 -0.06
CA ILE B 203 9.24 -46.40 -0.52
C ILE B 203 10.39 -46.96 -1.36
N GLY B 204 11.06 -46.11 -2.13
CA GLY B 204 12.17 -46.57 -2.96
C GLY B 204 13.43 -46.90 -2.21
N THR B 205 13.61 -46.36 -1.01
CA THR B 205 14.82 -46.56 -0.23
C THR B 205 14.76 -47.77 0.68
N ASN B 206 13.69 -48.56 0.62
CA ASN B 206 13.63 -49.78 1.40
C ASN B 206 14.70 -50.76 0.95
N ALA B 207 15.14 -51.60 1.89
CA ALA B 207 16.28 -52.48 1.61
C ALA B 207 15.93 -53.53 0.57
N SER B 208 14.96 -54.40 0.87
CA SER B 208 14.63 -55.49 -0.04
C SER B 208 13.14 -55.76 -0.20
N GLN B 209 12.27 -55.23 0.65
CA GLN B 209 10.85 -55.57 0.64
C GLN B 209 10.01 -54.35 0.34
N GLY B 210 8.99 -54.54 -0.51
CA GLY B 210 8.00 -53.51 -0.75
C GLY B 210 8.54 -52.21 -1.31
N ARG B 211 9.47 -52.29 -2.26
CA ARG B 211 10.06 -51.12 -2.88
C ARG B 211 9.68 -51.05 -4.34
N LEU B 212 9.44 -49.84 -4.84
CA LEU B 212 9.19 -49.59 -6.24
C LEU B 212 10.43 -48.90 -6.82
N HIS B 213 11.03 -49.52 -7.83
CA HIS B 213 12.25 -49.02 -8.44
C HIS B 213 12.06 -48.86 -9.94
N GLN B 214 13.16 -48.56 -10.63
CA GLN B 214 13.12 -48.24 -12.05
C GLN B 214 12.95 -49.47 -12.95
N GLY B 215 13.04 -50.67 -12.39
CA GLY B 215 12.87 -51.88 -13.16
C GLY B 215 11.53 -52.57 -13.01
N ASP B 216 10.54 -51.92 -12.41
CA ASP B 216 9.25 -52.53 -12.18
C ASP B 216 8.35 -52.37 -13.40
N ILE B 217 7.12 -52.87 -13.29
CA ILE B 217 6.08 -52.68 -14.31
C ILE B 217 4.80 -52.36 -13.57
N TYR B 218 4.28 -51.15 -13.77
CA TYR B 218 3.17 -50.63 -12.98
C TYR B 218 1.84 -50.98 -13.63
N MET B 219 0.83 -51.23 -12.79
CA MET B 219 -0.51 -51.56 -13.22
C MET B 219 -1.53 -51.17 -12.15
N PRO B 220 -2.30 -50.11 -12.36
CA PRO B 220 -3.29 -49.72 -11.35
C PRO B 220 -4.49 -50.68 -11.34
N ILE B 221 -4.96 -51.00 -10.15
CA ILE B 221 -6.20 -51.75 -9.98
C ILE B 221 -7.13 -50.93 -9.09
N THR B 222 -6.94 -49.61 -9.11
CA THR B 222 -7.77 -48.66 -8.40
C THR B 222 -8.53 -47.79 -9.39
N PRO B 223 -9.67 -47.20 -8.99
CA PRO B 223 -10.50 -46.47 -9.96
C PRO B 223 -9.80 -45.31 -10.66
N MET B 224 -8.68 -44.81 -10.12
CA MET B 224 -7.85 -43.78 -10.76
C MET B 224 -8.52 -42.41 -10.71
N PHE B 225 -9.78 -42.35 -10.27
CA PHE B 225 -10.42 -41.08 -10.00
C PHE B 225 -10.63 -40.80 -8.53
N HIS B 226 -10.41 -41.79 -7.67
CA HIS B 226 -10.61 -41.61 -6.23
C HIS B 226 -9.65 -40.59 -5.65
N VAL B 227 -8.36 -40.92 -5.60
CA VAL B 227 -7.38 -40.14 -4.88
C VAL B 227 -6.13 -39.89 -5.71
N HIS B 228 -6.30 -39.76 -7.03
CA HIS B 228 -5.20 -39.73 -8.01
C HIS B 228 -4.58 -41.11 -8.19
N ALA B 229 -5.36 -42.16 -8.02
CA ALA B 229 -4.87 -43.54 -8.03
C ALA B 229 -3.71 -43.71 -7.04
N TRP B 230 -3.89 -43.12 -5.85
CA TRP B 230 -2.91 -43.12 -4.77
C TRP B 230 -1.62 -42.38 -5.17
N GLY B 231 -1.68 -41.55 -6.20
CA GLY B 231 -0.52 -40.80 -6.65
C GLY B 231 0.52 -41.63 -7.37
N LEU B 232 0.24 -42.90 -7.63
CA LEU B 232 1.20 -43.84 -8.19
C LEU B 232 1.46 -43.66 -9.69
N PRO B 233 0.48 -43.24 -10.51
CA PRO B 233 0.82 -42.92 -11.91
C PRO B 233 1.89 -41.86 -12.05
N TYR B 234 1.85 -40.82 -11.20
CA TYR B 234 2.90 -39.80 -11.22
C TYR B 234 4.25 -40.38 -10.88
N MET B 235 4.31 -41.24 -9.85
CA MET B 235 5.58 -41.86 -9.48
C MET B 235 6.09 -42.78 -10.58
N ALA B 236 5.18 -43.52 -11.24
CA ALA B 236 5.58 -44.44 -12.29
C ALA B 236 6.12 -43.71 -13.51
N THR B 237 5.48 -42.61 -13.89
CA THR B 237 5.98 -41.85 -15.04
C THR B 237 7.23 -41.06 -14.71
N MET B 238 7.41 -40.66 -13.44
CA MET B 238 8.66 -40.02 -13.06
C MET B 238 9.82 -41.00 -13.11
N LEU B 239 9.58 -42.27 -12.80
CA LEU B 239 10.62 -43.29 -12.90
C LEU B 239 10.84 -43.76 -14.33
N GLY B 240 10.04 -43.32 -15.29
CA GLY B 240 10.17 -43.78 -16.66
C GLY B 240 9.95 -45.27 -16.81
N VAL B 241 9.06 -45.83 -16.02
CA VAL B 241 8.76 -47.27 -16.05
C VAL B 241 7.64 -47.64 -17.03
N LYS B 242 7.53 -48.89 -17.33
CA LYS B 242 6.44 -49.42 -18.14
C LYS B 242 5.14 -49.42 -17.37
N GLN B 243 4.07 -48.98 -18.01
CA GLN B 243 2.75 -48.87 -17.40
C GLN B 243 1.73 -49.63 -18.23
N VAL B 244 0.88 -50.41 -17.56
CA VAL B 244 -0.18 -51.19 -18.21
C VAL B 244 -1.50 -50.80 -17.58
N TYR B 245 -2.49 -50.48 -18.41
CA TYR B 245 -3.80 -50.06 -17.95
C TYR B 245 -4.84 -51.09 -18.40
N PRO B 246 -5.59 -51.71 -17.48
CA PRO B 246 -6.46 -52.83 -17.87
C PRO B 246 -7.83 -52.41 -18.38
N GLY B 247 -8.34 -51.27 -17.91
CA GLY B 247 -9.66 -50.85 -18.32
C GLY B 247 -10.76 -51.06 -17.30
N LYS B 248 -11.59 -52.10 -17.52
CA LYS B 248 -12.83 -52.28 -16.77
C LYS B 248 -12.68 -53.19 -15.55
N TYR B 249 -11.47 -53.65 -15.23
CA TYR B 249 -11.22 -54.48 -14.05
C TYR B 249 -12.03 -55.78 -14.08
N VAL B 250 -11.73 -56.61 -15.07
CA VAL B 250 -12.25 -57.98 -15.14
C VAL B 250 -11.16 -58.91 -14.62
N PRO B 251 -11.47 -59.79 -13.66
CA PRO B 251 -10.41 -60.62 -13.07
C PRO B 251 -9.65 -61.46 -14.07
N ASP B 252 -10.33 -62.03 -15.07
CA ASP B 252 -9.66 -62.87 -16.05
C ASP B 252 -8.67 -62.05 -16.89
N VAL B 253 -9.12 -60.89 -17.39
CA VAL B 253 -8.22 -60.07 -18.19
C VAL B 253 -7.12 -59.48 -17.32
N LEU B 254 -7.40 -59.22 -16.04
CA LEU B 254 -6.36 -58.75 -15.14
C LEU B 254 -5.26 -59.80 -14.97
N LEU B 255 -5.66 -61.05 -14.73
CA LEU B 255 -4.68 -62.13 -14.60
C LEU B 255 -3.90 -62.32 -15.90
N ASN B 256 -4.59 -62.27 -17.04
CA ASN B 256 -3.92 -62.43 -18.32
C ASN B 256 -2.91 -61.31 -18.55
N LEU B 257 -3.27 -60.07 -18.20
CA LEU B 257 -2.35 -58.96 -18.37
C LEU B 257 -1.15 -59.08 -17.43
N ILE B 258 -1.38 -59.51 -16.19
CA ILE B 258 -0.26 -59.70 -15.26
C ILE B 258 0.69 -60.77 -15.78
N GLU B 259 0.15 -61.85 -16.33
CA GLU B 259 1.01 -62.92 -16.86
C GLU B 259 1.77 -62.47 -18.11
N GLN B 260 1.07 -61.87 -19.07
CA GLN B 260 1.70 -61.55 -20.35
C GLN B 260 2.65 -60.37 -20.23
N GLU B 261 2.22 -59.30 -19.55
CA GLU B 261 3.03 -58.10 -19.44
C GLU B 261 4.07 -58.18 -18.33
N LYS B 262 4.07 -59.26 -17.53
CA LYS B 262 5.00 -59.44 -16.43
C LYS B 262 4.92 -58.28 -15.44
N VAL B 263 3.71 -58.00 -14.97
CA VAL B 263 3.50 -56.91 -14.03
C VAL B 263 4.09 -57.28 -12.67
N THR B 264 4.87 -56.35 -12.11
CA THR B 264 5.53 -56.58 -10.83
C THR B 264 5.06 -55.67 -9.71
N PHE B 265 4.42 -54.55 -10.02
CA PHE B 265 3.95 -53.62 -9.00
C PHE B 265 2.52 -53.21 -9.33
N SER B 266 1.66 -53.26 -8.31
CA SER B 266 0.27 -52.86 -8.47
C SER B 266 -0.27 -52.45 -7.10
N HIS B 267 -1.45 -51.84 -7.10
CA HIS B 267 -2.12 -51.49 -5.86
C HIS B 267 -3.61 -51.78 -6.02
N CYS B 268 -4.25 -52.17 -4.92
CA CYS B 268 -5.57 -52.76 -5.02
C CYS B 268 -6.32 -52.60 -3.70
N VAL B 269 -7.59 -52.98 -3.72
CA VAL B 269 -8.44 -53.02 -2.54
C VAL B 269 -8.73 -54.48 -2.21
N PRO B 270 -9.10 -54.81 -0.97
CA PRO B 270 -9.23 -56.23 -0.60
C PRO B 270 -10.21 -57.02 -1.45
N THR B 271 -11.28 -56.38 -1.95
CA THR B 271 -12.30 -57.13 -2.69
C THR B 271 -11.75 -57.67 -4.00
N ILE B 272 -11.09 -56.83 -4.80
CA ILE B 272 -10.55 -57.30 -6.07
C ILE B 272 -9.42 -58.28 -5.85
N LEU B 273 -8.64 -58.10 -4.79
CA LEU B 273 -7.59 -59.06 -4.46
C LEU B 273 -8.19 -60.43 -4.15
N HIS B 274 -9.26 -60.46 -3.35
CA HIS B 274 -9.93 -61.72 -3.05
C HIS B 274 -10.52 -62.35 -4.30
N LEU B 275 -10.96 -61.57 -5.26
CA LEU B 275 -11.53 -62.12 -6.46
C LEU B 275 -10.49 -62.65 -7.43
N LEU B 276 -9.27 -62.16 -7.35
CA LEU B 276 -8.20 -62.62 -8.18
C LEU B 276 -7.49 -63.78 -7.57
N LEU B 277 -7.49 -63.87 -6.25
CA LEU B 277 -6.93 -65.08 -5.64
C LEU B 277 -7.85 -66.27 -5.78
N SER B 278 -9.16 -66.06 -5.71
CA SER B 278 -10.14 -67.14 -5.79
C SER B 278 -10.49 -67.51 -7.22
N SER B 279 -9.98 -66.79 -8.21
CA SER B 279 -10.28 -67.11 -9.60
C SER B 279 -9.62 -68.44 -9.98
N PRO B 280 -10.30 -69.27 -10.77
CA PRO B 280 -9.68 -70.54 -11.20
C PRO B 280 -8.45 -70.36 -12.07
N LYS B 281 -8.33 -69.24 -12.78
CA LYS B 281 -7.17 -69.02 -13.64
C LYS B 281 -5.90 -68.74 -12.84
N SER B 282 -6.02 -68.41 -11.56
CA SER B 282 -4.86 -68.10 -10.73
C SER B 282 -4.24 -69.32 -10.07
N LYS B 283 -4.85 -70.49 -10.25
CA LYS B 283 -4.34 -71.70 -9.60
C LYS B 283 -3.01 -72.13 -10.19
N ALA B 284 -2.80 -71.85 -11.48
CA ALA B 284 -1.58 -72.25 -12.17
C ALA B 284 -0.83 -71.03 -12.67
N MET B 285 -0.70 -70.01 -11.81
CA MET B 285 -0.13 -68.73 -12.19
C MET B 285 0.98 -68.39 -11.20
N ASP B 286 2.12 -67.93 -11.73
CA ASP B 286 3.28 -67.60 -10.90
C ASP B 286 3.12 -66.18 -10.37
N PHE B 287 2.96 -66.05 -9.05
CA PHE B 287 2.74 -64.77 -8.41
C PHE B 287 3.95 -64.27 -7.64
N SER B 288 5.11 -64.90 -7.79
CA SER B 288 6.28 -64.52 -6.99
C SER B 288 7.10 -63.43 -7.66
N GLY B 289 6.44 -62.37 -8.11
CA GLY B 289 7.11 -61.18 -8.58
C GLY B 289 6.27 -59.94 -8.31
N TRP B 290 5.17 -60.11 -7.59
CA TRP B 290 4.11 -59.12 -7.49
C TRP B 290 4.17 -58.42 -6.14
N LYS B 291 3.84 -57.13 -6.13
CA LYS B 291 4.02 -56.25 -4.98
C LYS B 291 2.76 -55.44 -4.72
N VAL B 292 1.62 -56.12 -4.60
CA VAL B 292 0.36 -55.43 -4.36
C VAL B 292 0.42 -54.59 -3.09
N VAL B 293 -0.10 -53.38 -3.17
CA VAL B 293 -0.30 -52.51 -2.02
C VAL B 293 -1.80 -52.47 -1.75
N ILE B 294 -2.23 -53.05 -0.64
CA ILE B 294 -3.65 -53.13 -0.28
C ILE B 294 -3.88 -52.03 0.76
N GLY B 295 -4.22 -50.85 0.28
CA GLY B 295 -4.45 -49.71 1.16
C GLY B 295 -5.84 -49.14 1.05
N GLY B 296 -6.76 -49.90 0.44
CA GLY B 296 -8.13 -49.44 0.30
C GLY B 296 -8.82 -49.25 1.63
N ALA B 297 -9.08 -50.35 2.34
CA ALA B 297 -9.70 -50.25 3.66
C ALA B 297 -9.48 -51.58 4.41
N ALA B 298 -8.62 -51.56 5.43
CA ALA B 298 -8.57 -52.61 6.45
C ALA B 298 -8.34 -53.99 5.83
N LEU B 299 -7.15 -54.16 5.27
CA LEU B 299 -6.73 -55.45 4.75
C LEU B 299 -6.89 -56.54 5.81
N PRO B 300 -7.73 -57.55 5.57
CA PRO B 300 -7.92 -58.60 6.58
C PRO B 300 -6.67 -59.45 6.75
N LYS B 301 -6.54 -60.01 7.96
CA LYS B 301 -5.38 -60.85 8.25
C LYS B 301 -5.46 -62.19 7.51
N ALA B 302 -6.66 -62.76 7.41
CA ALA B 302 -6.81 -64.03 6.70
C ALA B 302 -6.50 -63.89 5.22
N LEU B 303 -6.98 -62.81 4.59
CA LEU B 303 -6.68 -62.58 3.19
C LEU B 303 -5.18 -62.36 2.97
N CYS B 304 -4.54 -61.59 3.86
CA CYS B 304 -3.10 -61.39 3.75
C CYS B 304 -2.35 -62.70 3.90
N LYS B 305 -2.69 -63.54 4.82
CA LYS B 305 -2.07 -64.81 4.93
C LYS B 305 -2.25 -65.58 3.69
N SER B 306 -3.48 -65.73 3.22
CA SER B 306 -3.71 -66.53 2.03
C SER B 306 -2.89 -66.02 0.86
N ALA B 307 -2.76 -64.70 0.72
CA ALA B 307 -1.96 -64.14 -0.36
C ALA B 307 -0.46 -64.40 -0.16
N LEU B 308 -0.01 -64.45 1.10
CA LEU B 308 1.40 -64.71 1.35
C LEU B 308 1.78 -66.14 0.98
N GLU B 309 0.84 -67.08 1.05
CA GLU B 309 1.14 -68.45 0.63
C GLU B 309 1.34 -68.57 -0.87
N ARG B 310 0.92 -67.56 -1.64
CA ARG B 310 1.16 -67.51 -3.07
C ARG B 310 2.42 -66.74 -3.41
N ASP B 311 3.22 -66.38 -2.40
CA ASP B 311 4.47 -65.66 -2.57
C ASP B 311 4.25 -64.28 -3.20
N ILE B 312 3.32 -63.53 -2.61
CA ILE B 312 3.01 -62.17 -3.05
C ILE B 312 3.46 -61.21 -1.96
N ASP B 313 4.16 -60.16 -2.36
CA ASP B 313 4.63 -59.12 -1.43
C ASP B 313 3.44 -58.21 -1.14
N VAL B 314 2.65 -58.58 -0.14
CA VAL B 314 1.46 -57.85 0.25
C VAL B 314 1.80 -56.95 1.43
N PHE B 315 1.44 -55.68 1.32
CA PHE B 315 1.57 -54.74 2.42
C PHE B 315 0.50 -53.67 2.29
N ALA B 316 0.19 -53.01 3.41
CA ALA B 316 -0.92 -52.10 3.50
C ALA B 316 -0.43 -50.66 3.58
N GLY B 317 -1.30 -49.74 3.11
CA GLY B 317 -1.05 -48.33 3.22
C GLY B 317 -2.29 -47.62 3.69
N TYR B 318 -2.15 -46.34 4.02
CA TYR B 318 -3.24 -45.58 4.62
C TYR B 318 -3.42 -44.26 3.88
N GLY B 319 -4.69 -43.91 3.64
CA GLY B 319 -5.05 -42.67 2.96
C GLY B 319 -6.42 -42.23 3.39
N MET B 320 -6.75 -41.05 2.98
CA MET B 320 -7.97 -40.50 3.39
C MET B 320 -8.75 -39.92 2.28
N SER B 321 -8.12 -39.30 1.32
CA SER B 321 -8.69 -38.48 0.24
C SER B 321 -8.64 -37.00 0.58
N GLU B 322 -8.27 -36.66 1.81
CA GLU B 322 -7.95 -35.30 2.20
C GLU B 322 -6.46 -35.11 2.44
N THR B 323 -5.67 -36.17 2.32
CA THR B 323 -4.32 -36.19 2.86
C THR B 323 -3.26 -36.61 1.85
N GLY B 324 -3.53 -36.47 0.56
CA GLY B 324 -2.51 -36.73 -0.43
C GLY B 324 -2.75 -37.84 -1.46
N PRO B 325 -3.28 -39.01 -1.05
CA PRO B 325 -3.83 -39.44 0.24
C PRO B 325 -2.84 -40.13 1.18
N ILE B 326 -1.68 -40.55 0.69
CA ILE B 326 -0.85 -41.49 1.45
C ILE B 326 -0.29 -40.80 2.70
N LEU B 327 -0.47 -41.44 3.85
CA LEU B 327 0.07 -40.99 5.12
C LEU B 327 0.98 -42.00 5.79
N SER B 328 0.72 -43.29 5.64
CA SER B 328 1.53 -44.32 6.28
C SER B 328 1.54 -45.56 5.40
N ILE B 329 2.66 -46.28 5.43
CA ILE B 329 2.84 -47.50 4.66
C ILE B 329 3.57 -48.52 5.53
N VAL B 330 3.16 -49.79 5.43
CA VAL B 330 3.80 -50.86 6.17
C VAL B 330 5.15 -51.15 5.55
N GLN B 331 6.21 -51.02 6.34
CA GLN B 331 7.57 -51.34 5.92
C GLN B 331 8.18 -52.29 6.93
N LEU B 332 8.77 -53.38 6.44
CA LEU B 332 9.31 -54.43 7.28
C LEU B 332 10.82 -54.39 7.27
N THR B 333 11.42 -54.41 8.46
CA THR B 333 12.86 -54.53 8.59
C THR B 333 13.30 -55.94 8.22
N PRO B 334 14.57 -56.11 7.83
CA PRO B 334 15.05 -57.47 7.49
C PRO B 334 14.96 -58.45 8.65
N GLU B 335 14.97 -57.98 9.90
CA GLU B 335 14.71 -58.87 11.03
C GLU B 335 13.29 -59.39 11.01
N GLN B 336 12.32 -58.53 10.66
CA GLN B 336 10.91 -58.92 10.63
C GLN B 336 10.58 -59.82 9.45
N LEU B 337 11.48 -59.97 8.48
CA LEU B 337 11.23 -60.79 7.30
C LEU B 337 11.53 -62.27 7.53
N GLU B 338 12.00 -62.63 8.73
CA GLU B 338 12.26 -64.03 9.06
C GLU B 338 11.10 -64.71 9.76
N LEU B 339 10.02 -63.98 10.06
CA LEU B 339 8.83 -64.59 10.61
C LEU B 339 8.15 -65.46 9.57
N ASP B 340 7.44 -66.49 10.03
CA ASP B 340 7.11 -67.59 9.12
C ASP B 340 5.94 -67.25 8.21
N VAL B 341 4.72 -67.23 8.75
CA VAL B 341 3.56 -66.81 7.95
C VAL B 341 2.59 -65.98 8.77
N ASP B 342 2.69 -66.06 10.09
CA ASP B 342 1.66 -65.53 10.98
C ASP B 342 2.00 -64.15 11.51
N GLN B 343 3.13 -64.00 12.19
CA GLN B 343 3.55 -62.69 12.65
C GLN B 343 3.72 -61.73 11.47
N GLN B 344 4.18 -62.24 10.33
CA GLN B 344 4.22 -61.43 9.12
C GLN B 344 2.82 -61.02 8.70
N ALA B 345 1.84 -61.91 8.86
CA ALA B 345 0.46 -61.57 8.52
C ALA B 345 -0.06 -60.45 9.42
N GLU B 346 0.27 -60.49 10.71
CA GLU B 346 -0.16 -59.41 11.60
C GLU B 346 0.55 -58.09 11.25
N TYR B 347 1.86 -58.14 10.98
CA TYR B 347 2.59 -56.91 10.70
C TYR B 347 2.17 -56.29 9.38
N ARG B 348 1.93 -57.11 8.35
CA ARG B 348 1.62 -56.59 7.02
C ARG B 348 0.23 -56.00 6.94
N SER B 349 -0.69 -56.40 7.82
CA SER B 349 -2.07 -55.92 7.78
C SER B 349 -2.29 -54.69 8.65
N LYS B 350 -1.26 -54.19 9.31
CA LYS B 350 -1.39 -53.00 10.14
C LYS B 350 -1.51 -51.75 9.26
N THR B 351 -1.79 -50.62 9.91
CA THR B 351 -1.86 -49.36 9.17
C THR B 351 -0.49 -48.92 8.67
N GLY B 352 0.56 -49.16 9.45
CA GLY B 352 1.92 -48.90 9.04
C GLY B 352 2.50 -47.68 9.73
N LYS B 353 3.80 -47.47 9.47
CA LYS B 353 4.51 -46.33 10.01
C LYS B 353 4.31 -45.12 9.11
N LYS B 354 4.33 -43.94 9.72
CA LYS B 354 4.13 -42.70 8.97
C LYS B 354 5.29 -42.47 8.00
N VAL B 355 4.94 -41.91 6.84
CA VAL B 355 5.92 -41.66 5.77
C VAL B 355 6.67 -40.37 6.07
N ALA B 356 7.71 -40.10 5.28
CA ALA B 356 8.54 -38.92 5.50
C ALA B 356 7.72 -37.64 5.45
N LEU B 357 8.07 -36.71 6.34
CA LEU B 357 7.44 -35.38 6.43
C LEU B 357 6.00 -35.44 6.94
N VAL B 358 5.72 -36.39 7.84
CA VAL B 358 4.39 -36.55 8.42
C VAL B 358 4.55 -36.60 9.94
N GLU B 359 3.64 -35.94 10.65
CA GLU B 359 3.74 -35.82 12.12
C GLU B 359 2.96 -36.93 12.82
N ALA B 360 1.65 -37.01 12.58
CA ALA B 360 0.81 -38.16 12.97
C ALA B 360 0.84 -38.41 14.47
N TYR B 361 0.29 -37.47 15.22
CA TYR B 361 0.02 -37.64 16.64
C TYR B 361 -1.34 -38.31 16.87
N ILE B 362 -1.55 -38.75 18.10
CA ILE B 362 -2.82 -39.32 18.54
C ILE B 362 -3.39 -38.40 19.61
N VAL B 363 -4.60 -37.96 19.53
CA VAL B 363 -5.14 -37.00 20.45
C VAL B 363 -6.52 -37.50 20.85
N ASP B 364 -7.10 -36.81 21.76
CA ASP B 364 -8.45 -37.06 22.25
C ASP B 364 -9.33 -35.84 21.98
N GLU B 365 -10.54 -35.85 22.55
CA GLU B 365 -11.52 -34.81 22.25
C GLU B 365 -11.06 -33.42 22.68
N ASP B 366 -10.08 -33.33 23.59
CA ASP B 366 -9.55 -32.05 24.04
C ASP B 366 -8.18 -31.75 23.45
N MET B 367 -7.72 -32.55 22.49
CA MET B 367 -6.42 -32.37 21.84
C MET B 367 -5.29 -32.37 22.87
N ASN B 368 -5.14 -33.51 23.56
CA ASN B 368 -4.18 -33.63 24.66
C ASN B 368 -2.99 -34.51 24.32
N LYS B 369 -2.92 -35.08 23.12
CA LYS B 369 -1.76 -35.83 22.65
C LYS B 369 -1.46 -37.02 23.58
N LEU B 370 -2.38 -37.98 23.55
CA LEU B 370 -2.28 -39.22 24.31
C LEU B 370 -0.97 -39.94 24.00
N PRO B 371 -0.41 -40.68 24.97
CA PRO B 371 0.90 -41.30 24.76
C PRO B 371 0.83 -42.47 23.78
N HIS B 372 2.01 -42.82 23.27
CA HIS B 372 2.14 -43.91 22.30
C HIS B 372 2.53 -45.22 23.00
N ASP B 373 1.61 -45.71 23.82
CA ASP B 373 1.83 -46.95 24.57
C ASP B 373 1.25 -48.18 23.88
N GLY B 374 0.55 -48.01 22.76
CA GLY B 374 -0.01 -49.13 22.04
C GLY B 374 -1.31 -49.69 22.59
N GLU B 375 -1.87 -49.07 23.63
CA GLU B 375 -3.14 -49.53 24.20
C GLU B 375 -4.14 -48.40 24.26
N THR B 376 -3.65 -47.16 24.39
CA THR B 376 -4.53 -46.00 24.50
C THR B 376 -4.96 -45.55 23.11
N ALA B 377 -6.24 -45.68 22.81
CA ALA B 377 -6.76 -45.32 21.51
C ALA B 377 -7.15 -43.86 21.47
N GLY B 378 -7.07 -43.28 20.27
CA GLY B 378 -7.42 -41.88 20.08
C GLY B 378 -7.52 -41.58 18.60
N GLU B 379 -7.91 -40.35 18.32
CA GLU B 379 -8.05 -39.91 16.93
C GLU B 379 -6.69 -39.57 16.33
N ILE B 380 -6.51 -39.92 15.07
CA ILE B 380 -5.28 -39.61 14.34
C ILE B 380 -5.31 -38.14 13.94
N VAL B 381 -4.25 -37.39 14.07
CA VAL B 381 -4.21 -36.01 13.67
C VAL B 381 -2.83 -35.78 13.08
N VAL B 382 -2.77 -35.21 11.92
CA VAL B 382 -1.62 -35.21 11.04
C VAL B 382 -1.31 -33.81 10.52
N ARG B 383 -0.05 -33.61 10.17
CA ARG B 383 0.42 -32.48 9.37
C ARG B 383 1.33 -33.02 8.28
N ALA B 384 1.17 -32.51 7.06
CA ALA B 384 1.90 -33.01 5.92
C ALA B 384 1.97 -31.92 4.87
N PRO B 385 2.92 -31.99 3.94
CA PRO B 385 3.03 -30.96 2.90
C PRO B 385 1.98 -31.07 1.80
N TRP B 386 1.09 -32.05 1.85
CA TRP B 386 0.14 -32.32 0.77
C TRP B 386 -1.26 -32.54 1.31
N LEU B 387 -1.69 -31.67 2.22
CA LEU B 387 -3.04 -31.71 2.76
C LEU B 387 -3.89 -30.59 2.19
N THR B 388 -5.19 -30.82 2.14
CA THR B 388 -6.11 -29.79 1.66
C THR B 388 -6.28 -28.71 2.73
N PRO B 389 -6.10 -27.44 2.38
CA PRO B 389 -6.29 -26.38 3.40
C PRO B 389 -7.71 -26.30 3.93
N ASN B 390 -8.70 -26.64 3.10
CA ASN B 390 -10.11 -26.54 3.49
C ASN B 390 -10.94 -27.26 2.44
N TYR B 391 -12.24 -27.35 2.68
CA TYR B 391 -13.18 -27.84 1.70
C TYR B 391 -13.59 -26.71 0.76
N TYR B 392 -13.79 -27.05 -0.50
CA TYR B 392 -14.13 -26.05 -1.50
C TYR B 392 -15.53 -25.48 -1.24
N LYS B 393 -15.61 -24.15 -1.15
CA LYS B 393 -16.86 -23.43 -0.92
C LYS B 393 -17.52 -23.86 0.40
N ASP B 394 -16.70 -24.10 1.42
CA ASP B 394 -17.19 -24.44 2.74
C ASP B 394 -16.45 -23.62 3.79
N ASN B 395 -17.16 -23.28 4.86
CA ASN B 395 -16.57 -22.51 5.96
C ASN B 395 -16.52 -23.30 7.25
N LYS B 396 -17.67 -23.79 7.76
CA LYS B 396 -17.69 -24.44 9.05
C LYS B 396 -17.20 -25.88 9.00
N ASN B 397 -17.50 -26.61 7.92
CA ASN B 397 -16.89 -27.92 7.74
C ASN B 397 -15.37 -27.79 7.60
N SER B 398 -14.91 -26.73 6.93
CA SER B 398 -13.48 -26.46 6.85
C SER B 398 -12.90 -26.18 8.22
N LYS B 399 -13.62 -25.41 9.05
CA LYS B 399 -13.12 -25.12 10.39
C LYS B 399 -13.05 -26.38 11.23
N ALA B 400 -14.03 -27.28 11.10
CA ALA B 400 -13.98 -28.54 11.83
C ALA B 400 -12.90 -29.45 11.30
N LEU B 401 -12.54 -29.32 10.02
CA LEU B 401 -11.49 -30.15 9.44
C LEU B 401 -10.12 -29.82 10.02
N TRP B 402 -9.85 -28.54 10.26
CA TRP B 402 -8.55 -28.09 10.73
C TRP B 402 -8.63 -27.53 12.15
N ARG B 403 -9.40 -28.20 13.01
CA ARG B 403 -9.57 -27.76 14.39
C ARG B 403 -8.27 -27.92 15.16
N GLY B 404 -7.92 -26.89 15.94
CA GLY B 404 -6.75 -26.97 16.78
C GLY B 404 -5.43 -26.88 16.08
N GLY B 405 -5.41 -26.37 14.85
CA GLY B 405 -4.18 -26.26 14.10
C GLY B 405 -3.70 -27.55 13.48
N TYR B 406 -4.56 -28.56 13.41
CA TYR B 406 -4.21 -29.85 12.85
C TYR B 406 -5.36 -30.37 12.01
N LEU B 407 -5.03 -31.23 11.04
CA LEU B 407 -6.05 -31.84 10.21
C LEU B 407 -6.65 -33.05 10.91
N HIS B 408 -7.98 -33.03 11.06
CA HIS B 408 -8.68 -34.11 11.75
C HIS B 408 -9.05 -35.20 10.76
N THR B 409 -8.69 -36.43 11.10
CA THR B 409 -8.86 -37.57 10.20
C THR B 409 -10.20 -38.25 10.37
N GLY B 410 -10.63 -38.47 11.61
CA GLY B 410 -11.84 -39.21 11.89
C GLY B 410 -11.64 -40.68 12.17
N ASP B 411 -10.39 -41.13 12.28
CA ASP B 411 -10.08 -42.53 12.57
C ASP B 411 -9.52 -42.63 13.99
N VAL B 412 -9.97 -43.64 14.72
CA VAL B 412 -9.55 -43.89 16.10
C VAL B 412 -8.60 -45.07 16.08
N ALA B 413 -7.39 -44.83 16.59
CA ALA B 413 -6.29 -45.79 16.50
C ALA B 413 -5.37 -45.62 17.69
N HIS B 414 -4.49 -46.60 17.89
CA HIS B 414 -3.45 -46.53 18.90
C HIS B 414 -2.09 -46.72 18.22
N ILE B 415 -1.08 -46.00 18.71
CA ILE B 415 0.27 -46.07 18.19
C ILE B 415 1.15 -46.73 19.23
N ASP B 416 1.89 -47.75 18.81
CA ASP B 416 2.73 -48.49 19.74
C ASP B 416 4.11 -47.84 19.86
N ASP B 417 4.99 -48.50 20.63
CA ASP B 417 6.28 -47.90 20.97
C ASP B 417 7.17 -47.72 19.75
N GLU B 418 7.25 -48.73 18.87
CA GLU B 418 8.14 -48.62 17.73
C GLU B 418 7.54 -47.81 16.59
N GLY B 419 6.26 -47.44 16.68
CA GLY B 419 5.69 -46.53 15.71
C GLY B 419 4.59 -47.10 14.84
N PHE B 420 4.28 -48.39 15.01
CA PHE B 420 3.24 -49.01 14.20
C PHE B 420 1.86 -48.49 14.59
N ILE B 421 1.09 -48.06 13.60
CA ILE B 421 -0.27 -47.57 13.79
C ILE B 421 -1.23 -48.72 13.51
N LYS B 422 -2.28 -48.80 14.28
CA LYS B 422 -3.33 -49.76 14.05
C LYS B 422 -4.63 -49.06 14.25
N ILE B 423 -5.40 -48.91 13.19
CA ILE B 423 -6.69 -48.24 13.25
C ILE B 423 -7.72 -49.19 13.85
N THR B 424 -8.44 -48.70 14.86
CA THR B 424 -9.43 -49.52 15.55
C THR B 424 -10.86 -49.23 15.13
N ASP B 425 -11.20 -47.97 14.86
CA ASP B 425 -12.60 -47.65 14.53
C ASP B 425 -12.65 -46.26 13.90
N ARG B 426 -13.87 -45.76 13.72
CA ARG B 426 -14.12 -44.39 13.32
C ARG B 426 -14.55 -43.56 14.53
N VAL B 427 -14.43 -42.24 14.39
CA VAL B 427 -14.83 -41.35 15.49
C VAL B 427 -16.33 -41.43 15.74
N LYS B 428 -17.13 -41.40 14.67
CA LYS B 428 -18.58 -41.39 14.81
C LYS B 428 -19.16 -42.77 15.11
N ASP B 429 -18.36 -43.84 15.01
CA ASP B 429 -18.83 -45.19 15.26
C ASP B 429 -18.37 -45.72 16.62
N MET B 430 -18.04 -44.83 17.55
CA MET B 430 -17.58 -45.23 18.86
C MET B 430 -18.75 -45.50 19.78
N ILE B 431 -18.77 -46.58 20.53
CA ILE B 431 -19.86 -46.73 21.49
C ILE B 431 -19.29 -45.99 22.64
N LYS B 432 -19.77 -44.77 22.85
CA LYS B 432 -19.38 -44.03 24.03
C LYS B 432 -20.13 -44.49 25.27
N ILE B 433 -20.20 -45.79 25.48
CA ILE B 433 -20.84 -46.40 26.63
C ILE B 433 -20.21 -45.86 27.91
N SER B 434 -21.05 -45.69 28.94
CA SER B 434 -20.62 -45.11 30.21
C SER B 434 -19.84 -43.82 29.99
N GLY B 435 -18.55 -43.85 30.34
CA GLY B 435 -17.65 -42.76 30.00
C GLY B 435 -16.54 -43.26 29.09
N GLU B 436 -16.56 -44.55 28.80
CA GLU B 436 -15.55 -45.20 27.99
C GLU B 436 -15.87 -45.04 26.50
N TRP B 437 -14.87 -45.34 25.67
CA TRP B 437 -15.00 -45.29 24.22
C TRP B 437 -14.72 -46.69 23.68
N VAL B 438 -15.77 -47.41 23.33
CA VAL B 438 -15.66 -48.77 22.80
C VAL B 438 -15.79 -48.73 21.29
N SER B 439 -15.05 -49.61 20.63
CA SER B 439 -15.06 -49.70 19.17
C SER B 439 -16.06 -50.77 18.73
N SER B 440 -16.79 -50.46 17.65
CA SER B 440 -17.78 -51.39 17.13
C SER B 440 -17.18 -52.40 16.15
N LEU B 441 -15.91 -52.26 15.78
CA LEU B 441 -15.32 -53.19 14.83
C LEU B 441 -15.04 -54.54 15.47
N GLU B 442 -14.53 -54.56 16.70
CA GLU B 442 -14.22 -55.83 17.35
C GLU B 442 -15.49 -56.60 17.69
N LEU B 443 -16.58 -55.91 18.01
CA LEU B 443 -17.85 -56.60 18.22
C LEU B 443 -18.37 -57.20 16.92
N GLU B 444 -18.22 -56.48 15.81
CA GLU B 444 -18.63 -57.01 14.51
C GLU B 444 -17.82 -58.25 14.15
N ASP B 445 -16.51 -58.21 14.41
CA ASP B 445 -15.65 -59.35 14.07
C ASP B 445 -16.03 -60.59 14.88
N ILE B 446 -16.34 -60.40 16.16
CA ILE B 446 -16.72 -61.54 17.01
C ILE B 446 -18.01 -62.17 16.50
N LEU B 447 -19.00 -61.34 16.18
CA LEU B 447 -20.28 -61.86 15.70
C LEU B 447 -20.17 -62.41 14.28
N HIS B 448 -19.26 -61.87 13.47
CA HIS B 448 -19.11 -62.36 12.10
C HIS B 448 -18.55 -63.77 12.06
N GLN B 449 -17.75 -64.15 13.06
CA GLN B 449 -17.14 -65.48 13.11
C GLN B 449 -18.18 -66.60 13.24
N HIS B 450 -19.39 -66.29 13.67
CA HIS B 450 -20.42 -67.30 13.85
C HIS B 450 -20.71 -68.03 12.54
N GLN B 451 -20.97 -69.33 12.65
CA GLN B 451 -21.15 -70.17 11.47
C GLN B 451 -22.39 -69.76 10.68
N SER B 452 -23.48 -69.44 11.37
CA SER B 452 -24.75 -69.11 10.73
C SER B 452 -24.97 -67.60 10.63
N VAL B 453 -23.90 -66.84 10.41
CA VAL B 453 -23.96 -65.39 10.33
C VAL B 453 -23.31 -64.95 9.03
N SER B 454 -23.99 -64.07 8.30
CA SER B 454 -23.49 -63.55 7.02
C SER B 454 -22.81 -62.19 7.17
N GLU B 455 -23.51 -61.21 7.72
CA GLU B 455 -22.97 -59.87 7.87
C GLU B 455 -23.54 -59.23 9.14
N VAL B 456 -22.68 -58.55 9.89
CA VAL B 456 -23.04 -57.98 11.19
C VAL B 456 -22.73 -56.49 11.17
N ALA B 457 -23.70 -55.69 11.62
CA ALA B 457 -23.50 -54.26 11.82
C ALA B 457 -23.90 -53.91 13.25
N VAL B 458 -23.09 -53.09 13.91
CA VAL B 458 -23.31 -52.70 15.31
C VAL B 458 -23.62 -51.22 15.35
N ILE B 459 -24.71 -50.86 16.03
CA ILE B 459 -25.18 -49.48 16.10
C ILE B 459 -25.42 -49.11 17.55
N GLY B 460 -24.98 -47.92 17.95
CA GLY B 460 -25.17 -47.46 19.30
C GLY B 460 -26.57 -46.92 19.56
N MET B 461 -27.32 -47.68 20.37
CA MET B 461 -28.66 -47.31 20.81
C MET B 461 -28.56 -46.41 22.09
N PRO B 462 -29.06 -45.13 22.09
CA PRO B 462 -28.88 -44.25 23.25
C PRO B 462 -29.65 -44.73 24.48
N HIS B 463 -29.03 -44.54 25.64
CA HIS B 463 -29.60 -44.99 26.91
C HIS B 463 -29.69 -43.79 27.85
N ASN B 464 -30.53 -43.89 28.87
CA ASN B 464 -30.51 -42.86 29.92
C ASN B 464 -29.11 -42.90 30.59
N LYS B 465 -28.76 -44.06 31.15
CA LYS B 465 -27.46 -44.27 31.80
C LYS B 465 -26.51 -45.04 30.88
N TRP B 466 -25.36 -45.55 31.36
CA TRP B 466 -24.44 -46.25 30.46
C TRP B 466 -24.19 -45.52 29.14
N GLY B 467 -24.32 -44.18 29.13
CA GLY B 467 -24.18 -43.43 27.90
C GLY B 467 -25.09 -43.92 26.81
N GLU B 468 -24.52 -44.55 25.78
CA GLU B 468 -25.28 -45.22 24.74
C GLU B 468 -24.82 -46.66 24.64
N VAL B 469 -25.76 -47.57 24.39
CA VAL B 469 -25.48 -49.00 24.40
C VAL B 469 -25.51 -49.49 22.96
N PRO B 470 -24.81 -50.59 22.68
CA PRO B 470 -24.75 -51.08 21.29
C PRO B 470 -25.94 -51.95 20.94
N LEU B 471 -26.36 -51.86 19.68
CA LEU B 471 -27.42 -52.67 19.12
C LEU B 471 -26.90 -53.33 17.85
N ALA B 472 -27.04 -54.65 17.76
CA ALA B 472 -26.44 -55.44 16.69
C ALA B 472 -27.50 -55.82 15.67
N LEU B 473 -27.18 -55.59 14.39
CA LEU B 473 -28.00 -56.02 13.27
C LEU B 473 -27.23 -57.08 12.49
N VAL B 474 -27.86 -58.24 12.30
CA VAL B 474 -27.20 -59.40 11.70
C VAL B 474 -28.10 -59.99 10.63
N THR B 475 -27.47 -60.45 9.53
CA THR B 475 -28.15 -61.18 8.47
C THR B 475 -27.68 -62.63 8.49
N LEU B 476 -28.62 -63.56 8.37
CA LEU B 476 -28.30 -64.97 8.47
C LEU B 476 -27.98 -65.54 7.08
N LYS B 477 -27.41 -66.75 7.09
CA LYS B 477 -27.01 -67.43 5.87
C LYS B 477 -28.20 -68.21 5.32
N GLU B 478 -27.93 -69.05 4.31
CA GLU B 478 -28.99 -69.82 3.67
C GLU B 478 -29.45 -70.94 4.59
N ASP B 479 -30.77 -71.06 4.76
CA ASP B 479 -31.40 -72.11 5.57
C ASP B 479 -30.83 -72.13 7.00
N ALA B 480 -30.58 -70.94 7.54
CA ALA B 480 -30.05 -70.80 8.89
C ALA B 480 -31.03 -69.99 9.73
N GLN B 481 -31.37 -70.52 10.91
CA GLN B 481 -32.30 -69.86 11.83
C GLN B 481 -31.74 -70.03 13.24
N VAL B 482 -31.05 -68.99 13.72
CA VAL B 482 -30.46 -69.03 15.04
C VAL B 482 -31.15 -67.95 15.89
N THR B 483 -31.63 -68.32 17.08
CA THR B 483 -32.38 -67.42 17.93
C THR B 483 -31.49 -66.29 18.45
N GLU B 484 -32.13 -65.19 18.85
CA GLU B 484 -31.39 -64.03 19.36
C GLU B 484 -30.65 -64.38 20.63
N LYS B 485 -31.23 -65.22 21.48
CA LYS B 485 -30.59 -65.57 22.75
C LYS B 485 -29.26 -66.29 22.53
N GLU B 486 -29.20 -67.17 21.52
CA GLU B 486 -27.95 -67.86 21.22
C GLU B 486 -26.88 -66.88 20.78
N LEU B 487 -27.23 -65.90 19.95
CA LEU B 487 -26.26 -64.90 19.52
C LEU B 487 -25.76 -64.07 20.70
N LEU B 488 -26.67 -63.70 21.60
CA LEU B 488 -26.25 -62.98 22.81
C LEU B 488 -25.31 -63.84 23.65
N GLY B 489 -25.64 -65.11 23.83
CA GLY B 489 -24.77 -66.00 24.58
C GLY B 489 -23.46 -66.29 23.89
N PHE B 490 -23.48 -66.37 22.55
CA PHE B 490 -22.26 -66.65 21.80
C PHE B 490 -21.22 -65.56 22.02
N ALA B 491 -21.64 -64.29 22.01
CA ALA B 491 -20.73 -63.20 22.30
C ALA B 491 -20.26 -63.24 23.75
N LYS B 492 -21.11 -63.66 24.67
CA LYS B 492 -20.75 -63.75 26.08
C LYS B 492 -19.68 -64.81 26.34
N ASP B 493 -19.47 -65.72 25.39
CA ASP B 493 -18.47 -66.78 25.58
C ASP B 493 -17.06 -66.21 25.66
N PHE B 494 -16.77 -65.19 24.84
CA PHE B 494 -15.43 -64.63 24.79
C PHE B 494 -15.10 -63.89 26.08
N ILE B 495 -13.82 -63.56 26.25
CA ILE B 495 -13.31 -62.95 27.47
C ILE B 495 -12.47 -61.73 27.14
N ASN B 496 -11.83 -61.16 28.16
CA ASN B 496 -10.92 -60.02 28.03
C ASN B 496 -11.64 -58.79 27.48
N LYS B 497 -12.63 -58.34 28.24
CA LYS B 497 -13.32 -57.08 27.96
C LYS B 497 -13.57 -56.36 29.27
N GLY B 498 -13.48 -55.03 29.23
CA GLY B 498 -13.58 -54.20 30.41
C GLY B 498 -15.00 -53.75 30.69
N ILE B 499 -15.10 -52.72 31.54
CA ILE B 499 -16.36 -52.10 31.94
C ILE B 499 -17.24 -53.17 32.60
N LEU B 500 -18.56 -52.95 32.62
CA LEU B 500 -19.47 -53.88 33.27
C LEU B 500 -19.32 -55.29 32.72
N ALA B 501 -18.86 -56.20 33.58
CA ALA B 501 -18.57 -57.58 33.20
C ALA B 501 -17.63 -57.61 31.99
N ARG B 502 -18.19 -57.78 30.80
CA ARG B 502 -17.42 -57.73 29.57
C ARG B 502 -18.12 -56.98 28.45
N GLU B 503 -18.92 -55.96 28.75
CA GLU B 503 -19.77 -55.28 27.79
C GLU B 503 -20.69 -56.30 27.13
N ALA B 504 -21.17 -57.26 27.90
CA ALA B 504 -22.23 -58.17 27.46
C ALA B 504 -23.33 -58.15 28.50
N LEU B 505 -24.17 -57.12 28.45
CA LEU B 505 -25.44 -57.10 29.13
C LEU B 505 -26.54 -56.45 28.30
N LEU B 506 -26.18 -55.67 27.27
CA LEU B 506 -27.14 -54.94 26.46
C LEU B 506 -26.77 -55.01 24.98
N LEU B 507 -26.30 -56.17 24.53
CA LEU B 507 -25.89 -56.31 23.13
C LEU B 507 -27.03 -56.03 22.17
N LYS B 508 -28.24 -56.49 22.51
CA LYS B 508 -29.46 -56.18 21.77
C LYS B 508 -29.34 -56.56 20.29
N VAL B 509 -28.97 -57.81 20.07
CA VAL B 509 -28.85 -58.33 18.71
C VAL B 509 -30.25 -58.48 18.12
N LYS B 510 -30.39 -58.13 16.85
CA LYS B 510 -31.67 -58.20 16.16
C LYS B 510 -31.48 -58.78 14.78
N ILE B 511 -32.48 -59.47 14.26
CA ILE B 511 -32.36 -59.93 12.90
C ILE B 511 -33.00 -58.93 11.97
N VAL B 512 -32.22 -58.50 10.99
CA VAL B 512 -32.73 -57.91 9.76
C VAL B 512 -32.55 -58.90 8.59
N ASP B 513 -33.44 -58.84 7.60
CA ASP B 513 -33.29 -59.54 6.32
C ASP B 513 -32.18 -58.92 5.48
N GLU B 514 -32.08 -57.59 5.47
CA GLU B 514 -31.06 -56.90 4.70
C GLU B 514 -30.52 -55.74 5.53
N ILE B 515 -29.31 -55.31 5.18
CA ILE B 515 -28.65 -54.18 5.81
C ILE B 515 -28.34 -53.15 4.73
N ALA B 516 -28.71 -51.89 4.99
CA ALA B 516 -28.54 -50.84 4.00
C ALA B 516 -27.06 -50.56 3.74
N LYS B 517 -26.73 -50.32 2.47
CA LYS B 517 -25.39 -49.98 2.06
C LYS B 517 -25.41 -48.72 1.20
N THR B 518 -24.29 -48.01 1.17
CA THR B 518 -24.15 -46.82 0.36
C THR B 518 -23.95 -47.22 -1.10
N SER B 519 -23.84 -46.22 -1.98
CA SER B 519 -23.67 -46.49 -3.41
C SER B 519 -22.35 -47.20 -3.71
N VAL B 520 -21.37 -47.13 -2.82
CA VAL B 520 -20.10 -47.82 -3.04
C VAL B 520 -20.18 -49.29 -2.62
N GLY B 521 -20.94 -49.60 -1.58
CA GLY B 521 -21.03 -50.96 -1.08
C GLY B 521 -20.57 -51.06 0.36
N LYS B 522 -20.53 -49.93 1.04
CA LYS B 522 -20.16 -49.85 2.45
C LYS B 522 -21.42 -49.73 3.30
N VAL B 523 -21.39 -50.35 4.48
CA VAL B 523 -22.55 -50.33 5.37
C VAL B 523 -22.85 -48.89 5.76
N ASP B 524 -24.07 -48.44 5.48
CA ASP B 524 -24.49 -47.08 5.79
C ASP B 524 -25.05 -47.12 7.21
N LYS B 525 -24.19 -46.82 8.18
CA LYS B 525 -24.62 -46.86 9.57
C LYS B 525 -25.56 -45.69 9.90
N LYS B 526 -25.40 -44.57 9.21
CA LYS B 526 -26.25 -43.40 9.48
C LYS B 526 -27.71 -43.71 9.17
N GLU B 527 -27.97 -44.35 8.03
CA GLU B 527 -29.34 -44.73 7.70
C GLU B 527 -29.86 -45.80 8.64
N LEU B 528 -28.98 -46.69 9.12
CA LEU B 528 -29.40 -47.69 10.09
C LEU B 528 -29.89 -47.05 11.38
N ARG B 529 -29.32 -45.93 11.75
CA ARG B 529 -29.81 -45.29 12.93
C ARG B 529 -31.22 -44.92 12.67
N LYS B 530 -31.46 -44.12 11.64
CA LYS B 530 -32.78 -43.56 11.41
C LYS B 530 -33.85 -44.65 11.35
N LEU B 531 -33.52 -45.78 10.72
CA LEU B 531 -34.50 -46.87 10.59
C LEU B 531 -34.85 -47.48 11.93
N HIS B 532 -33.86 -47.68 12.80
CA HIS B 532 -34.06 -48.37 14.06
C HIS B 532 -34.24 -47.44 15.26
N LEU B 533 -33.88 -46.16 15.13
CA LEU B 533 -34.05 -45.21 16.23
C LEU B 533 -34.12 -43.78 15.72
N ASN C 6 9.83 15.34 -11.44
CA ASN C 6 10.26 16.21 -10.35
C ASN C 6 9.46 17.50 -10.31
N ASP C 7 9.06 17.91 -9.11
CA ASP C 7 8.33 19.16 -8.93
C ASP C 7 9.31 20.33 -9.02
N PRO C 8 9.13 21.25 -9.96
CA PRO C 8 10.05 22.39 -10.05
C PRO C 8 10.09 23.26 -8.81
N SER C 9 9.00 23.32 -8.05
CA SER C 9 8.99 24.08 -6.80
C SER C 9 9.69 23.35 -5.66
N ASN C 10 9.98 22.06 -5.82
CA ASN C 10 10.71 21.29 -4.81
C ASN C 10 12.19 21.32 -5.18
N TYR C 11 12.95 22.10 -4.44
CA TYR C 11 14.36 22.32 -4.75
C TYR C 11 15.21 21.18 -4.20
N GLN C 12 16.07 20.62 -5.05
CA GLN C 12 17.02 19.60 -4.64
C GLN C 12 18.41 20.21 -4.58
N LEU C 13 19.15 19.88 -3.52
CA LEU C 13 20.51 20.39 -3.31
C LEU C 13 21.48 19.46 -4.04
N LEU C 14 21.90 19.88 -5.22
CA LEU C 14 22.77 19.08 -6.08
C LEU C 14 24.10 19.79 -6.30
N ILE C 15 25.11 19.00 -6.66
CA ILE C 15 26.45 19.54 -6.87
C ILE C 15 26.49 20.46 -8.08
N LYS C 16 25.64 20.22 -9.08
CA LYS C 16 25.62 21.07 -10.27
C LYS C 16 25.22 22.50 -9.93
N ASN C 17 24.47 22.70 -8.84
CA ASN C 17 24.12 24.04 -8.41
C ASN C 17 25.33 24.77 -7.83
N LEU C 18 26.30 24.03 -7.29
CA LEU C 18 27.52 24.66 -6.80
C LEU C 18 28.34 25.24 -7.94
N LEU C 19 28.28 24.61 -9.12
CA LEU C 19 29.05 25.07 -10.27
C LEU C 19 28.30 26.10 -11.10
N PHE C 20 27.01 25.88 -11.36
CA PHE C 20 26.23 26.74 -12.23
C PHE C 20 25.49 27.84 -11.51
N SER C 21 25.42 27.79 -10.18
CA SER C 21 24.85 28.87 -9.37
C SER C 21 25.80 29.20 -8.23
N PRO C 22 26.99 29.71 -8.53
CA PRO C 22 28.00 29.97 -7.50
C PRO C 22 27.76 31.31 -6.83
N VAL C 23 28.59 31.60 -5.82
CA VAL C 23 28.58 32.91 -5.20
C VAL C 23 29.05 33.96 -6.19
N ALA C 24 30.17 33.69 -6.87
CA ALA C 24 30.69 34.57 -7.91
C ALA C 24 31.20 33.72 -9.06
N PHE C 25 31.10 34.27 -10.27
CA PHE C 25 31.56 33.58 -11.47
C PHE C 25 32.24 34.59 -12.38
N ASN C 26 33.56 34.48 -12.48
CA ASN C 26 34.34 35.28 -13.43
C ASN C 26 34.76 34.40 -14.59
N PRO C 27 34.22 34.62 -15.80
CA PRO C 27 34.58 33.74 -16.93
C PRO C 27 36.05 33.78 -17.30
N GLU C 28 36.76 34.86 -16.96
CA GLU C 28 38.17 35.00 -17.31
C GLU C 28 39.09 34.62 -16.16
N GLN C 29 38.56 34.14 -15.05
CA GLN C 29 39.41 33.68 -13.95
C GLN C 29 40.10 32.38 -14.35
N GLU C 30 41.33 32.21 -13.86
CA GLU C 30 42.21 31.18 -14.36
C GLU C 30 42.22 29.94 -13.46
N ILE C 31 42.37 28.79 -14.11
CA ILE C 31 42.71 27.52 -13.47
C ILE C 31 44.06 27.11 -14.02
N VAL C 32 45.02 26.89 -13.13
CA VAL C 32 46.42 26.69 -13.49
C VAL C 32 46.88 25.34 -12.95
N TYR C 33 47.34 24.48 -13.85
CA TYR C 33 48.06 23.27 -13.50
C TYR C 33 49.55 23.53 -13.69
N ALA C 34 50.33 23.28 -12.64
CA ALA C 34 51.67 23.85 -12.46
C ALA C 34 52.59 23.68 -13.65
N ASN C 35 52.93 24.79 -14.31
CA ASN C 35 53.86 24.84 -15.43
C ASN C 35 53.46 23.90 -16.55
N HIS C 36 52.23 23.42 -16.55
CA HIS C 36 51.74 22.51 -17.58
C HIS C 36 50.56 23.07 -18.37
N ARG C 37 49.61 23.72 -17.70
CA ARG C 37 48.38 24.11 -18.38
C ARG C 37 47.76 25.32 -17.69
N ARG C 38 47.13 26.18 -18.47
CA ARG C 38 46.33 27.28 -17.95
C ARG C 38 45.07 27.40 -18.80
N HIS C 39 43.92 27.54 -18.15
CA HIS C 39 42.70 27.84 -18.89
C HIS C 39 41.81 28.73 -18.02
N SER C 40 40.61 29.00 -18.50
CA SER C 40 39.67 29.88 -17.81
C SER C 40 38.49 29.08 -17.28
N TYR C 41 37.63 29.78 -16.51
CA TYR C 41 36.46 29.12 -15.94
C TYR C 41 35.45 28.73 -17.02
N LYS C 42 35.35 29.52 -18.09
CA LYS C 42 34.51 29.12 -19.22
C LYS C 42 35.04 27.85 -19.87
N THR C 43 36.36 27.78 -20.06
CA THR C 43 36.96 26.57 -20.58
C THR C 43 36.77 25.40 -19.63
N PHE C 44 36.83 25.67 -18.32
CA PHE C 44 36.61 24.62 -17.33
C PHE C 44 35.19 24.06 -17.43
N HIS C 45 34.20 24.95 -17.57
CA HIS C 45 32.81 24.50 -17.74
C HIS C 45 32.65 23.69 -19.03
N ASP C 46 33.25 24.17 -20.12
CA ASP C 46 33.19 23.44 -21.39
C ASP C 46 33.81 22.06 -21.25
N ARG C 47 34.94 21.97 -20.55
CA ARG C 47 35.60 20.68 -20.36
C ARG C 47 34.78 19.75 -19.47
N VAL C 48 34.09 20.32 -18.48
CA VAL C 48 33.21 19.49 -17.65
C VAL C 48 32.08 18.91 -18.49
N ARG C 49 31.48 19.72 -19.36
CA ARG C 49 30.44 19.20 -20.24
C ARG C 49 30.99 18.17 -21.22
N GLN C 50 32.19 18.41 -21.74
CA GLN C 50 32.82 17.44 -22.63
C GLN C 50 33.08 16.12 -21.94
N PHE C 51 33.55 16.17 -20.68
CA PHE C 51 33.79 14.94 -19.94
C PHE C 51 32.48 14.23 -19.61
N ALA C 52 31.41 14.98 -19.36
CA ALA C 52 30.10 14.37 -19.19
C ALA C 52 29.69 13.62 -20.46
N ASN C 53 29.89 14.24 -21.62
CA ASN C 53 29.58 13.57 -22.88
C ASN C 53 30.44 12.31 -23.07
N ALA C 54 31.73 12.40 -22.75
CA ALA C 54 32.62 11.26 -22.92
C ALA C 54 32.23 10.11 -22.00
N LEU C 55 31.87 10.42 -20.76
CA LEU C 55 31.42 9.38 -19.84
C LEU C 55 30.11 8.76 -20.29
N THR C 56 29.21 9.58 -20.85
CA THR C 56 27.97 9.04 -21.39
C THR C 56 28.24 8.09 -22.55
N LYS C 57 29.21 8.43 -23.41
CA LYS C 57 29.57 7.56 -24.52
C LYS C 57 30.12 6.23 -24.03
N MET C 58 30.83 6.21 -22.90
CA MET C 58 31.41 5.00 -22.36
C MET C 58 30.38 4.06 -21.75
N GLY C 59 29.10 4.41 -21.76
CA GLY C 59 28.09 3.59 -21.15
C GLY C 59 27.92 3.78 -19.66
N VAL C 60 28.49 4.83 -19.09
CA VAL C 60 28.36 5.10 -17.66
C VAL C 60 26.95 5.62 -17.40
N LYS C 61 26.29 5.02 -16.41
CA LYS C 61 24.91 5.34 -16.07
C LYS C 61 24.85 5.91 -14.64
N LYS C 62 23.63 6.11 -14.14
CA LYS C 62 23.45 6.76 -12.85
C LYS C 62 24.03 5.93 -11.71
N GLY C 63 23.85 4.63 -11.74
CA GLY C 63 24.32 3.79 -10.66
C GLY C 63 25.76 3.33 -10.75
N ASP C 64 26.50 3.78 -11.76
CA ASP C 64 27.86 3.30 -11.98
C ASP C 64 28.85 3.96 -11.04
N THR C 65 30.06 3.42 -11.02
CA THR C 65 31.15 3.92 -10.18
C THR C 65 32.38 4.13 -11.04
N VAL C 66 33.01 5.30 -10.91
CA VAL C 66 34.23 5.64 -11.64
C VAL C 66 35.33 5.89 -10.62
N ALA C 67 36.45 5.19 -10.77
CA ALA C 67 37.57 5.29 -9.84
C ALA C 67 38.68 6.14 -10.44
N VAL C 68 39.30 6.97 -9.60
CA VAL C 68 40.30 7.93 -10.04
C VAL C 68 41.61 7.69 -9.28
N MET C 69 42.73 7.77 -10.00
CA MET C 69 44.08 7.61 -9.42
C MET C 69 45.03 8.59 -10.13
N ASP C 70 45.25 9.76 -9.52
CA ASP C 70 46.26 10.69 -10.01
C ASP C 70 46.59 11.69 -8.90
N TYR C 71 47.43 12.66 -9.23
CA TYR C 71 47.81 13.72 -8.30
C TYR C 71 46.80 14.86 -8.39
N ASP C 72 47.21 16.01 -7.89
CA ASP C 72 46.32 17.20 -7.85
C ASP C 72 46.47 17.98 -9.14
N SER C 73 45.40 18.01 -9.94
CA SER C 73 45.47 18.65 -11.25
C SER C 73 44.08 19.14 -11.62
N HIS C 74 43.99 19.80 -12.77
CA HIS C 74 42.68 20.19 -13.30
C HIS C 74 41.82 18.96 -13.59
N ARG C 75 42.44 17.82 -13.91
CA ARG C 75 41.69 16.62 -14.19
C ARG C 75 40.92 16.14 -12.96
N TYR C 76 41.56 16.18 -11.80
CA TYR C 76 40.88 15.78 -10.56
C TYR C 76 39.74 16.74 -10.24
N LEU C 77 39.95 18.04 -10.46
CA LEU C 77 38.89 19.01 -10.23
C LEU C 77 37.71 18.76 -11.17
N GLU C 78 37.99 18.41 -12.43
CA GLU C 78 36.93 18.10 -13.37
C GLU C 78 36.19 16.82 -13.00
N CYS C 79 36.92 15.84 -12.46
CA CYS C 79 36.27 14.61 -11.99
C CYS C 79 35.43 14.85 -10.74
N TYR C 80 35.81 15.84 -9.93
CA TYR C 80 35.02 16.18 -8.75
C TYR C 80 33.61 16.65 -9.11
N PHE C 81 33.39 17.06 -10.35
CA PHE C 81 32.11 17.61 -10.78
C PHE C 81 31.41 16.76 -11.82
N ALA C 82 32.11 16.36 -12.89
CA ALA C 82 31.44 15.69 -14.00
C ALA C 82 30.84 14.36 -13.59
N ILE C 83 31.58 13.56 -12.84
CA ILE C 83 31.12 12.23 -12.43
C ILE C 83 29.91 12.33 -11.51
N PRO C 84 29.93 13.14 -10.44
CA PRO C 84 28.72 13.25 -9.61
C PRO C 84 27.52 13.84 -10.34
N MET C 85 27.73 14.79 -11.26
CA MET C 85 26.62 15.42 -11.94
C MET C 85 25.84 14.44 -12.81
N ILE C 86 26.56 13.50 -13.42
CA ILE C 86 25.92 12.48 -14.25
C ILE C 86 25.17 11.50 -13.36
N GLY C 87 25.48 11.51 -12.06
CA GLY C 87 24.79 10.63 -11.13
C GLY C 87 25.67 9.53 -10.60
N ALA C 88 26.73 9.17 -11.30
CA ALA C 88 27.59 8.07 -10.90
C ALA C 88 28.37 8.42 -9.64
N LYS C 89 28.94 7.39 -9.03
CA LYS C 89 29.73 7.56 -7.82
C LYS C 89 31.20 7.76 -8.16
N LEU C 90 31.86 8.63 -7.41
CA LEU C 90 33.27 8.93 -7.58
C LEU C 90 34.06 8.23 -6.49
N HIS C 91 34.96 7.33 -6.90
CA HIS C 91 35.77 6.55 -5.96
C HIS C 91 37.20 7.09 -6.00
N MET C 92 37.60 7.76 -4.91
CA MET C 92 38.95 8.25 -4.77
C MET C 92 39.81 7.17 -4.14
N ILE C 93 40.81 6.70 -4.88
CA ILE C 93 41.66 5.61 -4.42
C ILE C 93 42.88 6.21 -3.73
N ASN C 94 43.17 5.73 -2.53
CA ASN C 94 44.36 6.14 -1.79
C ASN C 94 45.56 5.43 -2.42
N VAL C 95 46.38 6.20 -3.13
CA VAL C 95 47.52 5.63 -3.86
C VAL C 95 48.67 5.37 -2.91
N ARG C 96 48.52 5.78 -1.66
CA ARG C 96 49.53 5.55 -0.63
C ARG C 96 49.34 4.22 0.09
N LEU C 97 48.27 3.49 -0.20
CA LEU C 97 48.06 2.18 0.38
C LEU C 97 48.90 1.13 -0.34
N SER C 98 48.98 -0.05 0.27
CA SER C 98 49.64 -1.17 -0.37
C SER C 98 48.80 -1.66 -1.54
N PRO C 99 49.42 -2.30 -2.54
CA PRO C 99 48.64 -2.80 -3.69
C PRO C 99 47.54 -3.77 -3.31
N GLU C 100 47.74 -4.58 -2.26
CA GLU C 100 46.70 -5.51 -1.84
C GLU C 100 45.49 -4.77 -1.29
N GLN C 101 45.71 -3.73 -0.48
CA GLN C 101 44.60 -2.94 0.02
C GLN C 101 43.90 -2.19 -1.10
N ILE C 102 44.65 -1.69 -2.08
CA ILE C 102 44.04 -1.03 -3.23
C ILE C 102 43.18 -2.00 -4.00
N LEU C 103 43.67 -3.23 -4.20
CA LEU C 103 42.89 -4.26 -4.87
C LEU C 103 41.61 -4.57 -4.09
N TYR C 104 41.72 -4.66 -2.76
CA TYR C 104 40.54 -4.92 -1.94
C TYR C 104 39.51 -3.81 -2.10
N THR C 105 39.97 -2.55 -2.08
CA THR C 105 39.04 -1.42 -2.21
C THR C 105 38.39 -1.40 -3.58
N ILE C 106 39.16 -1.69 -4.63
CA ILE C 106 38.58 -1.71 -5.98
C ILE C 106 37.55 -2.82 -6.10
N ASP C 107 37.84 -4.01 -5.58
CA ASP C 107 36.89 -5.10 -5.63
C ASP C 107 35.64 -4.80 -4.81
N HIS C 108 35.82 -4.18 -3.63
CA HIS C 108 34.69 -3.87 -2.78
C HIS C 108 33.78 -2.81 -3.41
N ALA C 109 34.37 -1.79 -4.02
CA ALA C 109 33.58 -0.72 -4.62
C ALA C 109 32.96 -1.13 -5.95
N GLU C 110 33.51 -2.15 -6.62
CA GLU C 110 33.04 -2.61 -7.92
C GLU C 110 33.08 -1.47 -8.95
N ASP C 111 34.29 -0.96 -9.19
CA ASP C 111 34.49 0.11 -10.14
C ASP C 111 34.29 -0.39 -11.57
N ASP C 112 33.80 0.50 -12.43
CA ASP C 112 33.60 0.20 -13.84
C ASP C 112 34.66 0.83 -14.73
N ILE C 113 34.95 2.11 -14.52
CA ILE C 113 35.99 2.82 -15.25
C ILE C 113 37.05 3.25 -14.24
N ILE C 114 38.32 3.12 -14.63
CA ILE C 114 39.45 3.51 -13.78
C ILE C 114 40.26 4.53 -14.54
N LEU C 115 40.43 5.71 -13.94
CA LEU C 115 41.28 6.76 -14.48
C LEU C 115 42.56 6.78 -13.65
N ILE C 116 43.66 6.35 -14.25
CA ILE C 116 44.91 6.13 -13.53
C ILE C 116 46.03 6.92 -14.21
N HIS C 117 46.85 7.58 -13.41
CA HIS C 117 48.01 8.29 -13.93
C HIS C 117 49.07 7.29 -14.39
N GLU C 118 49.94 7.76 -15.28
CA GLU C 118 51.00 6.91 -15.81
C GLU C 118 51.94 6.43 -14.71
N GLU C 119 52.31 7.32 -13.79
CA GLU C 119 53.26 6.97 -12.74
C GLU C 119 52.74 5.91 -11.79
N PHE C 120 51.43 5.68 -11.75
CA PHE C 120 50.83 4.64 -10.94
C PHE C 120 50.62 3.34 -11.70
N LEU C 121 51.08 3.27 -12.95
CA LEU C 121 50.95 2.04 -13.72
C LEU C 121 51.64 0.83 -13.11
N PRO C 122 52.87 0.92 -12.57
CA PRO C 122 53.48 -0.29 -11.99
C PRO C 122 52.67 -0.91 -10.87
N ILE C 123 52.01 -0.11 -10.04
CA ILE C 123 51.14 -0.67 -9.00
C ILE C 123 50.04 -1.51 -9.63
N LEU C 124 49.38 -0.96 -10.66
CA LEU C 124 48.37 -1.72 -11.38
C LEU C 124 48.95 -2.98 -12.02
N ASP C 125 50.26 -2.98 -12.28
CA ASP C 125 50.89 -4.17 -12.84
C ASP C 125 50.91 -5.33 -11.85
N GLN C 126 50.85 -5.05 -10.55
CA GLN C 126 50.77 -6.09 -9.55
C GLN C 126 49.34 -6.50 -9.21
N ILE C 127 48.36 -5.79 -9.75
CA ILE C 127 46.97 -5.95 -9.31
C ILE C 127 46.00 -6.21 -10.46
N LYS C 128 46.34 -5.83 -11.71
CA LYS C 128 45.38 -5.92 -12.81
C LYS C 128 44.90 -7.34 -13.05
N GLY C 129 45.74 -8.33 -12.76
CA GLY C 129 45.37 -9.72 -12.97
C GLY C 129 44.21 -10.20 -12.12
N ARG C 130 44.07 -9.66 -10.91
CA ARG C 130 43.01 -10.08 -9.99
C ARG C 130 41.82 -9.12 -10.00
N ILE C 131 41.80 -8.18 -10.93
CA ILE C 131 40.74 -7.16 -10.99
C ILE C 131 39.63 -7.65 -11.91
N ASP C 132 38.41 -7.65 -11.38
CA ASP C 132 37.21 -7.89 -12.17
C ASP C 132 36.37 -6.62 -12.21
N THR C 133 35.27 -6.67 -12.96
CA THR C 133 34.25 -5.63 -13.06
C THR C 133 34.73 -4.34 -13.72
N VAL C 134 36.00 -4.24 -14.10
CA VAL C 134 36.55 -3.03 -14.71
C VAL C 134 36.61 -3.26 -16.21
N THR C 135 35.94 -2.40 -16.98
CA THR C 135 35.85 -2.56 -18.42
C THR C 135 36.75 -1.61 -19.21
N ARG C 136 37.28 -0.57 -18.59
CA ARG C 136 38.09 0.40 -19.31
C ARG C 136 39.12 1.01 -18.38
N TYR C 137 40.34 1.17 -18.89
CA TYR C 137 41.42 1.87 -18.19
C TYR C 137 41.81 3.10 -19.01
N VAL C 138 41.79 4.26 -18.36
CA VAL C 138 42.17 5.53 -18.99
C VAL C 138 43.47 5.98 -18.33
N VAL C 139 44.52 6.12 -19.14
CA VAL C 139 45.84 6.48 -18.64
C VAL C 139 46.01 7.99 -18.77
N LEU C 140 46.24 8.66 -17.64
CA LEU C 140 46.41 10.11 -17.62
C LEU C 140 47.88 10.46 -17.71
N ARG C 141 48.21 11.42 -18.58
CA ARG C 141 49.58 11.86 -18.77
C ARG C 141 49.62 13.38 -18.77
N ASP C 142 50.81 13.92 -18.49
CA ASP C 142 51.02 15.36 -18.52
C ASP C 142 51.44 15.87 -19.90
N ASP C 143 51.72 14.97 -20.84
CA ASP C 143 52.09 15.34 -22.19
C ASP C 143 50.84 15.36 -23.08
N GLU C 144 51.05 15.45 -24.34
CA GLU C 144 49.99 15.50 -25.32
C GLU C 144 49.30 14.23 -25.57
N GLU C 145 49.93 13.12 -25.21
CA GLU C 145 49.43 11.77 -25.48
C GLU C 145 48.49 11.26 -24.38
N CYS C 146 47.92 12.16 -23.59
CA CYS C 146 46.99 11.75 -22.54
C CYS C 146 45.70 11.22 -23.17
N GLU C 147 45.24 10.07 -22.68
CA GLU C 147 43.99 9.51 -23.17
C GLU C 147 42.80 10.34 -22.73
N TYR C 148 42.86 10.95 -21.55
CA TYR C 148 41.78 11.80 -21.07
C TYR C 148 41.58 13.01 -21.99
N GLU C 149 42.68 13.65 -22.39
CA GLU C 149 42.57 14.81 -23.28
C GLU C 149 42.03 14.41 -24.65
N ARG C 150 42.48 13.27 -25.18
CA ARG C 150 41.99 12.83 -26.48
C ARG C 150 40.51 12.46 -26.41
N LEU C 151 40.07 11.84 -25.31
CA LEU C 151 38.65 11.56 -25.14
C LEU C 151 37.84 12.85 -25.04
N LEU C 152 38.38 13.87 -24.37
CA LEU C 152 37.70 15.16 -24.32
C LEU C 152 37.59 15.79 -25.69
N GLU C 153 38.63 15.65 -26.52
CA GLU C 153 38.68 16.36 -27.78
C GLU C 153 37.58 15.94 -28.74
N GLN C 154 37.07 14.71 -28.61
CA GLN C 154 36.08 14.18 -29.54
C GLN C 154 34.64 14.47 -29.12
N GLU C 155 34.44 15.21 -28.04
CA GLU C 155 33.10 15.46 -27.52
C GLU C 155 32.75 16.94 -27.62
N SER C 156 31.45 17.20 -27.66
CA SER C 156 30.93 18.57 -27.74
C SER C 156 30.85 19.18 -26.35
N THR C 157 30.84 20.52 -26.32
CA THR C 157 30.79 21.27 -25.08
C THR C 157 29.37 21.63 -24.65
N GLU C 158 28.38 20.86 -25.09
CA GLU C 158 26.98 21.08 -24.72
C GLU C 158 26.44 19.82 -24.05
N TYR C 159 25.83 19.99 -22.88
CA TYR C 159 25.26 18.88 -22.14
C TYR C 159 24.18 19.39 -21.20
N ASN C 160 23.08 18.65 -21.10
CA ASN C 160 21.98 18.98 -20.20
C ASN C 160 22.04 18.01 -19.02
N PHE C 161 22.44 18.50 -17.87
CA PHE C 161 22.61 17.72 -16.69
C PHE C 161 21.38 17.32 -16.00
N PRO C 162 21.26 16.06 -15.68
CA PRO C 162 20.07 15.55 -15.00
C PRO C 162 19.58 16.09 -13.65
N ASP C 163 18.36 15.87 -13.24
CA ASP C 163 17.90 16.17 -11.91
C ASP C 163 17.56 14.90 -11.24
N PHE C 164 18.09 14.72 -10.05
CA PHE C 164 17.76 13.56 -9.32
C PHE C 164 17.60 13.93 -7.89
N ASP C 165 17.25 12.95 -7.11
CA ASP C 165 17.12 13.14 -5.68
C ASP C 165 18.44 13.64 -5.08
N GLU C 166 18.33 14.52 -4.08
CA GLU C 166 19.52 15.05 -3.43
C GLU C 166 20.20 14.04 -2.51
N ASN C 167 19.58 12.88 -2.27
CA ASN C 167 20.13 11.86 -1.40
C ASN C 167 20.87 10.77 -2.18
N THR C 168 21.23 11.03 -3.43
CA THR C 168 22.00 10.08 -4.22
C THR C 168 23.47 10.18 -3.87
N VAL C 169 24.12 9.02 -3.73
CA VAL C 169 25.52 8.96 -3.34
C VAL C 169 26.39 9.56 -4.44
N ALA C 170 27.43 10.28 -4.04
CA ALA C 170 28.34 10.95 -4.97
C ALA C 170 29.79 10.51 -4.85
N THR C 171 30.30 10.28 -3.63
CA THR C 171 31.72 10.01 -3.45
C THR C 171 31.93 8.93 -2.40
N THR C 172 32.96 8.11 -2.62
CA THR C 172 33.45 7.12 -1.66
C THR C 172 34.97 7.12 -1.72
N PHE C 173 35.63 6.97 -0.55
CA PHE C 173 37.08 6.97 -0.56
C PHE C 173 37.76 5.98 0.40
N TYR C 174 37.02 5.14 1.12
CA TYR C 174 37.58 3.96 1.77
C TYR C 174 38.71 4.29 2.75
N THR C 175 38.33 4.96 3.83
CA THR C 175 39.28 5.19 4.92
C THR C 175 39.77 3.87 5.50
N THR C 176 40.95 3.92 6.12
CA THR C 176 41.60 2.74 6.69
C THR C 176 42.07 3.04 8.12
N GLY C 177 41.24 2.67 9.09
CA GLY C 177 41.59 2.83 10.49
C GLY C 177 42.20 1.57 11.09
N THR C 178 41.61 1.06 12.16
CA THR C 178 42.02 -0.19 12.79
C THR C 178 40.83 -1.14 12.73
N THR C 179 40.71 -1.84 11.61
CA THR C 179 39.60 -2.78 11.41
C THR C 179 40.09 -4.10 10.83
N GLY C 180 41.26 -4.08 10.22
CA GLY C 180 41.77 -5.26 9.53
C GLY C 180 41.58 -5.15 8.03
N PHE C 181 40.50 -4.49 7.64
CA PHE C 181 40.21 -4.16 6.24
C PHE C 181 39.73 -2.72 6.16
N PRO C 182 39.98 -2.06 5.04
CA PRO C 182 39.50 -0.67 4.90
C PRO C 182 37.98 -0.59 4.93
N LYS C 183 37.48 0.54 5.43
CA LYS C 183 36.06 0.75 5.61
C LYS C 183 35.54 1.76 4.59
N GLY C 184 34.41 1.45 3.98
CA GLY C 184 33.84 2.31 2.96
C GLY C 184 33.02 3.43 3.56
N VAL C 185 33.29 4.67 3.23
CA VAL C 185 32.53 5.85 3.67
C VAL C 185 31.95 6.55 2.45
N PHE C 186 30.84 7.19 2.58
CA PHE C 186 30.10 7.72 1.46
C PHE C 186 29.29 8.92 1.79
N PHE C 187 29.12 9.78 0.84
CA PHE C 187 28.39 11.02 1.05
C PHE C 187 27.45 11.26 -0.13
N THR C 188 26.43 12.08 0.10
CA THR C 188 25.46 12.42 -0.94
C THR C 188 25.68 13.84 -1.44
N HIS C 189 24.91 14.23 -2.45
CA HIS C 189 24.97 15.59 -2.97
C HIS C 189 24.57 16.60 -1.91
N ARG C 190 23.49 16.31 -1.19
CA ARG C 190 23.00 17.21 -0.16
C ARG C 190 24.04 17.46 0.90
N GLN C 191 24.73 16.40 1.34
CA GLN C 191 25.74 16.54 2.38
C GLN C 191 26.90 17.41 1.93
N LEU C 192 27.37 17.21 0.70
CA LEU C 192 28.49 18.02 0.20
C LEU C 192 28.08 19.48 0.04
N VAL C 193 26.88 19.74 -0.49
CA VAL C 193 26.42 21.12 -0.66
C VAL C 193 26.28 21.79 0.70
N LEU C 194 25.70 21.09 1.68
CA LEU C 194 25.56 21.66 3.01
C LEU C 194 26.93 21.89 3.65
N HIS C 195 27.86 20.97 3.41
CA HIS C 195 29.22 21.12 3.95
C HIS C 195 29.87 22.39 3.45
N THR C 196 29.89 22.58 2.12
CA THR C 196 30.55 23.77 1.59
C THR C 196 29.82 25.04 2.01
N MET C 197 28.47 25.03 1.97
CA MET C 197 27.72 26.23 2.34
C MET C 197 27.96 26.61 3.81
N GLY C 198 27.80 25.64 4.72
CA GLY C 198 27.93 25.91 6.13
C GLY C 198 29.34 26.10 6.62
N ILE C 199 30.36 25.77 5.81
CA ILE C 199 31.72 26.08 6.23
C ILE C 199 32.16 27.41 5.62
N LEU C 200 31.65 27.73 4.43
CA LEU C 200 31.85 29.09 3.92
C LEU C 200 31.16 30.12 4.81
N SER C 201 30.02 29.76 5.40
CA SER C 201 29.30 30.69 6.26
C SER C 201 29.96 30.92 7.61
N THR C 202 30.94 30.20 8.05
CA THR C 202 31.75 30.26 9.23
C THR C 202 33.09 30.71 9.07
N ILE C 203 33.75 30.24 8.12
CA ILE C 203 35.12 30.69 7.92
C ILE C 203 35.16 32.03 7.19
N GLY C 204 34.22 32.28 6.28
CA GLY C 204 34.20 33.54 5.55
C GLY C 204 33.74 34.72 6.36
N THR C 205 33.00 34.50 7.45
CA THR C 205 32.44 35.58 8.24
C THR C 205 33.36 36.03 9.37
N ASN C 206 34.59 35.50 9.44
CA ASN C 206 35.54 35.95 10.44
C ASN C 206 35.92 37.41 10.17
N ALA C 207 36.26 38.12 11.24
CA ALA C 207 36.50 39.56 11.14
C ALA C 207 37.72 39.87 10.30
N SER C 208 38.90 39.42 10.75
CA SER C 208 40.13 39.74 10.06
C SER C 208 41.14 38.61 9.93
N GLN C 209 40.98 37.52 10.68
CA GLN C 209 41.98 36.45 10.72
C GLN C 209 41.40 35.15 10.20
N GLY C 210 42.19 34.45 9.40
CA GLY C 210 41.85 33.09 8.97
C GLY C 210 40.56 32.99 8.18
N ARG C 211 40.31 33.93 7.27
CA ARG C 211 39.12 33.92 6.45
C ARG C 211 39.48 33.69 4.99
N LEU C 212 38.63 32.94 4.29
CA LEU C 212 38.76 32.74 2.85
C LEU C 212 37.66 33.52 2.17
N HIS C 213 38.04 34.44 1.28
CA HIS C 213 37.09 35.32 0.61
C HIS C 213 37.29 35.21 -0.91
N GLN C 214 36.59 36.08 -1.64
CA GLN C 214 36.56 36.02 -3.09
C GLN C 214 37.82 36.56 -3.74
N GLY C 215 38.73 37.17 -2.98
CA GLY C 215 39.97 37.69 -3.51
C GLY C 215 41.20 36.85 -3.25
N ASP C 216 41.04 35.61 -2.78
CA ASP C 216 42.17 34.77 -2.44
C ASP C 216 42.67 34.03 -3.69
N ILE C 217 43.69 33.19 -3.49
CA ILE C 217 44.19 32.30 -4.52
C ILE C 217 44.45 30.95 -3.86
N TYR C 218 43.70 29.93 -4.27
CA TYR C 218 43.68 28.64 -3.61
C TYR C 218 44.75 27.72 -4.20
N MET C 219 45.33 26.89 -3.32
CA MET C 219 46.35 25.92 -3.70
C MET C 219 46.35 24.75 -2.72
N PRO C 220 45.85 23.58 -3.11
CA PRO C 220 45.87 22.44 -2.19
C PRO C 220 47.27 21.87 -2.02
N ILE C 221 47.60 21.50 -0.78
CA ILE C 221 48.83 20.77 -0.49
C ILE C 221 48.45 19.48 0.24
N THR C 222 47.24 19.00 -0.02
CA THR C 222 46.73 17.75 0.51
C THR C 222 46.51 16.76 -0.63
N PRO C 223 46.51 15.46 -0.35
CA PRO C 223 46.45 14.46 -1.44
C PRO C 223 45.22 14.57 -2.33
N MET C 224 44.15 15.24 -1.89
CA MET C 224 42.96 15.53 -2.70
C MET C 224 42.11 14.27 -2.91
N PHE C 225 42.62 13.11 -2.49
CA PHE C 225 41.81 11.91 -2.47
C PHE C 225 41.45 11.46 -1.06
N HIS C 226 42.06 12.04 -0.03
CA HIS C 226 41.78 11.65 1.34
C HIS C 226 40.33 11.93 1.74
N VAL C 227 39.98 13.21 1.85
CA VAL C 227 38.70 13.61 2.43
C VAL C 227 38.00 14.66 1.57
N HIS C 228 38.18 14.57 0.25
CA HIS C 228 37.76 15.59 -0.72
C HIS C 228 38.65 16.82 -0.64
N ALA C 229 39.92 16.64 -0.28
CA ALA C 229 40.86 17.75 -0.04
C ALA C 229 40.27 18.74 0.96
N TRP C 230 39.67 18.18 2.02
CA TRP C 230 39.01 18.93 3.09
C TRP C 230 37.82 19.74 2.57
N GLY C 231 37.28 19.36 1.40
CA GLY C 231 36.15 20.06 0.82
C GLY C 231 36.44 21.43 0.27
N LEU C 232 37.71 21.83 0.25
CA LEU C 232 38.13 23.18 -0.13
C LEU C 232 38.07 23.45 -1.63
N PRO C 233 38.32 22.47 -2.52
CA PRO C 233 38.10 22.74 -3.95
C PRO C 233 36.68 23.16 -4.27
N TYR C 234 35.68 22.55 -3.62
CA TYR C 234 34.29 22.96 -3.83
C TYR C 234 34.06 24.40 -3.39
N MET C 235 34.61 24.76 -2.23
CA MET C 235 34.46 26.13 -1.74
C MET C 235 35.16 27.13 -2.66
N ALA C 236 36.34 26.75 -3.17
CA ALA C 236 37.09 27.66 -4.03
C ALA C 236 36.38 27.87 -5.36
N THR C 237 35.82 26.81 -5.95
CA THR C 237 35.11 26.99 -7.21
C THR C 237 33.76 27.66 -7.01
N MET C 238 33.14 27.50 -5.84
CA MET C 238 31.91 28.24 -5.57
C MET C 238 32.17 29.73 -5.45
N LEU C 239 33.34 30.12 -4.92
CA LEU C 239 33.70 31.52 -4.83
C LEU C 239 34.22 32.09 -6.14
N GLY C 240 34.39 31.25 -7.16
CA GLY C 240 34.92 31.72 -8.43
C GLY C 240 36.33 32.26 -8.31
N VAL C 241 37.13 31.70 -7.44
CA VAL C 241 38.52 32.14 -7.21
C VAL C 241 39.53 31.45 -8.11
N LYS C 242 40.71 31.98 -8.17
CA LYS C 242 41.82 31.38 -8.88
C LYS C 242 42.35 30.17 -8.12
N GLN C 243 42.61 29.09 -8.85
CA GLN C 243 43.08 27.83 -8.26
C GLN C 243 44.35 27.39 -8.95
N VAL C 244 45.34 26.97 -8.16
CA VAL C 244 46.63 26.50 -8.66
C VAL C 244 46.86 25.10 -8.11
N TYR C 245 47.21 24.17 -8.99
CA TYR C 245 47.43 22.78 -8.62
C TYR C 245 48.89 22.42 -8.88
N PRO C 246 49.66 22.00 -7.87
CA PRO C 246 51.10 21.81 -8.06
C PRO C 246 51.51 20.46 -8.63
N GLY C 247 50.72 19.42 -8.38
CA GLY C 247 51.06 18.10 -8.87
C GLY C 247 51.65 17.16 -7.83
N LYS C 248 52.97 16.97 -7.86
CA LYS C 248 53.62 15.91 -7.10
C LYS C 248 54.13 16.36 -5.73
N TYR C 249 53.89 17.61 -5.34
CA TYR C 249 54.28 18.13 -4.02
C TYR C 249 55.79 18.06 -3.81
N VAL C 250 56.52 18.82 -4.63
CA VAL C 250 57.95 19.04 -4.46
C VAL C 250 58.13 20.39 -3.78
N PRO C 251 58.88 20.47 -2.67
CA PRO C 251 58.97 21.74 -1.93
C PRO C 251 59.47 22.90 -2.78
N ASP C 252 60.45 22.68 -3.65
CA ASP C 252 60.97 23.76 -4.47
C ASP C 252 59.93 24.29 -5.44
N VAL C 253 59.24 23.39 -6.14
CA VAL C 253 58.22 23.84 -7.07
C VAL C 253 57.03 24.43 -6.32
N LEU C 254 56.74 23.94 -5.11
CA LEU C 254 55.68 24.53 -4.30
C LEU C 254 56.02 25.98 -3.94
N LEU C 255 57.24 26.23 -3.49
CA LEU C 255 57.64 27.59 -3.15
C LEU C 255 57.64 28.48 -4.39
N ASN C 256 58.11 27.96 -5.53
CA ASN C 256 58.10 28.73 -6.75
C ASN C 256 56.69 29.09 -7.18
N LEU C 257 55.75 28.15 -7.06
CA LEU C 257 54.37 28.41 -7.41
C LEU C 257 53.74 29.43 -6.48
N ILE C 258 54.03 29.33 -5.17
CA ILE C 258 53.48 30.30 -4.23
C ILE C 258 54.01 31.70 -4.54
N GLU C 259 55.30 31.81 -4.89
CA GLU C 259 55.86 33.12 -5.20
C GLU C 259 55.28 33.67 -6.51
N GLN C 260 55.27 32.87 -7.57
CA GLN C 260 54.89 33.37 -8.89
C GLN C 260 53.39 33.61 -8.97
N GLU C 261 52.58 32.67 -8.51
CA GLU C 261 51.13 32.78 -8.61
C GLU C 261 50.51 33.60 -7.49
N LYS C 262 51.31 34.05 -6.52
CA LYS C 262 50.83 34.85 -5.39
C LYS C 262 49.73 34.12 -4.63
N VAL C 263 50.02 32.89 -4.22
CA VAL C 263 49.05 32.09 -3.49
C VAL C 263 48.85 32.66 -2.10
N THR C 264 47.60 32.83 -1.70
CA THR C 264 47.27 33.39 -0.40
C THR C 264 46.54 32.43 0.54
N PHE C 265 45.95 31.36 0.02
CA PHE C 265 45.24 30.40 0.84
C PHE C 265 45.64 29.00 0.45
N SER C 266 45.95 28.17 1.45
CA SER C 266 46.34 26.78 1.23
C SER C 266 46.03 26.00 2.49
N HIS C 267 46.11 24.68 2.38
CA HIS C 267 45.94 23.80 3.54
C HIS C 267 46.95 22.67 3.42
N CYS C 268 47.43 22.21 4.57
CA CYS C 268 48.61 21.35 4.57
C CYS C 268 48.64 20.51 5.83
N VAL C 269 49.60 19.59 5.88
CA VAL C 269 49.87 18.75 7.05
C VAL C 269 51.20 19.19 7.64
N PRO C 270 51.49 18.91 8.92
CA PRO C 270 52.71 19.46 9.53
C PRO C 270 54.00 19.06 8.83
N THR C 271 54.06 17.88 8.23
CA THR C 271 55.31 17.42 7.63
C THR C 271 55.72 18.28 6.44
N ILE C 272 54.80 18.51 5.50
CA ILE C 272 55.12 19.34 4.34
C ILE C 272 55.36 20.78 4.74
N LEU C 273 54.65 21.27 5.76
CA LEU C 273 54.91 22.62 6.25
C LEU C 273 56.32 22.74 6.80
N HIS C 274 56.76 21.74 7.59
CA HIS C 274 58.11 21.76 8.12
C HIS C 274 59.14 21.66 6.99
N LEU C 275 58.84 20.99 5.91
CA LEU C 275 59.79 20.88 4.83
C LEU C 275 59.87 22.14 3.97
N LEU C 276 58.84 22.93 3.97
CA LEU C 276 58.82 24.18 3.24
C LEU C 276 59.37 25.29 4.06
N LEU C 277 59.25 25.22 5.36
CA LEU C 277 59.90 26.24 6.18
C LEU C 277 61.41 26.03 6.27
N SER C 278 61.85 24.78 6.29
CA SER C 278 63.27 24.47 6.40
C SER C 278 63.99 24.48 5.05
N SER C 279 63.27 24.66 3.95
CA SER C 279 63.91 24.70 2.64
C SER C 279 64.78 25.94 2.52
N PRO C 280 65.95 25.84 1.89
CA PRO C 280 66.79 27.02 1.70
C PRO C 280 66.16 28.09 0.82
N LYS C 281 65.26 27.71 -0.10
CA LYS C 281 64.62 28.69 -0.96
C LYS C 281 63.63 29.59 -0.24
N SER C 282 63.21 29.21 0.97
CA SER C 282 62.24 29.98 1.73
C SER C 282 62.88 31.05 2.60
N LYS C 283 64.20 31.11 2.65
CA LYS C 283 64.89 32.08 3.51
C LYS C 283 64.68 33.50 2.99
N ALA C 284 64.55 33.66 1.68
CA ALA C 284 64.39 34.98 1.08
C ALA C 284 63.05 35.09 0.37
N MET C 285 61.98 34.62 1.03
CA MET C 285 60.66 34.53 0.44
C MET C 285 59.66 35.23 1.35
N ASP C 286 58.78 36.05 0.76
CA ASP C 286 57.80 36.82 1.51
C ASP C 286 56.58 35.94 1.78
N PHE C 287 56.35 35.62 3.05
CA PHE C 287 55.27 34.73 3.45
C PHE C 287 54.11 35.47 4.12
N SER C 288 54.10 36.80 4.10
CA SER C 288 53.08 37.56 4.82
C SER C 288 51.84 37.80 3.95
N GLY C 289 51.34 36.75 3.32
CA GLY C 289 50.06 36.79 2.65
C GLY C 289 49.37 35.44 2.68
N TRP C 290 49.95 34.50 3.42
CA TRP C 290 49.61 33.09 3.34
C TRP C 290 48.78 32.67 4.54
N LYS C 291 47.85 31.75 4.31
CA LYS C 291 46.82 31.37 5.29
C LYS C 291 46.71 29.86 5.39
N VAL C 292 47.85 29.19 5.63
CA VAL C 292 47.85 27.73 5.73
C VAL C 292 46.90 27.27 6.83
N VAL C 293 46.13 26.23 6.53
CA VAL C 293 45.33 25.52 7.51
C VAL C 293 45.99 24.18 7.76
N ILE C 294 46.52 23.99 8.96
CA ILE C 294 47.23 22.76 9.31
C ILE C 294 46.25 21.93 10.13
N GLY C 295 45.49 21.09 9.45
CA GLY C 295 44.49 20.26 10.11
C GLY C 295 44.72 18.78 9.89
N GLY C 296 45.91 18.41 9.42
CA GLY C 296 46.22 17.02 9.20
C GLY C 296 46.19 16.20 10.47
N ALA C 297 47.15 16.43 11.37
CA ALA C 297 47.17 15.74 12.65
C ALA C 297 48.08 16.50 13.61
N ALA C 298 47.48 17.14 14.62
CA ALA C 298 48.19 17.60 15.82
C ALA C 298 49.35 18.53 15.45
N LEU C 299 49.00 19.71 14.95
CA LEU C 299 49.97 20.75 14.66
C LEU C 299 50.82 21.04 15.91
N PRO C 300 52.12 20.82 15.86
CA PRO C 300 52.96 21.08 17.03
C PRO C 300 53.05 22.56 17.36
N LYS C 301 53.27 22.84 18.65
CA LYS C 301 53.37 24.22 19.10
C LYS C 301 54.66 24.87 18.61
N ALA C 302 55.76 24.12 18.60
CA ALA C 302 57.03 24.69 18.14
C ALA C 302 56.99 25.01 16.65
N LEU C 303 56.40 24.13 15.84
CA LEU C 303 56.28 24.41 14.42
C LEU C 303 55.38 25.61 14.17
N CYS C 304 54.28 25.72 14.91
CA CYS C 304 53.40 26.88 14.77
C CYS C 304 54.11 28.17 15.16
N LYS C 305 54.86 28.19 16.22
CA LYS C 305 55.64 29.33 16.55
C LYS C 305 56.57 29.66 15.48
N SER C 306 57.37 28.72 15.04
CA SER C 306 58.36 29.02 14.00
C SER C 306 57.69 29.60 12.76
N ALA C 307 56.52 29.08 12.40
CA ALA C 307 55.81 29.60 11.23
C ALA C 307 55.26 31.01 11.48
N LEU C 308 54.88 31.31 12.73
CA LEU C 308 54.37 32.64 13.04
C LEU C 308 55.45 33.71 12.92
N GLU C 309 56.71 33.34 13.15
CA GLU C 309 57.81 34.29 13.00
C GLU C 309 58.04 34.67 11.54
N ARG C 310 57.51 33.88 10.61
CA ARG C 310 57.57 34.20 9.19
C ARG C 310 56.33 34.96 8.72
N ASP C 311 55.47 35.37 9.66
CA ASP C 311 54.26 36.14 9.35
C ASP C 311 53.30 35.32 8.50
N ILE C 312 53.02 34.10 8.93
CA ILE C 312 52.08 33.20 8.25
C ILE C 312 50.87 33.02 9.15
N ASP C 313 49.68 33.16 8.56
CA ASP C 313 48.43 32.97 9.29
C ASP C 313 48.18 31.47 9.42
N VAL C 314 48.74 30.87 10.47
CA VAL C 314 48.65 29.44 10.71
C VAL C 314 47.53 29.19 11.71
N PHE C 315 46.63 28.26 11.37
CA PHE C 315 45.60 27.83 12.28
C PHE C 315 45.24 26.38 11.96
N ALA C 316 44.66 25.70 12.93
CA ALA C 316 44.41 24.27 12.85
C ALA C 316 42.93 23.98 12.66
N GLY C 317 42.65 22.83 12.05
CA GLY C 317 41.30 22.34 11.90
C GLY C 317 41.24 20.87 12.23
N TYR C 318 40.03 20.35 12.32
CA TYR C 318 39.83 18.97 12.76
C TYR C 318 38.91 18.23 11.81
N GLY C 319 39.27 16.99 11.49
CA GLY C 319 38.50 16.15 10.61
C GLY C 319 38.73 14.69 10.94
N MET C 320 37.95 13.87 10.31
CA MET C 320 38.02 12.51 10.62
C MET C 320 38.09 11.65 9.42
N SER C 321 37.40 11.98 8.37
CA SER C 321 37.14 11.19 7.16
C SER C 321 35.80 10.48 7.22
N GLU C 322 35.14 10.52 8.37
CA GLU C 322 33.76 10.10 8.50
C GLU C 322 32.82 11.27 8.72
N THR C 323 33.36 12.49 8.80
CA THR C 323 32.60 13.63 9.34
C THR C 323 32.60 14.84 8.42
N GLY C 324 32.83 14.66 7.12
CA GLY C 324 32.69 15.76 6.19
C GLY C 324 33.91 16.19 5.39
N PRO C 325 35.11 16.25 6.00
CA PRO C 325 35.55 15.88 7.35
C PRO C 325 35.50 16.98 8.40
N ILE C 326 35.36 18.25 8.01
CA ILE C 326 35.63 19.35 8.93
C ILE C 326 34.57 19.38 10.02
N LEU C 327 35.05 19.43 11.28
CA LEU C 327 34.18 19.56 12.44
C LEU C 327 34.49 20.78 13.30
N SER C 328 35.76 21.20 13.38
CA SER C 328 36.12 22.34 14.19
C SER C 328 37.32 23.05 13.56
N ILE C 329 37.37 24.37 13.72
CA ILE C 329 38.44 25.19 13.18
C ILE C 329 38.82 26.22 14.23
N VAL C 330 40.12 26.51 14.34
CA VAL C 330 40.60 27.51 15.28
C VAL C 330 40.28 28.89 14.73
N GLN C 331 39.51 29.66 15.49
CA GLN C 331 39.18 31.05 15.14
C GLN C 331 39.53 31.95 16.30
N LEU C 332 40.24 33.03 16.01
CA LEU C 332 40.75 33.94 17.03
C LEU C 332 39.95 35.24 17.02
N THR C 333 39.49 35.65 18.20
CA THR C 333 38.86 36.94 18.35
C THR C 333 39.90 38.05 18.24
N PRO C 334 39.48 39.27 17.90
CA PRO C 334 40.45 40.38 17.82
C PRO C 334 41.16 40.67 19.13
N GLU C 335 40.56 40.32 20.28
CA GLU C 335 41.27 40.44 21.54
C GLU C 335 42.43 39.46 21.61
N GLN C 336 42.23 38.24 21.11
CA GLN C 336 43.26 37.21 21.14
C GLN C 336 44.38 37.46 20.15
N LEU C 337 44.21 38.41 19.23
CA LEU C 337 45.22 38.71 18.22
C LEU C 337 46.29 39.66 18.72
N GLU C 338 46.20 40.13 19.95
CA GLU C 338 47.19 41.02 20.54
C GLU C 338 48.25 40.27 21.35
N LEU C 339 48.12 38.96 21.49
CA LEU C 339 49.13 38.16 22.15
C LEU C 339 50.38 38.09 21.27
N ASP C 340 51.55 37.93 21.92
CA ASP C 340 52.79 38.27 21.22
C ASP C 340 53.23 37.17 20.26
N VAL C 341 53.73 36.05 20.77
CA VAL C 341 54.07 34.93 19.90
C VAL C 341 53.72 33.60 20.55
N ASP C 342 53.52 33.60 21.87
CA ASP C 342 53.45 32.36 22.64
C ASP C 342 52.01 31.92 22.92
N GLN C 343 51.23 32.78 23.57
CA GLN C 343 49.82 32.46 23.78
C GLN C 343 49.10 32.25 22.46
N GLN C 344 49.49 33.01 21.42
CA GLN C 344 48.96 32.75 20.08
C GLN C 344 49.37 31.38 19.59
N ALA C 345 50.60 30.94 19.90
CA ALA C 345 51.04 29.61 19.51
C ALA C 345 50.20 28.53 20.18
N GLU C 346 49.87 28.72 21.47
CA GLU C 346 49.02 27.74 22.14
C GLU C 346 47.61 27.75 21.57
N TYR C 347 47.05 28.93 21.31
CA TYR C 347 45.67 28.99 20.82
C TYR C 347 45.56 28.45 19.40
N ARG C 348 46.53 28.74 18.54
CA ARG C 348 46.44 28.34 17.14
C ARG C 348 46.64 26.84 16.95
N SER C 349 47.31 26.16 17.87
CA SER C 349 47.59 24.75 17.75
C SER C 349 46.51 23.86 18.38
N LYS C 350 45.46 24.45 18.95
CA LYS C 350 44.39 23.68 19.55
C LYS C 350 43.52 23.05 18.46
N THR C 351 42.58 22.20 18.89
CA THR C 351 41.66 21.59 17.94
C THR C 351 40.68 22.62 17.37
N GLY C 352 40.25 23.56 18.18
CA GLY C 352 39.42 24.66 17.74
C GLY C 352 37.98 24.51 18.20
N LYS C 353 37.20 25.55 17.92
CA LYS C 353 35.79 25.55 18.24
C LYS C 353 34.99 24.88 17.13
N LYS C 354 33.87 24.27 17.52
CA LYS C 354 33.04 23.56 16.56
C LYS C 354 32.41 24.54 15.56
N VAL C 355 32.28 24.09 14.32
CA VAL C 355 31.75 24.90 13.24
C VAL C 355 30.23 24.90 13.30
N ALA C 356 29.61 25.75 12.47
CA ALA C 356 28.15 25.87 12.48
C ALA C 356 27.48 24.54 12.20
N LEU C 357 26.37 24.30 12.91
CA LEU C 357 25.53 23.11 12.75
C LEU C 357 26.22 21.84 13.26
N VAL C 358 27.03 21.96 14.30
CA VAL C 358 27.74 20.84 14.91
C VAL C 358 27.47 20.86 16.41
N GLU C 359 27.24 19.68 16.99
CA GLU C 359 26.87 19.58 18.40
C GLU C 359 28.09 19.38 19.30
N ALA C 360 28.85 18.29 19.06
CA ALA C 360 30.18 18.09 19.65
C ALA C 360 30.16 18.11 21.18
N TYR C 361 29.50 17.09 21.74
CA TYR C 361 29.56 16.81 23.17
C TYR C 361 30.77 15.94 23.50
N ILE C 362 31.06 15.86 24.79
CA ILE C 362 32.11 14.99 25.33
C ILE C 362 31.44 13.94 26.21
N VAL C 363 31.69 12.68 26.05
CA VAL C 363 30.99 11.66 26.79
C VAL C 363 32.04 10.68 27.26
N ASP C 364 31.60 9.76 28.03
CA ASP C 364 32.40 8.66 28.55
C ASP C 364 31.84 7.31 28.06
N GLU C 365 32.37 6.22 28.62
CA GLU C 365 32.01 4.89 28.12
C GLU C 365 30.52 4.57 28.30
N ASP C 366 29.82 5.29 29.18
CA ASP C 366 28.40 5.09 29.40
C ASP C 366 27.55 6.18 28.76
N MET C 367 28.16 7.07 27.97
CA MET C 367 27.46 8.17 27.30
C MET C 367 26.74 9.05 28.32
N ASN C 368 27.52 9.67 29.20
CA ASN C 368 26.98 10.46 30.30
C ASN C 368 27.19 11.95 30.15
N LYS C 369 27.83 12.40 29.07
CA LYS C 369 27.98 13.82 28.74
C LYS C 369 28.69 14.58 29.87
N LEU C 370 29.98 14.26 30.01
CA LEU C 370 30.87 14.87 30.99
C LEU C 370 30.88 16.39 30.83
N PRO C 371 31.08 17.14 31.90
CA PRO C 371 30.99 18.60 31.82
C PRO C 371 32.17 19.21 31.07
N HIS C 372 31.97 20.45 30.63
CA HIS C 372 32.98 21.18 29.88
C HIS C 372 33.81 22.09 30.80
N ASP C 373 34.55 21.46 31.69
CA ASP C 373 35.39 22.18 32.66
C ASP C 373 36.83 22.35 32.19
N GLY C 374 37.21 21.75 31.07
CA GLY C 374 38.55 21.88 30.55
C GLY C 374 39.59 20.98 31.20
N GLU C 375 39.18 20.09 32.10
CA GLU C 375 40.12 19.17 32.73
C GLU C 375 39.64 17.74 32.58
N THR C 376 38.32 17.55 32.49
CA THR C 376 37.74 16.21 32.40
C THR C 376 37.78 15.74 30.95
N ALA C 377 38.59 14.73 30.67
CA ALA C 377 38.74 14.22 29.32
C ALA C 377 37.68 13.16 29.00
N GLY C 378 37.33 13.07 27.73
CA GLY C 378 36.35 12.10 27.29
C GLY C 378 36.36 12.01 25.78
N GLU C 379 35.55 11.09 25.27
CA GLU C 379 35.46 10.89 23.83
C GLU C 379 34.59 11.96 23.18
N ILE C 380 35.00 12.40 22.00
CA ILE C 380 34.23 13.38 21.25
C ILE C 380 33.06 12.68 20.58
N VAL C 381 31.87 13.22 20.57
CA VAL C 381 30.74 12.63 19.93
C VAL C 381 29.94 13.75 19.32
N VAL C 382 29.60 13.64 18.08
CA VAL C 382 29.16 14.73 17.21
C VAL C 382 27.91 14.35 16.45
N ARG C 383 27.15 15.39 16.07
CA ARG C 383 26.08 15.32 15.09
C ARG C 383 26.26 16.48 14.12
N ALA C 384 26.09 16.20 12.83
CA ALA C 384 26.33 17.19 11.80
C ALA C 384 25.53 16.81 10.56
N PRO C 385 25.25 17.76 9.67
CA PRO C 385 24.49 17.44 8.46
C PRO C 385 25.27 16.70 7.39
N TRP C 386 26.55 16.40 7.62
CA TRP C 386 27.42 15.80 6.59
C TRP C 386 28.22 14.65 7.17
N LEU C 387 27.55 13.76 7.90
CA LEU C 387 28.17 12.55 8.43
C LEU C 387 27.71 11.33 7.65
N THR C 388 28.57 10.31 7.64
CA THR C 388 28.22 9.05 7.00
C THR C 388 27.22 8.29 7.85
N PRO C 389 26.10 7.86 7.28
CA PRO C 389 25.13 7.07 8.09
C PRO C 389 25.69 5.75 8.57
N ASN C 390 26.59 5.13 7.83
CA ASN C 390 27.15 3.84 8.18
C ASN C 390 28.34 3.56 7.27
N TYR C 391 29.02 2.45 7.53
CA TYR C 391 30.07 1.96 6.65
C TYR C 391 29.44 1.14 5.51
N TYR C 392 30.03 1.25 4.33
CA TYR C 392 29.50 0.56 3.17
C TYR C 392 29.66 -0.94 3.32
N LYS C 393 28.55 -1.67 3.17
CA LYS C 393 28.53 -3.14 3.26
C LYS C 393 29.02 -3.62 4.63
N ASP C 394 28.66 -2.89 5.68
CA ASP C 394 29.00 -3.27 7.04
C ASP C 394 27.76 -3.13 7.93
N ASN C 395 27.65 -4.01 8.92
CA ASN C 395 26.54 -3.97 9.86
C ASN C 395 26.99 -3.67 11.28
N LYS C 396 27.89 -4.46 11.85
CA LYS C 396 28.25 -4.29 13.25
C LYS C 396 29.25 -3.15 13.46
N ASN C 397 30.19 -2.96 12.52
CA ASN C 397 31.03 -1.78 12.57
C ASN C 397 30.19 -0.51 12.44
N SER C 398 29.17 -0.57 11.59
CA SER C 398 28.24 0.55 11.45
C SER C 398 27.48 0.79 12.75
N LYS C 399 27.06 -0.27 13.43
CA LYS C 399 26.36 -0.12 14.70
C LYS C 399 27.27 0.49 15.76
N ALA C 400 28.55 0.08 15.79
CA ALA C 400 29.48 0.66 16.73
C ALA C 400 29.82 2.11 16.38
N LEU C 401 29.71 2.47 15.10
CA LEU C 401 30.00 3.84 14.68
C LEU C 401 28.95 4.81 15.21
N TRP C 402 27.68 4.41 15.20
CA TRP C 402 26.57 5.27 15.59
C TRP C 402 25.92 4.78 16.88
N ARG C 403 26.74 4.36 17.84
CA ARG C 403 26.24 3.88 19.12
C ARG C 403 25.60 5.01 19.91
N GLY C 404 24.43 4.74 20.50
CA GLY C 404 23.80 5.71 21.36
C GLY C 404 23.16 6.89 20.64
N GLY C 405 22.91 6.76 19.35
CA GLY C 405 22.32 7.86 18.59
C GLY C 405 23.28 8.96 18.22
N TYR C 406 24.58 8.71 18.32
CA TYR C 406 25.60 9.70 18.01
C TYR C 406 26.74 9.03 17.27
N LEU C 407 27.46 9.83 16.48
CA LEU C 407 28.62 9.32 15.76
C LEU C 407 29.84 9.31 16.68
N HIS C 408 30.46 8.14 16.82
CA HIS C 408 31.62 7.99 17.68
C HIS C 408 32.90 8.29 16.91
N THR C 409 33.71 9.18 17.45
CA THR C 409 34.90 9.67 16.78
C THR C 409 36.13 8.82 17.07
N GLY C 410 36.34 8.43 18.32
CA GLY C 410 37.53 7.72 18.72
C GLY C 410 38.64 8.58 19.28
N ASP C 411 38.40 9.88 19.47
CA ASP C 411 39.37 10.81 20.01
C ASP C 411 38.97 11.21 21.43
N VAL C 412 39.95 11.25 22.33
CA VAL C 412 39.74 11.60 23.72
C VAL C 412 40.27 13.00 23.93
N ALA C 413 39.40 13.90 24.38
CA ALA C 413 39.68 15.32 24.47
C ALA C 413 38.88 15.92 25.62
N HIS C 414 39.27 17.14 26.00
CA HIS C 414 38.53 17.93 26.98
C HIS C 414 38.12 19.26 26.36
N ILE C 415 36.93 19.73 26.72
CA ILE C 415 36.39 20.99 26.21
C ILE C 415 36.37 21.99 27.37
N ASP C 416 36.94 23.16 27.14
CA ASP C 416 37.00 24.16 28.20
C ASP C 416 35.75 25.05 28.19
N ASP C 417 35.76 26.05 29.07
CA ASP C 417 34.55 26.84 29.31
C ASP C 417 34.15 27.64 28.08
N GLU C 418 35.11 28.28 27.40
CA GLU C 418 34.74 29.11 26.27
C GLU C 418 34.52 28.30 24.99
N GLY C 419 34.83 27.00 25.00
CA GLY C 419 34.49 26.15 23.89
C GLY C 419 35.66 25.56 23.13
N PHE C 420 36.88 25.89 23.52
CA PHE C 420 38.05 25.37 22.84
C PHE C 420 38.23 23.89 23.12
N ILE C 421 38.40 23.11 22.07
CA ILE C 421 38.63 21.67 22.17
C ILE C 421 40.13 21.42 22.09
N LYS C 422 40.61 20.47 22.86
CA LYS C 422 41.98 20.04 22.80
C LYS C 422 42.00 18.56 22.86
N ILE C 423 42.41 17.93 21.78
CA ILE C 423 42.47 16.47 21.73
C ILE C 423 43.70 15.99 22.48
N THR C 424 43.50 15.03 23.39
CA THR C 424 44.57 14.50 24.21
C THR C 424 45.10 13.16 23.73
N ASP C 425 44.24 12.27 23.24
CA ASP C 425 44.70 10.94 22.85
C ASP C 425 43.65 10.27 21.98
N ARG C 426 43.84 8.98 21.71
CA ARG C 426 42.85 8.13 21.06
C ARG C 426 42.18 7.24 22.10
N VAL C 427 41.02 6.71 21.73
CA VAL C 427 40.28 5.84 22.64
C VAL C 427 41.06 4.55 22.90
N LYS C 428 41.60 3.94 21.85
CA LYS C 428 42.29 2.67 21.97
C LYS C 428 43.71 2.80 22.51
N ASP C 429 44.24 4.03 22.61
CA ASP C 429 45.59 4.26 23.10
C ASP C 429 45.60 4.78 24.53
N MET C 430 44.52 4.54 25.29
CA MET C 430 44.43 5.03 26.65
C MET C 430 45.11 4.06 27.61
N ILE C 431 45.93 4.50 28.53
CA ILE C 431 46.45 3.54 29.51
C ILE C 431 45.35 3.56 30.50
N LYS C 432 44.51 2.53 30.48
CA LYS C 432 43.51 2.40 31.50
C LYS C 432 44.08 1.86 32.81
N ILE C 433 45.19 2.41 33.26
CA ILE C 433 45.85 2.03 34.49
C ILE C 433 44.89 2.20 35.66
N SER C 434 44.98 1.30 36.63
CA SER C 434 44.09 1.27 37.78
C SER C 434 42.64 1.35 37.33
N GLY C 435 41.96 2.43 37.69
CA GLY C 435 40.64 2.72 37.16
C GLY C 435 40.66 4.01 36.35
N GLU C 436 41.81 4.65 36.31
CA GLU C 436 41.99 5.93 35.62
C GLU C 436 42.24 5.71 34.14
N TRP C 437 42.12 6.80 33.38
CA TRP C 437 42.38 6.80 31.94
C TRP C 437 43.52 7.77 31.66
N VAL C 438 44.71 7.24 31.45
CA VAL C 438 45.89 8.05 31.18
C VAL C 438 46.17 8.06 29.69
N SER C 439 46.64 9.19 29.19
CA SER C 439 46.96 9.37 27.78
C SER C 439 48.43 9.06 27.52
N SER C 440 48.70 8.38 26.42
CA SER C 440 50.07 8.02 26.05
C SER C 440 50.79 9.12 25.28
N LEU C 441 50.09 10.19 24.91
CA LEU C 441 50.74 11.25 24.13
C LEU C 441 51.65 12.10 25.00
N GLU C 442 51.23 12.43 26.23
CA GLU C 442 52.06 13.25 27.10
C GLU C 442 53.30 12.50 27.55
N LEU C 443 53.20 11.18 27.75
CA LEU C 443 54.38 10.39 28.08
C LEU C 443 55.36 10.35 26.91
N GLU C 444 54.83 10.24 25.67
CA GLU C 444 55.70 10.27 24.50
C GLU C 444 56.41 11.60 24.36
N ASP C 445 55.69 12.71 24.62
CA ASP C 445 56.29 14.03 24.50
C ASP C 445 57.41 14.23 25.52
N ILE C 446 57.20 13.76 26.74
CA ILE C 446 58.23 13.90 27.78
C ILE C 446 59.48 13.13 27.39
N LEU C 447 59.32 11.90 26.91
CA LEU C 447 60.47 11.08 26.54
C LEU C 447 61.11 11.58 25.24
N HIS C 448 60.32 12.18 24.35
CA HIS C 448 60.88 12.68 23.09
C HIS C 448 61.82 13.86 23.32
N GLN C 449 61.59 14.65 24.36
CA GLN C 449 62.41 15.82 24.65
C GLN C 449 63.85 15.45 24.98
N HIS C 450 64.13 14.20 25.34
CA HIS C 450 65.47 13.79 25.71
C HIS C 450 66.45 14.02 24.54
N GLN C 451 67.67 14.42 24.89
CA GLN C 451 68.66 14.78 23.88
C GLN C 451 69.04 13.58 23.02
N SER C 452 69.21 12.41 23.64
CA SER C 452 69.66 11.20 22.94
C SER C 452 68.50 10.29 22.56
N VAL C 453 67.34 10.87 22.22
CA VAL C 453 66.14 10.11 21.88
C VAL C 453 65.64 10.59 20.52
N SER C 454 65.34 9.63 19.64
CA SER C 454 64.86 9.93 18.29
C SER C 454 63.33 9.85 18.21
N GLU C 455 62.76 8.70 18.56
CA GLU C 455 61.32 8.51 18.47
C GLU C 455 60.87 7.59 19.60
N VAL C 456 59.74 7.94 20.22
CA VAL C 456 59.23 7.22 21.38
C VAL C 456 57.81 6.76 21.10
N ALA C 457 57.53 5.49 21.40
CA ALA C 457 56.19 4.94 21.34
C ALA C 457 55.86 4.29 22.67
N VAL C 458 54.66 4.54 23.19
CA VAL C 458 54.22 4.02 24.48
C VAL C 458 53.10 3.03 24.25
N ILE C 459 53.21 1.85 24.86
CA ILE C 459 52.27 0.76 24.67
C ILE C 459 51.86 0.24 26.04
N GLY C 460 50.55 0.01 26.21
CA GLY C 460 50.04 -0.53 27.45
C GLY C 460 50.24 -2.01 27.61
N MET C 461 51.14 -2.37 28.53
CA MET C 461 51.41 -3.76 28.89
C MET C 461 50.39 -4.23 29.99
N PRO C 462 49.56 -5.29 29.76
CA PRO C 462 48.53 -5.67 30.74
C PRO C 462 49.13 -6.22 32.04
N HIS C 463 48.48 -5.89 33.15
CA HIS C 463 48.96 -6.27 34.48
C HIS C 463 47.83 -7.03 35.18
N ASN C 464 48.17 -7.79 36.20
CA ASN C 464 47.12 -8.37 37.05
C ASN C 464 46.36 -7.21 37.71
N LYS C 465 47.08 -6.40 38.47
CA LYS C 465 46.52 -5.23 39.17
C LYS C 465 46.85 -3.93 38.40
N TRP C 466 46.64 -2.73 38.96
CA TRP C 466 46.91 -1.51 38.20
C TRP C 466 46.37 -1.53 36.79
N GLY C 467 45.30 -2.29 36.53
CA GLY C 467 44.77 -2.42 35.18
C GLY C 467 45.82 -2.88 34.19
N GLU C 468 46.23 -1.98 33.31
CA GLU C 468 47.34 -2.21 32.39
C GLU C 468 48.36 -1.10 32.56
N VAL C 469 49.64 -1.45 32.47
CA VAL C 469 50.73 -0.51 32.75
C VAL C 469 51.38 -0.16 31.42
N PRO C 470 52.01 1.00 31.33
CA PRO C 470 52.62 1.43 30.07
C PRO C 470 54.01 0.86 29.87
N LEU C 471 54.32 0.56 28.62
CA LEU C 471 55.65 0.09 28.21
C LEU C 471 56.14 0.99 27.09
N ALA C 472 57.35 1.52 27.24
CA ALA C 472 57.89 2.51 26.33
C ALA C 472 58.90 1.89 25.38
N LEU C 473 58.75 2.17 24.09
CA LEU C 473 59.69 1.77 23.07
C LEU C 473 60.34 3.03 22.49
N VAL C 474 61.67 3.07 22.50
CA VAL C 474 62.42 4.25 22.13
C VAL C 474 63.55 3.87 21.17
N THR C 475 63.79 4.73 20.19
CA THR C 475 64.92 4.59 19.28
C THR C 475 65.92 5.71 19.55
N LEU C 476 67.19 5.35 19.61
CA LEU C 476 68.23 6.32 19.95
C LEU C 476 68.78 7.01 18.70
N LYS C 477 69.52 8.09 18.93
CA LYS C 477 70.09 8.88 17.86
C LYS C 477 71.44 8.28 17.44
N GLU C 478 72.18 9.01 16.61
CA GLU C 478 73.46 8.53 16.12
C GLU C 478 74.52 8.59 17.22
N ASP C 479 75.23 7.48 17.41
CA ASP C 479 76.32 7.39 18.39
C ASP C 479 75.83 7.75 19.79
N ALA C 480 74.61 7.34 20.12
CA ALA C 480 74.01 7.60 21.42
C ALA C 480 73.69 6.27 22.09
N GLN C 481 74.12 6.13 23.35
CA GLN C 481 73.86 4.91 24.13
C GLN C 481 73.52 5.35 25.55
N VAL C 482 72.23 5.41 25.84
CA VAL C 482 71.75 5.81 27.15
C VAL C 482 71.05 4.61 27.79
N THR C 483 71.42 4.26 29.01
CA THR C 483 70.88 3.08 29.68
C THR C 483 69.40 3.26 29.99
N GLU C 484 68.72 2.13 30.19
CA GLU C 484 67.28 2.16 30.48
C GLU C 484 67.00 2.86 31.80
N LYS C 485 67.89 2.68 32.79
CA LYS C 485 67.67 3.29 34.10
C LYS C 485 67.66 4.81 34.01
N GLU C 486 68.54 5.39 33.18
CA GLU C 486 68.55 6.84 33.02
C GLU C 486 67.24 7.34 32.42
N LEU C 487 66.72 6.63 31.41
CA LEU C 487 65.45 7.02 30.82
C LEU C 487 64.31 6.94 31.82
N LEU C 488 64.30 5.89 32.65
CA LEU C 488 63.30 5.79 33.71
C LEU C 488 63.42 6.95 34.69
N GLY C 489 64.65 7.26 35.11
CA GLY C 489 64.87 8.38 36.01
C GLY C 489 64.57 9.72 35.37
N PHE C 490 64.85 9.87 34.07
CA PHE C 490 64.60 11.14 33.39
C PHE C 490 63.12 11.48 33.41
N ALA C 491 62.25 10.50 33.17
CA ALA C 491 60.81 10.74 33.27
C ALA C 491 60.39 11.03 34.71
N LYS C 492 61.04 10.40 35.69
CA LYS C 492 60.71 10.63 37.08
C LYS C 492 61.05 12.06 37.53
N ASP C 493 61.87 12.77 36.77
CA ASP C 493 62.25 14.13 37.16
C ASP C 493 61.04 15.07 37.13
N PHE C 494 60.17 14.91 36.15
CA PHE C 494 59.02 15.80 35.99
C PHE C 494 58.02 15.60 37.14
N ILE C 495 57.09 16.54 37.24
CA ILE C 495 56.13 16.56 38.34
C ILE C 495 54.71 16.75 37.79
N ASN C 496 53.76 16.91 38.70
CA ASN C 496 52.35 17.17 38.36
C ASN C 496 51.74 15.99 37.60
N LYS C 497 51.73 14.83 38.26
CA LYS C 497 51.04 13.66 37.76
C LYS C 497 50.34 12.96 38.92
N GLY C 498 49.16 12.41 38.64
CA GLY C 498 48.33 11.80 39.66
C GLY C 498 48.61 10.31 39.84
N ILE C 499 47.65 9.65 40.49
CA ILE C 499 47.68 8.22 40.77
C ILE C 499 48.92 7.92 41.60
N LEU C 500 49.39 6.67 41.57
CA LEU C 500 50.53 6.26 42.37
C LEU C 500 51.75 7.13 42.09
N ALA C 501 52.17 7.90 43.10
CA ALA C 501 53.25 8.86 42.98
C ALA C 501 53.00 9.79 41.81
N ARG C 502 53.62 9.50 40.66
CA ARG C 502 53.38 10.27 39.44
C ARG C 502 53.25 9.39 38.20
N GLU C 503 52.74 8.18 38.32
CA GLU C 503 52.73 7.19 37.23
C GLU C 503 54.16 6.95 36.77
N ALA C 504 55.10 6.93 37.71
CA ALA C 504 56.46 6.50 37.43
C ALA C 504 56.85 5.44 38.45
N LEU C 505 56.38 4.21 38.20
CA LEU C 505 56.89 3.02 38.87
C LEU C 505 57.00 1.84 37.93
N LEU C 506 56.33 1.87 36.77
CA LEU C 506 56.29 0.75 35.84
C LEU C 506 56.42 1.24 34.40
N LEU C 507 57.24 2.26 34.16
CA LEU C 507 57.37 2.83 32.82
C LEU C 507 57.84 1.78 31.82
N LYS C 508 58.79 0.93 32.23
CA LYS C 508 59.23 -0.23 31.45
C LYS C 508 59.73 0.21 30.06
N VAL C 509 60.65 1.17 30.07
CA VAL C 509 61.25 1.65 28.83
C VAL C 509 62.17 0.56 28.27
N LYS C 510 62.13 0.39 26.95
CA LYS C 510 62.93 -0.63 26.29
C LYS C 510 63.55 -0.05 25.03
N ILE C 511 64.71 -0.54 24.64
CA ILE C 511 65.26 -0.07 23.38
C ILE C 511 64.86 -1.03 22.28
N VAL C 512 64.26 -0.48 21.24
CA VAL C 512 64.20 -1.09 19.92
C VAL C 512 65.13 -0.35 18.96
N ASP C 513 65.69 -1.05 17.97
CA ASP C 513 66.40 -0.46 16.85
C ASP C 513 65.45 0.28 15.91
N GLU C 514 64.28 -0.29 15.66
CA GLU C 514 63.29 0.33 14.78
C GLU C 514 61.90 0.16 15.39
N ILE C 515 60.99 1.03 14.97
CA ILE C 515 59.60 0.99 15.39
C ILE C 515 58.73 0.87 14.15
N ALA C 516 57.80 -0.09 14.17
CA ALA C 516 56.97 -0.37 13.01
C ALA C 516 56.04 0.81 12.71
N LYS C 517 55.87 1.09 11.42
CA LYS C 517 54.97 2.13 10.95
C LYS C 517 54.06 1.58 9.87
N THR C 518 52.89 2.21 9.73
CA THR C 518 51.93 1.82 8.71
C THR C 518 52.39 2.33 7.34
N SER C 519 51.62 2.03 6.30
CA SER C 519 51.99 2.44 4.95
C SER C 519 51.99 3.95 4.78
N VAL C 520 51.30 4.68 5.65
CA VAL C 520 51.29 6.14 5.57
C VAL C 520 52.52 6.75 6.25
N GLY C 521 53.01 6.14 7.32
CA GLY C 521 54.13 6.69 8.05
C GLY C 521 53.77 6.99 9.49
N LYS C 522 52.67 6.42 9.97
CA LYS C 522 52.21 6.57 11.34
C LYS C 522 52.61 5.35 12.15
N VAL C 523 52.94 5.55 13.42
CA VAL C 523 53.35 4.46 14.28
C VAL C 523 52.21 3.46 14.40
N ASP C 524 52.48 2.21 14.04
CA ASP C 524 51.47 1.15 14.11
C ASP C 524 51.57 0.55 15.50
N LYS C 525 50.73 1.06 16.41
CA LYS C 525 50.76 0.57 17.79
C LYS C 525 50.19 -0.84 17.89
N LYS C 526 49.24 -1.19 17.01
CA LYS C 526 48.63 -2.51 17.06
C LYS C 526 49.67 -3.60 16.80
N GLU C 527 50.52 -3.42 15.80
CA GLU C 527 51.58 -4.39 15.53
C GLU C 527 52.61 -4.40 16.65
N LEU C 528 52.86 -3.26 17.29
CA LEU C 528 53.78 -3.21 18.42
C LEU C 528 53.27 -4.07 19.58
N ARG C 529 51.97 -4.15 19.74
CA ARG C 529 51.48 -5.01 20.78
C ARG C 529 51.90 -6.39 20.45
N LYS C 530 51.50 -6.88 19.30
CA LYS C 530 51.72 -8.29 18.96
C LYS C 530 53.19 -8.67 19.09
N LEU C 531 54.09 -7.79 18.68
CA LEU C 531 55.52 -8.10 18.74
C LEU C 531 56.01 -8.22 20.18
N HIS C 532 55.55 -7.35 21.07
CA HIS C 532 56.05 -7.30 22.44
C HIS C 532 55.15 -8.02 23.44
N LEU C 533 53.90 -8.33 23.09
CA LEU C 533 53.01 -9.04 23.99
C LEU C 533 51.90 -9.75 23.24
N ASN D 6 12.52 9.26 14.85
CA ASN D 6 13.48 9.92 13.97
C ASN D 6 14.85 9.23 14.02
N ASP D 7 15.45 9.06 12.84
CA ASP D 7 16.79 8.47 12.77
C ASP D 7 17.82 9.52 13.16
N PRO D 8 18.62 9.29 14.19
CA PRO D 8 19.63 10.28 14.59
C PRO D 8 20.66 10.57 13.50
N SER D 9 20.93 9.62 12.61
CA SER D 9 21.86 9.85 11.50
C SER D 9 21.21 10.65 10.37
N ASN D 10 19.90 10.82 10.38
CA ASN D 10 19.19 11.61 9.38
C ASN D 10 19.02 13.02 9.94
N TYR D 11 19.81 13.96 9.44
CA TYR D 11 19.83 15.30 9.97
C TYR D 11 18.70 16.13 9.37
N GLN D 12 17.94 16.79 10.24
CA GLN D 12 16.89 17.72 9.82
C GLN D 12 17.36 19.15 10.03
N LEU D 13 17.11 20.01 9.04
CA LEU D 13 17.49 21.42 9.10
C LEU D 13 16.38 22.18 9.81
N LEU D 14 16.59 22.46 11.09
CA LEU D 14 15.59 23.12 11.93
C LEU D 14 16.12 24.45 12.43
N ILE D 15 15.18 25.32 12.80
CA ILE D 15 15.54 26.67 13.27
C ILE D 15 16.28 26.60 14.60
N LYS D 16 16.00 25.59 15.42
CA LYS D 16 16.68 25.47 16.72
C LYS D 16 18.17 25.24 16.54
N ASN D 17 18.59 24.69 15.40
CA ASN D 17 20.01 24.52 15.14
C ASN D 17 20.68 25.86 14.84
N LEU D 18 19.93 26.83 14.34
CA LEU D 18 20.49 28.16 14.12
C LEU D 18 20.81 28.85 15.44
N LEU D 19 20.04 28.57 16.49
CA LEU D 19 20.26 29.18 17.79
C LEU D 19 21.24 28.40 18.66
N PHE D 20 21.11 27.07 18.70
CA PHE D 20 21.92 26.25 19.58
C PHE D 20 23.19 25.72 18.93
N SER D 21 23.33 25.85 17.61
CA SER D 21 24.56 25.50 16.91
C SER D 21 24.93 26.64 15.97
N PRO D 22 25.28 27.80 16.50
CA PRO D 22 25.56 28.97 15.67
C PRO D 22 27.01 28.95 15.18
N VAL D 23 27.34 29.94 14.35
CA VAL D 23 28.73 30.13 13.94
C VAL D 23 29.58 30.55 15.12
N ALA D 24 29.10 31.52 15.90
CA ALA D 24 29.76 31.95 17.11
C ALA D 24 28.72 32.20 18.19
N PHE D 25 29.10 31.97 19.45
CA PHE D 25 28.21 32.18 20.59
C PHE D 25 29.01 32.82 21.71
N ASN D 26 28.74 34.09 21.99
CA ASN D 26 29.32 34.78 23.13
C ASN D 26 28.25 34.94 24.20
N PRO D 27 28.36 34.25 25.34
CA PRO D 27 27.31 34.36 26.36
C PRO D 27 27.14 35.75 26.93
N GLU D 28 28.17 36.60 26.86
CA GLU D 28 28.12 37.94 27.42
C GLU D 28 27.81 39.00 26.36
N GLN D 29 27.55 38.60 25.12
CA GLN D 29 27.16 39.55 24.10
C GLN D 29 25.75 40.07 24.38
N GLU D 30 25.52 41.33 24.05
CA GLU D 30 24.33 42.04 24.50
C GLU D 30 23.24 42.09 23.44
N ILE D 31 22.00 42.04 23.92
CA ILE D 31 20.81 42.36 23.15
C ILE D 31 20.18 43.57 23.81
N VAL D 32 19.99 44.64 23.04
CA VAL D 32 19.59 45.95 23.55
C VAL D 32 18.28 46.36 22.88
N TYR D 33 17.27 46.61 23.70
CA TYR D 33 16.05 47.28 23.26
C TYR D 33 16.13 48.73 23.69
N ALA D 34 15.93 49.64 22.74
CA ALA D 34 16.37 51.03 22.82
C ALA D 34 15.95 51.75 24.10
N ASN D 35 16.93 52.08 24.95
CA ASN D 35 16.72 52.83 26.18
C ASN D 35 15.68 52.20 27.10
N HIS D 36 15.34 50.93 26.85
CA HIS D 36 14.36 50.21 27.65
C HIS D 36 14.92 48.99 28.34
N ARG D 37 15.75 48.20 27.66
CA ARG D 37 16.18 46.93 28.23
C ARG D 37 17.52 46.53 27.63
N ARG D 38 18.33 45.85 28.45
CA ARG D 38 19.57 45.23 27.99
C ARG D 38 19.71 43.88 28.67
N HIS D 39 20.05 42.85 27.90
CA HIS D 39 20.38 41.56 28.51
C HIS D 39 21.46 40.89 27.65
N SER D 40 21.80 39.66 28.01
CA SER D 40 22.85 38.92 27.33
C SER D 40 22.26 37.77 26.53
N TYR D 41 23.14 37.10 25.77
CA TYR D 41 22.71 35.97 24.96
C TYR D 41 22.27 34.79 25.81
N LYS D 42 22.91 34.58 26.96
CA LYS D 42 22.45 33.55 27.90
C LYS D 42 21.06 33.88 28.42
N THR D 43 20.82 35.14 28.78
CA THR D 43 19.49 35.56 29.19
C THR D 43 18.50 35.41 28.05
N PHE D 44 18.93 35.68 26.82
CA PHE D 44 18.05 35.53 25.67
C PHE D 44 17.65 34.06 25.47
N HIS D 45 18.60 33.15 25.62
CA HIS D 45 18.27 31.72 25.53
C HIS D 45 17.33 31.30 26.65
N ASP D 46 17.59 31.77 27.87
CA ASP D 46 16.70 31.45 28.98
C ASP D 46 15.29 31.97 28.74
N ARG D 47 15.17 33.18 28.19
CA ARG D 47 13.86 33.75 27.91
C ARG D 47 13.17 33.00 26.78
N VAL D 48 13.92 32.51 25.79
CA VAL D 48 13.32 31.70 24.74
C VAL D 48 12.74 30.41 25.33
N ARG D 49 13.49 29.76 26.22
CA ARG D 49 12.97 28.55 26.86
C ARG D 49 11.76 28.87 27.73
N GLN D 50 11.80 30.00 28.45
CA GLN D 50 10.65 30.40 29.26
C GLN D 50 9.42 30.65 28.41
N PHE D 51 9.59 31.30 27.26
CA PHE D 51 8.45 31.55 26.37
C PHE D 51 7.93 30.25 25.77
N ALA D 52 8.83 29.29 25.49
CA ALA D 52 8.38 27.97 25.06
C ALA D 52 7.52 27.32 26.12
N ASN D 53 7.95 27.40 27.39
CA ASN D 53 7.15 26.85 28.48
C ASN D 53 5.79 27.55 28.58
N ALA D 54 5.79 28.89 28.47
CA ALA D 54 4.55 29.64 28.59
C ALA D 54 3.58 29.29 27.46
N LEU D 55 4.09 29.15 26.24
CA LEU D 55 3.25 28.77 25.12
C LEU D 55 2.71 27.36 25.29
N THR D 56 3.53 26.45 25.84
CA THR D 56 3.05 25.10 26.11
C THR D 56 1.94 25.12 27.16
N LYS D 57 2.05 25.98 28.17
CA LYS D 57 1.00 26.08 29.18
C LYS D 57 -0.30 26.60 28.58
N MET D 58 -0.23 27.46 27.56
CA MET D 58 -1.42 28.01 26.93
C MET D 58 -2.15 27.01 26.05
N GLY D 59 -1.67 25.77 25.94
CA GLY D 59 -2.29 24.79 25.07
C GLY D 59 -1.88 24.87 23.62
N VAL D 60 -0.83 25.61 23.30
CA VAL D 60 -0.35 25.72 21.93
C VAL D 60 0.34 24.42 21.55
N LYS D 61 -0.05 23.85 20.40
CA LYS D 61 0.46 22.58 19.94
C LYS D 61 1.22 22.78 18.62
N LYS D 62 1.61 21.67 17.99
CA LYS D 62 2.45 21.73 16.80
C LYS D 62 1.73 22.42 15.63
N GLY D 63 0.46 22.13 15.44
CA GLY D 63 -0.27 22.67 14.32
C GLY D 63 -0.89 24.04 14.54
N ASP D 64 -0.65 24.66 15.69
CA ASP D 64 -1.30 25.92 16.02
C ASP D 64 -0.62 27.10 15.33
N THR D 65 -1.28 28.25 15.40
CA THR D 65 -0.79 29.49 14.80
C THR D 65 -0.82 30.59 15.86
N VAL D 66 0.28 31.33 15.98
CA VAL D 66 0.38 32.45 16.90
C VAL D 66 0.66 33.70 16.10
N ALA D 67 -0.16 34.73 16.29
CA ALA D 67 -0.06 35.98 15.55
C ALA D 67 0.58 37.06 16.41
N VAL D 68 1.44 37.86 15.80
CA VAL D 68 2.22 38.87 16.51
C VAL D 68 1.95 40.25 15.91
N MET D 69 1.82 41.25 16.78
CA MET D 69 1.60 42.65 16.39
C MET D 69 2.37 43.56 17.35
N ASP D 70 3.57 43.97 16.95
CA ASP D 70 4.33 44.96 17.72
C ASP D 70 5.42 45.54 16.83
N TYR D 71 6.25 46.40 17.40
CA TYR D 71 7.37 47.00 16.70
C TYR D 71 8.59 46.09 16.83
N ASP D 72 9.75 46.66 16.56
CA ASP D 72 11.03 45.90 16.59
C ASP D 72 11.60 45.91 17.99
N SER D 73 11.63 44.75 18.63
CA SER D 73 12.08 44.67 20.02
C SER D 73 12.65 43.28 20.26
N HIS D 74 13.15 43.08 21.48
CA HIS D 74 13.60 41.75 21.88
C HIS D 74 12.46 40.75 21.86
N ARG D 75 11.22 41.22 22.10
CA ARG D 75 10.06 40.33 22.08
C ARG D 75 9.85 39.72 20.70
N TYR D 76 9.98 40.54 19.65
CA TYR D 76 9.82 40.01 18.29
C TYR D 76 10.93 39.03 17.96
N LEU D 77 12.17 39.30 18.41
CA LEU D 77 13.26 38.37 18.19
C LEU D 77 13.01 37.05 18.91
N GLU D 78 12.46 37.11 20.12
CA GLU D 78 12.15 35.89 20.86
C GLU D 78 11.02 35.12 20.18
N CYS D 79 10.04 35.83 19.61
CA CYS D 79 8.97 35.16 18.89
C CYS D 79 9.45 34.54 17.59
N TYR D 80 10.50 35.12 16.98
CA TYR D 80 11.09 34.54 15.77
C TYR D 80 11.65 33.15 16.00
N PHE D 81 11.91 32.77 17.26
CA PHE D 81 12.52 31.50 17.58
C PHE D 81 11.61 30.57 18.38
N ALA D 82 11.00 31.07 19.46
CA ALA D 82 10.26 30.18 20.35
C ALA D 82 9.06 29.55 19.66
N ILE D 83 8.30 30.32 18.91
CA ILE D 83 7.10 29.83 18.25
C ILE D 83 7.44 28.77 17.19
N PRO D 84 8.39 29.02 16.28
CA PRO D 84 8.74 27.96 15.31
C PRO D 84 9.35 26.72 15.96
N MET D 85 10.13 26.88 17.03
CA MET D 85 10.79 25.72 17.64
C MET D 85 9.77 24.75 18.24
N ILE D 86 8.69 25.29 18.80
CA ILE D 86 7.64 24.44 19.37
C ILE D 86 6.87 23.75 18.24
N GLY D 87 7.03 24.25 17.02
CA GLY D 87 6.36 23.64 15.88
C GLY D 87 5.25 24.49 15.30
N ALA D 88 4.69 25.41 16.09
CA ALA D 88 3.57 26.23 15.66
C ALA D 88 4.01 27.20 14.57
N LYS D 89 3.02 27.78 13.89
CA LYS D 89 3.27 28.75 12.84
C LYS D 89 3.27 30.16 13.42
N LEU D 90 4.16 31.00 12.89
CA LEU D 90 4.28 32.39 13.31
C LEU D 90 3.65 33.27 12.24
N HIS D 91 2.61 34.02 12.62
CA HIS D 91 1.90 34.90 11.70
C HIS D 91 2.28 36.34 12.01
N MET D 92 3.03 36.96 11.11
CA MET D 92 3.40 38.36 11.23
C MET D 92 2.33 39.21 10.56
N ILE D 93 1.66 40.02 11.34
CA ILE D 93 0.57 40.85 10.86
C ILE D 93 1.12 42.21 10.43
N ASN D 94 0.78 42.63 9.22
CA ASN D 94 1.17 43.95 8.72
C ASN D 94 0.26 44.96 9.40
N VAL D 95 0.82 45.75 10.32
CA VAL D 95 0.06 46.70 11.10
C VAL D 95 -0.20 47.96 10.29
N ARG D 96 0.40 48.03 9.10
CA ARG D 96 0.19 49.16 8.20
C ARG D 96 -0.99 48.97 7.27
N LEU D 97 -1.64 47.82 7.30
CA LEU D 97 -2.83 47.58 6.50
C LEU D 97 -4.05 48.21 7.16
N SER D 98 -5.14 48.28 6.40
CA SER D 98 -6.40 48.74 6.95
C SER D 98 -6.95 47.69 7.91
N PRO D 99 -7.78 48.11 8.88
CA PRO D 99 -8.34 47.13 9.82
C PRO D 99 -9.15 46.02 9.16
N GLU D 100 -9.82 46.31 8.03
CA GLU D 100 -10.56 45.27 7.34
C GLU D 100 -9.64 44.22 6.74
N GLN D 101 -8.52 44.65 6.15
CA GLN D 101 -7.56 43.69 5.61
C GLN D 101 -6.90 42.89 6.73
N ILE D 102 -6.62 43.54 7.87
CA ILE D 102 -6.06 42.82 9.01
C ILE D 102 -7.04 41.77 9.50
N LEU D 103 -8.33 42.12 9.58
CA LEU D 103 -9.35 41.16 9.97
C LEU D 103 -9.41 40.00 8.99
N TYR D 104 -9.33 40.29 7.69
CA TYR D 104 -9.35 39.24 6.69
C TYR D 104 -8.17 38.30 6.87
N THR D 105 -6.98 38.85 7.10
CA THR D 105 -5.79 38.01 7.27
C THR D 105 -5.88 37.16 8.52
N ILE D 106 -6.40 37.74 9.62
CA ILE D 106 -6.54 36.97 10.86
C ILE D 106 -7.54 35.84 10.67
N ASP D 107 -8.67 36.12 10.02
CA ASP D 107 -9.66 35.07 9.78
C ASP D 107 -9.11 33.99 8.85
N HIS D 108 -8.36 34.39 7.82
CA HIS D 108 -7.81 33.43 6.86
C HIS D 108 -6.77 32.53 7.52
N ALA D 109 -5.90 33.10 8.35
CA ALA D 109 -4.85 32.33 8.99
C ALA D 109 -5.37 31.49 10.16
N GLU D 110 -6.53 31.84 10.72
CA GLU D 110 -7.10 31.15 11.87
C GLU D 110 -6.13 31.13 13.05
N ASP D 111 -5.79 32.32 13.52
CA ASP D 111 -4.88 32.46 14.65
C ASP D 111 -5.55 32.02 15.94
N ASP D 112 -4.74 31.48 16.86
CA ASP D 112 -5.21 31.04 18.16
C ASP D 112 -4.82 32.00 19.27
N ILE D 113 -3.56 32.43 19.31
CA ILE D 113 -3.07 33.41 20.26
C ILE D 113 -2.62 34.63 19.48
N ILE D 114 -2.94 35.82 20.01
CA ILE D 114 -2.56 37.08 19.39
C ILE D 114 -1.73 37.86 20.40
N LEU D 115 -0.51 38.22 20.03
CA LEU D 115 0.36 39.07 20.82
C LEU D 115 0.36 40.45 20.19
N ILE D 116 -0.26 41.42 20.86
CA ILE D 116 -0.50 42.73 20.29
C ILE D 116 0.06 43.79 21.22
N HIS D 117 0.74 44.78 20.66
CA HIS D 117 1.24 45.90 21.43
C HIS D 117 0.08 46.80 21.87
N GLU D 118 0.34 47.56 22.93
CA GLU D 118 -0.69 48.45 23.48
C GLU D 118 -1.11 49.49 22.44
N GLU D 119 -0.15 50.07 21.73
CA GLU D 119 -0.45 51.15 20.78
C GLU D 119 -1.31 50.67 19.62
N PHE D 120 -1.39 49.37 19.37
CA PHE D 120 -2.25 48.82 18.33
C PHE D 120 -3.60 48.39 18.86
N LEU D 121 -3.89 48.65 20.13
CA LEU D 121 -5.19 48.30 20.69
C LEU D 121 -6.38 48.98 19.99
N PRO D 122 -6.34 50.28 19.66
CA PRO D 122 -7.51 50.87 18.98
C PRO D 122 -7.90 50.18 17.69
N ILE D 123 -6.92 49.72 16.90
CA ILE D 123 -7.23 48.98 15.68
C ILE D 123 -8.03 47.73 16.03
N LEU D 124 -7.57 46.97 17.03
CA LEU D 124 -8.31 45.80 17.47
C LEU D 124 -9.69 46.17 17.98
N ASP D 125 -9.87 47.42 18.43
CA ASP D 125 -11.18 47.86 18.89
C ASP D 125 -12.19 47.93 17.74
N GLN D 126 -11.73 48.08 16.51
CA GLN D 126 -12.62 48.08 15.35
C GLN D 126 -12.82 46.68 14.76
N ILE D 127 -12.10 45.68 15.27
CA ILE D 127 -12.05 44.37 14.63
C ILE D 127 -12.37 43.23 15.58
N LYS D 128 -12.20 43.40 16.89
CA LYS D 128 -12.32 42.29 17.83
C LYS D 128 -13.71 41.66 17.78
N GLY D 129 -14.73 42.45 17.48
CA GLY D 129 -16.10 41.93 17.42
C GLY D 129 -16.33 40.89 16.36
N ARG D 130 -15.62 40.96 15.24
CA ARG D 130 -15.79 40.03 14.13
C ARG D 130 -14.72 38.93 14.12
N ILE D 131 -13.92 38.85 15.17
CA ILE D 131 -12.82 37.89 15.24
C ILE D 131 -13.31 36.62 15.91
N ASP D 132 -13.11 35.48 15.23
CA ASP D 132 -13.32 34.16 15.80
C ASP D 132 -11.99 33.44 15.91
N THR D 133 -12.03 32.24 16.50
CA THR D 133 -10.91 31.30 16.61
C THR D 133 -9.79 31.79 17.51
N VAL D 134 -9.87 32.99 18.07
CA VAL D 134 -8.83 33.53 18.93
C VAL D 134 -9.26 33.36 20.38
N THR D 135 -8.44 32.66 21.16
CA THR D 135 -8.79 32.34 22.54
C THR D 135 -8.06 33.19 23.57
N ARG D 136 -7.00 33.89 23.20
CA ARG D 136 -6.23 34.67 24.16
C ARG D 136 -5.60 35.87 23.49
N TYR D 137 -5.64 37.01 24.18
CA TYR D 137 -4.97 38.22 23.74
C TYR D 137 -3.92 38.60 24.77
N VAL D 138 -2.68 38.77 24.32
CA VAL D 138 -1.57 39.16 25.17
C VAL D 138 -1.17 40.58 24.79
N VAL D 139 -1.25 41.50 25.73
CA VAL D 139 -0.96 42.91 25.47
C VAL D 139 0.50 43.18 25.86
N LEU D 140 1.29 43.63 24.89
CA LEU D 140 2.70 43.92 25.10
C LEU D 140 2.87 45.39 25.45
N ARG D 141 3.66 45.67 26.48
CA ARG D 141 3.93 47.02 26.93
C ARG D 141 5.42 47.19 27.15
N ASP D 142 5.87 48.45 27.13
CA ASP D 142 7.26 48.77 27.41
C ASP D 142 7.53 49.01 28.88
N ASP D 143 6.48 49.08 29.70
CA ASP D 143 6.62 49.27 31.13
C ASP D 143 6.65 47.91 31.83
N GLU D 144 6.55 47.94 33.12
CA GLU D 144 6.58 46.75 33.93
C GLU D 144 5.36 45.93 33.90
N GLU D 145 4.25 46.51 33.46
CA GLU D 145 2.94 45.86 33.46
C GLU D 145 2.69 45.06 32.18
N CYS D 146 3.74 44.68 31.46
CA CYS D 146 3.58 43.90 30.25
C CYS D 146 3.10 42.48 30.60
N GLU D 147 2.08 42.01 29.89
CA GLU D 147 1.60 40.66 30.11
C GLU D 147 2.60 39.62 29.65
N TYR D 148 3.35 39.91 28.58
CA TYR D 148 4.38 38.99 28.10
C TYR D 148 5.45 38.76 29.16
N GLU D 149 5.93 39.82 29.79
CA GLU D 149 6.95 39.69 30.82
C GLU D 149 6.43 38.91 32.03
N ARG D 150 5.20 39.19 32.44
CA ARG D 150 4.62 38.47 33.57
C ARG D 150 4.42 36.99 33.26
N LEU D 151 4.02 36.67 32.03
CA LEU D 151 3.91 35.28 31.62
C LEU D 151 5.28 34.59 31.61
N LEU D 152 6.32 35.32 31.19
CA LEU D 152 7.66 34.76 31.22
C LEU D 152 8.11 34.50 32.66
N GLU D 153 7.75 35.39 33.59
CA GLU D 153 8.28 35.31 34.95
C GLU D 153 7.84 34.05 35.67
N GLN D 154 6.71 33.46 35.28
CA GLN D 154 6.16 32.30 35.98
C GLN D 154 6.66 30.98 35.41
N GLU D 155 7.55 31.00 34.43
CA GLU D 155 8.01 29.77 33.78
C GLU D 155 9.49 29.54 34.06
N SER D 156 9.88 28.28 33.96
CA SER D 156 11.26 27.87 34.17
C SER D 156 12.07 28.05 32.90
N THR D 157 13.39 28.15 33.07
CA THR D 157 14.31 28.36 31.94
C THR D 157 14.86 27.05 31.40
N GLU D 158 14.16 25.94 31.56
CA GLU D 158 14.56 24.64 31.05
C GLU D 158 13.48 24.10 30.13
N TYR D 159 13.87 23.68 28.93
CA TYR D 159 12.92 23.14 27.96
C TYR D 159 13.68 22.27 26.97
N ASN D 160 13.07 21.15 26.60
CA ASN D 160 13.64 20.22 25.63
C ASN D 160 12.84 20.37 24.33
N PHE D 161 13.43 20.97 23.34
CA PHE D 161 12.81 21.25 22.09
C PHE D 161 12.64 20.11 21.18
N PRO D 162 11.45 19.94 20.66
CA PRO D 162 11.17 18.83 19.76
C PRO D 162 11.95 18.60 18.44
N ASP D 163 11.92 17.43 17.85
CA ASP D 163 12.43 17.21 16.54
C ASP D 163 11.31 16.87 15.63
N PHE D 164 11.25 17.55 14.52
CA PHE D 164 10.22 17.24 13.59
C PHE D 164 10.80 17.32 12.22
N ASP D 165 9.97 17.02 11.26
CA ASP D 165 10.38 17.13 9.86
C ASP D 165 10.82 18.55 9.54
N GLU D 166 11.83 18.67 8.68
CA GLU D 166 12.32 19.98 8.27
C GLU D 166 11.37 20.70 7.33
N ASN D 167 10.34 20.03 6.83
CA ASN D 167 9.38 20.62 5.90
C ASN D 167 8.13 21.13 6.60
N THR D 168 8.18 21.33 7.92
CA THR D 168 7.06 21.88 8.65
C THR D 168 7.04 23.40 8.52
N VAL D 169 5.85 23.96 8.30
CA VAL D 169 5.71 25.40 8.11
C VAL D 169 6.05 26.13 9.39
N ALA D 170 6.71 27.28 9.25
CA ALA D 170 7.15 28.09 10.37
C ALA D 170 6.57 29.50 10.39
N THR D 171 6.46 30.16 9.24
CA THR D 171 6.07 31.57 9.21
C THR D 171 5.13 31.84 8.04
N THR D 172 4.18 32.76 8.28
CA THR D 172 3.29 33.30 7.27
C THR D 172 3.12 34.79 7.52
N PHE D 173 3.06 35.59 6.45
CA PHE D 173 2.91 37.03 6.65
C PHE D 173 2.00 37.76 5.66
N TYR D 174 1.35 37.06 4.72
CA TYR D 174 0.21 37.61 3.98
C TYR D 174 0.56 38.91 3.23
N THR D 175 1.40 38.75 2.21
CA THR D 175 1.68 39.86 1.31
C THR D 175 0.40 40.33 0.62
N THR D 176 0.41 41.59 0.17
CA THR D 176 -0.74 42.22 -0.47
C THR D 176 -0.30 42.92 -1.76
N GLY D 177 -0.44 42.22 -2.88
CA GLY D 177 -0.13 42.79 -4.18
C GLY D 177 -1.35 43.37 -4.86
N THR D 178 -1.64 42.90 -6.07
CA THR D 178 -2.83 43.29 -6.82
C THR D 178 -3.66 42.04 -7.07
N THR D 179 -4.49 41.68 -6.10
CA THR D 179 -5.31 40.49 -6.19
C THR D 179 -6.75 40.78 -5.76
N GLY D 180 -6.95 41.85 -4.99
CA GLY D 180 -8.24 42.13 -4.43
C GLY D 180 -8.32 41.73 -2.97
N PHE D 181 -7.62 40.66 -2.63
CA PHE D 181 -7.45 40.21 -1.26
C PHE D 181 -6.00 39.84 -1.03
N PRO D 182 -5.51 39.97 0.20
CA PRO D 182 -4.13 39.59 0.49
C PRO D 182 -3.88 38.11 0.26
N LYS D 183 -2.65 37.78 -0.13
CA LYS D 183 -2.26 36.42 -0.47
C LYS D 183 -1.35 35.85 0.61
N GLY D 184 -1.63 34.61 1.00
CA GLY D 184 -0.85 33.98 2.06
C GLY D 184 0.41 33.35 1.52
N VAL D 185 1.56 33.67 2.07
CA VAL D 185 2.87 33.08 1.72
C VAL D 185 3.46 32.39 2.94
N PHE D 186 4.21 31.37 2.76
CA PHE D 186 4.66 30.52 3.83
C PHE D 186 5.97 29.88 3.58
N PHE D 187 6.71 29.64 4.63
CA PHE D 187 8.04 29.05 4.50
C PHE D 187 8.21 27.97 5.57
N THR D 188 9.14 27.06 5.33
CA THR D 188 9.43 25.98 6.25
C THR D 188 10.75 26.25 6.98
N HIS D 189 11.07 25.36 7.93
CA HIS D 189 12.34 25.47 8.66
C HIS D 189 13.52 25.31 7.72
N ARG D 190 13.45 24.32 6.81
CA ARG D 190 14.54 24.07 5.88
C ARG D 190 14.81 25.29 5.01
N GLN D 191 13.75 25.94 4.52
CA GLN D 191 13.92 27.10 3.65
C GLN D 191 14.60 28.25 4.40
N LEU D 192 14.19 28.51 5.64
CA LEU D 192 14.80 29.60 6.40
C LEU D 192 16.26 29.31 6.72
N VAL D 193 16.57 28.06 7.11
CA VAL D 193 17.94 27.70 7.41
C VAL D 193 18.82 27.82 6.17
N LEU D 194 18.32 27.33 5.04
CA LEU D 194 19.09 27.45 3.79
C LEU D 194 19.24 28.91 3.39
N HIS D 195 18.21 29.72 3.61
CA HIS D 195 18.29 31.15 3.28
C HIS D 195 19.40 31.83 4.07
N THR D 196 19.41 31.66 5.39
CA THR D 196 20.44 32.32 6.19
C THR D 196 21.83 31.77 5.86
N MET D 197 21.95 30.45 5.72
CA MET D 197 23.26 29.86 5.43
C MET D 197 23.80 30.35 4.08
N GLY D 198 23.00 30.25 3.03
CA GLY D 198 23.44 30.61 1.70
C GLY D 198 23.55 32.09 1.44
N ILE D 199 23.01 32.94 2.31
CA ILE D 199 23.23 34.37 2.14
C ILE D 199 24.41 34.82 2.99
N LEU D 200 24.62 34.17 4.14
CA LEU D 200 25.86 34.40 4.87
C LEU D 200 27.06 33.95 4.06
N SER D 201 26.92 32.88 3.28
CA SER D 201 28.02 32.37 2.47
C SER D 201 28.37 33.25 1.29
N THR D 202 27.61 34.22 0.87
CA THR D 202 27.75 35.20 -0.16
C THR D 202 28.03 36.53 0.24
N ILE D 203 27.38 37.00 1.20
CA ILE D 203 27.64 38.37 1.65
C ILE D 203 28.86 38.40 2.56
N GLY D 204 29.08 37.36 3.37
CA GLY D 204 30.21 37.33 4.27
C GLY D 204 31.55 37.10 3.59
N THR D 205 31.56 36.52 2.39
CA THR D 205 32.78 36.18 1.70
C THR D 205 33.28 37.30 0.79
N ASN D 206 32.64 38.46 0.81
CA ASN D 206 33.13 39.59 0.03
C ASN D 206 34.48 40.06 0.57
N ALA D 207 35.30 40.61 -0.34
CA ALA D 207 36.68 40.94 0.01
C ALA D 207 36.74 42.06 1.06
N SER D 208 36.24 43.24 0.70
CA SER D 208 36.33 44.38 1.60
C SER D 208 35.09 45.25 1.69
N GLN D 209 34.12 45.12 0.77
CA GLN D 209 32.98 46.03 0.71
C GLN D 209 31.68 45.26 0.94
N GLY D 210 30.80 45.87 1.73
CA GLY D 210 29.45 45.35 1.90
C GLY D 210 29.37 43.96 2.48
N ARG D 211 30.20 43.66 3.48
CA ARG D 211 30.20 42.34 4.12
C ARG D 211 29.73 42.47 5.57
N LEU D 212 28.99 41.46 6.02
CA LEU D 212 28.58 41.35 7.41
C LEU D 212 29.38 40.23 8.06
N HIS D 213 30.12 40.55 9.10
CA HIS D 213 30.99 39.60 9.77
C HIS D 213 30.66 39.55 11.27
N GLN D 214 31.49 38.83 12.01
CA GLN D 214 31.24 38.58 13.43
C GLN D 214 31.54 39.77 14.32
N GLY D 215 32.15 40.83 13.78
CA GLY D 215 32.47 42.01 14.55
C GLY D 215 31.55 43.19 14.33
N ASP D 216 30.41 43.00 13.67
CA ASP D 216 29.50 44.09 13.37
C ASP D 216 28.55 44.34 14.54
N ILE D 217 27.65 45.30 14.36
CA ILE D 217 26.58 45.56 15.31
C ILE D 217 25.31 45.81 14.50
N TYR D 218 24.33 44.92 14.65
CA TYR D 218 23.15 44.90 13.79
C TYR D 218 22.04 45.78 14.37
N MET D 219 21.30 46.41 13.47
CA MET D 219 20.18 47.28 13.83
C MET D 219 19.16 47.33 12.70
N PRO D 220 18.01 46.69 12.84
CA PRO D 220 17.00 46.74 11.77
C PRO D 220 16.33 48.11 11.71
N ILE D 221 16.09 48.58 10.48
CA ILE D 221 15.29 49.77 10.26
C ILE D 221 14.16 49.40 9.30
N THR D 222 13.77 48.13 9.31
CA THR D 222 12.67 47.59 8.54
C THR D 222 11.56 47.14 9.49
N PRO D 223 10.31 47.06 9.00
CA PRO D 223 9.20 46.76 9.92
C PRO D 223 9.30 45.42 10.64
N MET D 224 10.14 44.49 10.17
CA MET D 224 10.43 43.22 10.83
C MET D 224 9.25 42.25 10.73
N PHE D 225 8.12 42.71 10.22
CA PHE D 225 7.02 41.82 9.90
C PHE D 225 6.80 41.64 8.41
N HIS D 226 7.47 42.43 7.58
CA HIS D 226 7.28 42.34 6.13
C HIS D 226 7.77 41.00 5.58
N VAL D 227 9.08 40.77 5.63
CA VAL D 227 9.69 39.63 4.94
C VAL D 227 10.68 38.90 5.85
N HIS D 228 10.39 38.87 7.16
CA HIS D 228 11.31 38.40 8.19
C HIS D 228 12.45 39.40 8.43
N ALA D 229 12.17 40.68 8.22
CA ALA D 229 13.20 41.73 8.29
C ALA D 229 14.37 41.39 7.36
N TRP D 230 14.04 40.91 6.16
CA TRP D 230 15.00 40.47 5.14
C TRP D 230 15.84 39.29 5.61
N GLY D 231 15.37 38.57 6.62
CA GLY D 231 16.09 37.41 7.13
C GLY D 231 17.34 37.74 7.92
N LEU D 232 17.59 39.02 8.18
CA LEU D 232 18.82 39.48 8.81
C LEU D 232 18.89 39.22 10.31
N PRO D 233 17.78 39.27 11.07
CA PRO D 233 17.88 38.85 12.48
C PRO D 233 18.40 37.44 12.67
N TYR D 234 17.99 36.50 11.81
CA TYR D 234 18.50 35.14 11.88
C TYR D 234 20.01 35.10 11.63
N MET D 235 20.48 35.83 10.62
CA MET D 235 21.90 35.88 10.33
C MET D 235 22.68 36.52 11.47
N ALA D 236 22.12 37.56 12.09
CA ALA D 236 22.81 38.26 13.16
C ALA D 236 22.92 37.39 14.40
N THR D 237 21.86 36.65 14.73
CA THR D 237 21.93 35.78 15.90
C THR D 237 22.76 34.53 15.63
N MET D 238 22.82 34.08 14.37
CA MET D 238 23.72 32.96 14.05
C MET D 238 25.18 33.38 14.20
N LEU D 239 25.51 34.62 13.89
CA LEU D 239 26.86 35.13 14.05
C LEU D 239 27.19 35.48 15.50
N GLY D 240 26.21 35.43 16.40
CA GLY D 240 26.44 35.80 17.78
C GLY D 240 26.85 37.25 17.94
N VAL D 241 26.33 38.12 17.11
CA VAL D 241 26.65 39.56 17.15
C VAL D 241 25.74 40.36 18.06
N LYS D 242 26.13 41.56 18.36
CA LYS D 242 25.32 42.50 19.12
C LYS D 242 24.17 43.03 18.27
N GLN D 243 22.98 43.09 18.84
CA GLN D 243 21.78 43.53 18.15
C GLN D 243 21.11 44.65 18.93
N VAL D 244 20.71 45.71 18.23
CA VAL D 244 20.04 46.86 18.81
C VAL D 244 18.72 47.06 18.10
N TYR D 245 17.64 47.19 18.87
CA TYR D 245 16.29 47.35 18.32
C TYR D 245 15.75 48.72 18.73
N PRO D 246 15.39 49.58 17.78
CA PRO D 246 15.04 50.97 18.13
C PRO D 246 13.59 51.16 18.55
N GLY D 247 12.69 50.34 18.04
CA GLY D 247 11.28 50.49 18.37
C GLY D 247 10.43 51.14 17.29
N LYS D 248 10.11 52.42 17.46
CA LYS D 248 9.10 53.09 16.66
C LYS D 248 9.68 53.84 15.45
N TYR D 249 10.99 53.76 15.22
CA TYR D 249 11.63 54.39 14.06
C TYR D 249 11.43 55.91 14.06
N VAL D 250 11.99 56.55 15.06
CA VAL D 250 12.08 58.02 15.12
C VAL D 250 13.49 58.41 14.69
N PRO D 251 13.63 59.32 13.71
CA PRO D 251 14.98 59.63 13.20
C PRO D 251 15.96 60.09 14.27
N ASP D 252 15.51 60.90 15.22
CA ASP D 252 16.42 61.40 16.26
C ASP D 252 16.91 60.26 17.14
N VAL D 253 16.00 59.40 17.60
CA VAL D 253 16.42 58.29 18.45
C VAL D 253 17.24 57.28 17.63
N LEU D 254 16.94 57.15 16.34
CA LEU D 254 17.75 56.27 15.48
C LEU D 254 19.19 56.77 15.40
N LEU D 255 19.37 58.06 15.16
CA LEU D 255 20.71 58.63 15.10
C LEU D 255 21.42 58.51 16.44
N ASN D 256 20.70 58.76 17.53
CA ASN D 256 21.31 58.64 18.86
C ASN D 256 21.74 57.21 19.13
N LEU D 257 20.93 56.23 18.74
CA LEU D 257 21.29 54.84 18.94
C LEU D 257 22.48 54.44 18.09
N ILE D 258 22.53 54.91 16.84
CA ILE D 258 23.67 54.60 15.98
C ILE D 258 24.95 55.18 16.57
N GLU D 259 24.88 56.40 17.10
CA GLU D 259 26.07 57.02 17.69
C GLU D 259 26.50 56.31 18.97
N GLN D 260 25.56 56.07 19.89
CA GLN D 260 25.92 55.54 21.20
C GLN D 260 26.30 54.07 21.12
N GLU D 261 25.52 53.26 20.41
CA GLU D 261 25.76 51.82 20.32
C GLU D 261 26.80 51.46 19.28
N LYS D 262 27.28 52.43 18.50
CA LYS D 262 28.27 52.20 17.45
C LYS D 262 27.78 51.15 16.44
N VAL D 263 26.58 51.40 15.90
CA VAL D 263 25.99 50.49 14.93
C VAL D 263 26.77 50.56 13.62
N THR D 264 27.13 49.39 13.09
CA THR D 264 27.90 49.31 11.86
C THR D 264 27.15 48.65 10.70
N PHE D 265 26.09 47.90 10.96
CA PHE D 265 25.34 47.24 9.91
C PHE D 265 23.85 47.47 10.13
N SER D 266 23.14 47.86 9.08
CA SER D 266 21.71 48.07 9.14
C SER D 266 21.13 47.90 7.74
N HIS D 267 19.81 47.85 7.66
CA HIS D 267 19.13 47.79 6.38
C HIS D 267 17.89 48.67 6.46
N CYS D 268 17.53 49.28 5.33
CA CYS D 268 16.57 50.36 5.36
C CYS D 268 15.91 50.51 4.00
N VAL D 269 14.91 51.39 3.95
CA VAL D 269 14.22 51.75 2.71
C VAL D 269 14.59 53.20 2.39
N PRO D 270 14.46 53.65 1.14
CA PRO D 270 14.95 54.99 0.78
C PRO D 270 14.34 56.13 1.58
N THR D 271 13.08 55.99 2.01
CA THR D 271 12.42 57.10 2.69
C THR D 271 13.06 57.39 4.03
N ILE D 272 13.26 56.36 4.86
CA ILE D 272 13.86 56.58 6.17
C ILE D 272 15.32 57.00 6.02
N LEU D 273 16.02 56.49 5.01
CA LEU D 273 17.39 56.93 4.77
C LEU D 273 17.43 58.42 4.43
N HIS D 274 16.52 58.87 3.57
CA HIS D 274 16.45 60.30 3.25
C HIS D 274 16.10 61.12 4.47
N LEU D 275 15.32 60.62 5.38
CA LEU D 275 14.97 61.38 6.56
C LEU D 275 16.08 61.43 7.60
N LEU D 276 16.99 60.48 7.58
CA LEU D 276 18.10 60.47 8.48
C LEU D 276 19.26 61.22 7.93
N LEU D 277 19.38 61.29 6.62
CA LEU D 277 20.42 62.14 6.05
C LEU D 277 20.08 63.61 6.15
N SER D 278 18.79 63.95 6.00
CA SER D 278 18.36 65.34 6.03
C SER D 278 18.11 65.85 7.46
N SER D 279 18.21 65.00 8.46
CA SER D 279 17.99 65.43 9.83
C SER D 279 19.12 66.37 10.26
N PRO D 280 18.80 67.42 11.02
CA PRO D 280 19.86 68.33 11.50
C PRO D 280 20.86 67.66 12.44
N LYS D 281 20.46 66.60 13.16
CA LYS D 281 21.37 65.93 14.06
C LYS D 281 22.45 65.13 13.35
N SER D 282 22.29 64.87 12.05
CA SER D 282 23.26 64.08 11.30
C SER D 282 24.36 64.94 10.69
N LYS D 283 24.29 66.25 10.83
CA LYS D 283 25.28 67.13 10.23
C LYS D 283 26.64 66.98 10.92
N ALA D 284 26.64 66.67 12.21
CA ALA D 284 27.87 66.53 12.97
C ALA D 284 28.02 65.11 13.50
N MET D 285 27.76 64.12 12.64
CA MET D 285 27.73 62.72 13.04
C MET D 285 28.65 61.93 12.11
N ASP D 286 29.46 61.05 12.70
CA ASP D 286 30.42 60.26 11.94
C ASP D 286 29.72 59.03 11.38
N PHE D 287 29.60 58.96 10.05
CA PHE D 287 28.91 57.87 9.37
C PHE D 287 29.84 56.90 8.67
N SER D 288 31.15 57.00 8.90
CA SER D 288 32.10 56.16 8.17
C SER D 288 32.36 54.84 8.88
N GLY D 289 31.29 54.16 9.27
CA GLY D 289 31.36 52.80 9.76
C GLY D 289 30.12 52.01 9.43
N TRP D 290 29.23 52.62 8.65
CA TRP D 290 27.86 52.15 8.48
C TRP D 290 27.70 51.47 7.12
N LYS D 291 26.87 50.44 7.07
CA LYS D 291 26.73 49.55 5.92
C LYS D 291 25.26 49.33 5.57
N VAL D 292 24.52 50.43 5.40
CA VAL D 292 23.09 50.33 5.08
C VAL D 292 22.89 49.52 3.81
N VAL D 293 21.90 48.63 3.84
CA VAL D 293 21.43 47.91 2.66
C VAL D 293 20.07 48.50 2.31
N ILE D 294 19.99 49.19 1.18
CA ILE D 294 18.75 49.83 0.74
C ILE D 294 18.14 48.93 -0.32
N GLY D 295 17.30 47.99 0.12
CA GLY D 295 16.68 47.05 -0.78
C GLY D 295 15.18 47.11 -0.76
N GLY D 296 14.63 48.18 -0.21
CA GLY D 296 13.19 48.34 -0.14
C GLY D 296 12.55 48.43 -1.52
N ALA D 297 12.81 49.53 -2.23
CA ALA D 297 12.30 49.69 -3.59
C ALA D 297 13.08 50.79 -4.30
N ALA D 298 13.92 50.41 -5.26
CA ALA D 298 14.46 51.33 -6.27
C ALA D 298 15.20 52.50 -5.62
N LEU D 299 16.33 52.16 -5.00
CA LEU D 299 17.22 53.17 -4.43
C LEU D 299 17.58 54.21 -5.49
N PRO D 300 17.22 55.48 -5.29
CA PRO D 300 17.55 56.51 -6.29
C PRO D 300 19.05 56.76 -6.38
N LYS D 301 19.48 57.18 -7.56
CA LYS D 301 20.89 57.48 -7.79
C LYS D 301 21.32 58.72 -7.03
N ALA D 302 20.47 59.75 -6.99
CA ALA D 302 20.83 60.97 -6.28
C ALA D 302 20.95 60.74 -4.78
N LEU D 303 20.04 59.96 -4.20
CA LEU D 303 20.12 59.64 -2.78
C LEU D 303 21.38 58.83 -2.48
N CYS D 304 21.70 57.86 -3.34
CA CYS D 304 22.91 57.08 -3.15
C CYS D 304 24.15 57.95 -3.23
N LYS D 305 24.24 58.85 -4.16
CA LYS D 305 25.34 59.75 -4.21
C LYS D 305 25.42 60.54 -2.98
N SER D 306 24.34 61.18 -2.58
CA SER D 306 24.40 62.03 -1.40
C SER D 306 24.86 61.23 -0.18
N ALA D 307 24.42 59.98 -0.06
CA ALA D 307 24.85 59.15 1.06
C ALA D 307 26.33 58.77 0.95
N LEU D 308 26.83 58.60 -0.27
CA LEU D 308 28.25 58.25 -0.44
C LEU D 308 29.16 59.39 -0.03
N GLU D 309 28.71 60.64 -0.14
CA GLU D 309 29.51 61.77 0.31
C GLU D 309 29.66 61.82 1.82
N ARG D 310 28.81 61.09 2.55
CA ARG D 310 28.92 60.96 3.99
C ARG D 310 29.74 59.74 4.40
N ASP D 311 30.36 59.07 3.43
CA ASP D 311 31.20 57.88 3.66
C ASP D 311 30.38 56.73 4.26
N ILE D 312 29.27 56.42 3.61
CA ILE D 312 28.39 55.34 4.01
C ILE D 312 28.46 54.25 2.94
N ASP D 313 28.63 53.01 3.37
CA ASP D 313 28.68 51.87 2.46
C ASP D 313 27.24 51.52 2.08
N VAL D 314 26.75 52.18 1.04
CA VAL D 314 25.38 52.00 0.57
C VAL D 314 25.38 51.03 -0.59
N PHE D 315 24.51 50.02 -0.52
CA PHE D 315 24.31 49.10 -1.63
C PHE D 315 22.89 48.58 -1.57
N ALA D 316 22.41 48.09 -2.71
CA ALA D 316 21.02 47.72 -2.88
C ALA D 316 20.87 46.20 -2.95
N GLY D 317 19.68 45.74 -2.55
CA GLY D 317 19.32 44.35 -2.66
C GLY D 317 17.91 44.22 -3.21
N TYR D 318 17.54 42.99 -3.55
CA TYR D 318 16.27 42.74 -4.21
C TYR D 318 15.51 41.63 -3.51
N GLY D 319 14.20 41.84 -3.35
CA GLY D 319 13.33 40.87 -2.71
C GLY D 319 11.92 41.03 -3.22
N MET D 320 11.10 40.10 -2.84
CA MET D 320 9.79 40.10 -3.34
C MET D 320 8.79 39.91 -2.28
N SER D 321 9.03 39.10 -1.30
CA SER D 321 8.12 38.60 -0.26
C SER D 321 7.56 37.24 -0.61
N GLU D 322 7.84 36.76 -1.83
CA GLU D 322 7.58 35.38 -2.21
C GLU D 322 8.87 34.59 -2.38
N THR D 323 10.03 35.23 -2.19
CA THR D 323 11.29 34.66 -2.66
C THR D 323 12.37 34.63 -1.57
N GLY D 324 11.98 34.63 -0.29
CA GLY D 324 12.96 34.46 0.76
C GLY D 324 13.13 35.58 1.77
N PRO D 325 13.16 36.86 1.36
CA PRO D 325 12.93 37.46 0.04
C PRO D 325 14.17 37.66 -0.83
N ILE D 326 15.37 37.57 -0.27
CA ILE D 326 16.55 38.06 -0.97
C ILE D 326 16.85 37.19 -2.19
N LEU D 327 17.02 37.84 -3.34
CA LEU D 327 17.40 37.18 -4.58
C LEU D 327 18.69 37.72 -5.19
N SER D 328 18.97 39.01 -5.04
CA SER D 328 20.17 39.59 -5.61
C SER D 328 20.65 40.73 -4.72
N ILE D 329 21.96 40.92 -4.68
CA ILE D 329 22.59 41.97 -3.87
C ILE D 329 23.71 42.58 -4.70
N VAL D 330 23.87 43.89 -4.60
CA VAL D 330 24.94 44.60 -5.29
C VAL D 330 26.26 44.32 -4.59
N GLN D 331 27.21 43.73 -5.32
CA GLN D 331 28.55 43.47 -4.81
C GLN D 331 29.56 44.07 -5.77
N LEU D 332 30.51 44.82 -5.23
CA LEU D 332 31.50 45.55 -6.03
C LEU D 332 32.86 44.87 -5.93
N THR D 333 33.47 44.63 -7.08
CA THR D 333 34.84 44.14 -7.12
C THR D 333 35.80 45.24 -6.71
N PRO D 334 37.00 44.88 -6.24
CA PRO D 334 37.98 45.91 -5.86
C PRO D 334 38.38 46.83 -7.01
N GLU D 335 38.26 46.38 -8.26
CA GLU D 335 38.46 47.28 -9.38
C GLU D 335 37.38 48.35 -9.44
N GLN D 336 36.14 47.97 -9.18
CA GLN D 336 35.02 48.91 -9.22
C GLN D 336 35.01 49.89 -8.05
N LEU D 337 35.83 49.66 -7.03
CA LEU D 337 35.88 50.52 -5.86
C LEU D 337 36.79 51.74 -6.05
N GLU D 338 37.42 51.86 -7.21
CA GLU D 338 38.28 53.02 -7.51
C GLU D 338 37.55 54.11 -8.27
N LEU D 339 36.28 53.89 -8.62
CA LEU D 339 35.48 54.93 -9.25
C LEU D 339 35.17 56.02 -8.24
N ASP D 340 34.97 57.26 -8.73
CA ASP D 340 35.08 58.39 -7.83
C ASP D 340 33.82 58.60 -6.99
N VAL D 341 32.73 59.07 -7.60
CA VAL D 341 31.47 59.18 -6.87
C VAL D 341 30.28 58.82 -7.76
N ASP D 342 30.49 58.83 -9.07
CA ASP D 342 29.38 58.76 -10.02
C ASP D 342 29.14 57.36 -10.56
N GLN D 343 30.15 56.74 -11.16
CA GLN D 343 30.02 55.37 -11.62
C GLN D 343 29.70 54.44 -10.45
N GLN D 344 30.26 54.74 -9.27
CA GLN D 344 29.89 54.00 -8.07
C GLN D 344 28.42 54.21 -7.74
N ALA D 345 27.91 55.43 -7.94
CA ALA D 345 26.50 55.69 -7.69
C ALA D 345 25.61 54.87 -8.63
N GLU D 346 26.01 54.77 -9.90
CA GLU D 346 25.23 53.94 -10.83
C GLU D 346 25.31 52.47 -10.46
N TYR D 347 26.49 51.97 -10.11
CA TYR D 347 26.64 50.55 -9.80
C TYR D 347 25.91 50.17 -8.52
N ARG D 348 25.98 51.03 -7.50
CA ARG D 348 25.41 50.70 -6.19
C ARG D 348 23.88 50.75 -6.19
N SER D 349 23.27 51.48 -7.12
CA SER D 349 21.82 51.61 -7.18
C SER D 349 21.16 50.58 -8.07
N LYS D 350 21.92 49.68 -8.68
CA LYS D 350 21.35 48.64 -9.52
C LYS D 350 20.68 47.58 -8.67
N THR D 351 19.99 46.65 -9.35
CA THR D 351 19.36 45.55 -8.63
C THR D 351 20.39 44.59 -8.07
N GLY D 352 21.48 44.36 -8.78
CA GLY D 352 22.59 43.56 -8.28
C GLY D 352 22.66 42.20 -8.96
N LYS D 353 23.73 41.48 -8.63
CA LYS D 353 23.93 40.13 -9.13
C LYS D 353 23.19 39.12 -8.27
N LYS D 354 22.76 38.03 -8.89
CA LYS D 354 22.02 37.01 -8.16
C LYS D 354 22.91 36.32 -7.13
N VAL D 355 22.31 35.98 -6.00
CA VAL D 355 23.02 35.36 -4.89
C VAL D 355 23.19 33.86 -5.16
N ALA D 356 23.97 33.19 -4.30
CA ALA D 356 24.25 31.77 -4.49
C ALA D 356 22.97 30.96 -4.51
N LEU D 357 22.94 29.95 -5.39
CA LEU D 357 21.84 29.01 -5.53
C LEU D 357 20.59 29.66 -6.12
N VAL D 358 20.76 30.61 -7.02
CA VAL D 358 19.66 31.31 -7.68
C VAL D 358 19.92 31.28 -9.19
N GLU D 359 18.86 31.03 -9.96
CA GLU D 359 18.99 30.87 -11.42
C GLU D 359 18.78 32.20 -12.15
N ALA D 360 17.60 32.81 -11.99
CA ALA D 360 17.35 34.20 -12.41
C ALA D 360 17.58 34.40 -13.91
N TYR D 361 16.72 33.75 -14.69
CA TYR D 361 16.64 34.00 -16.12
C TYR D 361 15.69 35.17 -16.43
N ILE D 362 15.75 35.65 -17.67
CA ILE D 362 14.87 36.69 -18.17
C ILE D 362 14.03 36.07 -19.28
N VAL D 363 12.75 36.19 -19.28
CA VAL D 363 11.91 35.53 -20.25
C VAL D 363 10.89 36.54 -20.72
N ASP D 364 10.13 36.16 -21.67
CA ASP D 364 9.04 36.92 -22.23
C ASP D 364 7.71 36.19 -22.03
N GLU D 365 6.65 36.70 -22.67
CA GLU D 365 5.31 36.16 -22.44
C GLU D 365 5.18 34.70 -22.87
N ASP D 366 6.08 34.20 -23.71
CA ASP D 366 6.06 32.81 -24.14
C ASP D 366 7.14 31.97 -23.48
N MET D 367 7.84 32.53 -22.49
CA MET D 367 8.91 31.83 -21.76
C MET D 367 10.00 31.34 -22.73
N ASN D 368 10.64 32.30 -23.39
CA ASN D 368 11.62 32.00 -24.43
C ASN D 368 13.05 32.31 -24.01
N LYS D 369 13.28 32.82 -22.80
CA LYS D 369 14.62 33.03 -22.25
C LYS D 369 15.45 33.98 -23.15
N LEU D 370 15.00 35.23 -23.16
CA LEU D 370 15.66 36.31 -23.89
C LEU D 370 17.12 36.42 -23.51
N PRO D 371 17.99 36.84 -24.43
CA PRO D 371 19.43 36.86 -24.13
C PRO D 371 19.81 37.96 -23.15
N HIS D 372 20.98 37.82 -22.56
CA HIS D 372 21.50 38.76 -21.57
C HIS D 372 22.43 39.77 -22.23
N ASP D 373 21.85 40.60 -23.10
CA ASP D 373 22.61 41.62 -23.82
C ASP D 373 22.56 42.99 -23.15
N GLY D 374 21.78 43.15 -22.08
CA GLY D 374 21.69 44.40 -21.37
C GLY D 374 20.79 45.44 -22.00
N GLU D 375 20.08 45.10 -23.07
CA GLU D 375 19.16 46.04 -23.70
C GLU D 375 17.77 45.42 -23.84
N THR D 376 17.72 44.10 -23.96
CA THR D 376 16.44 43.40 -24.13
C THR D 376 15.79 43.18 -22.78
N ALA D 377 14.66 43.84 -22.56
CA ALA D 377 13.95 43.76 -21.29
C ALA D 377 12.99 42.58 -21.29
N GLY D 378 12.76 42.04 -20.10
CA GLY D 378 11.85 40.91 -19.95
C GLY D 378 11.54 40.69 -18.48
N GLU D 379 10.66 39.74 -18.23
CA GLU D 379 10.27 39.42 -16.86
C GLU D 379 11.32 38.55 -16.18
N ILE D 380 11.57 38.82 -14.91
CA ILE D 380 12.51 38.02 -14.13
C ILE D 380 11.84 36.72 -13.73
N VAL D 381 12.51 35.59 -13.81
CA VAL D 381 11.95 34.33 -13.43
C VAL D 381 13.07 33.55 -12.77
N VAL D 382 12.81 33.02 -11.61
CA VAL D 382 13.81 32.56 -10.67
C VAL D 382 13.47 31.17 -10.14
N ARG D 383 14.52 30.45 -9.72
CA ARG D 383 14.43 29.24 -8.91
C ARG D 383 15.41 29.37 -7.77
N ALA D 384 14.98 28.99 -6.57
CA ALA D 384 15.80 29.16 -5.37
C ALA D 384 15.33 28.14 -4.33
N PRO D 385 16.18 27.82 -3.35
CA PRO D 385 15.79 26.86 -2.32
C PRO D 385 14.81 27.41 -1.28
N TRP D 386 14.42 28.68 -1.37
CA TRP D 386 13.60 29.32 -0.35
C TRP D 386 12.46 30.11 -0.97
N LEU D 387 11.76 29.48 -1.91
CA LEU D 387 10.57 30.08 -2.53
C LEU D 387 9.31 29.40 -2.02
N THR D 388 8.21 30.16 -2.04
CA THR D 388 6.92 29.62 -1.64
C THR D 388 6.40 28.69 -2.73
N PRO D 389 6.01 27.45 -2.40
CA PRO D 389 5.46 26.57 -3.42
C PRO D 389 4.16 27.07 -4.03
N ASN D 390 3.35 27.81 -3.27
CA ASN D 390 2.05 28.30 -3.74
C ASN D 390 1.54 29.31 -2.72
N TYR D 391 0.41 29.92 -3.05
CA TYR D 391 -0.30 30.77 -2.11
C TYR D 391 -1.20 29.93 -1.22
N TYR D 392 -1.32 30.34 0.04
CA TYR D 392 -2.09 29.58 1.01
C TYR D 392 -3.57 29.64 0.65
N LYS D 393 -4.20 28.47 0.55
CA LYS D 393 -5.63 28.33 0.22
C LYS D 393 -5.97 28.99 -1.11
N ASP D 394 -5.07 28.84 -2.09
CA ASP D 394 -5.30 29.34 -3.44
C ASP D 394 -4.90 28.27 -4.44
N ASN D 395 -5.62 28.24 -5.57
CA ASN D 395 -5.34 27.28 -6.63
C ASN D 395 -4.88 27.98 -7.92
N LYS D 396 -5.69 28.88 -8.47
CA LYS D 396 -5.37 29.46 -9.77
C LYS D 396 -4.34 30.57 -9.66
N ASN D 397 -4.36 31.37 -8.60
CA ASN D 397 -3.27 32.30 -8.35
C ASN D 397 -1.96 31.57 -8.13
N SER D 398 -2.02 30.42 -7.45
CA SER D 398 -0.84 29.58 -7.28
C SER D 398 -0.34 29.06 -8.62
N LYS D 399 -1.27 28.65 -9.50
CA LYS D 399 -0.87 28.17 -10.83
C LYS D 399 -0.22 29.27 -11.64
N ALA D 400 -0.75 30.50 -11.55
CA ALA D 400 -0.14 31.61 -12.27
C ALA D 400 1.20 32.00 -11.65
N LEU D 401 1.39 31.74 -10.36
CA LEU D 401 2.65 32.08 -9.71
C LEU D 401 3.80 31.20 -10.22
N TRP D 402 3.52 29.92 -10.45
CA TRP D 402 4.55 28.96 -10.85
C TRP D 402 4.32 28.47 -12.28
N ARG D 403 3.95 29.38 -13.17
CA ARG D 403 3.69 29.03 -14.57
C ARG D 403 4.98 28.62 -15.26
N GLY D 404 4.92 27.54 -16.03
CA GLY D 404 6.07 27.12 -16.81
C GLY D 404 7.19 26.49 -16.02
N GLY D 405 6.92 26.03 -14.80
CA GLY D 405 7.95 25.44 -13.99
C GLY D 405 8.88 26.42 -13.32
N TYR D 406 8.51 27.70 -13.28
CA TYR D 406 9.35 28.74 -12.69
C TYR D 406 8.47 29.70 -11.91
N LEU D 407 9.06 30.35 -10.92
CA LEU D 407 8.34 31.34 -10.13
C LEU D 407 8.34 32.68 -10.87
N HIS D 408 7.14 33.22 -11.09
CA HIS D 408 6.98 34.48 -11.80
C HIS D 408 7.03 35.64 -10.83
N THR D 409 7.91 36.60 -11.12
CA THR D 409 8.17 37.72 -10.22
C THR D 409 7.25 38.90 -10.46
N GLY D 410 7.02 39.25 -11.72
CA GLY D 410 6.24 40.43 -12.06
C GLY D 410 7.05 41.68 -12.32
N ASP D 411 8.37 41.57 -12.35
CA ASP D 411 9.26 42.70 -12.61
C ASP D 411 9.89 42.55 -13.98
N VAL D 412 9.95 43.65 -14.73
CA VAL D 412 10.51 43.67 -16.08
C VAL D 412 11.86 44.36 -15.99
N ALA D 413 12.90 43.63 -16.42
CA ALA D 413 14.28 44.04 -16.25
C ALA D 413 15.13 43.48 -17.40
N HIS D 414 16.33 44.02 -17.53
CA HIS D 414 17.32 43.51 -18.47
C HIS D 414 18.58 43.13 -17.72
N ILE D 415 19.23 42.04 -18.16
CA ILE D 415 20.45 41.55 -17.56
C ILE D 415 21.60 41.78 -18.53
N ASP D 416 22.66 42.41 -18.06
CA ASP D 416 23.79 42.71 -18.93
C ASP D 416 24.78 41.55 -18.96
N ASP D 417 25.89 41.77 -19.67
CA ASP D 417 26.83 40.69 -19.96
C ASP D 417 27.50 40.16 -18.68
N GLU D 418 27.93 41.06 -17.79
CA GLU D 418 28.64 40.61 -16.60
C GLU D 418 27.68 40.13 -15.51
N GLY D 419 26.38 40.33 -15.68
CA GLY D 419 25.42 39.75 -14.75
C GLY D 419 24.61 40.74 -13.94
N PHE D 420 24.87 42.03 -14.12
CA PHE D 420 24.14 43.04 -13.36
C PHE D 420 22.69 43.14 -13.84
N ILE D 421 21.76 43.08 -12.89
CA ILE D 421 20.34 43.20 -13.18
C ILE D 421 19.92 44.65 -12.93
N LYS D 422 19.05 45.16 -13.77
CA LYS D 422 18.47 46.46 -13.59
C LYS D 422 17.02 46.35 -13.88
N ILE D 423 16.20 46.56 -12.85
CA ILE D 423 14.75 46.48 -13.02
C ILE D 423 14.25 47.77 -13.66
N THR D 424 13.46 47.61 -14.71
CA THR D 424 12.93 48.76 -15.45
C THR D 424 11.49 49.09 -15.11
N ASP D 425 10.64 48.09 -14.88
CA ASP D 425 9.23 48.38 -14.63
C ASP D 425 8.55 47.16 -14.03
N ARG D 426 7.23 47.20 -13.94
CA ARG D 426 6.41 46.06 -13.56
C ARG D 426 5.74 45.48 -14.80
N VAL D 427 5.30 44.23 -14.68
CA VAL D 427 4.63 43.57 -15.80
C VAL D 427 3.32 44.26 -16.14
N LYS D 428 2.52 44.59 -15.13
CA LYS D 428 1.20 45.18 -15.35
C LYS D 428 1.27 46.67 -15.66
N ASP D 429 2.43 47.31 -15.51
CA ASP D 429 2.58 48.73 -15.77
C ASP D 429 3.30 49.00 -17.09
N MET D 430 3.28 48.03 -18.01
CA MET D 430 3.95 48.19 -19.29
C MET D 430 3.05 48.92 -20.27
N ILE D 431 3.52 49.90 -21.00
CA ILE D 431 2.66 50.48 -22.03
C ILE D 431 2.93 49.54 -23.15
N LYS D 432 2.01 48.64 -23.40
CA LYS D 432 2.11 47.79 -24.56
C LYS D 432 1.69 48.50 -25.84
N ILE D 433 2.20 49.70 -26.04
CA ILE D 433 1.92 50.52 -27.22
C ILE D 433 2.34 49.75 -28.47
N SER D 434 1.57 49.92 -29.55
CA SER D 434 1.81 49.21 -30.80
C SER D 434 1.96 47.72 -30.55
N GLY D 435 3.16 47.19 -30.81
CA GLY D 435 3.51 45.84 -30.44
C GLY D 435 4.66 45.83 -29.46
N GLU D 436 5.18 47.03 -29.16
CA GLU D 436 6.32 47.20 -28.27
C GLU D 436 5.87 47.21 -26.81
N TRP D 437 6.85 47.07 -25.92
CA TRP D 437 6.62 47.11 -24.47
C TRP D 437 7.43 48.27 -23.90
N VAL D 438 6.75 49.38 -23.61
CA VAL D 438 7.39 50.56 -23.07
C VAL D 438 7.17 50.61 -21.56
N SER D 439 8.17 51.10 -20.84
CA SER D 439 8.11 51.22 -19.39
C SER D 439 7.63 52.60 -18.99
N SER D 440 6.77 52.65 -17.97
CA SER D 440 6.23 53.90 -17.48
C SER D 440 7.12 54.59 -16.47
N LEU D 441 8.21 53.93 -16.03
CA LEU D 441 9.08 54.54 -15.02
C LEU D 441 9.93 55.65 -15.62
N GLU D 442 10.47 55.43 -16.83
CA GLU D 442 11.31 56.46 -17.45
C GLU D 442 10.50 57.69 -17.84
N LEU D 443 9.24 57.51 -18.24
CA LEU D 443 8.39 58.66 -18.52
C LEU D 443 8.08 59.44 -17.25
N GLU D 444 7.86 58.74 -16.13
CA GLU D 444 7.63 59.41 -14.86
C GLU D 444 8.87 60.20 -14.42
N ASP D 445 10.06 59.62 -14.60
CA ASP D 445 11.28 60.30 -14.21
C ASP D 445 11.50 61.57 -15.02
N ILE D 446 11.22 61.52 -16.32
CA ILE D 446 11.40 62.69 -17.18
C ILE D 446 10.45 63.82 -16.74
N LEU D 447 9.19 63.47 -16.47
CA LEU D 447 8.22 64.48 -16.08
C LEU D 447 8.45 64.95 -14.65
N HIS D 448 9.02 64.11 -13.79
CA HIS D 448 9.28 64.50 -12.41
C HIS D 448 10.37 65.56 -12.32
N GLN D 449 11.32 65.55 -13.26
CA GLN D 449 12.43 66.51 -13.26
C GLN D 449 11.96 67.95 -13.44
N HIS D 450 10.74 68.16 -13.94
CA HIS D 450 10.24 69.52 -14.17
C HIS D 450 10.20 70.32 -12.88
N GLN D 451 10.53 71.60 -12.98
CA GLN D 451 10.64 72.46 -11.80
C GLN D 451 9.30 72.61 -11.09
N SER D 452 8.22 72.76 -11.85
CA SER D 452 6.89 73.00 -11.28
C SER D 452 6.06 71.72 -11.22
N VAL D 453 6.69 70.58 -10.95
CA VAL D 453 6.03 69.29 -10.89
C VAL D 453 6.36 68.63 -9.56
N SER D 454 5.33 68.12 -8.87
CA SER D 454 5.50 67.47 -7.59
C SER D 454 5.56 65.95 -7.71
N GLU D 455 4.55 65.34 -8.31
CA GLU D 455 4.49 63.89 -8.45
C GLU D 455 3.79 63.54 -9.76
N VAL D 456 4.32 62.55 -10.46
CA VAL D 456 3.84 62.16 -11.78
C VAL D 456 3.49 60.68 -11.76
N ALA D 457 2.32 60.34 -12.29
CA ALA D 457 1.90 58.96 -12.50
C ALA D 457 1.48 58.79 -13.94
N VAL D 458 1.92 57.70 -14.57
CA VAL D 458 1.63 57.43 -15.97
C VAL D 458 0.74 56.20 -16.05
N ILE D 459 -0.34 56.31 -16.81
CA ILE D 459 -1.35 55.25 -16.92
C ILE D 459 -1.63 55.01 -18.39
N GLY D 460 -1.70 53.73 -18.77
CA GLY D 460 -2.00 53.36 -20.14
C GLY D 460 -3.47 53.47 -20.49
N MET D 461 -3.79 54.46 -21.33
CA MET D 461 -5.13 54.66 -21.86
C MET D 461 -5.34 53.79 -23.14
N PRO D 462 -6.33 52.84 -23.18
CA PRO D 462 -6.46 51.95 -24.34
C PRO D 462 -6.88 52.68 -25.61
N HIS D 463 -6.34 52.24 -26.74
CA HIS D 463 -6.59 52.87 -28.03
C HIS D 463 -7.11 51.81 -28.98
N ASN D 464 -7.77 52.23 -30.05
CA ASN D 464 -8.12 51.27 -31.11
C ASN D 464 -6.80 50.72 -31.70
N LYS D 465 -5.96 51.62 -32.22
CA LYS D 465 -4.66 51.26 -32.80
C LYS D 465 -3.53 51.59 -31.80
N TRP D 466 -2.25 51.56 -32.20
CA TRP D 466 -1.17 51.82 -31.24
C TRP D 466 -1.34 51.07 -29.93
N GLY D 467 -2.01 49.92 -29.94
CA GLY D 467 -2.26 49.18 -28.71
C GLY D 467 -2.96 50.03 -27.67
N GLU D 468 -2.23 50.38 -26.61
CA GLU D 468 -2.71 51.31 -25.59
C GLU D 468 -1.69 52.44 -25.46
N VAL D 469 -2.19 53.65 -25.26
CA VAL D 469 -1.34 54.84 -25.23
C VAL D 469 -1.24 55.31 -23.78
N PRO D 470 -0.17 56.03 -23.44
CA PRO D 470 0.02 56.47 -22.06
C PRO D 470 -0.73 57.76 -21.77
N LEU D 471 -1.22 57.85 -20.53
CA LEU D 471 -1.88 59.05 -20.03
C LEU D 471 -1.20 59.45 -18.72
N ALA D 472 -0.79 60.71 -18.63
CA ALA D 472 0.01 61.19 -17.51
C ALA D 472 -0.84 61.99 -16.54
N LEU D 473 -0.72 61.67 -15.25
CA LEU D 473 -1.35 62.41 -14.18
C LEU D 473 -0.26 63.07 -13.34
N VAL D 474 -0.36 64.39 -13.18
CA VAL D 474 0.69 65.18 -12.53
C VAL D 474 0.06 66.10 -11.49
N THR D 475 0.74 66.27 -10.36
CA THR D 475 0.36 67.23 -9.34
C THR D 475 1.40 68.35 -9.30
N LEU D 476 0.92 69.59 -9.23
CA LEU D 476 1.80 70.74 -9.29
C LEU D 476 2.26 71.14 -7.88
N LYS D 477 3.28 72.00 -7.84
CA LYS D 477 3.84 72.47 -6.59
C LYS D 477 3.07 73.69 -6.10
N GLU D 478 3.59 74.35 -5.07
CA GLU D 478 2.92 75.50 -4.48
C GLU D 478 3.02 76.71 -5.41
N ASP D 479 1.88 77.35 -5.66
CA ASP D 479 1.80 78.55 -6.49
C ASP D 479 2.39 78.32 -7.88
N ALA D 480 2.17 77.13 -8.42
CA ALA D 480 2.66 76.76 -9.74
C ALA D 480 1.48 76.43 -10.64
N GLN D 481 1.46 77.03 -11.83
CA GLN D 481 0.41 76.80 -12.81
C GLN D 481 1.07 76.71 -14.19
N VAL D 482 1.29 75.47 -14.64
CA VAL D 482 1.93 75.25 -15.94
C VAL D 482 0.90 74.54 -16.84
N THR D 483 0.68 75.06 -18.04
CA THR D 483 -0.33 74.54 -18.94
C THR D 483 0.05 73.14 -19.43
N GLU D 484 -0.97 72.40 -19.88
CA GLU D 484 -0.75 71.03 -20.35
C GLU D 484 0.15 71.02 -21.58
N LYS D 485 0.02 72.02 -22.45
CA LYS D 485 0.82 72.06 -23.67
C LYS D 485 2.30 72.16 -23.36
N GLU D 486 2.67 72.94 -22.35
CA GLU D 486 4.07 73.05 -21.96
C GLU D 486 4.62 71.71 -21.48
N LEU D 487 3.84 71.00 -20.68
CA LEU D 487 4.28 69.68 -20.20
C LEU D 487 4.45 68.71 -21.36
N LEU D 488 3.53 68.73 -22.32
CA LEU D 488 3.69 67.90 -23.51
C LEU D 488 4.95 68.27 -24.28
N GLY D 489 5.18 69.57 -24.47
CA GLY D 489 6.39 70.01 -25.15
C GLY D 489 7.65 69.73 -24.37
N PHE D 490 7.59 69.82 -23.05
CA PHE D 490 8.77 69.58 -22.22
C PHE D 490 9.28 68.16 -22.39
N ALA D 491 8.37 67.18 -22.42
CA ALA D 491 8.76 65.80 -22.68
C ALA D 491 9.29 65.62 -24.10
N LYS D 492 8.73 66.36 -25.06
CA LYS D 492 9.20 66.27 -26.44
C LYS D 492 10.61 66.78 -26.62
N ASP D 493 11.14 67.54 -25.65
CA ASP D 493 12.49 68.08 -25.78
C ASP D 493 13.53 66.97 -25.78
N PHE D 494 13.33 65.94 -24.96
CA PHE D 494 14.31 64.87 -24.82
C PHE D 494 14.37 64.05 -26.11
N ILE D 495 15.41 63.21 -26.20
CA ILE D 495 15.68 62.44 -27.40
C ILE D 495 15.94 60.98 -27.03
N ASN D 496 16.32 60.18 -28.03
CA ASN D 496 16.68 58.77 -27.85
C ASN D 496 15.48 57.94 -27.37
N LYS D 497 14.43 57.95 -28.18
CA LYS D 497 13.27 57.09 -27.97
C LYS D 497 12.82 56.52 -29.30
N GLY D 498 12.35 55.27 -29.27
CA GLY D 498 11.98 54.55 -30.46
C GLY D 498 10.52 54.72 -30.84
N ILE D 499 10.05 53.81 -31.70
CA ILE D 499 8.68 53.77 -32.18
C ILE D 499 8.36 55.10 -32.88
N LEU D 500 7.08 55.45 -32.97
CA LEU D 500 6.66 56.66 -33.66
C LEU D 500 7.36 57.89 -33.09
N ALA D 501 8.21 58.52 -33.91
CA ALA D 501 9.03 59.65 -33.50
C ALA D 501 9.82 59.31 -32.24
N ARG D 502 9.31 59.71 -31.07
CA ARG D 502 9.92 59.37 -29.80
C ARG D 502 8.91 58.98 -28.73
N GLU D 503 7.77 58.39 -29.10
CA GLU D 503 6.66 58.13 -28.19
C GLU D 503 6.21 59.45 -27.58
N ALA D 504 6.22 60.52 -28.37
CA ALA D 504 5.61 61.78 -27.97
C ALA D 504 4.66 62.22 -29.08
N LEU D 505 3.47 61.62 -29.09
CA LEU D 505 2.34 62.13 -29.85
C LEU D 505 1.03 62.00 -29.09
N LEU D 506 0.97 61.16 -28.05
CA LEU D 506 -0.25 60.89 -27.31
C LEU D 506 0.03 60.83 -25.80
N LEU D 507 0.91 61.70 -25.31
CA LEU D 507 1.27 61.67 -23.89
C LEU D 507 0.05 61.90 -23.01
N LYS D 508 -0.83 62.82 -23.41
CA LYS D 508 -2.12 63.04 -22.75
C LYS D 508 -1.94 63.37 -21.26
N VAL D 509 -1.08 64.36 -21.00
CA VAL D 509 -0.85 64.80 -19.63
C VAL D 509 -2.09 65.52 -19.12
N LYS D 510 -2.43 65.28 -17.86
CA LYS D 510 -3.61 65.88 -17.26
C LYS D 510 -3.28 66.35 -15.86
N ILE D 511 -3.92 67.40 -15.38
CA ILE D 511 -3.70 67.80 -14.02
C ILE D 511 -4.76 67.15 -13.13
N VAL D 512 -4.29 66.45 -12.12
CA VAL D 512 -5.07 66.15 -10.93
C VAL D 512 -4.56 66.98 -9.74
N ASP D 513 -5.45 67.31 -8.80
CA ASP D 513 -5.10 67.90 -7.51
C ASP D 513 -4.40 66.88 -6.61
N GLU D 514 -4.87 65.65 -6.61
CA GLU D 514 -4.27 64.59 -5.79
C GLU D 514 -4.21 63.30 -6.60
N ILE D 515 -3.31 62.41 -6.19
CA ILE D 515 -3.15 61.10 -6.79
C ILE D 515 -3.36 60.05 -5.71
N ALA D 516 -4.19 59.06 -6.01
CA ALA D 516 -4.55 58.04 -5.02
C ALA D 516 -3.33 57.18 -4.68
N LYS D 517 -3.21 56.85 -3.40
CA LYS D 517 -2.15 55.97 -2.90
C LYS D 517 -2.75 54.85 -2.07
N THR D 518 -2.02 53.74 -1.99
CA THR D 518 -2.46 52.61 -1.18
C THR D 518 -2.18 52.92 0.29
N SER D 519 -2.55 51.97 1.17
CA SER D 519 -2.37 52.16 2.61
C SER D 519 -0.89 52.27 3.00
N VAL D 520 0.02 51.78 2.16
CA VAL D 520 1.44 51.88 2.46
C VAL D 520 2.01 53.24 2.05
N GLY D 521 1.51 53.83 0.98
CA GLY D 521 2.02 55.10 0.50
C GLY D 521 2.57 54.98 -0.91
N LYS D 522 2.17 53.93 -1.61
CA LYS D 522 2.56 53.69 -2.99
C LYS D 522 1.42 54.09 -3.92
N VAL D 523 1.78 54.63 -5.09
CA VAL D 523 0.76 55.08 -6.03
C VAL D 523 -0.08 53.88 -6.46
N ASP D 524 -1.40 53.99 -6.27
CA ASP D 524 -2.33 52.92 -6.62
C ASP D 524 -2.74 53.18 -8.07
N LYS D 525 -2.02 52.52 -9.00
CA LYS D 525 -2.31 52.72 -10.41
C LYS D 525 -3.63 52.06 -10.80
N LYS D 526 -4.00 50.97 -10.13
CA LYS D 526 -5.23 50.26 -10.45
C LYS D 526 -6.45 51.15 -10.22
N GLU D 527 -6.49 51.86 -9.09
CA GLU D 527 -7.59 52.78 -8.83
C GLU D 527 -7.56 53.96 -9.80
N LEU D 528 -6.37 54.39 -10.21
CA LEU D 528 -6.27 55.46 -11.19
C LEU D 528 -6.91 55.07 -12.52
N ARG D 529 -6.83 53.81 -12.87
CA ARG D 529 -7.48 53.41 -14.08
C ARG D 529 -8.93 53.66 -13.91
N LYS D 530 -9.54 53.05 -12.91
CA LYS D 530 -10.99 53.10 -12.76
C LYS D 530 -11.50 54.54 -12.75
N LEU D 531 -10.77 55.44 -12.09
CA LEU D 531 -11.22 56.82 -12.00
C LEU D 531 -11.20 57.52 -13.36
N HIS D 532 -10.17 57.26 -14.16
CA HIS D 532 -9.99 57.96 -15.42
C HIS D 532 -10.47 57.17 -16.64
N LEU D 533 -10.69 55.87 -16.51
CA LEU D 533 -11.17 55.06 -17.62
C LEU D 533 -11.86 53.79 -17.14
N ASN E 6 -16.21 2.12 -13.96
CA ASN E 6 -17.34 1.97 -13.05
C ASN E 6 -18.05 0.64 -13.25
N ASP E 7 -18.38 -0.01 -12.14
CA ASP E 7 -19.12 -1.27 -12.19
C ASP E 7 -20.59 -0.98 -12.49
N PRO E 8 -21.15 -1.50 -13.58
CA PRO E 8 -22.57 -1.24 -13.88
C PRO E 8 -23.51 -1.75 -12.81
N SER E 9 -23.14 -2.80 -12.07
CA SER E 9 -23.98 -3.29 -10.98
C SER E 9 -23.88 -2.44 -9.72
N ASN E 10 -22.91 -1.54 -9.65
CA ASN E 10 -22.75 -0.63 -8.52
C ASN E 10 -23.46 0.68 -8.88
N TYR E 11 -24.63 0.90 -8.29
CA TYR E 11 -25.46 2.04 -8.64
C TYR E 11 -25.00 3.28 -7.88
N GLN E 12 -24.80 4.37 -8.61
CA GLN E 12 -24.47 5.67 -8.03
C GLN E 12 -25.69 6.57 -8.07
N LEU E 13 -25.94 7.27 -6.96
CA LEU E 13 -27.08 8.18 -6.84
C LEU E 13 -26.66 9.54 -7.39
N LEU E 14 -27.05 9.82 -8.63
CA LEU E 14 -26.66 11.04 -9.32
C LEU E 14 -27.89 11.87 -9.66
N ILE E 15 -27.65 13.16 -9.87
CA ILE E 15 -28.75 14.09 -10.16
C ILE E 15 -29.37 13.78 -11.53
N LYS E 16 -28.59 13.25 -12.47
CA LYS E 16 -29.13 12.94 -13.79
C LYS E 16 -30.19 11.86 -13.72
N ASN E 17 -30.16 11.01 -12.68
CA ASN E 17 -31.21 10.01 -12.51
C ASN E 17 -32.52 10.65 -12.06
N LEU E 18 -32.45 11.81 -11.40
CA LEU E 18 -33.67 12.51 -11.03
C LEU E 18 -34.39 13.06 -12.26
N LEU E 19 -33.65 13.41 -13.29
CA LEU E 19 -34.24 13.96 -14.51
C LEU E 19 -34.62 12.88 -15.51
N PHE E 20 -33.75 11.90 -15.73
CA PHE E 20 -33.96 10.89 -16.76
C PHE E 20 -34.65 9.63 -16.23
N SER E 21 -34.78 9.48 -14.92
CA SER E 21 -35.54 8.39 -14.32
C SER E 21 -36.47 8.95 -13.25
N PRO E 22 -37.45 9.75 -13.65
CA PRO E 22 -38.33 10.41 -12.67
C PRO E 22 -39.47 9.49 -12.25
N VAL E 23 -40.27 9.97 -11.31
CA VAL E 23 -41.49 9.26 -10.95
C VAL E 23 -42.47 9.26 -12.10
N ALA E 24 -42.68 10.42 -12.72
CA ALA E 24 -43.53 10.54 -13.89
C ALA E 24 -42.88 11.50 -14.87
N PHE E 25 -43.11 11.26 -16.16
CA PHE E 25 -42.57 12.10 -17.22
C PHE E 25 -43.63 12.30 -18.30
N ASN E 26 -44.17 13.51 -18.37
CA ASN E 26 -45.09 13.88 -19.44
C ASN E 26 -44.36 14.78 -20.43
N PRO E 27 -44.10 14.32 -21.65
CA PRO E 27 -43.35 15.16 -22.60
C PRO E 27 -44.05 16.45 -22.97
N GLU E 28 -45.38 16.52 -22.84
CA GLU E 28 -46.14 17.70 -23.19
C GLU E 28 -46.47 18.58 -22.00
N GLN E 29 -45.96 18.24 -20.81
CA GLN E 29 -46.16 19.10 -19.65
C GLN E 29 -45.34 20.38 -19.80
N GLU E 30 -45.87 21.48 -19.29
CA GLU E 30 -45.35 22.80 -19.58
C GLU E 30 -44.44 23.33 -18.48
N ILE E 31 -43.42 24.08 -18.91
CA ILE E 31 -42.61 24.92 -18.05
C ILE E 31 -42.84 26.36 -18.52
N VAL E 32 -43.28 27.21 -17.59
CA VAL E 32 -43.73 28.56 -17.90
C VAL E 32 -42.89 29.56 -17.13
N TYR E 33 -42.24 30.47 -17.85
CA TYR E 33 -41.63 31.66 -17.28
C TYR E 33 -42.56 32.83 -17.52
N ALA E 34 -42.89 33.54 -16.44
CA ALA E 34 -44.07 34.41 -16.36
C ALA E 34 -44.19 35.40 -17.50
N ASN E 35 -45.21 35.21 -18.33
CA ASN E 35 -45.55 36.10 -19.45
C ASN E 35 -44.36 36.33 -20.39
N HIS E 36 -43.34 35.48 -20.30
CA HIS E 36 -42.15 35.59 -21.16
C HIS E 36 -41.93 34.37 -22.03
N ARG E 37 -42.12 33.16 -21.50
CA ARG E 37 -41.75 31.97 -22.25
C ARG E 37 -42.58 30.78 -21.77
N ARG E 38 -42.88 29.88 -22.71
CA ARG E 38 -43.49 28.61 -22.39
C ARG E 38 -42.85 27.54 -23.26
N HIS E 39 -42.49 26.40 -22.66
CA HIS E 39 -42.04 25.27 -23.43
C HIS E 39 -42.48 23.98 -22.74
N SER E 40 -42.05 22.85 -23.26
CA SER E 40 -42.44 21.55 -22.75
C SER E 40 -41.26 20.86 -22.09
N TYR E 41 -41.55 19.71 -21.47
CA TYR E 41 -40.50 18.95 -20.79
C TYR E 41 -39.50 18.37 -21.79
N LYS E 42 -39.94 17.99 -22.98
CA LYS E 42 -39.02 17.57 -24.02
C LYS E 42 -38.09 18.70 -24.43
N THR E 43 -38.66 19.90 -24.60
CA THR E 43 -37.84 21.07 -24.89
C THR E 43 -36.90 21.38 -23.74
N PHE E 44 -37.36 21.17 -22.51
CA PHE E 44 -36.49 21.40 -21.35
C PHE E 44 -35.31 20.45 -21.33
N HIS E 45 -35.55 19.17 -21.64
CA HIS E 45 -34.45 18.21 -21.74
C HIS E 45 -33.48 18.57 -22.86
N ASP E 46 -34.02 18.97 -24.02
CA ASP E 46 -33.17 19.38 -25.12
C ASP E 46 -32.32 20.58 -24.75
N ARG E 47 -32.91 21.55 -24.04
CA ARG E 47 -32.16 22.72 -23.62
C ARG E 47 -31.10 22.38 -22.58
N VAL E 48 -31.39 21.41 -21.70
CA VAL E 48 -30.39 20.98 -20.74
C VAL E 48 -29.19 20.36 -21.46
N ARG E 49 -29.46 19.53 -22.47
CA ARG E 49 -28.36 18.95 -23.25
C ARG E 49 -27.60 20.03 -24.02
N GLN E 50 -28.32 21.00 -24.57
CA GLN E 50 -27.67 22.11 -25.28
C GLN E 50 -26.77 22.91 -24.34
N PHE E 51 -27.24 23.18 -23.12
CA PHE E 51 -26.42 23.91 -22.16
C PHE E 51 -25.22 23.09 -21.71
N ALA E 52 -25.38 21.77 -21.61
CA ALA E 52 -24.22 20.92 -21.34
C ALA E 52 -23.19 21.05 -22.45
N ASN E 53 -23.63 21.03 -23.70
CA ASN E 53 -22.71 21.20 -24.83
C ASN E 53 -22.04 22.57 -24.78
N ALA E 54 -22.80 23.62 -24.49
CA ALA E 54 -22.24 24.97 -24.44
C ALA E 54 -21.20 25.10 -23.32
N LEU E 55 -21.49 24.53 -22.15
CA LEU E 55 -20.52 24.56 -21.07
C LEU E 55 -19.27 23.76 -21.41
N THR E 56 -19.43 22.63 -22.10
CA THR E 56 -18.27 21.87 -22.54
C THR E 56 -17.42 22.68 -23.52
N LYS E 57 -18.06 23.43 -24.41
CA LYS E 57 -17.32 24.27 -25.34
C LYS E 57 -16.53 25.35 -24.62
N MET E 58 -17.06 25.87 -23.50
CA MET E 58 -16.38 26.92 -22.75
C MET E 58 -15.16 26.42 -21.98
N GLY E 59 -14.83 25.14 -22.07
CA GLY E 59 -13.71 24.60 -21.32
C GLY E 59 -14.02 24.22 -19.89
N VAL E 60 -15.30 24.15 -19.52
CA VAL E 60 -15.69 23.78 -18.17
C VAL E 60 -15.47 22.28 -17.99
N LYS E 61 -14.77 21.90 -16.92
CA LYS E 61 -14.43 20.52 -16.65
C LYS E 61 -15.10 20.06 -15.35
N LYS E 62 -14.74 18.86 -14.90
CA LYS E 62 -15.41 18.26 -13.76
C LYS E 62 -15.17 19.06 -12.47
N GLY E 63 -13.96 19.55 -12.27
CA GLY E 63 -13.65 20.26 -11.05
C GLY E 63 -13.95 21.75 -11.06
N ASP E 64 -14.56 22.26 -12.12
CA ASP E 64 -14.77 23.69 -12.26
C ASP E 64 -15.99 24.14 -11.44
N THR E 65 -16.13 25.47 -11.32
CA THR E 65 -17.22 26.09 -10.58
C THR E 65 -17.89 27.13 -11.46
N VAL E 66 -19.20 27.10 -11.54
CA VAL E 66 -19.99 28.06 -12.31
C VAL E 66 -20.91 28.79 -11.35
N ALA E 67 -20.85 30.12 -11.37
CA ALA E 67 -21.63 30.96 -10.47
C ALA E 67 -22.82 31.57 -11.20
N VAL E 68 -23.96 31.63 -10.52
CA VAL E 68 -25.21 32.07 -11.13
C VAL E 68 -25.78 33.24 -10.35
N MET E 69 -26.28 34.25 -11.06
CA MET E 69 -26.91 35.44 -10.46
C MET E 69 -28.11 35.85 -11.33
N ASP E 70 -29.30 35.42 -10.94
CA ASP E 70 -30.53 35.89 -11.59
C ASP E 70 -31.71 35.59 -10.68
N TYR E 71 -32.91 35.87 -11.17
CA TYR E 71 -34.15 35.61 -10.45
C TYR E 71 -34.60 34.18 -10.75
N ASP E 72 -35.87 33.92 -10.45
CA ASP E 72 -36.46 32.57 -10.64
C ASP E 72 -36.99 32.43 -12.06
N SER E 73 -36.36 31.57 -12.85
CA SER E 73 -36.74 31.44 -14.25
C SER E 73 -36.41 30.03 -14.70
N HIS E 74 -36.75 29.73 -15.95
CA HIS E 74 -36.35 28.47 -16.55
C HIS E 74 -34.84 28.33 -16.63
N ARG E 75 -34.12 29.45 -16.73
CA ARG E 75 -32.67 29.42 -16.79
C ARG E 75 -32.08 28.87 -15.49
N TYR E 76 -32.61 29.31 -14.35
CA TYR E 76 -32.12 28.79 -13.07
C TYR E 76 -32.43 27.30 -12.93
N LEU E 77 -33.60 26.87 -13.38
CA LEU E 77 -33.94 25.46 -13.34
C LEU E 77 -33.01 24.64 -14.22
N GLU E 78 -32.64 25.17 -15.39
CA GLU E 78 -31.71 24.49 -16.27
C GLU E 78 -30.32 24.44 -15.66
N CYS E 79 -29.91 25.49 -14.95
CA CYS E 79 -28.61 25.49 -14.28
C CYS E 79 -28.59 24.52 -13.10
N TYR E 80 -29.76 24.30 -12.47
CA TYR E 80 -29.85 23.34 -11.39
C TYR E 80 -29.50 21.92 -11.82
N PHE E 81 -29.55 21.64 -13.13
CA PHE E 81 -29.31 20.30 -13.65
C PHE E 81 -28.07 20.21 -14.52
N ALA E 82 -27.90 21.10 -15.49
CA ALA E 82 -26.83 20.96 -16.47
C ALA E 82 -25.46 21.05 -15.82
N ILE E 83 -25.25 22.01 -14.94
CA ILE E 83 -23.96 22.22 -14.30
C ILE E 83 -23.59 21.03 -13.41
N PRO E 84 -24.46 20.56 -12.51
CA PRO E 84 -24.08 19.37 -11.72
C PRO E 84 -23.87 18.12 -12.55
N MET E 85 -24.65 17.92 -13.62
CA MET E 85 -24.53 16.70 -14.41
C MET E 85 -23.17 16.59 -15.09
N ILE E 86 -22.63 17.74 -15.53
CA ILE E 86 -21.31 17.74 -16.16
C ILE E 86 -20.24 17.49 -15.10
N GLY E 87 -20.60 17.64 -13.83
CA GLY E 87 -19.65 17.38 -12.76
C GLY E 87 -19.23 18.63 -12.02
N ALA E 88 -19.34 19.80 -12.65
CA ALA E 88 -18.89 21.04 -12.06
C ALA E 88 -19.76 21.42 -10.87
N LYS E 89 -19.27 22.37 -10.08
CA LYS E 89 -19.99 22.86 -8.92
C LYS E 89 -20.84 24.07 -9.29
N LEU E 90 -22.03 24.15 -8.70
CA LEU E 90 -22.95 25.25 -8.93
C LEU E 90 -22.92 26.18 -7.73
N HIS E 91 -22.53 27.43 -7.95
CA HIS E 91 -22.43 28.43 -6.89
C HIS E 91 -23.58 29.41 -7.02
N MET E 92 -24.52 29.33 -6.08
CA MET E 92 -25.64 30.25 -6.02
C MET E 92 -25.24 31.47 -5.19
N ILE E 93 -25.20 32.62 -5.84
CA ILE E 93 -24.78 33.85 -5.19
C ILE E 93 -26.00 34.56 -4.61
N ASN E 94 -25.92 34.93 -3.34
CA ASN E 94 -26.97 35.69 -2.69
C ASN E 94 -26.87 37.14 -3.17
N VAL E 95 -27.82 37.55 -4.01
CA VAL E 95 -27.79 38.87 -4.62
C VAL E 95 -28.29 39.92 -3.63
N ARG E 96 -28.75 39.47 -2.47
CA ARG E 96 -29.21 40.37 -1.43
C ARG E 96 -28.09 40.78 -0.47
N LEU E 97 -26.90 40.23 -0.63
CA LEU E 97 -25.76 40.63 0.18
C LEU E 97 -25.16 41.94 -0.33
N SER E 98 -24.29 42.53 0.48
CA SER E 98 -23.56 43.70 0.05
C SER E 98 -22.55 43.33 -1.01
N PRO E 99 -22.15 44.27 -1.87
CA PRO E 99 -21.17 43.94 -2.92
C PRO E 99 -19.85 43.43 -2.37
N GLU E 100 -19.42 43.90 -1.19
CA GLU E 100 -18.18 43.41 -0.61
C GLU E 100 -18.29 41.94 -0.21
N GLN E 101 -19.42 41.56 0.39
CA GLN E 101 -19.63 40.15 0.74
C GLN E 101 -19.74 39.28 -0.50
N ILE E 102 -20.39 39.79 -1.54
CA ILE E 102 -20.47 39.05 -2.80
C ILE E 102 -19.09 38.84 -3.39
N LEU E 103 -18.25 39.89 -3.36
CA LEU E 103 -16.88 39.76 -3.83
C LEU E 103 -16.10 38.74 -3.01
N TYR E 104 -16.29 38.76 -1.69
CA TYR E 104 -15.61 37.78 -0.84
C TYR E 104 -16.03 36.36 -1.21
N THR E 105 -17.33 36.14 -1.40
CA THR E 105 -17.81 34.80 -1.74
C THR E 105 -17.29 34.35 -3.11
N ILE E 106 -17.26 35.25 -4.09
CA ILE E 106 -16.75 34.89 -5.41
C ILE E 106 -15.27 34.54 -5.34
N ASP E 107 -14.49 35.34 -4.60
CA ASP E 107 -13.06 35.05 -4.45
C ASP E 107 -12.84 33.74 -3.70
N HIS E 108 -13.63 33.47 -2.66
CA HIS E 108 -13.47 32.26 -1.88
C HIS E 108 -13.83 31.02 -2.69
N ALA E 109 -14.91 31.09 -3.48
CA ALA E 109 -15.33 29.94 -4.27
C ALA E 109 -14.47 29.72 -5.50
N GLU E 110 -13.77 30.76 -5.97
CA GLU E 110 -12.93 30.70 -7.17
C GLU E 110 -13.77 30.27 -8.39
N ASP E 111 -14.76 31.10 -8.71
CA ASP E 111 -15.63 30.83 -9.84
C ASP E 111 -14.89 31.04 -11.15
N ASP E 112 -15.27 30.26 -12.17
CA ASP E 112 -14.69 30.36 -13.50
C ASP E 112 -15.62 31.06 -14.48
N ILE E 113 -16.88 30.67 -14.52
CA ILE E 113 -17.90 31.30 -15.34
C ILE E 113 -18.95 31.91 -14.42
N ILE E 114 -19.40 33.12 -14.78
CA ILE E 114 -20.42 33.82 -14.01
C ILE E 114 -21.59 34.11 -14.95
N LEU E 115 -22.77 33.62 -14.57
CA LEU E 115 -24.01 33.90 -15.29
C LEU E 115 -24.78 34.92 -14.46
N ILE E 116 -24.88 36.14 -14.98
CA ILE E 116 -25.43 37.27 -14.23
C ILE E 116 -26.54 37.91 -15.03
N HIS E 117 -27.64 38.23 -14.36
CA HIS E 117 -28.73 38.94 -15.00
C HIS E 117 -28.34 40.39 -15.27
N GLU E 118 -29.04 41.01 -16.22
CA GLU E 118 -28.74 42.39 -16.59
C GLU E 118 -28.97 43.34 -15.42
N GLU E 119 -30.05 43.13 -14.67
CA GLU E 119 -30.39 44.04 -13.57
C GLU E 119 -29.37 44.01 -12.44
N PHE E 120 -28.54 42.98 -12.38
CA PHE E 120 -27.47 42.88 -11.38
C PHE E 120 -26.15 43.41 -11.90
N LEU E 121 -26.12 43.97 -13.11
CA LEU E 121 -24.88 44.52 -13.65
C LEU E 121 -24.29 45.65 -12.82
N PRO E 122 -25.05 46.62 -12.31
CA PRO E 122 -24.43 47.69 -11.52
C PRO E 122 -23.65 47.19 -10.31
N ILE E 123 -24.15 46.14 -9.63
CA ILE E 123 -23.41 45.56 -8.51
C ILE E 123 -22.04 45.08 -8.99
N LEU E 124 -22.02 44.34 -10.09
CA LEU E 124 -20.75 43.90 -10.67
C LEU E 124 -19.87 45.08 -11.06
N ASP E 125 -20.48 46.24 -11.33
CA ASP E 125 -19.69 47.41 -11.66
C ASP E 125 -18.86 47.90 -10.48
N GLN E 126 -19.27 47.59 -9.25
CA GLN E 126 -18.50 47.95 -8.07
C GLN E 126 -17.50 46.87 -7.67
N ILE E 127 -17.52 45.71 -8.33
CA ILE E 127 -16.78 44.55 -7.89
C ILE E 127 -15.89 43.94 -8.98
N LYS E 128 -16.18 44.17 -10.26
CA LYS E 128 -15.47 43.48 -11.33
C LYS E 128 -13.97 43.77 -11.31
N GLY E 129 -13.59 44.97 -10.85
CA GLY E 129 -12.18 45.33 -10.81
C GLY E 129 -11.34 44.48 -9.89
N ARG E 130 -11.91 43.98 -8.79
CA ARG E 130 -11.18 43.18 -7.82
C ARG E 130 -11.41 41.69 -8.00
N ILE E 131 -12.05 41.29 -9.09
CA ILE E 131 -12.38 39.89 -9.33
C ILE E 131 -11.28 39.24 -10.15
N ASP E 132 -10.75 38.13 -9.64
CA ASP E 132 -9.83 37.28 -10.38
C ASP E 132 -10.50 35.94 -10.65
N THR E 133 -9.79 35.08 -11.38
CA THR E 133 -10.15 33.69 -11.67
C THR E 133 -11.39 33.54 -12.55
N VAL E 134 -12.04 34.63 -12.93
CA VAL E 134 -13.25 34.58 -13.76
C VAL E 134 -12.86 34.89 -15.19
N THR E 135 -13.15 33.96 -16.10
CA THR E 135 -12.74 34.08 -17.50
C THR E 135 -13.86 34.47 -18.43
N ARG E 136 -15.13 34.37 -18.02
CA ARG E 136 -16.24 34.67 -18.91
C ARG E 136 -17.42 35.18 -18.10
N TYR E 137 -18.08 36.21 -18.62
CA TYR E 137 -19.32 36.75 -18.06
C TYR E 137 -20.44 36.56 -19.07
N VAL E 138 -21.52 35.91 -18.65
CA VAL E 138 -22.69 35.70 -19.49
C VAL E 138 -23.82 36.54 -18.93
N VAL E 139 -24.34 37.45 -19.75
CA VAL E 139 -25.39 38.37 -19.31
C VAL E 139 -26.74 37.80 -19.72
N LEU E 140 -27.60 37.56 -18.73
CA LEU E 140 -28.92 37.01 -18.97
C LEU E 140 -29.93 38.13 -19.12
N ARG E 141 -30.78 38.03 -20.13
CA ARG E 141 -31.81 39.02 -20.40
C ARG E 141 -33.13 38.31 -20.67
N ASP E 142 -34.22 39.05 -20.49
CA ASP E 142 -35.56 38.54 -20.79
C ASP E 142 -35.98 38.78 -22.23
N ASP E 143 -35.20 39.55 -22.99
CA ASP E 143 -35.49 39.82 -24.39
C ASP E 143 -34.76 38.81 -25.26
N GLU E 144 -34.74 39.06 -26.53
CA GLU E 144 -34.11 38.20 -27.50
C GLU E 144 -32.64 38.26 -27.52
N GLU E 145 -32.06 39.30 -26.97
CA GLU E 145 -30.62 39.55 -26.98
C GLU E 145 -29.89 38.89 -25.82
N CYS E 146 -30.50 37.88 -25.20
CA CYS E 146 -29.84 37.17 -24.11
C CYS E 146 -28.66 36.37 -24.62
N GLU E 147 -27.52 36.48 -23.94
CA GLU E 147 -26.34 35.71 -24.32
C GLU E 147 -26.53 34.23 -24.05
N TYR E 148 -27.27 33.88 -22.99
CA TYR E 148 -27.54 32.49 -22.68
C TYR E 148 -28.32 31.82 -23.80
N GLU E 149 -29.35 32.48 -24.31
CA GLU E 149 -30.15 31.91 -25.39
C GLU E 149 -29.33 31.75 -26.67
N ARG E 150 -28.50 32.76 -26.99
CA ARG E 150 -27.67 32.67 -28.18
C ARG E 150 -26.63 31.57 -28.06
N LEU E 151 -26.07 31.37 -26.86
CA LEU E 151 -25.15 30.26 -26.65
C LEU E 151 -25.85 28.93 -26.80
N LEU E 152 -27.11 28.84 -26.32
CA LEU E 152 -27.88 27.61 -26.49
C LEU E 152 -28.15 27.33 -27.97
N GLU E 153 -28.41 28.39 -28.75
CA GLU E 153 -28.85 28.19 -30.12
C GLU E 153 -27.79 27.54 -30.99
N GLN E 154 -26.51 27.67 -30.65
CA GLN E 154 -25.42 27.16 -31.45
C GLN E 154 -25.02 25.73 -31.10
N GLU E 155 -25.72 25.09 -30.17
CA GLU E 155 -25.35 23.76 -29.71
C GLU E 155 -26.42 22.75 -30.08
N SER E 156 -25.99 21.49 -30.18
CA SER E 156 -26.89 20.39 -30.50
C SER E 156 -27.60 19.89 -29.25
N THR E 157 -28.74 19.22 -29.46
CA THR E 157 -29.55 18.70 -28.37
C THR E 157 -29.22 17.25 -28.04
N GLU E 158 -27.99 16.81 -28.32
CA GLU E 158 -27.55 15.45 -28.00
C GLU E 158 -26.31 15.53 -27.11
N TYR E 159 -26.34 14.80 -26.00
CA TYR E 159 -25.21 14.79 -25.07
C TYR E 159 -25.27 13.52 -24.25
N ASN E 160 -24.11 12.93 -24.00
CA ASN E 160 -23.98 11.71 -23.19
C ASN E 160 -23.36 12.13 -21.86
N PHE E 161 -24.16 12.14 -20.82
CA PHE E 161 -23.76 12.55 -19.51
C PHE E 161 -22.92 11.61 -18.76
N PRO E 162 -21.84 12.09 -18.22
CA PRO E 162 -20.92 11.25 -17.47
C PRO E 162 -21.36 10.43 -16.23
N ASP E 163 -20.61 9.44 -15.79
CA ASP E 163 -20.86 8.77 -14.55
C ASP E 163 -19.70 9.03 -13.65
N PHE E 164 -20.00 9.46 -12.46
CA PHE E 164 -18.95 9.69 -11.53
C PHE E 164 -19.41 9.23 -10.20
N ASP E 165 -18.52 9.34 -9.24
CA ASP E 165 -18.86 8.99 -7.87
C ASP E 165 -20.02 9.84 -7.37
N GLU E 166 -20.87 9.23 -6.55
CA GLU E 166 -22.02 9.94 -5.99
C GLU E 166 -21.64 10.94 -4.92
N ASN E 167 -20.38 10.93 -4.47
CA ASN E 167 -19.91 11.83 -3.43
C ASN E 167 -19.22 13.07 -3.99
N THR E 168 -19.43 13.38 -5.27
CA THR E 168 -18.87 14.58 -5.86
C THR E 168 -19.74 15.79 -5.54
N VAL E 169 -19.09 16.90 -5.19
CA VAL E 169 -19.80 18.10 -4.79
C VAL E 169 -20.58 18.66 -5.98
N ALA E 170 -21.77 19.19 -5.71
CA ALA E 170 -22.65 19.73 -6.74
C ALA E 170 -23.00 21.19 -6.53
N THR E 171 -23.25 21.63 -5.30
CA THR E 171 -23.75 22.98 -5.06
C THR E 171 -23.10 23.60 -3.83
N THR E 172 -22.87 24.91 -3.90
CA THR E 172 -22.42 25.73 -2.78
C THR E 172 -23.17 27.06 -2.82
N PHE E 173 -23.55 27.59 -1.65
CA PHE E 173 -24.26 28.86 -1.64
C PHE E 173 -23.91 29.84 -0.53
N TYR E 174 -22.94 29.53 0.34
CA TYR E 174 -22.30 30.54 1.19
C TYR E 174 -23.30 31.26 2.09
N THR E 175 -23.85 30.51 3.04
CA THR E 175 -24.69 31.11 4.07
C THR E 175 -23.90 32.13 4.88
N THR E 176 -24.62 33.08 5.49
CA THR E 176 -24.03 34.16 6.27
C THR E 176 -24.74 34.30 7.61
N GLY E 177 -24.16 33.66 8.64
CA GLY E 177 -24.69 33.77 9.98
C GLY E 177 -24.01 34.85 10.80
N THR E 178 -23.45 34.48 11.95
CA THR E 178 -22.68 35.39 12.80
C THR E 178 -21.26 34.83 12.91
N THR E 179 -20.42 35.17 11.93
CA THR E 179 -19.05 34.67 11.90
C THR E 179 -18.08 35.80 11.57
N GLY E 180 -18.57 36.88 10.97
CA GLY E 180 -17.71 37.94 10.51
C GLY E 180 -17.48 37.86 9.02
N PHE E 181 -17.44 36.64 8.49
CA PHE E 181 -17.37 36.36 7.07
C PHE E 181 -18.34 35.25 6.73
N PRO E 182 -18.86 35.24 5.51
CA PRO E 182 -19.79 34.17 5.11
C PRO E 182 -19.11 32.81 5.12
N LYS E 183 -19.89 31.78 5.41
CA LYS E 183 -19.40 30.42 5.55
C LYS E 183 -19.86 29.57 4.36
N GLY E 184 -18.93 28.80 3.81
CA GLY E 184 -19.23 27.98 2.64
C GLY E 184 -19.88 26.67 3.03
N VAL E 185 -21.01 26.33 2.48
CA VAL E 185 -21.71 25.05 2.69
C VAL E 185 -21.84 24.32 1.37
N PHE E 186 -21.84 23.03 1.37
CA PHE E 186 -21.77 22.24 0.17
C PHE E 186 -22.44 20.92 0.28
N PHE E 187 -22.95 20.45 -0.82
CA PHE E 187 -23.67 19.18 -0.84
C PHE E 187 -23.23 18.36 -2.04
N THR E 188 -23.45 17.06 -1.97
CA THR E 188 -23.10 16.15 -3.04
C THR E 188 -24.35 15.69 -3.80
N HIS E 189 -24.13 14.92 -4.86
CA HIS E 189 -25.25 14.37 -5.63
C HIS E 189 -26.08 13.42 -4.77
N ARG E 190 -25.41 12.56 -4.01
CA ARG E 190 -26.10 11.59 -3.16
C ARG E 190 -26.99 12.30 -2.16
N GLN E 191 -26.50 13.36 -1.53
CA GLN E 191 -27.27 14.07 -0.53
C GLN E 191 -28.52 14.70 -1.13
N LEU E 192 -28.40 15.32 -2.31
CA LEU E 192 -29.56 15.94 -2.94
C LEU E 192 -30.59 14.89 -3.37
N VAL E 193 -30.13 13.77 -3.93
CA VAL E 193 -31.04 12.71 -4.34
C VAL E 193 -31.77 12.14 -3.13
N LEU E 194 -31.03 11.88 -2.05
CA LEU E 194 -31.66 11.36 -0.84
C LEU E 194 -32.63 12.38 -0.24
N HIS E 195 -32.28 13.66 -0.31
CA HIS E 195 -33.16 14.71 0.20
C HIS E 195 -34.50 14.70 -0.53
N THR E 196 -34.45 14.76 -1.86
CA THR E 196 -35.71 14.80 -2.61
C THR E 196 -36.50 13.50 -2.43
N MET E 197 -35.83 12.35 -2.46
CA MET E 197 -36.53 11.08 -2.31
C MET E 197 -37.19 10.96 -0.95
N GLY E 198 -36.44 11.21 0.13
CA GLY E 198 -36.96 11.06 1.47
C GLY E 198 -37.89 12.16 1.92
N ILE E 199 -37.99 13.26 1.20
CA ILE E 199 -38.99 14.26 1.55
C ILE E 199 -40.25 14.05 0.71
N LEU E 200 -40.09 13.56 -0.51
CA LEU E 200 -41.26 13.12 -1.27
C LEU E 200 -41.95 11.94 -0.59
N SER E 201 -41.16 11.07 0.06
CA SER E 201 -41.73 9.91 0.74
C SER E 201 -42.48 10.25 2.02
N THR E 202 -42.41 11.40 2.59
CA THR E 202 -43.04 11.97 3.74
C THR E 202 -44.07 12.93 3.51
N ILE E 203 -43.85 13.82 2.66
CA ILE E 203 -44.88 14.81 2.38
C ILE E 203 -45.94 14.26 1.43
N GLY E 204 -45.53 13.40 0.48
CA GLY E 204 -46.48 12.84 -0.46
C GLY E 204 -47.40 11.78 0.12
N THR E 205 -47.01 11.15 1.22
CA THR E 205 -47.78 10.08 1.81
C THR E 205 -48.79 10.56 2.84
N ASN E 206 -48.95 11.86 3.00
CA ASN E 206 -49.98 12.38 3.90
C ASN E 206 -51.37 12.02 3.38
N ALA E 207 -52.31 11.88 4.31
CA ALA E 207 -53.63 11.38 3.95
C ALA E 207 -54.38 12.38 3.08
N SER E 208 -54.65 13.57 3.61
CA SER E 208 -55.44 14.56 2.86
C SER E 208 -54.93 15.98 2.95
N GLN E 209 -54.04 16.32 3.88
CA GLN E 209 -53.64 17.69 4.12
C GLN E 209 -52.15 17.88 3.84
N GLY E 210 -51.82 18.99 3.18
CA GLY E 210 -50.43 19.38 3.00
C GLY E 210 -49.58 18.39 2.25
N ARG E 211 -50.11 17.81 1.18
CA ARG E 211 -49.39 16.84 0.37
C ARG E 211 -49.15 17.40 -1.02
N LEU E 212 -47.98 17.10 -1.58
CA LEU E 212 -47.64 17.44 -2.95
C LEU E 212 -47.66 16.17 -3.77
N HIS E 213 -48.49 16.13 -4.80
CA HIS E 213 -48.67 14.95 -5.64
C HIS E 213 -48.45 15.31 -7.10
N GLN E 214 -48.73 14.35 -7.98
CA GLN E 214 -48.43 14.49 -9.40
C GLN E 214 -49.42 15.38 -10.14
N GLY E 215 -50.51 15.80 -9.49
CA GLY E 215 -51.49 16.68 -10.11
C GLY E 215 -51.42 18.13 -9.69
N ASP E 216 -50.36 18.54 -9.01
CA ASP E 216 -50.25 19.91 -8.52
C ASP E 216 -49.67 20.82 -9.60
N ILE E 217 -49.48 22.09 -9.25
CA ILE E 217 -48.82 23.06 -10.11
C ILE E 217 -47.90 23.87 -9.22
N TYR E 218 -46.59 23.76 -9.44
CA TYR E 218 -45.58 24.31 -8.55
C TYR E 218 -45.23 25.74 -8.95
N MET E 219 -44.95 26.57 -7.94
CA MET E 219 -44.56 27.96 -8.13
C MET E 219 -43.72 28.45 -6.95
N PRO E 220 -42.41 28.62 -7.13
CA PRO E 220 -41.58 29.11 -6.02
C PRO E 220 -41.82 30.58 -5.75
N ILE E 221 -41.86 30.93 -4.47
CA ILE E 221 -41.90 32.33 -4.04
C ILE E 221 -40.73 32.56 -3.09
N THR E 222 -39.67 31.76 -3.26
CA THR E 222 -38.43 31.88 -2.52
C THR E 222 -37.30 32.28 -3.47
N PRO E 223 -36.23 32.88 -2.95
CA PRO E 223 -35.18 33.42 -3.84
C PRO E 223 -34.52 32.38 -4.75
N MET E 224 -34.64 31.09 -4.43
CA MET E 224 -34.15 30.00 -5.28
C MET E 224 -32.63 29.88 -5.26
N PHE E 225 -31.96 30.85 -4.65
CA PHE E 225 -30.53 30.73 -4.40
C PHE E 225 -30.19 30.52 -2.94
N HIS E 226 -31.15 30.66 -2.03
CA HIS E 226 -30.90 30.48 -0.61
C HIS E 226 -30.48 29.05 -0.27
N VAL E 227 -31.41 28.11 -0.40
CA VAL E 227 -31.21 26.75 0.09
C VAL E 227 -31.62 25.72 -0.95
N HIS E 228 -31.42 26.03 -2.23
CA HIS E 228 -31.95 25.26 -3.36
C HIS E 228 -33.45 25.43 -3.51
N ALA E 229 -33.98 26.59 -3.12
CA ALA E 229 -35.42 26.83 -3.08
C ALA E 229 -36.13 25.75 -2.27
N TRP E 230 -35.54 25.40 -1.14
CA TRP E 230 -36.02 24.36 -0.22
C TRP E 230 -36.02 22.98 -0.88
N GLY E 231 -35.26 22.81 -1.97
CA GLY E 231 -35.20 21.54 -2.65
C GLY E 231 -36.44 21.18 -3.45
N LEU E 232 -37.39 22.09 -3.54
CA LEU E 232 -38.69 21.83 -4.16
C LEU E 232 -38.66 21.78 -5.69
N PRO E 233 -37.83 22.57 -6.38
CA PRO E 233 -37.72 22.37 -7.84
C PRO E 233 -37.33 20.96 -8.24
N TYR E 234 -36.41 20.34 -7.49
CA TYR E 234 -36.03 18.96 -7.77
C TYR E 234 -37.21 18.01 -7.60
N MET E 235 -37.98 18.20 -6.52
CA MET E 235 -39.15 17.36 -6.29
C MET E 235 -40.20 17.57 -7.37
N ALA E 236 -40.39 18.82 -7.80
CA ALA E 236 -41.40 19.11 -8.81
C ALA E 236 -41.04 18.52 -10.16
N THR E 237 -39.76 18.59 -10.55
CA THR E 237 -39.37 18.01 -11.82
C THR E 237 -39.30 16.49 -11.76
N MET E 238 -39.03 15.92 -10.58
CA MET E 238 -39.10 14.46 -10.45
C MET E 238 -40.52 13.96 -10.60
N LEU E 239 -41.51 14.73 -10.14
CA LEU E 239 -42.90 14.36 -10.30
C LEU E 239 -43.43 14.65 -11.69
N GLY E 240 -42.65 15.30 -12.55
CA GLY E 240 -43.13 15.65 -13.88
C GLY E 240 -44.30 16.60 -13.85
N VAL E 241 -44.35 17.49 -12.90
CA VAL E 241 -45.45 18.46 -12.74
C VAL E 241 -45.22 19.76 -13.50
N LYS E 242 -46.25 20.52 -13.65
CA LYS E 242 -46.17 21.85 -14.24
C LYS E 242 -45.52 22.84 -13.27
N GLN E 243 -44.61 23.65 -13.79
CA GLN E 243 -43.86 24.61 -12.99
C GLN E 243 -44.01 26.01 -13.58
N VAL E 244 -44.27 26.99 -12.72
CA VAL E 244 -44.42 28.38 -13.12
C VAL E 244 -43.43 29.22 -12.32
N TYR E 245 -42.67 30.05 -13.03
CA TYR E 245 -41.65 30.90 -12.40
C TYR E 245 -42.03 32.36 -12.59
N PRO E 246 -42.20 33.14 -11.51
CA PRO E 246 -42.74 34.50 -11.65
C PRO E 246 -41.69 35.55 -11.99
N GLY E 247 -40.45 35.36 -11.55
CA GLY E 247 -39.42 36.34 -11.79
C GLY E 247 -39.07 37.21 -10.59
N LYS E 248 -39.55 38.45 -10.58
CA LYS E 248 -39.09 39.47 -9.64
C LYS E 248 -39.94 39.56 -8.38
N TYR E 249 -40.95 38.71 -8.21
CA TYR E 249 -41.79 38.68 -7.02
C TYR E 249 -42.52 40.00 -6.79
N VAL E 250 -43.39 40.33 -7.73
CA VAL E 250 -44.32 41.45 -7.59
C VAL E 250 -45.67 40.89 -7.17
N PRO E 251 -46.28 41.41 -6.09
CA PRO E 251 -47.53 40.79 -5.60
C PRO E 251 -48.64 40.74 -6.63
N ASP E 252 -48.79 41.78 -7.45
CA ASP E 252 -49.86 41.79 -8.45
C ASP E 252 -49.63 40.71 -9.50
N VAL E 253 -48.42 40.62 -10.03
CA VAL E 253 -48.15 39.60 -11.04
C VAL E 253 -48.18 38.20 -10.40
N LEU E 254 -47.81 38.08 -9.13
CA LEU E 254 -47.91 36.80 -8.44
C LEU E 254 -49.37 36.35 -8.35
N LEU E 255 -50.26 37.25 -7.94
CA LEU E 255 -51.68 36.91 -7.86
C LEU E 255 -52.24 36.58 -9.24
N ASN E 256 -51.85 37.35 -10.26
CA ASN E 256 -52.32 37.09 -11.61
C ASN E 256 -51.86 35.72 -12.10
N LEU E 257 -50.61 35.36 -11.80
CA LEU E 257 -50.09 34.06 -12.21
C LEU E 257 -50.80 32.93 -11.47
N ILE E 258 -51.06 33.11 -10.17
CA ILE E 258 -51.77 32.07 -9.42
C ILE E 258 -53.17 31.88 -9.98
N GLU E 259 -53.84 32.97 -10.34
CA GLU E 259 -55.19 32.86 -10.89
C GLU E 259 -55.18 32.20 -12.27
N GLN E 260 -54.32 32.69 -13.17
CA GLN E 260 -54.36 32.23 -14.56
C GLN E 260 -53.81 30.82 -14.70
N GLU E 261 -52.67 30.54 -14.06
CA GLU E 261 -52.03 29.23 -14.19
C GLU E 261 -52.61 28.19 -13.25
N LYS E 262 -53.53 28.57 -12.37
CA LYS E 262 -54.15 27.67 -11.41
C LYS E 262 -53.10 26.98 -10.52
N VAL E 263 -52.25 27.81 -9.90
CA VAL E 263 -51.20 27.29 -9.04
C VAL E 263 -51.82 26.71 -7.78
N THR E 264 -51.40 25.50 -7.42
CA THR E 264 -51.92 24.82 -6.24
C THR E 264 -50.88 24.57 -5.15
N PHE E 265 -49.59 24.62 -5.46
CA PHE E 265 -48.55 24.39 -4.48
C PHE E 265 -47.49 25.47 -4.62
N SER E 266 -47.09 26.05 -3.49
CA SER E 266 -46.06 27.07 -3.45
C SER E 266 -45.43 27.08 -2.06
N HIS E 267 -44.33 27.79 -1.94
CA HIS E 267 -43.69 27.96 -0.64
C HIS E 267 -43.19 29.40 -0.54
N CYS E 268 -43.21 29.95 0.67
CA CYS E 268 -43.07 31.39 0.83
C CYS E 268 -42.56 31.70 2.22
N VAL E 269 -42.26 32.98 2.45
CA VAL E 269 -41.86 33.50 3.74
C VAL E 269 -42.99 34.40 4.25
N PRO E 270 -43.08 34.67 5.56
CA PRO E 270 -44.26 35.40 6.07
C PRO E 270 -44.45 36.78 5.45
N THR E 271 -43.37 37.47 5.08
CA THR E 271 -43.51 38.84 4.57
C THR E 271 -44.27 38.88 3.25
N ILE E 272 -43.85 38.05 2.28
CA ILE E 272 -44.53 38.04 0.99
C ILE E 272 -45.95 37.52 1.13
N LEU E 273 -46.18 36.56 2.04
CA LEU E 273 -47.54 36.09 2.28
C LEU E 273 -48.43 37.20 2.81
N HIS E 274 -47.92 37.99 3.76
CA HIS E 274 -48.68 39.12 4.28
C HIS E 274 -48.93 40.15 3.19
N LEU E 275 -48.04 40.33 2.26
CA LEU E 275 -48.24 41.29 1.20
C LEU E 275 -49.23 40.84 0.15
N LEU E 276 -49.41 39.55 0.00
CA LEU E 276 -50.35 39.01 -0.96
C LEU E 276 -51.69 38.86 -0.35
N LEU E 277 -51.77 38.66 0.95
CA LEU E 277 -53.09 38.65 1.58
C LEU E 277 -53.67 40.05 1.70
N SER E 278 -52.83 41.06 1.94
CA SER E 278 -53.29 42.42 2.12
C SER E 278 -53.45 43.17 0.80
N SER E 279 -53.07 42.57 -0.32
CA SER E 279 -53.21 43.22 -1.62
C SER E 279 -54.69 43.38 -1.96
N PRO E 280 -55.08 44.50 -2.56
CA PRO E 280 -56.48 44.67 -2.96
C PRO E 280 -56.95 43.69 -4.02
N LYS E 281 -56.03 43.18 -4.85
CA LYS E 281 -56.42 42.23 -5.88
C LYS E 281 -56.80 40.86 -5.33
N SER E 282 -56.46 40.57 -4.08
CA SER E 282 -56.75 39.28 -3.48
C SER E 282 -58.12 39.23 -2.81
N LYS E 283 -58.83 40.35 -2.77
CA LYS E 283 -60.14 40.38 -2.10
C LYS E 283 -61.17 39.57 -2.86
N ALA E 284 -61.04 39.50 -4.18
CA ALA E 284 -62.00 38.77 -5.01
C ALA E 284 -61.30 37.61 -5.73
N MET E 285 -60.49 36.86 -5.01
CA MET E 285 -59.66 35.81 -5.58
C MET E 285 -59.91 34.52 -4.81
N ASP E 286 -60.07 33.42 -5.55
CA ASP E 286 -60.36 32.12 -4.95
C ASP E 286 -59.04 31.46 -4.53
N PHE E 287 -58.86 31.30 -3.22
CA PHE E 287 -57.63 30.74 -2.67
C PHE E 287 -57.79 29.33 -2.15
N SER E 288 -58.92 28.67 -2.42
CA SER E 288 -59.16 27.35 -1.85
C SER E 288 -58.63 26.23 -2.74
N GLY E 289 -57.38 26.37 -3.17
CA GLY E 289 -56.67 25.29 -3.84
C GLY E 289 -55.19 25.36 -3.58
N TRP E 290 -54.79 26.25 -2.67
CA TRP E 290 -53.41 26.65 -2.50
C TRP E 290 -52.83 26.02 -1.25
N LYS E 291 -51.54 25.68 -1.30
CA LYS E 291 -50.85 24.88 -0.29
C LYS E 291 -49.53 25.51 0.09
N VAL E 292 -49.55 26.81 0.45
CA VAL E 292 -48.33 27.50 0.81
C VAL E 292 -47.63 26.81 1.98
N VAL E 293 -46.31 26.67 1.86
CA VAL E 293 -45.46 26.23 2.95
C VAL E 293 -44.69 27.44 3.44
N ILE E 294 -44.97 27.88 4.65
CA ILE E 294 -44.33 29.06 5.23
C ILE E 294 -43.25 28.54 6.19
N GLY E 295 -42.05 28.35 5.66
CA GLY E 295 -40.96 27.83 6.45
C GLY E 295 -39.77 28.76 6.51
N GLY E 296 -39.98 30.02 6.12
CA GLY E 296 -38.90 30.98 6.16
C GLY E 296 -38.38 31.24 7.55
N ALA E 297 -39.20 31.88 8.40
CA ALA E 297 -38.81 32.11 9.79
C ALA E 297 -40.06 32.45 10.61
N ALA E 298 -40.47 31.52 11.47
CA ALA E 298 -41.40 31.80 12.57
C ALA E 298 -42.72 32.40 12.05
N LEU E 299 -43.47 31.56 11.34
CA LEU E 299 -44.80 31.93 10.87
C LEU E 299 -45.65 32.40 12.05
N PRO E 300 -46.12 33.64 12.04
CA PRO E 300 -46.93 34.14 13.16
C PRO E 300 -48.29 33.46 13.21
N LYS E 301 -48.83 33.39 14.42
CA LYS E 301 -50.14 32.77 14.62
C LYS E 301 -51.26 33.62 14.02
N ALA E 302 -51.16 34.95 14.15
CA ALA E 302 -52.19 35.81 13.61
C ALA E 302 -52.23 35.75 12.08
N LEU E 303 -51.06 35.75 11.45
CA LEU E 303 -51.01 35.63 9.99
C LEU E 303 -51.56 34.29 9.52
N CYS E 304 -51.22 33.22 10.23
CA CYS E 304 -51.75 31.90 9.88
C CYS E 304 -53.26 31.87 10.03
N LYS E 305 -53.82 32.40 11.07
CA LYS E 305 -55.23 32.48 11.19
C LYS E 305 -55.81 33.23 10.08
N SER E 306 -55.34 34.43 9.82
CA SER E 306 -55.92 35.24 8.75
C SER E 306 -55.89 34.50 7.43
N ALA E 307 -54.81 33.76 7.15
CA ALA E 307 -54.72 33.00 5.91
C ALA E 307 -55.68 31.82 5.90
N LEU E 308 -55.95 31.23 7.07
CA LEU E 308 -56.88 30.11 7.13
C LEU E 308 -58.32 30.54 6.84
N GLU E 309 -58.66 31.79 7.14
CA GLU E 309 -59.99 32.28 6.81
C GLU E 309 -60.20 32.43 5.31
N ARG E 310 -59.13 32.45 4.53
CA ARG E 310 -59.20 32.47 3.08
C ARG E 310 -59.17 31.08 2.48
N ASP E 311 -59.25 30.04 3.31
CA ASP E 311 -59.24 28.64 2.88
C ASP E 311 -57.94 28.28 2.17
N ILE E 312 -56.82 28.60 2.82
CA ILE E 312 -55.49 28.29 2.32
C ILE E 312 -54.87 27.24 3.23
N ASP E 313 -54.31 26.18 2.63
CA ASP E 313 -53.63 25.13 3.37
C ASP E 313 -52.25 25.64 3.77
N VAL E 314 -52.19 26.32 4.91
CA VAL E 314 -50.95 26.90 5.41
C VAL E 314 -50.34 25.97 6.43
N PHE E 315 -49.05 25.67 6.25
CA PHE E 315 -48.30 24.90 7.24
C PHE E 315 -46.85 25.33 7.17
N ALA E 316 -46.13 25.06 8.26
CA ALA E 316 -44.77 25.55 8.43
C ALA E 316 -43.75 24.41 8.30
N GLY E 317 -42.54 24.80 7.89
CA GLY E 317 -41.43 23.87 7.83
C GLY E 317 -40.19 24.51 8.43
N TYR E 318 -39.16 23.69 8.61
CA TYR E 318 -37.95 24.15 9.28
C TYR E 318 -36.71 23.80 8.48
N GLY E 319 -35.79 24.76 8.39
CA GLY E 319 -34.54 24.58 7.68
C GLY E 319 -33.47 25.47 8.26
N MET E 320 -32.28 25.24 7.79
CA MET E 320 -31.21 25.94 8.34
C MET E 320 -30.32 26.52 7.33
N SER E 321 -30.08 25.86 6.22
CA SER E 321 -29.11 26.14 5.17
C SER E 321 -27.83 25.31 5.36
N GLU E 322 -27.73 24.61 6.49
CA GLU E 322 -26.70 23.60 6.69
C GLU E 322 -27.27 22.19 6.69
N THR E 323 -28.60 22.05 6.54
CA THR E 323 -29.28 20.81 6.87
C THR E 323 -30.16 20.30 5.74
N GLY E 324 -29.92 20.70 4.49
CA GLY E 324 -30.66 20.13 3.39
C GLY E 324 -31.50 21.05 2.53
N PRO E 325 -32.25 22.02 3.11
CA PRO E 325 -32.35 22.45 4.50
C PRO E 325 -33.43 21.77 5.34
N ILE E 326 -34.39 21.08 4.73
CA ILE E 326 -35.60 20.68 5.43
C ILE E 326 -35.28 19.66 6.51
N LEU E 327 -35.74 19.92 7.73
CA LEU E 327 -35.61 19.00 8.85
C LEU E 327 -36.94 18.59 9.46
N SER E 328 -37.93 19.48 9.48
CA SER E 328 -39.23 19.17 10.06
C SER E 328 -40.31 19.92 9.31
N ILE E 329 -41.49 19.31 9.24
CA ILE E 329 -42.65 19.88 8.57
C ILE E 329 -43.88 19.61 9.42
N VAL E 330 -44.77 20.59 9.48
CA VAL E 330 -46.03 20.44 10.22
C VAL E 330 -46.96 19.54 9.42
N GLN E 331 -47.35 18.42 10.03
CA GLN E 331 -48.31 17.49 9.43
C GLN E 331 -49.44 17.25 10.41
N LEU E 332 -50.68 17.36 9.94
CA LEU E 332 -51.86 17.27 10.79
C LEU E 332 -52.58 15.95 10.54
N THR E 333 -52.89 15.24 11.61
CA THR E 333 -53.70 14.04 11.53
C THR E 333 -55.14 14.41 11.23
N PRO E 334 -55.93 13.49 10.66
CA PRO E 334 -57.34 13.80 10.39
C PRO E 334 -58.14 14.15 11.63
N GLU E 335 -57.73 13.69 12.81
CA GLU E 335 -58.38 14.14 14.04
C GLU E 335 -58.13 15.62 14.29
N GLN E 336 -56.90 16.09 14.02
CA GLN E 336 -56.54 17.48 14.25
C GLN E 336 -57.17 18.42 13.22
N LEU E 337 -57.74 17.90 12.14
CA LEU E 337 -58.33 18.72 11.10
C LEU E 337 -59.76 19.14 11.41
N GLU E 338 -60.31 18.71 12.55
CA GLU E 338 -61.65 19.09 12.97
C GLU E 338 -61.66 20.30 13.90
N LEU E 339 -60.50 20.81 14.28
CA LEU E 339 -60.42 22.03 15.08
C LEU E 339 -60.85 23.22 14.24
N ASP E 340 -61.39 24.25 14.90
CA ASP E 340 -62.19 25.22 14.15
C ASP E 340 -61.32 26.24 13.41
N VAL E 341 -60.69 27.17 14.12
CA VAL E 341 -59.76 28.08 13.47
C VAL E 341 -58.55 28.37 14.36
N ASP E 342 -58.66 28.08 15.65
CA ASP E 342 -57.68 28.54 16.63
C ASP E 342 -56.64 27.48 16.98
N GLN E 343 -57.08 26.32 17.45
CA GLN E 343 -56.15 25.24 17.72
C GLN E 343 -55.41 24.84 16.45
N GLN E 344 -56.08 24.90 15.30
CA GLN E 344 -55.40 24.70 14.03
C GLN E 344 -54.35 25.77 13.79
N ALA E 345 -54.64 27.02 14.18
CA ALA E 345 -53.65 28.08 14.03
C ALA E 345 -52.42 27.82 14.89
N GLU E 346 -52.61 27.33 16.12
CA GLU E 346 -51.46 26.99 16.95
C GLU E 346 -50.68 25.81 16.39
N TYR E 347 -51.37 24.78 15.93
CA TYR E 347 -50.67 23.60 15.42
C TYR E 347 -49.92 23.90 14.13
N ARG E 348 -50.52 24.69 13.23
CA ARG E 348 -49.92 24.93 11.92
C ARG E 348 -48.71 25.86 12.00
N SER E 349 -48.60 26.67 13.05
CA SER E 349 -47.51 27.61 13.18
C SER E 349 -46.32 27.05 13.95
N LYS E 350 -46.39 25.81 14.40
CA LYS E 350 -45.30 25.20 15.12
C LYS E 350 -44.15 24.85 14.16
N THR E 351 -43.03 24.42 14.73
CA THR E 351 -41.91 23.99 13.90
C THR E 351 -42.21 22.69 13.17
N GLY E 352 -42.94 21.79 13.79
CA GLY E 352 -43.39 20.56 13.15
C GLY E 352 -42.61 19.34 13.62
N LYS E 353 -43.07 18.19 13.15
CA LYS E 353 -42.43 16.92 13.47
C LYS E 353 -41.29 16.67 12.49
N LYS E 354 -40.27 15.97 12.98
CA LYS E 354 -39.10 15.68 12.16
C LYS E 354 -39.47 14.74 11.01
N VAL E 355 -38.82 14.97 9.87
CA VAL E 355 -39.09 14.21 8.65
C VAL E 355 -38.34 12.88 8.70
N ALA E 356 -38.62 12.01 7.73
CA ALA E 356 -38.02 10.68 7.71
C ALA E 356 -36.50 10.77 7.68
N LEU E 357 -35.86 9.86 8.42
CA LEU E 357 -34.39 9.73 8.48
C LEU E 357 -33.74 10.90 9.21
N VAL E 358 -34.40 11.44 10.22
CA VAL E 358 -33.89 12.55 11.02
C VAL E 358 -34.01 12.16 12.49
N GLU E 359 -32.98 12.48 13.27
CA GLU E 359 -32.92 12.09 14.68
C GLU E 359 -33.49 13.16 15.60
N ALA E 360 -32.90 14.36 15.57
CA ALA E 360 -33.49 15.57 16.19
C ALA E 360 -33.73 15.39 17.69
N TYR E 361 -32.62 15.27 18.42
CA TYR E 361 -32.63 15.32 19.87
C TYR E 361 -32.54 16.77 20.37
N ILE E 362 -32.82 16.94 21.66
CA ILE E 362 -32.68 18.22 22.34
C ILE E 362 -31.59 18.08 23.39
N VAL E 363 -30.61 18.92 23.46
CA VAL E 363 -29.51 18.74 24.37
C VAL E 363 -29.26 20.08 25.01
N ASP E 364 -28.37 20.08 25.93
CA ASP E 364 -27.91 21.27 26.65
C ASP E 364 -26.42 21.47 26.41
N GLU E 365 -25.82 22.41 27.15
CA GLU E 365 -24.43 22.80 26.92
C GLU E 365 -23.45 21.65 27.14
N ASP E 366 -23.85 20.61 27.88
CA ASP E 366 -23.01 19.46 28.12
C ASP E 366 -23.43 18.24 27.29
N MET E 367 -24.36 18.41 26.36
CA MET E 367 -24.85 17.33 25.50
C MET E 367 -25.41 16.17 26.34
N ASN E 368 -26.46 16.47 27.10
CA ASN E 368 -27.04 15.52 28.03
C ASN E 368 -28.40 14.99 27.61
N LYS E 369 -28.93 15.43 26.47
CA LYS E 369 -30.16 14.89 25.90
C LYS E 369 -31.34 15.04 26.87
N LEU E 370 -31.72 16.30 27.07
CA LEU E 370 -32.85 16.69 27.92
C LEU E 370 -34.12 15.96 27.48
N PRO E 371 -35.03 15.67 28.42
CA PRO E 371 -36.22 14.89 28.06
C PRO E 371 -37.20 15.70 27.22
N HIS E 372 -38.10 14.96 26.57
CA HIS E 372 -39.11 15.56 25.69
C HIS E 372 -40.43 15.73 26.44
N ASP E 373 -40.41 16.61 27.44
CA ASP E 373 -41.59 16.89 28.26
C ASP E 373 -42.38 18.11 27.78
N GLY E 374 -41.88 18.83 26.77
CA GLY E 374 -42.58 19.98 26.25
C GLY E 374 -42.42 21.25 27.06
N GLU E 375 -41.60 21.26 28.11
CA GLU E 375 -41.37 22.46 28.89
C GLU E 375 -39.89 22.75 29.00
N THR E 376 -39.06 21.72 28.94
CA THR E 376 -37.61 21.86 29.09
C THR E 376 -37.01 22.26 27.75
N ALA E 377 -36.49 23.49 27.67
CA ALA E 377 -35.92 24.00 26.43
C ALA E 377 -34.45 23.62 26.30
N GLY E 378 -34.00 23.48 25.07
CA GLY E 378 -32.62 23.14 24.80
C GLY E 378 -32.31 23.33 23.34
N GLU E 379 -31.04 23.12 23.00
CA GLU E 379 -30.60 23.28 21.62
C GLU E 379 -30.98 22.06 20.79
N ILE E 380 -31.38 22.30 19.55
CA ILE E 380 -31.72 21.23 18.62
C ILE E 380 -30.43 20.62 18.09
N VAL E 381 -30.31 19.32 17.98
CA VAL E 381 -29.14 18.69 17.45
C VAL E 381 -29.61 17.50 16.65
N VAL E 382 -29.15 17.39 15.44
CA VAL E 382 -29.73 16.55 14.40
C VAL E 382 -28.67 15.71 13.71
N ARG E 383 -29.13 14.59 13.15
CA ARG E 383 -28.38 13.78 12.19
C ARG E 383 -29.30 13.47 11.02
N ALA E 384 -28.78 13.57 9.81
CA ALA E 384 -29.59 13.40 8.60
C ALA E 384 -28.67 13.00 7.47
N PRO E 385 -29.22 12.38 6.42
CA PRO E 385 -28.38 11.98 5.28
C PRO E 385 -27.95 13.13 4.37
N TRP E 386 -28.37 14.37 4.64
CA TRP E 386 -28.14 15.50 3.75
C TRP E 386 -27.63 16.71 4.53
N LEU E 387 -26.65 16.49 5.40
CA LEU E 387 -26.02 17.56 6.15
C LEU E 387 -24.62 17.83 5.61
N THR E 388 -24.18 19.07 5.78
CA THR E 388 -22.83 19.45 5.37
C THR E 388 -21.81 18.87 6.35
N PRO E 389 -20.79 18.16 5.86
CA PRO E 389 -19.78 17.63 6.79
C PRO E 389 -19.00 18.70 7.52
N ASN E 390 -18.81 19.86 6.89
CA ASN E 390 -18.03 20.94 7.48
C ASN E 390 -18.24 22.19 6.63
N TYR E 391 -17.66 23.31 7.10
CA TYR E 391 -17.63 24.53 6.32
C TYR E 391 -16.45 24.49 5.36
N TYR E 392 -16.65 25.06 4.17
CA TYR E 392 -15.62 25.04 3.15
C TYR E 392 -14.43 25.91 3.57
N LYS E 393 -13.24 25.32 3.55
CA LYS E 393 -11.99 26.00 3.90
C LYS E 393 -12.03 26.54 5.34
N ASP E 394 -12.64 25.76 6.24
CA ASP E 394 -12.69 26.11 7.65
C ASP E 394 -12.33 24.89 8.49
N ASN E 395 -11.68 25.14 9.62
CA ASN E 395 -11.31 24.06 10.54
C ASN E 395 -12.02 24.17 11.88
N LYS E 396 -11.87 25.29 12.59
CA LYS E 396 -12.42 25.39 13.94
C LYS E 396 -13.91 25.69 13.94
N ASN E 397 -14.40 26.49 12.99
CA ASN E 397 -15.84 26.64 12.84
C ASN E 397 -16.48 25.31 12.46
N SER E 398 -15.80 24.53 11.63
CA SER E 398 -16.27 23.19 11.30
C SER E 398 -16.30 22.29 12.53
N LYS E 399 -15.28 22.38 13.39
CA LYS E 399 -15.27 21.59 14.60
C LYS E 399 -16.40 21.98 15.54
N ALA E 400 -16.68 23.28 15.64
CA ALA E 400 -17.80 23.73 16.47
C ALA E 400 -19.14 23.34 15.86
N LEU E 401 -19.20 23.20 14.54
CA LEU E 401 -20.45 22.81 13.88
C LEU E 401 -20.84 21.38 14.22
N TRP E 402 -19.87 20.48 14.28
CA TRP E 402 -20.12 19.06 14.50
C TRP E 402 -19.58 18.61 15.87
N ARG E 403 -19.78 19.43 16.89
CA ARG E 403 -19.31 19.12 18.22
C ARG E 403 -20.08 17.94 18.81
N GLY E 404 -19.36 17.00 19.42
CA GLY E 404 -20.01 15.89 20.08
C GLY E 404 -20.59 14.84 19.17
N GLY E 405 -20.15 14.80 17.91
CA GLY E 405 -20.68 13.83 16.97
C GLY E 405 -22.04 14.16 16.41
N TYR E 406 -22.49 15.40 16.56
CA TYR E 406 -23.79 15.83 16.07
C TYR E 406 -23.68 17.22 15.47
N LEU E 407 -24.59 17.54 14.56
CA LEU E 407 -24.61 18.85 13.95
C LEU E 407 -25.35 19.83 14.85
N HIS E 408 -24.70 20.93 15.20
CA HIS E 408 -25.26 21.92 16.09
C HIS E 408 -26.04 22.95 15.28
N THR E 409 -27.29 23.17 15.66
CA THR E 409 -28.20 24.04 14.91
C THR E 409 -28.12 25.49 15.35
N GLY E 410 -28.09 25.74 16.66
CA GLY E 410 -28.12 27.09 17.18
C GLY E 410 -29.50 27.58 17.57
N ASP E 411 -30.52 26.72 17.52
CA ASP E 411 -31.88 27.07 17.90
C ASP E 411 -32.24 26.39 19.21
N VAL E 412 -32.90 27.14 20.09
CA VAL E 412 -33.31 26.65 21.40
C VAL E 412 -34.81 26.42 21.36
N ALA E 413 -35.21 25.17 21.63
CA ALA E 413 -36.59 24.71 21.46
C ALA E 413 -36.89 23.62 22.48
N HIS E 414 -38.17 23.33 22.64
CA HIS E 414 -38.64 22.21 23.46
C HIS E 414 -39.47 21.28 22.60
N ILE E 415 -39.34 19.98 22.86
CA ILE E 415 -40.06 18.94 22.14
C ILE E 415 -41.09 18.33 23.10
N ASP E 416 -42.34 18.27 22.66
CA ASP E 416 -43.39 17.74 23.52
C ASP E 416 -43.52 16.23 23.35
N ASP E 417 -44.51 15.66 24.03
CA ASP E 417 -44.64 14.21 24.12
C ASP E 417 -44.92 13.58 22.76
N GLU E 418 -45.84 14.16 21.99
CA GLU E 418 -46.19 13.54 20.70
C GLU E 418 -45.20 13.87 19.60
N GLY E 419 -44.24 14.76 19.85
CA GLY E 419 -43.17 14.99 18.91
C GLY E 419 -43.13 16.36 18.27
N PHE E 420 -44.08 17.22 18.61
CA PHE E 420 -44.12 18.56 18.03
C PHE E 420 -42.98 19.41 18.58
N ILE E 421 -42.23 20.04 17.69
CA ILE E 421 -41.13 20.93 18.04
C ILE E 421 -41.65 22.36 18.02
N LYS E 422 -41.20 23.18 18.95
CA LYS E 422 -41.51 24.58 18.98
C LYS E 422 -40.24 25.30 19.31
N ILE E 423 -39.75 26.07 18.36
CA ILE E 423 -38.52 26.84 18.57
C ILE E 423 -38.83 28.07 19.40
N THR E 424 -38.05 28.28 20.46
CA THR E 424 -38.27 29.39 21.36
C THR E 424 -37.30 30.54 21.15
N ASP E 425 -36.04 30.28 20.82
CA ASP E 425 -35.08 31.37 20.67
C ASP E 425 -33.85 30.85 19.94
N ARG E 426 -32.80 31.68 19.91
CA ARG E 426 -31.48 31.30 19.42
C ARG E 426 -30.55 31.05 20.60
N VAL E 427 -29.46 30.33 20.33
CA VAL E 427 -28.49 30.03 21.38
C VAL E 427 -27.82 31.30 21.87
N LYS E 428 -27.40 32.17 20.95
CA LYS E 428 -26.68 33.39 21.31
C LYS E 428 -27.59 34.49 21.82
N ASP E 429 -28.90 34.35 21.69
CA ASP E 429 -29.84 35.37 22.14
C ASP E 429 -30.52 34.99 23.45
N MET E 430 -29.91 34.11 24.24
CA MET E 430 -30.48 33.66 25.49
C MET E 430 -30.14 34.63 26.61
N ILE E 431 -31.06 35.04 27.44
CA ILE E 431 -30.66 35.86 28.57
C ILE E 431 -30.28 34.81 29.54
N LYS E 432 -28.99 34.59 29.71
CA LYS E 432 -28.53 33.68 30.73
C LYS E 432 -28.55 34.33 32.12
N ILE E 433 -29.65 34.97 32.45
CA ILE E 433 -29.85 35.62 33.75
C ILE E 433 -29.70 34.60 34.86
N SER E 434 -29.12 35.03 35.98
CA SER E 434 -28.83 34.16 37.12
C SER E 434 -28.10 32.90 36.65
N GLY E 435 -28.76 31.75 36.81
CA GLY E 435 -28.27 30.51 36.22
C GLY E 435 -29.25 29.97 35.21
N GLU E 436 -30.37 30.66 35.05
CA GLU E 436 -31.44 30.26 34.14
C GLU E 436 -31.15 30.73 32.72
N TRP E 437 -31.90 30.17 31.77
CA TRP E 437 -31.80 30.53 30.37
C TRP E 437 -33.16 31.06 29.91
N VAL E 438 -33.26 32.38 29.81
CA VAL E 438 -34.50 33.03 29.40
C VAL E 438 -34.40 33.40 27.92
N SER E 439 -35.53 33.32 27.24
CA SER E 439 -35.63 33.64 25.82
C SER E 439 -36.05 35.08 25.63
N SER E 440 -35.43 35.76 24.67
CA SER E 440 -35.74 37.15 24.38
C SER E 440 -36.92 37.31 23.42
N LEU E 441 -37.43 36.22 22.85
CA LEU E 441 -38.53 36.33 21.91
C LEU E 441 -39.85 36.64 22.62
N GLU E 442 -40.11 35.98 23.75
CA GLU E 442 -41.36 36.23 24.46
C GLU E 442 -41.41 37.64 25.06
N LEU E 443 -40.26 38.17 25.48
CA LEU E 443 -40.23 39.56 25.95
C LEU E 443 -40.49 40.53 24.81
N GLU E 444 -39.95 40.24 23.63
CA GLU E 444 -40.21 41.08 22.47
C GLU E 444 -41.69 41.06 22.09
N ASP E 445 -42.31 39.88 22.14
CA ASP E 445 -43.72 39.77 21.78
C ASP E 445 -44.60 40.55 22.75
N ILE E 446 -44.29 40.49 24.04
CA ILE E 446 -45.08 41.22 25.04
C ILE E 446 -44.99 42.71 24.80
N LEU E 447 -43.77 43.22 24.55
CA LEU E 447 -43.60 44.64 24.33
C LEU E 447 -44.13 45.08 22.98
N HIS E 448 -44.13 44.18 21.99
CA HIS E 448 -44.62 44.54 20.66
C HIS E 448 -46.13 44.76 20.67
N GLN E 449 -46.86 44.08 21.56
CA GLN E 449 -48.31 44.20 21.64
C GLN E 449 -48.77 45.60 22.03
N HIS E 450 -47.89 46.42 22.61
CA HIS E 450 -48.26 47.76 23.05
C HIS E 450 -48.75 48.59 21.87
N GLN E 451 -49.76 49.43 22.14
CA GLN E 451 -50.40 50.20 21.08
C GLN E 451 -49.43 51.21 20.46
N SER E 452 -48.61 51.86 21.28
CA SER E 452 -47.69 52.89 20.80
C SER E 452 -46.28 52.36 20.60
N VAL E 453 -46.15 51.12 20.16
CA VAL E 453 -44.86 50.47 19.95
C VAL E 453 -44.80 49.94 18.53
N SER E 454 -43.70 50.23 17.83
CA SER E 454 -43.51 49.78 16.46
C SER E 454 -42.66 48.51 16.37
N GLU E 455 -41.46 48.53 16.94
CA GLU E 455 -40.56 47.39 16.88
C GLU E 455 -39.73 47.34 18.14
N VAL E 456 -39.56 46.13 18.69
CA VAL E 456 -38.87 45.93 19.97
C VAL E 456 -37.74 44.94 19.76
N ALA E 457 -36.56 45.30 20.29
CA ALA E 457 -35.41 44.40 20.32
C ALA E 457 -34.91 44.32 21.76
N VAL E 458 -34.60 43.10 22.20
CA VAL E 458 -34.14 42.85 23.57
C VAL E 458 -32.70 42.38 23.52
N ILE E 459 -31.85 43.00 24.33
CA ILE E 459 -30.42 42.73 24.34
C ILE E 459 -29.97 42.49 25.78
N GLY E 460 -29.16 41.46 25.98
CA GLY E 460 -28.65 41.16 27.30
C GLY E 460 -27.50 42.05 27.73
N MET E 461 -27.78 42.91 28.71
CA MET E 461 -26.79 43.79 29.31
C MET E 461 -26.05 43.04 30.48
N PRO E 462 -24.69 42.84 30.44
CA PRO E 462 -24.01 42.06 31.46
C PRO E 462 -24.05 42.71 32.84
N HIS E 463 -24.18 41.88 33.87
CA HIS E 463 -24.29 42.36 35.25
C HIS E 463 -23.20 41.69 36.07
N ASN E 464 -22.87 42.26 37.21
CA ASN E 464 -21.98 41.57 38.15
C ASN E 464 -22.71 40.27 38.59
N LYS E 465 -23.88 40.43 39.19
CA LYS E 465 -24.70 39.30 39.66
C LYS E 465 -25.86 39.03 38.67
N TRP E 466 -26.86 38.22 39.01
CA TRP E 466 -27.92 37.93 38.04
C TRP E 466 -27.42 37.59 36.65
N GLY E 467 -26.20 37.07 36.54
CA GLY E 467 -25.62 36.79 35.23
C GLY E 467 -25.60 38.02 34.34
N GLU E 468 -26.44 38.02 33.31
CA GLU E 468 -26.64 39.18 32.45
C GLU E 468 -28.12 39.51 32.43
N VAL E 469 -28.43 40.80 32.41
CA VAL E 469 -29.82 41.25 32.50
C VAL E 469 -30.24 41.77 31.14
N PRO E 470 -31.53 41.77 30.85
CA PRO E 470 -32.00 42.20 29.53
C PRO E 470 -32.17 43.72 29.45
N LEU E 471 -31.88 44.25 28.27
CA LEU E 471 -32.07 45.66 27.96
C LEU E 471 -32.90 45.75 26.69
N ALA E 472 -33.97 46.54 26.75
CA ALA E 472 -34.96 46.61 25.68
C ALA E 472 -34.78 47.87 24.86
N LEU E 473 -34.73 47.72 23.54
CA LEU E 473 -34.71 48.83 22.61
C LEU E 473 -36.01 48.83 21.82
N VAL E 474 -36.71 49.97 21.83
CA VAL E 474 -38.05 50.08 21.25
C VAL E 474 -38.12 51.33 20.38
N THR E 475 -38.83 51.22 19.26
CA THR E 475 -39.13 52.34 18.38
C THR E 475 -40.62 52.65 18.46
N LEU E 476 -40.96 53.92 18.58
CA LEU E 476 -42.34 54.32 18.75
C LEU E 476 -43.00 54.57 17.40
N LYS E 477 -44.34 54.67 17.43
CA LYS E 477 -45.12 54.88 16.23
C LYS E 477 -45.23 56.38 15.93
N GLU E 478 -46.09 56.74 14.99
CA GLU E 478 -46.24 58.14 14.59
C GLU E 478 -46.98 58.91 15.67
N ASP E 479 -46.41 60.07 16.05
CA ASP E 479 -47.02 60.96 17.05
C ASP E 479 -47.31 60.24 18.35
N ALA E 480 -46.41 59.35 18.75
CA ALA E 480 -46.53 58.58 19.98
C ALA E 480 -45.35 58.88 20.88
N GLN E 481 -45.63 59.21 22.15
CA GLN E 481 -44.59 59.50 23.13
C GLN E 481 -45.01 58.86 24.45
N VAL E 482 -44.46 57.68 24.72
CA VAL E 482 -44.78 56.95 25.93
C VAL E 482 -43.50 56.87 26.77
N THR E 483 -43.58 57.25 28.05
CA THR E 483 -42.41 57.30 28.91
C THR E 483 -41.87 55.89 29.19
N GLU E 484 -40.60 55.82 29.58
CA GLU E 484 -39.96 54.55 29.86
C GLU E 484 -40.62 53.84 31.03
N LYS E 485 -41.06 54.60 32.04
CA LYS E 485 -41.68 53.99 33.21
C LYS E 485 -42.97 53.25 32.85
N GLU E 486 -43.76 53.81 31.94
CA GLU E 486 -44.98 53.13 31.51
C GLU E 486 -44.66 51.80 30.83
N LEU E 487 -43.65 51.79 29.97
CA LEU E 487 -43.26 50.55 29.30
C LEU E 487 -42.78 49.51 30.30
N LEU E 488 -42.01 49.93 31.31
CA LEU E 488 -41.59 49.01 32.36
C LEU E 488 -42.80 48.47 33.11
N GLY E 489 -43.73 49.35 33.48
CA GLY E 489 -44.94 48.90 34.16
C GLY E 489 -45.83 48.05 33.29
N PHE E 490 -45.89 48.34 31.99
CA PHE E 490 -46.75 47.57 31.09
C PHE E 490 -46.32 46.10 31.04
N ALA E 491 -45.01 45.86 30.98
CA ALA E 491 -44.52 44.49 31.02
C ALA E 491 -44.78 43.84 32.37
N LYS E 492 -44.72 44.63 33.45
CA LYS E 492 -44.97 44.10 34.79
C LYS E 492 -46.41 43.65 34.98
N ASP E 493 -47.33 44.09 34.11
CA ASP E 493 -48.73 43.71 34.23
C ASP E 493 -48.93 42.21 34.03
N PHE E 494 -48.20 41.62 33.09
CA PHE E 494 -48.38 40.21 32.78
C PHE E 494 -47.89 39.34 33.93
N ILE E 495 -48.24 38.05 33.86
CA ILE E 495 -47.96 37.11 34.94
C ILE E 495 -47.33 35.84 34.36
N ASN E 496 -47.13 34.84 35.22
CA ASN E 496 -46.61 33.53 34.84
C ASN E 496 -45.17 33.64 34.30
N LYS E 497 -44.28 34.14 35.16
CA LYS E 497 -42.86 34.16 34.88
C LYS E 497 -42.10 33.79 36.14
N GLY E 498 -41.00 33.06 35.95
CA GLY E 498 -40.22 32.54 37.06
C GLY E 498 -39.12 33.48 37.52
N ILE E 499 -38.17 32.91 38.27
CA ILE E 499 -37.01 33.61 38.80
C ILE E 499 -37.51 34.77 39.69
N LEU E 500 -36.67 35.78 39.88
CA LEU E 500 -37.00 36.90 40.76
C LEU E 500 -38.31 37.56 40.32
N ALA E 501 -39.32 37.45 41.18
CA ALA E 501 -40.67 37.94 40.89
C ALA E 501 -41.16 37.37 39.56
N ARG E 502 -41.04 38.15 38.49
CA ARG E 502 -41.39 37.69 37.16
C ARG E 502 -40.38 38.11 36.08
N GLU E 503 -39.10 38.25 36.42
CA GLU E 503 -38.09 38.83 35.54
C GLU E 503 -38.53 40.23 35.12
N ALA E 504 -39.12 40.97 36.06
CA ALA E 504 -39.38 42.39 35.86
C ALA E 504 -38.83 43.15 37.06
N LEU E 505 -37.51 43.36 37.04
CA LEU E 505 -36.85 44.32 37.91
C LEU E 505 -35.75 45.08 37.20
N LEU E 506 -35.26 44.59 36.06
CA LEU E 506 -34.14 45.19 35.34
C LEU E 506 -34.39 45.19 33.84
N LEU E 507 -35.64 45.43 33.42
CA LEU E 507 -35.97 45.39 32.00
C LEU E 507 -35.16 46.41 31.21
N LYS E 508 -34.96 47.60 31.77
CA LYS E 508 -34.09 48.62 31.21
C LYS E 508 -34.49 48.97 29.77
N VAL E 509 -35.76 49.30 29.61
CA VAL E 509 -36.27 49.71 28.30
C VAL E 509 -35.71 51.09 27.95
N LYS E 510 -35.34 51.26 26.69
CA LYS E 510 -34.77 52.51 26.22
C LYS E 510 -35.37 52.88 24.88
N ILE E 511 -35.48 54.16 24.59
CA ILE E 511 -35.94 54.54 23.27
C ILE E 511 -34.75 54.76 22.36
N VAL E 512 -34.77 54.06 21.24
CA VAL E 512 -34.02 54.43 20.05
C VAL E 512 -34.97 54.97 18.98
N ASP E 513 -34.48 55.89 18.13
CA ASP E 513 -35.15 56.32 16.91
C ASP E 513 -35.18 55.21 15.86
N GLU E 514 -34.07 54.50 15.70
CA GLU E 514 -33.98 53.43 14.73
C GLU E 514 -33.24 52.25 15.35
N ILE E 515 -33.47 51.07 14.78
CA ILE E 515 -32.81 49.84 15.19
C ILE E 515 -32.07 49.26 13.99
N ALA E 516 -30.81 48.92 14.19
CA ALA E 516 -29.98 48.44 13.09
C ALA E 516 -30.47 47.09 12.58
N LYS E 517 -30.42 46.93 11.26
CA LYS E 517 -30.80 45.68 10.61
C LYS E 517 -29.69 45.25 9.65
N THR E 518 -29.64 43.95 9.38
CA THR E 518 -28.67 43.40 8.45
C THR E 518 -29.13 43.68 7.02
N SER E 519 -28.32 43.26 6.05
CA SER E 519 -28.64 43.50 4.64
C SER E 519 -29.91 42.77 4.20
N VAL E 520 -30.33 41.74 4.93
CA VAL E 520 -31.56 41.03 4.58
C VAL E 520 -32.80 41.74 5.14
N GLY E 521 -32.68 42.35 6.30
CA GLY E 521 -33.82 42.99 6.94
C GLY E 521 -34.13 42.40 8.30
N LYS E 522 -33.16 41.69 8.85
CA LYS E 522 -33.28 41.08 10.17
C LYS E 522 -32.55 41.94 11.19
N VAL E 523 -33.09 42.01 12.41
CA VAL E 523 -32.50 42.84 13.46
C VAL E 523 -31.09 42.31 13.75
N ASP E 524 -30.10 43.19 13.63
CA ASP E 524 -28.71 42.82 13.88
C ASP E 524 -28.46 43.07 15.36
N LYS E 525 -28.62 42.01 16.16
CA LYS E 525 -28.43 42.14 17.60
C LYS E 525 -26.96 42.33 17.96
N LYS E 526 -26.07 41.76 17.14
CA LYS E 526 -24.64 41.87 17.44
C LYS E 526 -24.18 43.33 17.37
N GLU E 527 -24.61 44.07 16.36
CA GLU E 527 -24.26 45.48 16.28
C GLU E 527 -24.92 46.28 17.39
N LEU E 528 -26.13 45.87 17.80
CA LEU E 528 -26.80 46.55 18.92
C LEU E 528 -26.00 46.42 20.20
N ARG E 529 -25.30 45.32 20.39
CA ARG E 529 -24.49 45.22 21.56
C ARG E 529 -23.46 46.28 21.48
N LYS E 530 -22.67 46.28 20.44
CA LYS E 530 -21.52 47.19 20.36
C LYS E 530 -21.94 48.64 20.56
N LEU E 531 -23.09 49.02 20.00
CA LEU E 531 -23.54 50.41 20.12
C LEU E 531 -23.89 50.76 21.57
N HIS E 532 -24.55 49.85 22.27
CA HIS E 532 -25.05 50.14 23.61
C HIS E 532 -24.15 49.63 24.73
N LEU E 533 -23.22 48.72 24.43
CA LEU E 533 -22.31 48.21 25.45
C LEU E 533 -21.03 47.65 24.83
N ASN F 6 1.88 -17.88 11.79
CA ASN F 6 1.98 -18.86 10.72
C ASN F 6 0.71 -19.71 10.61
N ASP F 7 0.26 -19.93 9.38
CA ASP F 7 -0.91 -20.76 9.15
C ASP F 7 -0.51 -22.23 9.28
N PRO F 8 -1.11 -22.99 10.21
CA PRO F 8 -0.75 -24.41 10.34
C PRO F 8 -1.01 -25.23 9.08
N SER F 9 -1.99 -24.84 8.25
CA SER F 9 -2.24 -25.54 7.00
C SER F 9 -1.23 -25.18 5.92
N ASN F 10 -0.44 -24.14 6.10
CA ASN F 10 0.60 -23.74 5.16
C ASN F 10 1.91 -24.38 5.61
N TYR F 11 2.33 -25.43 4.90
CA TYR F 11 3.49 -26.20 5.30
C TYR F 11 4.76 -25.53 4.80
N GLN F 12 5.73 -25.36 5.71
CA GLN F 12 7.05 -24.84 5.38
C GLN F 12 8.06 -25.97 5.38
N LEU F 13 8.93 -25.99 4.38
CA LEU F 13 9.96 -27.02 4.25
C LEU F 13 11.18 -26.57 5.04
N LEU F 14 11.32 -27.12 6.25
CA LEU F 14 12.39 -26.73 7.16
C LEU F 14 13.28 -27.93 7.45
N ILE F 15 14.51 -27.62 7.88
CA ILE F 15 15.50 -28.67 8.15
C ILE F 15 15.07 -29.51 9.35
N LYS F 16 14.34 -28.92 10.31
CA LYS F 16 13.91 -29.67 11.48
C LYS F 16 12.96 -30.81 11.10
N ASN F 17 12.27 -30.69 9.97
CA ASN F 17 11.42 -31.78 9.50
C ASN F 17 12.24 -32.95 8.98
N LEU F 18 13.46 -32.68 8.52
CA LEU F 18 14.34 -33.77 8.09
C LEU F 18 14.78 -34.63 9.27
N LEU F 19 14.92 -34.02 10.45
CA LEU F 19 15.35 -34.74 11.64
C LEU F 19 14.20 -35.35 12.41
N PHE F 20 13.11 -34.60 12.59
CA PHE F 20 11.99 -35.05 13.41
C PHE F 20 10.90 -35.76 12.63
N SER F 21 10.93 -35.71 11.30
CA SER F 21 10.01 -36.46 10.44
C SER F 21 10.81 -37.17 9.35
N PRO F 22 11.66 -38.13 9.72
CA PRO F 22 12.53 -38.79 8.75
C PRO F 22 11.79 -39.92 8.04
N VAL F 23 12.49 -40.53 7.09
CA VAL F 23 11.97 -41.74 6.45
C VAL F 23 11.90 -42.88 7.45
N ALA F 24 12.98 -43.08 8.19
CA ALA F 24 13.04 -44.09 9.25
C ALA F 24 13.78 -43.51 10.45
N PHE F 25 13.39 -43.95 11.64
CA PHE F 25 14.03 -43.50 12.87
C PHE F 25 14.18 -44.69 13.81
N ASN F 26 15.42 -45.13 14.00
CA ASN F 26 15.74 -46.17 14.97
C ASN F 26 16.41 -45.54 16.17
N PRO F 27 15.76 -45.49 17.33
CA PRO F 27 16.37 -44.82 18.49
C PRO F 27 17.67 -45.47 18.95
N GLU F 28 17.89 -46.75 18.65
CA GLU F 28 19.10 -47.45 19.07
C GLU F 28 20.16 -47.52 17.99
N GLN F 29 19.94 -46.88 16.84
CA GLN F 29 20.95 -46.83 15.82
C GLN F 29 22.11 -45.93 16.26
N GLU F 30 23.31 -46.29 15.85
CA GLU F 30 24.53 -45.70 16.41
C GLU F 30 25.10 -44.60 15.54
N ILE F 31 25.67 -43.60 16.20
CA ILE F 31 26.54 -42.60 15.60
C ILE F 31 27.91 -42.78 16.24
N VAL F 32 28.93 -42.99 15.41
CA VAL F 32 30.26 -43.38 15.85
C VAL F 32 31.26 -42.35 15.35
N TYR F 33 31.99 -41.75 16.29
CA TYR F 33 33.17 -40.95 15.99
C TYR F 33 34.40 -41.81 16.27
N ALA F 34 35.28 -41.92 15.28
CA ALA F 34 36.27 -42.99 15.17
C ALA F 34 37.10 -43.21 16.42
N ASN F 35 36.91 -44.35 17.07
CA ASN F 35 37.67 -44.76 18.24
C ASN F 35 37.63 -43.73 19.36
N HIS F 36 36.71 -42.77 19.29
CA HIS F 36 36.58 -41.73 20.30
C HIS F 36 35.23 -41.75 21.00
N ARG F 37 34.15 -41.94 20.27
CA ARG F 37 32.83 -41.80 20.89
C ARG F 37 31.81 -42.64 20.13
N ARG F 38 30.83 -43.14 20.87
CA ARG F 38 29.67 -43.81 20.29
C ARG F 38 28.43 -43.40 21.07
N HIS F 39 27.36 -43.06 20.35
CA HIS F 39 26.08 -42.82 21.00
C HIS F 39 24.97 -43.25 20.07
N SER F 40 23.73 -43.00 20.48
CA SER F 40 22.56 -43.42 19.72
C SER F 40 21.84 -42.22 19.13
N TYR F 41 20.83 -42.50 18.31
CA TYR F 41 20.06 -41.43 17.69
C TYR F 41 19.25 -40.64 18.70
N LYS F 42 18.76 -41.29 19.75
CA LYS F 42 18.11 -40.58 20.83
C LYS F 42 19.08 -39.63 21.53
N THR F 43 20.29 -40.11 21.81
CA THR F 43 21.32 -39.25 22.39
C THR F 43 21.68 -38.12 21.42
N PHE F 44 21.70 -38.41 20.12
CA PHE F 44 21.99 -37.37 19.13
C PHE F 44 20.93 -36.28 19.15
N HIS F 45 19.65 -36.67 19.23
CA HIS F 45 18.57 -35.68 19.32
C HIS F 45 18.68 -34.87 20.61
N ASP F 46 18.96 -35.54 21.72
CA ASP F 46 19.14 -34.82 23.00
C ASP F 46 20.29 -33.84 22.91
N ARG F 47 21.39 -34.22 22.28
CA ARG F 47 22.53 -33.33 22.15
C ARG F 47 22.22 -32.16 21.23
N VAL F 48 21.42 -32.39 20.19
CA VAL F 48 21.01 -31.29 19.31
C VAL F 48 20.19 -30.28 20.10
N ARG F 49 19.25 -30.76 20.92
CA ARG F 49 18.46 -29.85 21.74
C ARG F 49 19.33 -29.11 22.76
N GLN F 50 20.31 -29.83 23.36
CA GLN F 50 21.22 -29.20 24.29
C GLN F 50 22.05 -28.11 23.62
N PHE F 51 22.53 -28.36 22.41
CA PHE F 51 23.30 -27.36 21.69
C PHE F 51 22.43 -26.17 21.30
N ALA F 52 21.16 -26.42 20.98
CA ALA F 52 20.23 -25.31 20.74
C ALA F 52 20.10 -24.45 21.98
N ASN F 53 19.95 -25.08 23.15
CA ASN F 53 19.87 -24.33 24.39
C ASN F 53 21.17 -23.53 24.64
N ALA F 54 22.32 -24.16 24.41
CA ALA F 54 23.59 -23.49 24.65
C ALA F 54 23.77 -22.29 23.72
N LEU F 55 23.39 -22.45 22.45
CA LEU F 55 23.47 -21.33 21.52
C LEU F 55 22.51 -20.21 21.90
N THR F 56 21.32 -20.57 22.39
CA THR F 56 20.39 -19.55 22.87
C THR F 56 20.96 -18.79 24.06
N LYS F 57 21.65 -19.50 24.96
CA LYS F 57 22.27 -18.83 26.10
C LYS F 57 23.35 -17.86 25.66
N MET F 58 24.07 -18.17 24.58
CA MET F 58 25.13 -17.30 24.09
C MET F 58 24.62 -16.03 23.43
N GLY F 59 23.31 -15.82 23.36
CA GLY F 59 22.77 -14.65 22.70
C GLY F 59 22.63 -14.77 21.20
N VAL F 60 22.74 -15.99 20.66
CA VAL F 60 22.59 -16.20 19.22
C VAL F 60 21.11 -16.08 18.86
N LYS F 61 20.82 -15.26 17.85
CA LYS F 61 19.46 -15.00 17.42
C LYS F 61 19.25 -15.50 15.99
N LYS F 62 18.09 -15.18 15.42
CA LYS F 62 17.72 -15.71 14.11
C LYS F 62 18.66 -15.23 13.02
N GLY F 63 19.04 -13.95 13.05
CA GLY F 63 19.89 -13.41 12.01
C GLY F 63 21.37 -13.58 12.19
N ASP F 64 21.81 -14.30 13.23
CA ASP F 64 23.22 -14.41 13.55
C ASP F 64 23.90 -15.45 12.65
N THR F 65 25.24 -15.45 12.71
CA THR F 65 26.05 -16.37 11.93
C THR F 65 27.04 -17.07 12.86
N VAL F 66 27.13 -18.39 12.75
CA VAL F 66 28.05 -19.20 13.54
C VAL F 66 29.00 -19.90 12.59
N ALA F 67 30.30 -19.73 12.81
CA ALA F 67 31.33 -20.29 11.95
C ALA F 67 31.96 -21.52 12.60
N VAL F 68 32.23 -22.54 11.78
CA VAL F 68 32.71 -23.83 12.27
C VAL F 68 34.03 -24.17 11.60
N MET F 69 34.98 -24.69 12.39
CA MET F 69 36.31 -25.12 11.89
C MET F 69 36.71 -26.39 12.64
N ASP F 70 36.47 -27.55 12.03
CA ASP F 70 36.96 -28.81 12.57
C ASP F 70 36.91 -29.87 11.47
N TYR F 71 37.26 -31.10 11.83
CA TYR F 71 37.21 -32.23 10.91
C TYR F 71 35.82 -32.85 10.92
N ASP F 72 35.74 -34.07 10.43
CA ASP F 72 34.44 -34.78 10.33
C ASP F 72 34.18 -35.54 11.63
N SER F 73 33.15 -35.12 12.36
CA SER F 73 32.87 -35.70 13.66
C SER F 73 31.39 -35.57 13.94
N HIS F 74 30.96 -36.12 15.08
CA HIS F 74 29.58 -35.92 15.52
C HIS F 74 29.29 -34.45 15.78
N ARG F 75 30.31 -33.66 16.15
CA ARG F 75 30.10 -32.25 16.40
C ARG F 75 29.68 -31.51 15.13
N TYR F 76 30.31 -31.83 14.01
CA TYR F 76 29.94 -31.20 12.74
C TYR F 76 28.52 -31.60 12.34
N LEU F 77 28.16 -32.87 12.55
CA LEU F 77 26.81 -33.31 12.25
C LEU F 77 25.78 -32.59 13.12
N GLU F 78 26.11 -32.37 14.40
CA GLU F 78 25.22 -31.63 15.28
C GLU F 78 25.10 -30.16 14.88
N CYS F 79 26.21 -29.58 14.39
CA CYS F 79 26.15 -28.20 13.91
C CYS F 79 25.37 -28.09 12.61
N TYR F 80 25.35 -29.15 11.81
CA TYR F 80 24.56 -29.15 10.58
C TYR F 80 23.06 -28.99 10.85
N PHE F 81 22.62 -29.26 12.07
CA PHE F 81 21.21 -29.22 12.42
C PHE F 81 20.86 -28.14 13.42
N ALA F 82 21.60 -28.05 14.54
CA ALA F 82 21.20 -27.15 15.61
C ALA F 82 21.23 -25.69 15.18
N ILE F 83 22.29 -25.28 14.48
CA ILE F 83 22.45 -23.89 14.07
C ILE F 83 21.36 -23.49 13.07
N PRO F 84 21.10 -24.25 12.01
CA PRO F 84 20.01 -23.86 11.10
C PRO F 84 18.63 -23.89 11.75
N MET F 85 18.38 -24.82 12.67
CA MET F 85 17.05 -24.93 13.28
C MET F 85 16.71 -23.70 14.11
N ILE F 86 17.72 -23.14 14.78
CA ILE F 86 17.51 -21.94 15.59
C ILE F 86 17.29 -20.74 14.66
N GLY F 87 17.64 -20.90 13.39
CA GLY F 87 17.45 -19.82 12.42
C GLY F 87 18.73 -19.18 11.95
N ALA F 88 19.80 -19.30 12.73
CA ALA F 88 21.06 -18.66 12.40
C ALA F 88 21.69 -19.31 11.17
N LYS F 89 22.68 -18.62 10.60
CA LYS F 89 23.40 -19.12 9.44
C LYS F 89 24.62 -19.92 9.88
N LEU F 90 24.91 -20.99 9.14
CA LEU F 90 26.06 -21.85 9.40
C LEU F 90 27.14 -21.55 8.37
N HIS F 91 28.30 -21.10 8.83
CA HIS F 91 29.40 -20.74 7.96
C HIS F 91 30.47 -21.82 8.07
N MET F 92 30.62 -22.61 7.01
CA MET F 92 31.66 -23.64 6.94
C MET F 92 32.93 -23.01 6.37
N ILE F 93 33.98 -22.98 7.18
CA ILE F 93 35.24 -22.36 6.78
C ILE F 93 36.13 -23.42 6.16
N ASN F 94 36.67 -23.11 4.98
CA ASN F 94 37.61 -23.99 4.30
C ASN F 94 38.95 -23.84 5.01
N VAL F 95 39.35 -24.87 5.76
CA VAL F 95 40.57 -24.82 6.57
C VAL F 95 41.79 -25.08 5.69
N ARG F 96 41.55 -25.40 4.42
CA ARG F 96 42.63 -25.61 3.46
C ARG F 96 43.04 -24.34 2.73
N LEU F 97 42.37 -23.22 2.98
CA LEU F 97 42.74 -21.95 2.40
C LEU F 97 43.90 -21.33 3.19
N SER F 98 44.50 -20.31 2.59
CA SER F 98 45.53 -19.56 3.29
C SER F 98 44.89 -18.74 4.42
N PRO F 99 45.67 -18.41 5.46
CA PRO F 99 45.10 -17.62 6.57
C PRO F 99 44.54 -16.27 6.13
N GLU F 100 45.12 -15.65 5.11
CA GLU F 100 44.58 -14.37 4.64
C GLU F 100 43.20 -14.54 4.01
N GLN F 101 43.03 -15.60 3.21
CA GLN F 101 41.72 -15.86 2.62
C GLN F 101 40.69 -16.23 3.69
N ILE F 102 41.12 -16.99 4.70
CA ILE F 102 40.23 -17.32 5.81
C ILE F 102 39.80 -16.06 6.55
N LEU F 103 40.75 -15.15 6.79
CA LEU F 103 40.42 -13.88 7.42
C LEU F 103 39.44 -13.08 6.57
N TYR F 104 39.66 -13.06 5.25
CA TYR F 104 38.74 -12.35 4.37
C TYR F 104 37.33 -12.93 4.45
N THR F 105 37.23 -14.26 4.44
CA THR F 105 35.91 -14.89 4.50
C THR F 105 35.22 -14.63 5.84
N ILE F 106 35.98 -14.67 6.94
CA ILE F 106 35.39 -14.40 8.24
C ILE F 106 34.90 -12.95 8.33
N ASP F 107 35.70 -12.01 7.82
CA ASP F 107 35.29 -10.61 7.84
C ASP F 107 34.08 -10.38 6.94
N HIS F 108 34.04 -11.03 5.78
CA HIS F 108 32.94 -10.86 4.84
C HIS F 108 31.64 -11.43 5.41
N ALA F 109 31.71 -12.61 6.04
CA ALA F 109 30.52 -13.24 6.58
C ALA F 109 30.04 -12.59 7.89
N GLU F 110 30.93 -11.88 8.59
CA GLU F 110 30.62 -11.26 9.87
C GLU F 110 30.12 -12.29 10.88
N ASP F 111 31.00 -13.25 11.18
CA ASP F 111 30.67 -14.30 12.13
C ASP F 111 30.62 -13.75 13.55
N ASP F 112 29.75 -14.33 14.38
CA ASP F 112 29.60 -13.96 15.77
C ASP F 112 30.26 -14.96 16.72
N ILE F 113 29.99 -16.25 16.51
CA ILE F 113 30.62 -17.32 17.28
C ILE F 113 31.46 -18.16 16.33
N ILE F 114 32.64 -18.56 16.80
CA ILE F 114 33.54 -19.40 16.01
C ILE F 114 33.82 -20.66 16.81
N LEU F 115 33.52 -21.81 16.21
CA LEU F 115 33.83 -23.12 16.79
C LEU F 115 35.02 -23.67 16.02
N ILE F 116 36.16 -23.73 16.70
CA ILE F 116 37.43 -24.06 16.06
C ILE F 116 38.08 -25.23 16.79
N HIS F 117 38.60 -26.19 16.02
CA HIS F 117 39.32 -27.30 16.61
C HIS F 117 40.68 -26.83 17.15
N GLU F 118 41.22 -27.62 18.08
CA GLU F 118 42.50 -27.27 18.69
C GLU F 118 43.61 -27.24 17.65
N GLU F 119 43.63 -28.21 16.74
CA GLU F 119 44.71 -28.30 15.75
C GLU F 119 44.73 -27.13 14.78
N PHE F 120 43.63 -26.38 14.67
CA PHE F 120 43.57 -25.19 13.83
C PHE F 120 43.89 -23.92 14.60
N LEU F 121 44.26 -24.03 15.88
CA LEU F 121 44.60 -22.84 16.66
C LEU F 121 45.77 -22.04 16.09
N PRO F 122 46.88 -22.64 15.64
CA PRO F 122 47.97 -21.81 15.09
C PRO F 122 47.55 -20.90 13.95
N ILE F 123 46.67 -21.37 13.07
CA ILE F 123 46.17 -20.53 11.98
C ILE F 123 45.49 -19.29 12.56
N LEU F 124 44.60 -19.50 13.54
CA LEU F 124 43.96 -18.38 14.21
C LEU F 124 44.97 -17.48 14.89
N ASP F 125 46.15 -18.01 15.24
CA ASP F 125 47.19 -17.19 15.84
C ASP F 125 47.74 -16.15 14.87
N GLN F 126 47.63 -16.40 13.58
CA GLN F 126 48.07 -15.43 12.58
C GLN F 126 46.96 -14.48 12.16
N ILE F 127 45.73 -14.69 12.63
CA ILE F 127 44.57 -13.98 12.13
C ILE F 127 43.74 -13.33 13.21
N LYS F 128 43.81 -13.79 14.47
CA LYS F 128 42.91 -13.31 15.51
C LYS F 128 43.05 -11.81 15.74
N GLY F 129 44.25 -11.26 15.52
CA GLY F 129 44.47 -9.84 15.72
C GLY F 129 43.67 -8.94 14.81
N ARG F 130 43.38 -9.37 13.59
CA ARG F 130 42.65 -8.57 12.61
C ARG F 130 41.18 -8.96 12.54
N ILE F 131 40.70 -9.78 13.45
CA ILE F 131 39.33 -10.27 13.44
C ILE F 131 38.46 -9.35 14.29
N ASP F 132 37.39 -8.85 13.70
CA ASP F 132 36.34 -8.12 14.42
C ASP F 132 35.05 -8.93 14.39
N THR F 133 34.04 -8.42 15.08
CA THR F 133 32.66 -8.94 15.10
C THR F 133 32.53 -10.29 15.78
N VAL F 134 33.62 -10.91 16.23
CA VAL F 134 33.57 -12.22 16.86
C VAL F 134 33.65 -12.04 18.37
N THR F 135 32.63 -12.53 19.07
CA THR F 135 32.53 -12.33 20.52
C THR F 135 32.90 -13.55 21.34
N ARG F 136 32.99 -14.73 20.74
CA ARG F 136 33.28 -15.94 21.51
C ARG F 136 34.02 -16.93 20.63
N TYR F 137 35.03 -17.58 21.20
CA TYR F 137 35.75 -18.67 20.57
C TYR F 137 35.55 -19.94 21.37
N VAL F 138 35.09 -21.00 20.72
CA VAL F 138 34.88 -22.29 21.35
C VAL F 138 35.90 -23.26 20.77
N VAL F 139 36.75 -23.81 21.64
CA VAL F 139 37.83 -24.70 21.21
C VAL F 139 37.35 -26.14 21.33
N LEU F 140 37.34 -26.85 20.21
CA LEU F 140 36.90 -28.25 20.18
C LEU F 140 38.08 -29.18 20.36
N ARG F 141 37.93 -30.16 21.22
CA ARG F 141 38.98 -31.14 21.49
C ARG F 141 38.39 -32.54 21.47
N ASP F 142 39.25 -33.53 21.26
CA ASP F 142 38.85 -34.93 21.29
C ASP F 142 38.93 -35.54 22.68
N ASP F 143 39.51 -34.83 23.64
CA ASP F 143 39.61 -35.30 25.02
C ASP F 143 38.42 -34.79 25.82
N GLU F 144 38.50 -34.95 27.11
CA GLU F 144 37.45 -34.54 28.00
C GLU F 144 37.35 -33.08 28.23
N GLU F 145 38.40 -32.34 27.92
CA GLU F 145 38.49 -30.91 28.18
C GLU F 145 37.91 -30.08 27.03
N CYS F 146 37.06 -30.66 26.20
CA CYS F 146 36.45 -29.91 25.10
C CYS F 146 35.47 -28.89 25.66
N GLU F 147 35.56 -27.65 25.16
CA GLU F 147 34.63 -26.62 25.59
C GLU F 147 33.22 -26.88 25.07
N TYR F 148 33.10 -27.48 23.88
CA TYR F 148 31.79 -27.82 23.33
C TYR F 148 31.06 -28.81 24.22
N GLU F 149 31.76 -29.86 24.68
CA GLU F 149 31.13 -30.85 25.54
C GLU F 149 30.72 -30.24 26.87
N ARG F 150 31.58 -29.40 27.46
CA ARG F 150 31.24 -28.76 28.73
C ARG F 150 30.06 -27.81 28.58
N LEU F 151 29.97 -27.09 27.46
CA LEU F 151 28.81 -26.24 27.21
C LEU F 151 27.55 -27.07 27.05
N LEU F 152 27.65 -28.24 26.40
CA LEU F 152 26.50 -29.12 26.29
C LEU F 152 26.06 -29.64 27.65
N GLU F 153 27.02 -29.93 28.53
CA GLU F 153 26.69 -30.59 29.79
C GLU F 153 25.81 -29.73 30.69
N GLN F 154 25.86 -28.41 30.55
CA GLN F 154 25.13 -27.50 31.42
C GLN F 154 23.73 -27.17 30.90
N GLU F 155 23.30 -27.77 29.80
CA GLU F 155 22.02 -27.45 29.20
C GLU F 155 21.07 -28.65 29.28
N SER F 156 19.77 -28.34 29.24
CA SER F 156 18.74 -29.37 29.27
C SER F 156 18.50 -29.91 27.87
N THR F 157 17.93 -31.12 27.82
CA THR F 157 17.65 -31.81 26.56
C THR F 157 16.22 -31.55 26.06
N GLU F 158 15.62 -30.42 26.43
CA GLU F 158 14.29 -30.05 25.99
C GLU F 158 14.35 -28.70 25.30
N TYR F 159 13.79 -28.61 24.09
CA TYR F 159 13.80 -27.37 23.33
C TYR F 159 12.65 -27.41 22.33
N ASN F 160 11.97 -26.27 22.16
CA ASN F 160 10.89 -26.12 21.21
C ASN F 160 11.41 -25.28 20.05
N PHE F 161 11.64 -25.90 18.91
CA PHE F 161 12.19 -25.29 17.76
C PHE F 161 11.28 -24.43 17.00
N PRO F 162 11.71 -23.23 16.69
CA PRO F 162 10.88 -22.28 15.95
C PRO F 162 10.30 -22.60 14.56
N ASP F 163 9.30 -21.89 14.08
CA ASP F 163 8.84 -21.99 12.73
C ASP F 163 9.10 -20.70 12.05
N PHE F 164 9.73 -20.78 10.89
CA PHE F 164 9.96 -19.58 10.16
C PHE F 164 9.74 -19.87 8.73
N ASP F 165 9.88 -18.84 7.93
CA ASP F 165 9.76 -19.00 6.49
C ASP F 165 10.79 -19.99 5.97
N GLU F 166 10.38 -20.77 4.96
CA GLU F 166 11.27 -21.75 4.37
C GLU F 166 12.37 -21.13 3.50
N ASN F 167 12.29 -19.82 3.24
CA ASN F 167 13.27 -19.13 2.43
C ASN F 167 14.34 -18.43 3.25
N THR F 168 14.49 -18.81 4.52
CA THR F 168 15.54 -18.25 5.36
C THR F 168 16.87 -18.96 5.10
N VAL F 169 17.94 -18.17 5.03
CA VAL F 169 19.26 -18.71 4.71
C VAL F 169 19.72 -19.61 5.86
N ALA F 170 20.41 -20.70 5.51
CA ALA F 170 20.88 -21.67 6.47
C ALA F 170 22.40 -21.87 6.45
N THR F 171 23.02 -21.89 5.27
CA THR F 171 24.43 -22.23 5.17
C THR F 171 25.14 -21.35 4.14
N THR F 172 26.41 -21.04 4.44
CA THR F 172 27.31 -20.35 3.53
C THR F 172 28.69 -20.98 3.66
N PHE F 173 29.41 -21.14 2.55
CA PHE F 173 30.74 -21.74 2.63
C PHE F 173 31.81 -21.14 1.74
N TYR F 174 31.53 -20.08 0.98
CA TYR F 174 32.58 -19.23 0.38
C TYR F 174 33.53 -20.03 -0.53
N THR F 175 32.97 -20.49 -1.64
CA THR F 175 33.79 -21.11 -2.69
C THR F 175 34.82 -20.12 -3.22
N THR F 176 35.90 -20.66 -3.76
CA THR F 176 37.02 -19.87 -4.29
C THR F 176 37.41 -20.35 -5.69
N GLY F 177 36.87 -19.69 -6.70
CA GLY F 177 37.20 -20.00 -8.08
C GLY F 177 38.31 -19.11 -8.62
N THR F 178 38.05 -18.42 -9.72
CA THR F 178 38.98 -17.46 -10.31
C THR F 178 38.30 -16.09 -10.31
N THR F 179 38.40 -15.39 -9.18
CA THR F 179 37.77 -14.08 -9.04
C THR F 179 38.73 -13.07 -8.42
N GLY F 180 39.76 -13.57 -7.74
CA GLY F 180 40.66 -12.70 -7.01
C GLY F 180 40.36 -12.69 -5.53
N PHE F 181 39.08 -12.84 -5.19
CA PHE F 181 38.61 -13.01 -3.83
C PHE F 181 37.57 -14.11 -3.80
N PRO F 182 37.44 -14.81 -2.67
CA PRO F 182 36.43 -15.87 -2.57
C PRO F 182 35.02 -15.30 -2.70
N LYS F 183 34.13 -16.13 -3.24
CA LYS F 183 32.75 -15.74 -3.51
C LYS F 183 31.81 -16.43 -2.54
N GLY F 184 30.87 -15.66 -1.99
CA GLY F 184 29.94 -16.21 -1.01
C GLY F 184 28.76 -16.89 -1.68
N VAL F 185 28.48 -18.12 -1.34
CA VAL F 185 27.31 -18.89 -1.83
C VAL F 185 26.42 -19.27 -0.67
N PHE F 186 25.16 -19.38 -0.86
CA PHE F 186 24.21 -19.55 0.20
C PHE F 186 23.00 -20.31 -0.19
N PHE F 187 22.43 -21.02 0.74
CA PHE F 187 21.25 -21.84 0.47
C PHE F 187 20.25 -21.64 1.59
N THR F 188 18.99 -21.97 1.30
CA THR F 188 17.91 -21.86 2.26
C THR F 188 17.49 -23.24 2.75
N HIS F 189 16.56 -23.25 3.72
CA HIS F 189 16.03 -24.52 4.23
C HIS F 189 15.29 -25.27 3.14
N ARG F 190 14.48 -24.58 2.35
CA ARG F 190 13.72 -25.21 1.29
C ARG F 190 14.63 -25.89 0.27
N GLN F 191 15.72 -25.21 -0.10
CA GLN F 191 16.64 -25.76 -1.09
C GLN F 191 17.31 -27.03 -0.57
N LEU F 192 17.74 -27.04 0.69
CA LEU F 192 18.38 -28.23 1.24
C LEU F 192 17.40 -29.39 1.36
N VAL F 193 16.18 -29.11 1.81
CA VAL F 193 15.18 -30.17 1.93
C VAL F 193 14.85 -30.75 0.56
N LEU F 194 14.67 -29.88 -0.44
CA LEU F 194 14.39 -30.37 -1.79
C LEU F 194 15.57 -31.14 -2.35
N HIS F 195 16.79 -30.69 -2.04
CA HIS F 195 17.98 -31.40 -2.51
C HIS F 195 18.02 -32.82 -1.98
N THR F 196 17.88 -32.98 -0.65
CA THR F 196 17.95 -34.33 -0.10
C THR F 196 16.78 -35.19 -0.58
N MET F 197 15.56 -34.63 -0.62
CA MET F 197 14.41 -35.41 -1.05
C MET F 197 14.55 -35.86 -2.50
N GLY F 198 14.87 -34.94 -3.41
CA GLY F 198 14.95 -35.26 -4.81
C GLY F 198 16.19 -36.01 -5.23
N ILE F 199 17.19 -36.13 -4.35
CA ILE F 199 18.33 -36.98 -4.70
C ILE F 199 18.14 -38.37 -4.08
N LEU F 200 17.47 -38.44 -2.92
CA LEU F 200 17.06 -39.74 -2.42
C LEU F 200 16.06 -40.40 -3.36
N SER F 201 15.21 -39.62 -4.00
CA SER F 201 14.21 -40.16 -4.92
C SER F 201 14.80 -40.68 -6.23
N THR F 202 16.01 -40.43 -6.60
CA THR F 202 16.80 -40.84 -7.73
C THR F 202 17.81 -41.80 -7.50
N ILE F 203 18.55 -41.64 -6.51
CA ILE F 203 19.60 -42.61 -6.23
C ILE F 203 19.03 -43.84 -5.53
N GLY F 204 18.02 -43.66 -4.67
CA GLY F 204 17.44 -44.78 -3.96
C GLY F 204 16.57 -45.69 -4.81
N THR F 205 16.06 -45.18 -5.93
CA THR F 205 15.15 -45.95 -6.78
C THR F 205 15.87 -46.76 -7.85
N ASN F 206 17.21 -46.78 -7.84
CA ASN F 206 17.93 -47.61 -8.78
C ASN F 206 17.67 -49.09 -8.51
N ALA F 207 17.74 -49.89 -9.58
CA ALA F 207 17.35 -51.29 -9.48
C ALA F 207 18.29 -52.07 -8.57
N SER F 208 19.57 -52.15 -8.94
CA SER F 208 20.51 -52.96 -8.18
C SER F 208 21.89 -52.33 -7.98
N GLN F 209 22.24 -51.28 -8.72
CA GLN F 209 23.59 -50.74 -8.70
C GLN F 209 23.58 -49.31 -8.19
N GLY F 210 24.54 -48.98 -7.34
CA GLY F 210 24.77 -47.61 -6.91
C GLY F 210 23.59 -46.97 -6.21
N ARG F 211 22.93 -47.71 -5.32
CA ARG F 211 21.80 -47.18 -4.57
C ARG F 211 22.14 -47.11 -3.09
N LEU F 212 21.64 -46.06 -2.43
CA LEU F 212 21.75 -45.91 -0.99
C LEU F 212 20.39 -46.16 -0.38
N HIS F 213 20.30 -47.14 0.51
CA HIS F 213 19.04 -47.54 1.12
C HIS F 213 19.17 -47.51 2.64
N GLN F 214 18.13 -47.99 3.33
CA GLN F 214 18.05 -47.91 4.77
C GLN F 214 18.93 -48.91 5.49
N GLY F 215 19.54 -49.85 4.78
CA GLY F 215 20.42 -50.84 5.37
C GLY F 215 21.90 -50.59 5.19
N ASP F 216 22.29 -49.41 4.73
CA ASP F 216 23.69 -49.11 4.47
C ASP F 216 24.38 -48.63 5.75
N ILE F 217 25.67 -48.30 5.62
CA ILE F 217 26.43 -47.68 6.70
C ILE F 217 27.27 -46.57 6.07
N TYR F 218 26.98 -45.32 6.46
CA TYR F 218 27.55 -44.15 5.80
C TYR F 218 28.86 -43.74 6.46
N MET F 219 29.79 -43.25 5.63
CA MET F 219 31.09 -42.78 6.08
C MET F 219 31.64 -41.73 5.11
N PRO F 220 31.65 -40.46 5.49
CA PRO F 220 32.19 -39.44 4.59
C PRO F 220 33.71 -39.50 4.51
N ILE F 221 34.24 -39.32 3.31
CA ILE F 221 35.67 -39.17 3.09
C ILE F 221 35.90 -37.86 2.36
N THR F 222 34.99 -36.91 2.55
CA THR F 222 35.07 -35.57 2.01
C THR F 222 35.22 -34.57 3.15
N PRO F 223 35.78 -33.38 2.88
CA PRO F 223 36.07 -32.44 3.98
C PRO F 223 34.86 -32.01 4.80
N MET F 224 33.64 -32.19 4.28
CA MET F 224 32.39 -31.93 5.01
C MET F 224 32.14 -30.44 5.19
N PHE F 225 33.10 -29.60 4.81
CA PHE F 225 32.86 -28.16 4.76
C PHE F 225 32.82 -27.63 3.34
N HIS F 226 33.17 -28.43 2.34
CA HIS F 226 33.17 -27.98 0.96
C HIS F 226 31.77 -27.63 0.47
N VAL F 227 30.92 -28.64 0.32
CA VAL F 227 29.62 -28.49 -0.33
C VAL F 227 28.50 -29.14 0.48
N HIS F 228 28.62 -29.12 1.80
CA HIS F 228 27.76 -29.86 2.74
C HIS F 228 28.06 -31.36 2.69
N ALA F 229 29.31 -31.72 2.41
CA ALA F 229 29.71 -33.11 2.21
C ALA F 229 28.83 -33.78 1.16
N TRP F 230 28.58 -33.05 0.08
CA TRP F 230 27.73 -33.47 -1.04
C TRP F 230 26.28 -33.69 -0.60
N GLY F 231 25.88 -33.12 0.54
CA GLY F 231 24.53 -33.27 1.04
C GLY F 231 24.20 -34.63 1.59
N LEU F 232 25.18 -35.52 1.69
CA LEU F 232 24.98 -36.91 2.07
C LEU F 232 24.72 -37.12 3.57
N PRO F 233 25.31 -36.33 4.48
CA PRO F 233 24.91 -36.46 5.89
C PRO F 233 23.42 -36.26 6.12
N TYR F 234 22.81 -35.30 5.42
CA TYR F 234 21.38 -35.08 5.55
C TYR F 234 20.59 -36.29 5.07
N MET F 235 21.00 -36.87 3.94
CA MET F 235 20.32 -38.06 3.43
C MET F 235 20.50 -39.24 4.37
N ALA F 236 21.69 -39.39 4.96
CA ALA F 236 21.95 -40.51 5.85
C ALA F 236 21.14 -40.40 7.13
N THR F 237 21.03 -39.20 7.70
CA THR F 237 20.24 -39.04 8.91
C THR F 237 18.74 -39.09 8.62
N MET F 238 18.31 -38.70 7.42
CA MET F 238 16.91 -38.87 7.07
C MET F 238 16.54 -40.34 6.95
N LEU F 239 17.46 -41.18 6.48
CA LEU F 239 17.22 -42.60 6.39
C LEU F 239 17.38 -43.31 7.73
N GLY F 240 17.82 -42.62 8.76
CA GLY F 240 18.03 -43.25 10.06
C GLY F 240 19.09 -44.33 10.02
N VAL F 241 20.10 -44.16 9.20
CA VAL F 241 21.19 -45.14 9.04
C VAL F 241 22.34 -44.92 10.02
N LYS F 242 23.18 -45.90 10.14
CA LYS F 242 24.41 -45.80 10.93
C LYS F 242 25.43 -44.93 10.22
N GLN F 243 26.08 -44.04 10.96
CA GLN F 243 27.05 -43.10 10.43
C GLN F 243 28.36 -43.22 11.20
N VAL F 244 29.47 -43.27 10.46
CA VAL F 244 30.80 -43.36 11.05
C VAL F 244 31.64 -42.19 10.52
N TYR F 245 32.29 -41.48 11.45
CA TYR F 245 33.09 -40.32 11.10
C TYR F 245 34.55 -40.58 11.45
N PRO F 246 35.48 -40.53 10.49
CA PRO F 246 36.85 -40.97 10.76
C PRO F 246 37.75 -39.90 11.38
N GLY F 247 37.48 -38.63 11.10
CA GLY F 247 38.31 -37.57 11.62
C GLY F 247 39.29 -36.96 10.63
N LYS F 248 40.57 -37.34 10.74
CA LYS F 248 41.65 -36.67 10.03
C LYS F 248 42.00 -37.30 8.69
N TYR F 249 41.29 -38.34 8.26
CA TYR F 249 41.50 -38.99 6.96
C TYR F 249 42.93 -39.55 6.85
N VAL F 250 43.21 -40.54 7.70
CA VAL F 250 44.44 -41.33 7.61
C VAL F 250 44.08 -42.65 6.92
N PRO F 251 44.79 -43.05 5.86
CA PRO F 251 44.39 -44.25 5.12
C PRO F 251 44.30 -45.50 5.97
N ASP F 252 45.24 -45.69 6.91
CA ASP F 252 45.22 -46.89 7.74
C ASP F 252 43.99 -46.92 8.63
N VAL F 253 43.69 -45.81 9.31
CA VAL F 253 42.52 -45.77 10.17
C VAL F 253 41.25 -45.84 9.35
N LEU F 254 41.26 -45.29 8.12
CA LEU F 254 40.10 -45.39 7.25
C LEU F 254 39.83 -46.85 6.89
N LEU F 255 40.87 -47.59 6.50
CA LEU F 255 40.68 -49.00 6.18
C LEU F 255 40.22 -49.79 7.40
N ASN F 256 40.81 -49.49 8.57
CA ASN F 256 40.41 -50.19 9.79
C ASN F 256 38.94 -49.92 10.13
N LEU F 257 38.51 -48.67 9.96
CA LEU F 257 37.12 -48.34 10.23
C LEU F 257 36.18 -49.01 9.24
N ILE F 258 36.56 -49.05 7.97
CA ILE F 258 35.72 -49.73 6.98
C ILE F 258 35.59 -51.20 7.31
N GLU F 259 36.69 -51.83 7.73
CA GLU F 259 36.64 -53.25 8.05
C GLU F 259 35.81 -53.51 9.32
N GLN F 260 36.08 -52.76 10.38
CA GLN F 260 35.43 -53.04 11.67
C GLN F 260 33.97 -52.63 11.67
N GLU F 261 33.66 -51.45 11.17
CA GLU F 261 32.29 -50.94 11.18
C GLU F 261 31.45 -51.45 10.02
N LYS F 262 32.05 -52.20 9.10
CA LYS F 262 31.35 -52.74 7.92
C LYS F 262 30.69 -51.63 7.11
N VAL F 263 31.50 -50.64 6.74
CA VAL F 263 30.99 -49.51 5.96
C VAL F 263 30.66 -49.98 4.55
N THR F 264 29.47 -49.61 4.08
CA THR F 264 29.02 -50.00 2.75
C THR F 264 28.81 -48.84 1.79
N PHE F 265 28.68 -47.61 2.28
CA PHE F 265 28.48 -46.45 1.42
C PHE F 265 29.42 -45.34 1.86
N SER F 266 30.10 -44.74 0.89
CA SER F 266 31.01 -43.62 1.16
C SER F 266 31.13 -42.81 -0.12
N HIS F 267 31.74 -41.63 0.01
CA HIS F 267 32.02 -40.79 -1.13
C HIS F 267 33.40 -40.17 -0.95
N CYS F 268 34.11 -39.96 -2.06
CA CYS F 268 35.53 -39.68 -1.98
C CYS F 268 35.97 -38.94 -3.24
N VAL F 269 37.23 -38.51 -3.21
CA VAL F 269 37.89 -37.87 -4.36
C VAL F 269 38.95 -38.83 -4.86
N PRO F 270 39.41 -38.71 -6.12
CA PRO F 270 40.32 -39.73 -6.67
C PRO F 270 41.62 -39.89 -5.89
N THR F 271 42.14 -38.83 -5.27
CA THR F 271 43.43 -38.93 -4.59
C THR F 271 43.36 -39.86 -3.39
N ILE F 272 42.37 -39.68 -2.52
CA ILE F 272 42.26 -40.55 -1.35
C ILE F 272 41.90 -41.97 -1.75
N LEU F 273 41.11 -42.13 -2.81
CA LEU F 273 40.81 -43.47 -3.31
C LEU F 273 42.09 -44.18 -3.78
N HIS F 274 42.93 -43.46 -4.53
CA HIS F 274 44.19 -44.04 -4.97
C HIS F 274 45.10 -44.37 -3.78
N LEU F 275 45.04 -43.61 -2.71
CA LEU F 275 45.88 -43.90 -1.57
C LEU F 275 45.38 -45.06 -0.73
N LEU F 276 44.11 -45.36 -0.80
CA LEU F 276 43.54 -46.47 -0.09
C LEU F 276 43.62 -47.72 -0.88
N LEU F 277 43.62 -47.63 -2.19
CA LEU F 277 43.83 -48.84 -2.99
C LEU F 277 45.29 -49.27 -2.98
N SER F 278 46.23 -48.33 -2.96
CA SER F 278 47.65 -48.63 -2.98
C SER F 278 48.22 -48.92 -1.60
N SER F 279 47.42 -48.77 -0.55
CA SER F 279 47.91 -49.05 0.80
C SER F 279 48.17 -50.55 0.97
N PRO F 280 49.24 -50.93 1.67
CA PRO F 280 49.50 -52.36 1.89
C PRO F 280 48.43 -53.05 2.72
N LYS F 281 47.73 -52.32 3.58
CA LYS F 281 46.69 -52.94 4.40
C LYS F 281 45.46 -53.34 3.60
N SER F 282 45.31 -52.84 2.37
CA SER F 282 44.15 -53.15 1.55
C SER F 282 44.33 -54.40 0.70
N LYS F 283 45.51 -55.01 0.73
CA LYS F 283 45.77 -56.18 -0.09
C LYS F 283 44.97 -57.39 0.38
N ALA F 284 44.70 -57.46 1.68
CA ALA F 284 43.98 -58.59 2.26
C ALA F 284 42.67 -58.11 2.89
N MET F 285 41.94 -57.26 2.17
CA MET F 285 40.74 -56.62 2.69
C MET F 285 39.60 -56.85 1.72
N ASP F 286 38.43 -57.22 2.25
CA ASP F 286 37.26 -57.52 1.43
C ASP F 286 36.54 -56.22 1.10
N PHE F 287 36.53 -55.84 -0.18
CA PHE F 287 35.93 -54.60 -0.64
C PHE F 287 34.62 -54.80 -1.38
N SER F 288 34.06 -56.00 -1.38
CA SER F 288 32.86 -56.27 -2.16
C SER F 288 31.58 -55.97 -1.38
N GLY F 289 31.53 -54.79 -0.76
CA GLY F 289 30.31 -54.30 -0.18
C GLY F 289 30.25 -52.79 -0.22
N TRP F 290 31.22 -52.18 -0.92
CA TRP F 290 31.48 -50.75 -0.83
C TRP F 290 30.97 -50.05 -2.08
N LYS F 291 30.49 -48.82 -1.90
CA LYS F 291 29.78 -48.06 -2.93
C LYS F 291 30.32 -46.64 -3.02
N VAL F 292 31.64 -46.50 -3.18
CA VAL F 292 32.25 -45.18 -3.27
C VAL F 292 31.65 -44.38 -4.41
N VAL F 293 31.36 -43.11 -4.14
CA VAL F 293 30.98 -42.14 -5.16
C VAL F 293 32.16 -41.21 -5.35
N ILE F 294 32.79 -41.27 -6.52
CA ILE F 294 33.96 -40.44 -6.82
C ILE F 294 33.47 -39.29 -7.68
N GLY F 295 33.08 -38.21 -7.03
CA GLY F 295 32.57 -37.05 -7.73
C GLY F 295 33.37 -35.80 -7.48
N GLY F 296 34.58 -35.95 -6.95
CA GLY F 296 35.42 -34.81 -6.68
C GLY F 296 35.82 -34.06 -7.95
N ALA F 297 36.64 -34.69 -8.79
CA ALA F 297 37.02 -34.08 -10.06
C ALA F 297 37.60 -35.16 -10.98
N ALA F 298 36.85 -35.51 -12.03
CA ALA F 298 37.37 -36.24 -13.18
C ALA F 298 38.02 -37.56 -12.77
N LEU F 299 37.17 -38.48 -12.30
CA LEU F 299 37.60 -39.83 -11.97
C LEU F 299 38.32 -40.46 -13.16
N PRO F 300 39.60 -40.82 -13.03
CA PRO F 300 40.33 -41.41 -14.16
C PRO F 300 39.80 -42.79 -14.50
N LYS F 301 39.96 -43.15 -15.78
CA LYS F 301 39.50 -44.46 -16.24
C LYS F 301 40.38 -45.58 -15.68
N ALA F 302 41.69 -45.36 -15.60
CA ALA F 302 42.58 -46.38 -15.07
C ALA F 302 42.32 -46.66 -13.60
N LEU F 303 42.11 -45.59 -12.81
CA LEU F 303 41.79 -45.77 -11.40
C LEU F 303 40.46 -46.50 -11.22
N CYS F 304 39.46 -46.14 -12.02
CA CYS F 304 38.17 -46.83 -11.95
C CYS F 304 38.31 -48.30 -12.31
N LYS F 305 39.05 -48.65 -13.33
CA LYS F 305 39.28 -50.02 -13.63
C LYS F 305 39.93 -50.69 -12.51
N SER F 306 41.03 -50.16 -12.01
CA SER F 306 41.74 -50.83 -10.92
C SER F 306 40.82 -51.06 -9.72
N ALA F 307 39.95 -50.09 -9.42
CA ALA F 307 39.02 -50.26 -8.31
C ALA F 307 37.96 -51.31 -8.61
N LEU F 308 37.56 -51.45 -9.88
CA LEU F 308 36.56 -52.45 -10.24
C LEU F 308 37.09 -53.86 -10.07
N GLU F 309 38.40 -54.06 -10.22
CA GLU F 309 38.99 -55.38 -10.01
C GLU F 309 38.96 -55.80 -8.55
N ARG F 310 38.76 -54.85 -7.64
CA ARG F 310 38.59 -55.15 -6.22
C ARG F 310 37.12 -55.32 -5.84
N ASP F 311 36.23 -55.35 -6.82
CA ASP F 311 34.79 -55.54 -6.61
C ASP F 311 34.20 -54.39 -5.79
N ILE F 312 34.48 -53.16 -6.23
CA ILE F 312 33.97 -51.95 -5.60
C ILE F 312 33.00 -51.29 -6.56
N ASP F 313 31.82 -50.92 -6.05
CA ASP F 313 30.81 -50.23 -6.84
C ASP F 313 31.21 -48.77 -6.97
N VAL F 314 32.04 -48.47 -7.98
CA VAL F 314 32.56 -47.13 -8.21
C VAL F 314 31.71 -46.45 -9.27
N PHE F 315 31.26 -45.23 -8.96
CA PHE F 315 30.56 -44.41 -9.94
C PHE F 315 30.82 -42.95 -9.61
N ALA F 316 30.63 -42.10 -10.62
CA ALA F 316 30.99 -40.70 -10.53
C ALA F 316 29.75 -39.81 -10.43
N GLY F 317 29.94 -38.64 -9.81
CA GLY F 317 28.91 -37.64 -9.74
C GLY F 317 29.49 -36.28 -10.06
N TYR F 318 28.60 -35.30 -10.21
CA TYR F 318 29.02 -33.98 -10.64
C TYR F 318 28.44 -32.90 -9.74
N GLY F 319 29.27 -31.92 -9.39
CA GLY F 319 28.86 -30.82 -8.54
C GLY F 319 29.71 -29.60 -8.84
N MET F 320 29.30 -28.52 -8.24
CA MET F 320 29.95 -27.32 -8.53
C MET F 320 30.29 -26.55 -7.33
N SER F 321 29.46 -26.54 -6.31
CA SER F 321 29.49 -25.71 -5.11
C SER F 321 28.58 -24.49 -5.24
N GLU F 322 28.03 -24.28 -6.44
CA GLU F 322 26.95 -23.32 -6.65
C GLU F 322 25.63 -24.00 -6.94
N THR F 323 25.60 -25.34 -6.99
CA THR F 323 24.49 -26.07 -7.59
C THR F 323 23.93 -27.15 -6.68
N GLY F 324 24.13 -27.06 -5.38
CA GLY F 324 23.49 -28.00 -4.48
C GLY F 324 24.38 -28.88 -3.60
N PRO F 325 25.48 -29.45 -4.14
CA PRO F 325 26.11 -29.31 -5.45
C PRO F 325 25.67 -30.31 -6.52
N ILE F 326 25.00 -31.40 -6.15
CA ILE F 326 24.83 -32.53 -7.07
C ILE F 326 23.93 -32.13 -8.23
N LEU F 327 24.40 -32.38 -9.44
CA LEU F 327 23.64 -32.16 -10.67
C LEU F 327 23.45 -33.41 -11.51
N SER F 328 24.43 -34.31 -11.53
CA SER F 328 24.35 -35.52 -12.33
C SER F 328 25.10 -36.64 -11.63
N ILE F 329 24.61 -37.86 -11.81
CA ILE F 329 25.21 -39.06 -11.22
C ILE F 329 25.18 -40.17 -12.25
N VAL F 330 26.25 -40.96 -12.30
CA VAL F 330 26.33 -42.09 -13.22
C VAL F 330 25.42 -43.20 -12.70
N GLN F 331 24.45 -43.60 -13.51
CA GLN F 331 23.56 -44.72 -13.20
C GLN F 331 23.57 -45.70 -14.36
N LEU F 332 23.75 -46.97 -14.04
CA LEU F 332 23.89 -48.02 -15.04
C LEU F 332 22.63 -48.88 -15.10
N THR F 333 22.12 -49.07 -16.30
CA THR F 333 21.00 -49.99 -16.50
C THR F 333 21.48 -51.43 -16.35
N PRO F 334 20.58 -52.37 -16.05
CA PRO F 334 20.99 -53.76 -15.93
C PRO F 334 21.59 -54.35 -17.20
N GLU F 335 21.25 -53.80 -18.37
CA GLU F 335 21.93 -54.21 -19.59
C GLU F 335 23.40 -53.80 -19.58
N GLN F 336 23.69 -52.60 -19.08
CA GLN F 336 25.05 -52.09 -19.03
C GLN F 336 25.90 -52.79 -17.98
N LEU F 337 25.30 -53.55 -17.08
CA LEU F 337 26.03 -54.23 -16.02
C LEU F 337 26.64 -55.56 -16.47
N GLU F 338 26.43 -55.96 -17.71
CA GLU F 338 27.00 -57.19 -18.24
C GLU F 338 28.31 -56.96 -18.99
N LEU F 339 28.75 -55.71 -19.12
CA LEU F 339 30.05 -55.42 -19.71
C LEU F 339 31.16 -55.87 -18.76
N ASP F 340 32.32 -56.21 -19.33
CA ASP F 340 33.26 -57.02 -18.56
C ASP F 340 34.07 -56.19 -17.56
N VAL F 341 35.02 -55.38 -18.04
CA VAL F 341 35.74 -54.49 -17.13
C VAL F 341 36.01 -53.14 -17.79
N ASP F 342 35.91 -53.09 -19.12
CA ASP F 342 36.41 -51.94 -19.87
C ASP F 342 35.30 -50.95 -20.23
N GLN F 343 34.26 -51.41 -20.94
CA GLN F 343 33.13 -50.54 -21.22
C GLN F 343 32.49 -50.03 -19.94
N GLN F 344 32.47 -50.86 -18.89
CA GLN F 344 32.02 -50.40 -17.59
C GLN F 344 32.93 -49.31 -17.05
N ALA F 345 34.24 -49.43 -17.29
CA ALA F 345 35.17 -48.39 -16.85
C ALA F 345 34.90 -47.08 -17.56
N GLU F 346 34.61 -47.13 -18.86
CA GLU F 346 34.27 -45.89 -19.58
C GLU F 346 32.95 -45.30 -19.09
N TYR F 347 31.94 -46.14 -18.89
CA TYR F 347 30.63 -45.63 -18.47
C TYR F 347 30.67 -45.05 -17.06
N ARG F 348 31.39 -45.71 -16.14
CA ARG F 348 31.39 -45.30 -14.75
C ARG F 348 32.18 -44.03 -14.52
N SER F 349 33.12 -43.69 -15.40
CA SER F 349 33.96 -42.51 -15.24
C SER F 349 33.39 -41.27 -15.92
N LYS F 350 32.23 -41.38 -16.55
CA LYS F 350 31.60 -40.24 -17.20
C LYS F 350 31.02 -39.29 -16.16
N THR F 351 30.55 -38.13 -16.63
CA THR F 351 29.90 -37.18 -15.73
C THR F 351 28.56 -37.70 -15.24
N GLY F 352 27.82 -38.39 -16.09
CA GLY F 352 26.58 -39.04 -15.71
C GLY F 352 25.36 -38.31 -16.25
N LYS F 353 24.21 -38.93 -16.02
CA LYS F 353 22.94 -38.36 -16.43
C LYS F 353 22.43 -37.39 -15.37
N LYS F 354 21.69 -36.38 -15.81
CA LYS F 354 21.17 -35.38 -14.89
C LYS F 354 20.15 -35.99 -13.94
N VAL F 355 20.15 -35.50 -12.71
CA VAL F 355 19.26 -36.02 -11.67
C VAL F 355 17.87 -35.39 -11.81
N ALA F 356 16.91 -35.88 -11.04
CA ALA F 356 15.55 -35.40 -11.14
C ALA F 356 15.47 -33.90 -10.88
N LEU F 357 14.60 -33.22 -11.65
CA LEU F 357 14.32 -31.80 -11.53
C LEU F 357 15.51 -30.93 -11.97
N VAL F 358 16.26 -31.39 -12.97
CA VAL F 358 17.39 -30.68 -13.52
C VAL F 358 17.23 -30.60 -15.04
N GLU F 359 17.54 -29.44 -15.61
CA GLU F 359 17.34 -29.21 -17.04
C GLU F 359 18.59 -29.55 -17.86
N ALA F 360 19.71 -28.87 -17.58
CA ALA F 360 21.04 -29.25 -18.07
C ALA F 360 21.09 -29.28 -19.61
N TYR F 361 20.96 -28.09 -20.19
CA TYR F 361 21.21 -27.87 -21.61
C TYR F 361 22.69 -27.59 -21.86
N ILE F 362 23.07 -27.65 -23.14
CA ILE F 362 24.42 -27.31 -23.59
C ILE F 362 24.29 -26.10 -24.50
N VAL F 363 25.02 -25.04 -24.31
CA VAL F 363 24.86 -23.83 -25.07
C VAL F 363 26.25 -23.39 -25.47
N ASP F 364 26.28 -22.38 -26.25
CA ASP F 364 27.49 -21.71 -26.71
C ASP F 364 27.52 -20.26 -26.23
N GLU F 365 28.48 -19.49 -26.75
CA GLU F 365 28.68 -18.12 -26.27
C GLU F 365 27.47 -17.22 -26.53
N ASP F 366 26.59 -17.59 -27.45
CA ASP F 366 25.40 -16.81 -27.74
C ASP F 366 24.13 -17.45 -27.18
N MET F 367 24.27 -18.50 -26.37
CA MET F 367 23.13 -19.20 -25.76
C MET F 367 22.17 -19.72 -26.83
N ASN F 368 22.68 -20.61 -27.67
CA ASN F 368 21.93 -21.12 -28.81
C ASN F 368 21.49 -22.57 -28.65
N LYS F 369 21.82 -23.23 -27.54
CA LYS F 369 21.34 -24.58 -27.23
C LYS F 369 21.74 -25.58 -28.33
N LEU F 370 23.06 -25.81 -28.39
CA LEU F 370 23.67 -26.76 -29.31
C LEU F 370 23.03 -28.14 -29.17
N PRO F 371 22.97 -28.92 -30.24
CA PRO F 371 22.28 -30.22 -30.19
C PRO F 371 23.05 -31.25 -29.38
N HIS F 372 22.33 -32.29 -28.97
CA HIS F 372 22.90 -33.37 -28.16
C HIS F 372 23.32 -34.54 -29.04
N ASP F 373 24.32 -34.30 -29.89
CA ASP F 373 24.83 -35.31 -30.81
C ASP F 373 26.04 -36.06 -30.26
N GLY F 374 26.57 -35.65 -29.10
CA GLY F 374 27.70 -36.33 -28.51
C GLY F 374 29.05 -35.94 -29.08
N GLU F 375 29.11 -34.97 -30.01
CA GLU F 375 30.38 -34.54 -30.57
C GLU F 375 30.53 -33.02 -30.43
N THR F 376 29.40 -32.31 -30.41
CA THR F 376 29.43 -30.85 -30.33
C THR F 376 29.57 -30.43 -28.88
N ALA F 377 30.71 -29.82 -28.54
CA ALA F 377 30.99 -29.41 -27.17
C ALA F 377 30.45 -28.01 -26.91
N GLY F 378 30.09 -27.76 -25.66
CA GLY F 378 29.58 -26.46 -25.27
C GLY F 378 29.54 -26.37 -23.76
N GLU F 379 29.15 -25.19 -23.28
CA GLU F 379 29.07 -24.95 -21.85
C GLU F 379 27.80 -25.55 -21.27
N ILE F 380 27.92 -26.11 -20.08
CA ILE F 380 26.76 -26.67 -19.37
C ILE F 380 25.95 -25.54 -18.77
N VAL F 381 24.65 -25.55 -18.83
CA VAL F 381 23.83 -24.52 -18.26
C VAL F 381 22.60 -25.20 -17.71
N VAL F 382 22.28 -24.94 -16.49
CA VAL F 382 21.37 -25.74 -15.66
C VAL F 382 20.33 -24.87 -14.97
N ARG F 383 19.20 -25.49 -14.65
CA ARG F 383 18.20 -24.97 -13.73
C ARG F 383 17.83 -26.09 -12.77
N ALA F 384 17.72 -25.74 -11.48
CA ALA F 384 17.46 -26.73 -10.45
C ALA F 384 16.82 -26.04 -9.26
N PRO F 385 16.12 -26.78 -8.40
CA PRO F 385 15.49 -26.16 -7.23
C PRO F 385 16.45 -25.78 -6.12
N TRP F 386 17.75 -26.04 -6.26
CA TRP F 386 18.71 -25.86 -5.19
C TRP F 386 19.96 -25.14 -5.69
N LEU F 387 19.76 -24.06 -6.45
CA LEU F 387 20.86 -23.24 -6.93
C LEU F 387 20.91 -21.92 -6.17
N THR F 388 22.10 -21.35 -6.10
CA THR F 388 22.27 -20.06 -5.45
C THR F 388 21.73 -18.95 -6.36
N PRO F 389 20.85 -18.08 -5.85
CA PRO F 389 20.35 -16.99 -6.69
C PRO F 389 21.43 -16.02 -7.14
N ASN F 390 22.48 -15.82 -6.33
CA ASN F 390 23.54 -14.88 -6.63
C ASN F 390 24.68 -15.11 -5.65
N TYR F 391 25.77 -14.38 -5.85
CA TYR F 391 26.87 -14.37 -4.90
C TYR F 391 26.58 -13.35 -3.80
N TYR F 392 27.00 -13.68 -2.59
CA TYR F 392 26.74 -12.81 -1.45
C TYR F 392 27.52 -11.51 -1.57
N LYS F 393 26.81 -10.39 -1.48
CA LYS F 393 27.40 -9.05 -1.55
C LYS F 393 28.13 -8.83 -2.88
N ASP F 394 27.56 -9.36 -3.97
CA ASP F 394 28.09 -9.16 -5.30
C ASP F 394 26.97 -8.79 -6.26
N ASN F 395 27.30 -7.96 -7.24
CA ASN F 395 26.32 -7.54 -8.25
C ASN F 395 26.69 -8.03 -9.64
N LYS F 396 27.88 -7.69 -10.14
CA LYS F 396 28.22 -8.01 -11.52
C LYS F 396 28.66 -9.46 -11.69
N ASN F 397 29.37 -10.02 -10.70
CA ASN F 397 29.65 -11.44 -10.72
C ASN F 397 28.35 -12.24 -10.64
N SER F 398 27.40 -11.76 -9.85
CA SER F 398 26.08 -12.39 -9.79
C SER F 398 25.37 -12.31 -11.14
N LYS F 399 25.47 -11.16 -11.82
CA LYS F 399 24.85 -11.04 -13.14
C LYS F 399 25.49 -11.98 -14.15
N ALA F 400 26.81 -12.14 -14.09
CA ALA F 400 27.48 -13.07 -14.99
C ALA F 400 27.16 -14.52 -14.63
N LEU F 401 26.84 -14.79 -13.37
CA LEU F 401 26.51 -16.15 -12.95
C LEU F 401 25.18 -16.61 -13.55
N TRP F 402 24.20 -15.71 -13.61
CA TRP F 402 22.85 -16.04 -14.09
C TRP F 402 22.54 -15.34 -15.40
N ARG F 403 23.51 -15.31 -16.31
CA ARG F 403 23.33 -14.68 -17.61
C ARG F 403 22.33 -15.46 -18.45
N GLY F 404 21.42 -14.73 -19.11
CA GLY F 404 20.48 -15.37 -20.01
C GLY F 404 19.38 -16.16 -19.34
N GLY F 405 19.13 -15.93 -18.06
CA GLY F 405 18.09 -16.67 -17.36
C GLY F 405 18.49 -18.06 -16.94
N TYR F 406 19.78 -18.37 -16.97
CA TYR F 406 20.27 -19.70 -16.61
C TYR F 406 21.54 -19.55 -15.79
N LEU F 407 21.82 -20.56 -14.98
CA LEU F 407 23.04 -20.57 -14.18
C LEU F 407 24.20 -21.08 -15.03
N HIS F 408 25.26 -20.29 -15.11
CA HIS F 408 26.43 -20.64 -15.91
C HIS F 408 27.41 -21.43 -15.07
N THR F 409 27.82 -22.60 -15.57
CA THR F 409 28.66 -23.52 -14.83
C THR F 409 30.14 -23.26 -15.04
N GLY F 410 30.56 -23.02 -16.28
CA GLY F 410 31.97 -22.87 -16.60
C GLY F 410 32.64 -24.12 -17.09
N ASP F 411 31.90 -25.19 -17.31
CA ASP F 411 32.43 -26.46 -17.81
C ASP F 411 31.98 -26.67 -19.25
N VAL F 412 32.90 -27.13 -20.09
CA VAL F 412 32.64 -27.37 -21.50
C VAL F 412 32.57 -28.87 -21.70
N ALA F 413 31.42 -29.33 -22.21
CA ALA F 413 31.09 -30.75 -22.30
C ALA F 413 30.19 -30.98 -23.50
N HIS F 414 30.06 -32.25 -23.87
CA HIS F 414 29.11 -32.67 -24.91
C HIS F 414 28.16 -33.70 -24.32
N ILE F 415 26.90 -33.64 -24.76
CA ILE F 415 25.86 -34.57 -24.30
C ILE F 415 25.49 -35.47 -25.47
N ASP F 416 25.51 -36.78 -25.23
CA ASP F 416 25.21 -37.73 -26.29
C ASP F 416 23.71 -38.00 -26.37
N ASP F 417 23.35 -38.93 -27.26
CA ASP F 417 21.94 -39.15 -27.57
C ASP F 417 21.16 -39.70 -26.37
N GLU F 418 21.72 -40.67 -25.65
CA GLU F 418 20.98 -41.25 -24.54
C GLU F 418 21.05 -40.41 -23.28
N GLY F 419 21.87 -39.37 -23.26
CA GLY F 419 21.85 -38.43 -22.15
C GLY F 419 23.11 -38.36 -21.32
N PHE F 420 24.10 -39.19 -21.65
CA PHE F 420 25.34 -39.20 -20.88
C PHE F 420 26.14 -37.92 -21.15
N ILE F 421 26.55 -37.27 -20.07
CA ILE F 421 27.37 -36.06 -20.14
C ILE F 421 28.83 -36.45 -19.96
N LYS F 422 29.71 -35.79 -20.70
CA LYS F 422 31.12 -35.98 -20.56
C LYS F 422 31.75 -34.63 -20.60
N ILE F 423 32.34 -34.22 -19.49
CA ILE F 423 32.99 -32.92 -19.41
C ILE F 423 34.35 -33.00 -20.09
N THR F 424 34.61 -32.05 -20.99
CA THR F 424 35.86 -32.03 -21.74
C THR F 424 36.87 -31.02 -21.21
N ASP F 425 36.42 -29.85 -20.76
CA ASP F 425 37.38 -28.83 -20.33
C ASP F 425 36.64 -27.76 -19.52
N ARG F 426 37.34 -26.68 -19.22
CA ARG F 426 36.76 -25.48 -18.61
C ARG F 426 36.58 -24.40 -19.68
N VAL F 427 35.73 -23.44 -19.37
CA VAL F 427 35.47 -22.35 -20.31
C VAL F 427 36.73 -21.50 -20.51
N LYS F 428 37.41 -21.16 -19.42
CA LYS F 428 38.58 -20.28 -19.49
C LYS F 428 39.84 -21.01 -19.95
N ASP F 429 39.81 -22.34 -20.03
CA ASP F 429 40.98 -23.12 -20.44
C ASP F 429 40.84 -23.62 -21.88
N MET F 430 40.02 -22.97 -22.69
CA MET F 430 39.81 -23.39 -24.07
C MET F 430 40.89 -22.81 -24.97
N ILE F 431 41.50 -23.55 -25.85
CA ILE F 431 42.43 -22.91 -26.78
C ILE F 431 41.48 -22.48 -27.83
N LYS F 432 41.14 -21.20 -27.85
CA LYS F 432 40.35 -20.68 -28.93
C LYS F 432 41.18 -20.44 -30.19
N ILE F 433 41.97 -21.41 -30.58
CA ILE F 433 42.81 -21.35 -31.77
C ILE F 433 41.93 -21.13 -32.99
N SER F 434 42.46 -20.35 -33.95
CA SER F 434 41.72 -19.97 -35.15
C SER F 434 40.34 -19.43 -34.79
N GLY F 435 39.29 -20.14 -35.20
CA GLY F 435 37.95 -19.86 -34.75
C GLY F 435 37.38 -21.02 -33.97
N GLU F 436 38.15 -22.09 -33.86
CA GLU F 436 37.74 -23.31 -33.18
C GLU F 436 37.98 -23.20 -31.68
N TRP F 437 37.38 -24.13 -30.94
CA TRP F 437 37.53 -24.22 -29.49
C TRP F 437 38.14 -25.57 -29.16
N VAL F 438 39.43 -25.58 -28.87
CA VAL F 438 40.15 -26.80 -28.54
C VAL F 438 40.31 -26.91 -27.03
N SER F 439 40.25 -28.13 -26.53
CA SER F 439 40.37 -28.41 -25.10
C SER F 439 41.81 -28.73 -24.75
N SER F 440 42.28 -28.21 -23.62
CA SER F 440 43.65 -28.45 -23.17
C SER F 440 43.80 -29.73 -22.38
N LEU F 441 42.70 -30.41 -22.06
CA LEU F 441 42.79 -31.64 -21.26
C LEU F 441 43.33 -32.80 -22.08
N GLU F 442 42.87 -32.94 -23.34
CA GLU F 442 43.34 -34.04 -24.16
C GLU F 442 44.81 -33.88 -24.54
N LEU F 443 45.28 -32.65 -24.72
CA LEU F 443 46.70 -32.42 -24.97
C LEU F 443 47.53 -32.78 -23.74
N GLU F 444 47.03 -32.44 -22.55
CA GLU F 444 47.73 -32.80 -21.32
C GLU F 444 47.81 -34.32 -21.16
N ASP F 445 46.72 -35.03 -21.47
CA ASP F 445 46.71 -36.48 -21.33
C ASP F 445 47.70 -37.14 -22.28
N ILE F 446 47.79 -36.64 -23.52
CA ILE F 446 48.71 -37.21 -24.49
C ILE F 446 50.15 -37.02 -24.02
N LEU F 447 50.48 -35.83 -23.54
CA LEU F 447 51.85 -35.56 -23.08
C LEU F 447 52.15 -36.25 -21.76
N HIS F 448 51.13 -36.47 -20.92
CA HIS F 448 51.35 -37.13 -19.64
C HIS F 448 51.73 -38.60 -19.82
N GLN F 449 51.25 -39.23 -20.90
CA GLN F 449 51.53 -40.65 -21.15
C GLN F 449 53.01 -40.92 -21.39
N HIS F 450 53.80 -39.89 -21.71
CA HIS F 450 55.22 -40.09 -21.99
C HIS F 450 55.93 -40.68 -20.78
N GLN F 451 56.90 -41.56 -21.06
CA GLN F 451 57.59 -42.29 -19.99
C GLN F 451 58.39 -41.34 -19.10
N SER F 452 59.05 -40.35 -19.69
CA SER F 452 59.92 -39.43 -18.95
C SER F 452 59.22 -38.12 -18.63
N VAL F 453 57.92 -38.16 -18.37
CA VAL F 453 57.12 -36.97 -18.09
C VAL F 453 56.40 -37.18 -16.77
N SER F 454 56.47 -36.17 -15.89
CA SER F 454 55.82 -36.23 -14.59
C SER F 454 54.47 -35.52 -14.58
N GLU F 455 54.44 -34.24 -14.97
CA GLU F 455 53.21 -33.46 -14.95
C GLU F 455 53.26 -32.45 -16.09
N VAL F 456 52.13 -32.30 -16.78
CA VAL F 456 52.03 -31.46 -17.97
C VAL F 456 50.91 -30.45 -17.76
N ALA F 457 51.20 -29.18 -18.06
CA ALA F 457 50.21 -28.12 -18.07
C ALA F 457 50.26 -27.42 -19.41
N VAL F 458 49.10 -27.15 -20.00
CA VAL F 458 48.99 -26.52 -21.31
C VAL F 458 48.37 -25.14 -21.13
N ILE F 459 49.00 -24.12 -21.72
CA ILE F 459 48.58 -22.74 -21.57
C ILE F 459 48.50 -22.11 -22.96
N GLY F 460 47.43 -21.36 -23.20
CA GLY F 460 47.26 -20.68 -24.47
C GLY F 460 48.07 -19.41 -24.59
N MET F 461 49.09 -19.47 -25.47
CA MET F 461 49.93 -18.32 -25.79
C MET F 461 49.27 -17.49 -26.93
N PRO F 462 48.94 -16.18 -26.74
CA PRO F 462 48.22 -15.41 -27.78
C PRO F 462 49.06 -15.19 -29.03
N HIS F 463 48.40 -15.23 -30.18
CA HIS F 463 49.08 -15.09 -31.47
C HIS F 463 48.40 -13.95 -32.23
N ASN F 464 49.10 -13.40 -33.21
CA ASN F 464 48.44 -12.45 -34.11
C ASN F 464 47.30 -13.20 -34.84
N LYS F 465 47.66 -14.26 -35.58
CA LYS F 465 46.70 -15.10 -36.32
C LYS F 465 46.43 -16.40 -35.55
N TRP F 466 45.77 -17.41 -36.13
CA TRP F 466 45.47 -18.62 -35.38
C TRP F 466 44.89 -18.35 -33.98
N GLY F 467 44.23 -17.22 -33.79
CA GLY F 467 43.72 -16.87 -32.48
C GLY F 467 44.81 -16.87 -31.42
N GLU F 468 44.75 -17.86 -30.52
CA GLU F 468 45.80 -18.09 -29.54
C GLU F 468 46.27 -19.53 -29.66
N VAL F 469 47.57 -19.73 -29.50
CA VAL F 469 48.19 -21.04 -29.71
C VAL F 469 48.55 -21.62 -28.35
N PRO F 470 48.64 -22.94 -28.24
CA PRO F 470 48.94 -23.56 -26.96
C PRO F 470 50.43 -23.62 -26.67
N LEU F 471 50.76 -23.46 -25.39
CA LEU F 471 52.13 -23.58 -24.90
C LEU F 471 52.15 -24.59 -23.76
N ALA F 472 53.03 -25.57 -23.85
CA ALA F 472 53.05 -26.70 -22.93
C ALA F 472 54.18 -26.53 -21.91
N LEU F 473 53.84 -26.70 -20.63
CA LEU F 473 54.81 -26.72 -19.54
C LEU F 473 54.84 -28.13 -18.96
N VAL F 474 56.03 -28.72 -18.89
CA VAL F 474 56.20 -30.10 -18.49
C VAL F 474 57.32 -30.20 -17.46
N THR F 475 57.14 -31.07 -16.48
CA THR F 475 58.16 -31.41 -15.49
C THR F 475 58.61 -32.84 -15.72
N LEU F 476 59.93 -33.05 -15.69
CA LEU F 476 60.49 -34.36 -16.00
C LEU F 476 60.62 -35.20 -14.72
N LYS F 477 60.86 -36.49 -14.92
CA LYS F 477 60.99 -37.43 -13.82
C LYS F 477 62.44 -37.45 -13.32
N GLU F 478 62.76 -38.41 -12.46
CA GLU F 478 64.09 -38.50 -11.88
C GLU F 478 65.08 -39.00 -12.92
N ASP F 479 66.21 -38.30 -13.05
CA ASP F 479 67.29 -38.67 -13.97
C ASP F 479 66.78 -38.82 -15.41
N ALA F 480 65.86 -37.94 -15.79
CA ALA F 480 65.28 -37.95 -17.13
C ALA F 480 65.58 -36.62 -17.81
N GLN F 481 66.11 -36.68 -19.03
CA GLN F 481 66.42 -35.49 -19.81
C GLN F 481 66.02 -35.76 -21.25
N VAL F 482 64.83 -35.27 -21.62
CA VAL F 482 64.31 -35.46 -22.96
C VAL F 482 64.20 -34.08 -23.63
N THR F 483 64.77 -33.93 -24.83
CA THR F 483 64.81 -32.64 -25.51
C THR F 483 63.40 -32.21 -25.92
N GLU F 484 63.27 -30.89 -26.13
CA GLU F 484 61.97 -30.33 -26.51
C GLU F 484 61.50 -30.86 -27.86
N LYS F 485 62.44 -31.08 -28.79
CA LYS F 485 62.06 -31.57 -30.11
C LYS F 485 61.41 -32.95 -30.05
N GLU F 486 61.92 -33.82 -29.18
CA GLU F 486 61.33 -35.14 -29.03
C GLU F 486 59.90 -35.04 -28.51
N LEU F 487 59.66 -34.16 -27.53
CA LEU F 487 58.30 -33.99 -27.01
C LEU F 487 57.36 -33.45 -28.09
N LEU F 488 57.84 -32.50 -28.90
CA LEU F 488 57.04 -32.01 -30.01
C LEU F 488 56.72 -33.14 -31.00
N GLY F 489 57.74 -33.93 -31.35
CA GLY F 489 57.52 -35.05 -32.24
C GLY F 489 56.65 -36.14 -31.65
N PHE F 490 56.77 -36.37 -30.34
CA PHE F 490 55.98 -37.41 -29.69
C PHE F 490 54.49 -37.12 -29.80
N ALA F 491 54.09 -35.85 -29.60
CA ALA F 491 52.69 -35.48 -29.78
C ALA F 491 52.27 -35.59 -31.24
N LYS F 492 53.19 -35.30 -32.17
CA LYS F 492 52.87 -35.39 -33.59
C LYS F 492 52.61 -36.82 -34.04
N ASP F 493 53.02 -37.81 -33.24
CA ASP F 493 52.82 -39.21 -33.62
C ASP F 493 51.33 -39.57 -33.68
N PHE F 494 50.55 -39.03 -32.74
CA PHE F 494 49.13 -39.37 -32.67
C PHE F 494 48.37 -38.79 -33.86
N ILE F 495 47.14 -39.26 -34.03
CA ILE F 495 46.32 -38.89 -35.18
C ILE F 495 44.93 -38.46 -34.73
N ASN F 496 44.04 -38.22 -35.69
CA ASN F 496 42.64 -37.88 -35.45
C ASN F 496 42.53 -36.54 -34.71
N LYS F 497 43.04 -35.50 -35.35
CA LYS F 497 42.88 -34.12 -34.87
C LYS F 497 42.60 -33.22 -36.07
N GLY F 498 41.75 -32.22 -35.85
CA GLY F 498 41.30 -31.34 -36.89
C GLY F 498 42.18 -30.11 -37.05
N ILE F 499 41.62 -29.11 -37.75
CA ILE F 499 42.27 -27.82 -38.01
C ILE F 499 43.57 -28.07 -38.76
N LEU F 500 44.51 -27.14 -38.69
CA LEU F 500 45.77 -27.25 -39.42
C LEU F 500 46.48 -28.54 -39.07
N ALA F 501 46.61 -29.42 -40.07
CA ALA F 501 47.19 -30.75 -39.89
C ALA F 501 46.50 -31.49 -38.76
N ARG F 502 47.11 -31.45 -37.57
CA ARG F 502 46.51 -32.03 -36.37
C ARG F 502 46.68 -31.18 -35.13
N GLU F 503 46.73 -29.85 -35.26
CA GLU F 503 47.06 -28.95 -34.17
C GLU F 503 48.44 -29.32 -33.62
N ALA F 504 49.36 -29.70 -34.50
CA ALA F 504 50.75 -29.87 -34.13
C ALA F 504 51.60 -29.07 -35.12
N LEU F 505 51.67 -27.77 -34.88
CA LEU F 505 52.67 -26.91 -35.51
C LEU F 505 53.21 -25.86 -34.54
N LEU F 506 52.51 -25.59 -33.43
CA LEU F 506 52.89 -24.55 -32.49
C LEU F 506 52.72 -25.02 -31.05
N LEU F 507 53.03 -26.29 -30.77
CA LEU F 507 52.83 -26.84 -29.44
C LEU F 507 53.64 -26.07 -28.40
N LYS F 508 54.87 -25.69 -28.74
CA LYS F 508 55.71 -24.83 -27.92
C LYS F 508 55.90 -25.40 -26.51
N VAL F 509 56.33 -26.66 -26.48
CA VAL F 509 56.61 -27.33 -25.21
C VAL F 509 57.85 -26.71 -24.59
N LYS F 510 57.82 -26.52 -23.26
CA LYS F 510 58.94 -25.92 -22.55
C LYS F 510 59.18 -26.69 -21.26
N ILE F 511 60.41 -26.74 -20.80
CA ILE F 511 60.65 -27.36 -19.52
C ILE F 511 60.62 -26.31 -18.42
N VAL F 512 59.78 -26.55 -17.43
CA VAL F 512 59.91 -25.95 -16.11
C VAL F 512 60.39 -27.00 -15.10
N ASP F 513 61.12 -26.58 -14.08
CA ASP F 513 61.46 -27.40 -12.91
C ASP F 513 60.23 -27.66 -12.05
N GLU F 514 59.39 -26.66 -11.85
CA GLU F 514 58.19 -26.80 -11.05
C GLU F 514 57.03 -26.07 -11.73
N ILE F 515 55.82 -26.49 -11.37
CA ILE F 515 54.59 -25.87 -11.88
C ILE F 515 53.79 -25.37 -10.69
N ALA F 516 53.34 -24.13 -10.76
CA ALA F 516 52.63 -23.52 -9.64
C ALA F 516 51.29 -24.20 -9.41
N LYS F 517 50.94 -24.36 -8.14
CA LYS F 517 49.66 -24.94 -7.73
C LYS F 517 48.99 -24.02 -6.72
N THR F 518 47.67 -24.12 -6.64
CA THR F 518 46.90 -23.34 -5.68
C THR F 518 47.03 -23.99 -4.30
N SER F 519 46.40 -23.38 -3.29
CA SER F 519 46.48 -23.89 -1.93
C SER F 519 45.84 -25.26 -1.77
N VAL F 520 44.96 -25.65 -2.70
CA VAL F 520 44.34 -26.97 -2.63
C VAL F 520 45.23 -28.05 -3.24
N GLY F 521 45.99 -27.71 -4.28
CA GLY F 521 46.84 -28.69 -4.96
C GLY F 521 46.47 -28.83 -6.41
N LYS F 522 45.74 -27.86 -6.95
CA LYS F 522 45.34 -27.83 -8.34
C LYS F 522 46.24 -26.88 -9.11
N VAL F 523 46.53 -27.23 -10.36
CA VAL F 523 47.42 -26.41 -11.18
C VAL F 523 46.80 -25.04 -11.36
N ASP F 524 47.55 -24.00 -10.98
CA ASP F 524 47.08 -22.62 -11.08
C ASP F 524 47.50 -22.13 -12.46
N LYS F 525 46.58 -22.26 -13.42
CA LYS F 525 46.89 -21.84 -14.79
C LYS F 525 46.97 -20.33 -14.91
N LYS F 526 46.20 -19.61 -14.08
CA LYS F 526 46.20 -18.15 -14.15
C LYS F 526 47.57 -17.58 -13.82
N GLU F 527 48.21 -18.10 -12.77
CA GLU F 527 49.56 -17.65 -12.42
C GLU F 527 50.57 -18.08 -13.49
N LEU F 528 50.35 -19.23 -14.12
CA LEU F 528 51.23 -19.67 -15.20
C LEU F 528 51.20 -18.69 -16.37
N ARG F 529 50.07 -18.07 -16.61
CA ARG F 529 50.03 -17.11 -17.66
C ARG F 529 50.98 -16.03 -17.29
N LYS F 530 50.74 -15.39 -16.16
CA LYS F 530 51.51 -14.20 -15.79
C LYS F 530 53.01 -14.47 -15.84
N LEU F 531 53.44 -15.64 -15.38
CA LEU F 531 54.86 -15.95 -15.36
C LEU F 531 55.45 -16.06 -16.75
N HIS F 532 54.72 -16.68 -17.68
CA HIS F 532 55.23 -16.95 -19.02
C HIS F 532 54.78 -15.93 -20.07
N LEU F 533 53.76 -15.13 -19.78
CA LEU F 533 53.29 -14.12 -20.73
C LEU F 533 52.53 -13.00 -20.03
C1 OLA G . -41.44 -14.17 -6.77
O1 OLA G . -41.74 -14.94 -5.83
C2 OLA G . -42.43 -13.15 -7.27
C3 OLA G . -41.68 -11.98 -7.89
C4 OLA G . -41.95 -10.70 -7.12
C5 OLA G . -43.40 -10.25 -7.29
C6 OLA G . -43.60 -8.85 -6.72
C7 OLA G . -44.12 -7.90 -7.79
C8 OLA G . -44.29 -6.51 -7.23
C9 OLA G . -45.77 -6.22 -7.09
C10 OLA G . -46.25 -4.90 -6.65
C11 OLA G . -45.76 -4.33 -5.35
C12 OLA G . -46.32 -2.92 -5.18
C13 OLA G . -45.92 -2.36 -3.82
C14 OLA G . -46.91 -1.30 -3.35
C15 OLA G . -46.17 -0.23 -2.55
C16 OLA G . -47.12 0.53 -1.64
C17 OLA G . -46.45 1.81 -1.13
C18 OLA G . -46.33 2.83 -2.24
P AMP H . -40.17 -15.30 -8.79
O1P AMP H . -38.73 -15.30 -9.26
O2P AMP H . -40.72 -16.66 -8.46
O3P AMP H . -40.49 -14.23 -7.77
O5' AMP H . -40.99 -14.84 -10.08
C5' AMP H . -40.58 -13.74 -10.87
C4' AMP H . -41.13 -13.82 -12.26
O4' AMP H . -42.58 -13.70 -12.22
C3' AMP H . -40.71 -12.71 -13.21
O3' AMP H . -39.43 -12.91 -13.76
C2' AMP H . -41.83 -12.70 -14.25
O2' AMP H . -41.63 -13.72 -15.22
C1' AMP H . -43.05 -13.07 -13.40
N9 AMP H . -43.86 -11.90 -13.03
C8 AMP H . -43.83 -11.27 -11.84
N7 AMP H . -44.70 -10.22 -11.82
C5 AMP H . -45.29 -10.17 -13.03
C6 AMP H . -46.30 -9.31 -13.69
N6 AMP H . -46.86 -8.26 -13.03
N1 AMP H . -46.65 -9.60 -14.96
C2 AMP H . -46.09 -10.64 -15.62
N3 AMP H . -45.17 -11.46 -15.10
C4 AMP H . -44.73 -11.28 -13.82
MG MG I . -36.98 -14.69 -10.37
C1 OLA J . -10.56 -43.03 -1.15
O1 OLA J . -11.16 -43.25 -2.23
C2 OLA J . -9.51 -44.00 -0.65
C3 OLA J . -8.53 -43.25 0.24
C4 OLA J . -7.13 -43.29 -0.36
C5 OLA J . -6.55 -44.71 -0.31
C6 OLA J . -5.09 -44.70 -0.69
C7 OLA J . -4.24 -45.30 0.42
C8 OLA J . -2.76 -45.27 0.05
C9 OLA J . -2.31 -46.68 -0.23
C10 OLA J . -0.91 -46.97 -0.52
C11 OLA J . -0.21 -46.25 -1.66
C12 OLA J . 1.26 -46.65 -1.68
C13 OLA J . 1.96 -46.01 -2.87
C14 OLA J . 3.17 -46.82 -3.31
C15 OLA J . 4.25 -45.89 -3.83
C16 OLA J . 5.24 -46.62 -4.73
C17 OLA J . 6.48 -45.77 -4.95
C18 OLA J . 7.33 -45.73 -3.69
P AMP K . -12.07 -42.18 0.83
O1P AMP K . -10.85 -42.25 -0.06
O2P AMP K . -13.31 -42.80 0.23
O3P AMP K . -12.29 -40.85 1.50
O5' AMP K . -11.72 -43.15 2.05
C5' AMP K . -10.78 -42.76 3.04
C4' AMP K . -10.99 -43.53 4.32
O4' AMP K . -10.70 -44.94 4.10
C3' AMP K . -10.07 -43.16 5.48
O3' AMP K . -10.48 -41.99 6.16
C2' AMP K . -10.08 -44.41 6.34
O2' AMP K . -11.24 -44.44 7.16
C1' AMP K . -10.21 -45.52 5.28
N9 AMP K . -8.92 -46.16 5.00
C8 AMP K . -8.13 -45.90 3.92
N7 AMP K . -7.01 -46.66 3.95
C5 AMP K . -7.06 -47.42 5.06
C6 AMP K . -6.20 -48.44 5.69
N6 AMP K . -5.02 -48.83 5.13
N1 AMP K . -6.62 -49.00 6.84
C2 AMP K . -7.79 -48.64 7.42
N3 AMP K . -8.62 -47.73 6.90
C4 AMP K . -8.32 -47.09 5.74
MG MG L . -12.02 -39.22 2.91
C1 OLA M . 42.18 11.92 6.60
O1 OLA M . 42.83 11.61 5.58
C2 OLA M . 42.40 13.25 7.28
C3 OLA M . 41.14 13.66 8.02
C4 OLA M . 40.58 14.95 7.44
C5 OLA M . 41.49 16.13 7.74
C6 OLA M . 40.82 17.44 7.38
C7 OLA M . 40.73 18.37 8.58
C8 OLA M . 40.02 19.67 8.23
C9 OLA M . 41.06 20.77 8.20
C10 OLA M . 40.65 22.16 7.96
C11 OLA M . 39.86 22.52 6.73
C12 OLA M . 39.49 23.99 6.78
C13 OLA M . 38.77 24.40 5.50
C14 OLA M . 38.93 25.88 5.21
C15 OLA M . 37.68 26.42 4.55
C16 OLA M . 37.95 27.71 3.79
C17 OLA M . 36.65 28.40 3.43
C18 OLA M . 35.99 29.00 4.67
P AMP N . 41.89 10.01 8.39
O1P AMP N . 41.49 11.18 7.54
O2P AMP N . 43.13 9.29 7.91
O3P AMP N . 40.76 9.10 8.79
O5' AMP N . 42.36 10.67 9.77
C5' AMP N . 41.40 11.20 10.68
C4' AMP N . 41.97 11.27 12.07
O4' AMP N . 43.06 12.23 12.11
C3' AMP N . 41.02 11.79 13.14
O3' AMP N . 40.12 10.79 13.60
C2' AMP N . 41.97 12.31 14.22
O2' AMP N . 42.44 11.24 15.03
C1' AMP N . 43.13 12.83 13.38
N9 AMP N . 43.08 14.29 13.21
C8 AMP N . 42.64 14.95 12.13
N7 AMP N . 42.73 16.29 12.29
C5 AMP N . 43.23 16.52 13.52
C6 AMP N . 43.58 17.71 14.33
N6 AMP N . 43.39 18.96 13.84
N1 AMP N . 44.08 17.50 15.56
C2 AMP N . 44.27 16.26 16.05
N3 AMP N . 43.98 15.14 15.37
C4 AMP N . 43.47 15.19 14.12
MG MG O . 39.02 8.41 9.90
C1 OLA P . 8.23 43.54 1.08
O1 OLA P . 7.72 44.00 2.11
C2 OLA P . 9.61 43.98 0.64
C3 OLA P . 10.25 42.88 -0.19
C4 OLA P . 11.50 42.34 0.49
C5 OLA P . 12.60 43.39 0.50
C6 OLA P . 13.92 42.78 0.96
C7 OLA P . 15.00 42.96 -0.10
C8 OLA P . 16.31 42.32 0.36
C9 OLA P . 17.28 43.42 0.69
C10 OLA P . 18.66 43.10 1.07
C11 OLA P . 18.93 42.16 2.22
C12 OLA P . 20.43 41.92 2.35
C13 OLA P . 20.74 41.07 3.57
C14 OLA P . 22.14 41.31 4.09
C15 OLA P . 22.70 40.01 4.66
C16 OLA P . 23.84 40.28 5.63
C17 OLA P . 24.62 39.00 5.91
C18 OLA P . 25.44 38.60 4.70
P AMP Q . 6.62 43.37 -1.01
O1P AMP Q . 5.91 42.24 -1.69
O2P AMP Q . 5.72 44.45 -0.47
O3P AMP Q . 7.71 42.93 -0.05
O5' AMP Q . 7.41 44.08 -2.19
C5' AMP Q . 8.15 43.33 -3.12
C4' AMP Q . 8.37 44.11 -4.41
O4' AMP Q . 9.19 45.26 -4.15
C3' AMP Q . 9.12 43.37 -5.50
O3' AMP Q . 8.30 42.47 -6.23
C2' AMP Q . 9.68 44.50 -6.36
O2' AMP Q . 8.68 45.00 -7.25
C1' AMP Q . 9.96 45.57 -5.30
N9 AMP Q . 11.38 45.62 -4.92
C8 AMP Q . 11.92 45.08 -3.81
N7 AMP Q . 13.26 45.30 -3.76
C5 AMP Q . 13.59 46.00 -4.85
C6 AMP Q . 14.85 46.56 -5.42
N6 AMP Q . 16.02 46.42 -4.79
N1 AMP Q . 14.75 47.23 -6.60
C2 AMP Q . 13.58 47.38 -7.24
N3 AMP Q . 12.41 46.90 -6.78
C4 AMP Q . 12.35 46.21 -5.62
MG MG R . 5.56 40.63 -3.10
C1 OLA S . -32.14 30.21 4.52
O1 OLA S . -32.03 31.01 3.57
C2 OLA S . -33.49 29.69 4.94
C3 OLA S . -33.33 28.33 5.59
C4 OLA S . -34.06 27.26 4.78
C5 OLA S . -35.57 27.45 4.87
C6 OLA S . -36.29 26.26 4.27
C7 OLA S . -37.23 25.63 5.29
C8 OLA S . -37.94 24.41 4.70
C9 OLA S . -39.39 24.78 4.48
C10 OLA S . -40.34 23.77 4.00
C11 OLA S . -40.06 23.01 2.72
C12 OLA S . -41.14 21.96 2.49
C13 OLA S . -40.94 21.27 1.15
C14 OLA S . -42.24 20.71 0.61
C15 OLA S . -41.97 19.42 -0.15
C16 OLA S . -43.09 19.11 -1.13
C17 OLA S . -42.98 17.66 -1.61
C18 OLA S . -43.36 16.69 -0.50
P AMP T . -30.64 30.73 6.62
O1P AMP T . -31.31 29.88 5.56
O2P AMP T . -30.56 32.19 6.28
O3P AMP T . -29.37 30.14 7.17
O5' AMP T . -31.65 30.67 7.85
C5' AMP T . -31.77 29.50 8.65
C4' AMP T . -32.34 29.83 10.01
O4' AMP T . -33.69 30.31 9.88
C3' AMP T . -32.47 28.65 10.96
O3' AMP T . -31.24 28.32 11.60
C2' AMP T . -33.54 29.12 11.94
O2' AMP T . -32.99 29.97 12.93
C1' AMP T . -34.45 29.96 11.02
N9 AMP T . -35.64 29.22 10.59
C8 AMP T . -35.82 28.62 9.40
N7 AMP T . -37.03 28.03 9.32
C5 AMP T . -37.66 28.24 10.48
C6 AMP T . -38.98 27.88 11.07
N6 AMP T . -39.88 27.16 10.37
N1 AMP T . -39.24 28.31 12.33
C2 AMP T . -38.35 29.03 13.03
N3 AMP T . -37.14 29.39 12.56
C4 AMP T . -36.75 29.03 11.32
MG MG U . -28.08 28.87 8.38
C1 OLA V . 33.72 -28.45 -4.27
O1 OLA V . 34.38 -28.43 -3.21
C2 OLA V . 33.42 -29.77 -4.95
C3 OLA V . 32.14 -29.62 -5.77
C4 OLA V . 31.06 -30.56 -5.24
C5 OLA V . 31.43 -32.02 -5.50
C6 OLA V . 30.24 -32.92 -5.19
C7 OLA V . 29.85 -33.74 -6.42
C8 OLA V . 28.65 -34.63 -6.11
C9 OLA V . 29.13 -36.05 -6.04
C10 OLA V . 28.16 -37.15 -5.85
C11 OLA V . 27.23 -37.13 -4.67
C12 OLA V . 26.27 -38.32 -4.76
C13 OLA V . 25.38 -38.38 -3.52
C14 OLA V . 24.89 -39.79 -3.25
C15 OLA V . 23.49 -39.74 -2.66
C16 OLA V . 23.16 -41.02 -1.91
C17 OLA V . 21.67 -41.11 -1.63
C18 OLA V . 20.91 -41.40 -2.91
P AMP W . 34.37 -26.62 -6.05
O1P AMP W . 33.74 -25.33 -6.52
O2P AMP W . 35.76 -26.47 -5.48
O3P AMP W . 33.46 -27.51 -5.23
O5' AMP W . 34.59 -27.43 -7.40
C5' AMP W . 33.57 -27.53 -8.38
C4' AMP W . 34.12 -27.85 -9.74
O4' AMP W . 34.72 -29.17 -9.72
C3' AMP W . 33.11 -27.94 -10.86
O3' AMP W . 32.73 -26.66 -11.37
C2' AMP W . 33.81 -28.82 -11.89
O2' AMP W . 34.73 -28.05 -12.66
C1' AMP W . 34.61 -29.77 -11.00
N9 AMP W . 33.95 -31.07 -10.85
C8 AMP W . 33.21 -31.47 -9.80
N7 AMP W . 32.74 -32.73 -9.97
C5 AMP W . 33.18 -33.17 -11.17
C6 AMP W . 33.05 -34.40 -11.98
N6 AMP W . 32.33 -35.47 -11.52
N1 AMP W . 33.66 -34.44 -13.17
C2 AMP W . 34.38 -33.39 -13.63
N3 AMP W . 34.53 -32.24 -12.96
C4 AMP W . 33.97 -32.07 -11.74
MG MG X . 32.51 -23.99 -7.70
#